data_2GJX
#
_entry.id   2GJX
#
_cell.length_a   321.091
_cell.length_b   110.536
_cell.length_c   129.668
_cell.angle_alpha   90.00
_cell.angle_beta   90.90
_cell.angle_gamma   90.00
#
_symmetry.space_group_name_H-M   'C 1 2 1'
#
loop_
_entity.id
_entity.type
_entity.pdbx_description
1 polymer 'Beta-hexosaminidase alpha chain'
2 polymer 'Beta-hexosaminidase beta chain'
3 branched beta-D-mannopyranose-(1-4)-2-acetamido-2-deoxy-beta-D-glucopyranose-(1-4)-2-acetamido-2-deoxy-beta-D-glucopyranose
4 branched 2-acetamido-2-deoxy-beta-D-glucopyranose-(1-4)-2-acetamido-2-deoxy-beta-D-glucopyranose
5 non-polymer 2-acetamido-2-deoxy-beta-D-glucopyranose
6 non-polymer 'SULFATE ION'
7 water water
#
loop_
_entity_poly.entity_id
_entity_poly.type
_entity_poly.pdbx_seq_one_letter_code
_entity_poly.pdbx_strand_id
1 'polypeptide(L)'
;LWPWPQNFQTSDQRYVLYPNNFQFQYDVSSAAQPGCSVLDEAFQRYRDLLFGSGSWPRPYLTGKRHTLEKNVLVVSVVTP
GCNQLPTLESVENYTLTINDDQCLLLSETVWGALRGLETFSQLVWKSAEGTFFINKTEIEDFPRFPHRGLLLDTSRHYLP
LSSILDTLDVMAYNKLNVFHWHLVDDPSFPYESFTFPELMRKGSYNPVTHIYTAQDVKEVIEYARLRGIRVLAEFDTPGH
TLSWGPGIPGLLTPCYSGSEPSGTFGPVNPSLNNTYEFMSTFFLEVSSVFPDFYLHLGGDEVDFTCWKSNPEIQDFMRKK
GFGEDFKQLESFYIQTLLDIVSSYGKGYVVWQEVFDNKVKIQPDTIIQVWREDIPVNYMKELELVTKAGFRALLSAPWYL
NRISYGPDWKDFYVVEPLAFEGTPEQKALVIGGEACMWGEYVDNTNLVPRLWPRAGAVAERLWSNKLTSDLTFAYERLSH
FRCELLRRGVQAQPLNVGFCEQEFEQT
;
A,D,E,H
2 'polypeptide(L)'
;AKPGPALWPLPLSVKMTPNLLHLAPENFYISHSPNSTAGPSCTLLEEAFRRYHGYIFGFYKWHHEPAEFQAKTQVQQLLV
SITLQSECDAFPNISSDESYTLLVKEPVAVLKANRVWGALRGLETFSQLVYQDSYGTFTINESTIIDSPRFSHRGILIDT
SRHYLPVKIILKTLDAMAFNKFNVLHWHIVDDQSFPYQSITFPELSNKGSYSLSHVYTPNDVRMVIEYARLRGIRVLPEF
DTPGHTLSWGKGQKDLLTPCYSRQNKLDSFGPINPTLNTTYSFLTTFFKEISEVFPDQFIHLGGDEVEFKCWESNPKIQD
FMRQKGFGTDFKKLESFYIQKVLDIIATINKGSIVWQEVFDDKAKLAPGTIVEVWKDSAYPEELSRVTASGFPVILSAPW
YLDLISYGQDWRKYYKVEPLDFGGTQKQKQLFIGGEACLWGEYVDATNLTPRLWPRASAVGERLWSSKDVRDMDDAYDRL
TRHRCRMVERGIAAQPLYAGYCNHENM
;
B,C,F,G
#
loop_
_chem_comp.id
_chem_comp.type
_chem_comp.name
_chem_comp.formula
BMA D-saccharide, beta linking beta-D-mannopyranose 'C6 H12 O6'
NAG D-saccharide, beta linking 2-acetamido-2-deoxy-beta-D-glucopyranose 'C8 H15 N O6'
SO4 non-polymer 'SULFATE ION' 'O4 S -2'
#
# COMPACT_ATOMS: atom_id res chain seq x y z
N LEU A 1 57.59 -25.80 31.39
CA LEU A 1 59.04 -25.71 31.03
C LEU A 1 59.56 -26.96 30.34
N TRP A 2 60.19 -26.76 29.19
CA TRP A 2 60.81 -27.85 28.45
C TRP A 2 61.93 -27.32 27.57
N PRO A 3 63.17 -27.82 27.77
CA PRO A 3 63.52 -28.84 28.76
C PRO A 3 63.57 -28.28 30.18
N TRP A 4 63.65 -29.17 31.17
CA TRP A 4 63.69 -28.77 32.57
C TRP A 4 65.06 -28.21 32.94
N PRO A 5 65.07 -27.00 33.54
CA PRO A 5 66.31 -26.32 33.93
C PRO A 5 67.05 -27.05 35.05
N GLN A 6 68.36 -26.81 35.13
CA GLN A 6 69.19 -27.40 36.16
C GLN A 6 68.70 -27.01 37.55
N ASN A 7 68.60 -25.70 37.78
CA ASN A 7 68.13 -25.18 39.05
C ASN A 7 66.94 -24.25 38.88
N PHE A 8 65.74 -24.75 39.14
CA PHE A 8 64.53 -23.95 39.01
C PHE A 8 63.76 -23.90 40.32
N GLN A 9 63.78 -22.74 40.96
CA GLN A 9 63.08 -22.54 42.22
C GLN A 9 61.81 -21.75 41.96
N THR A 10 60.67 -22.43 42.08
CA THR A 10 59.38 -21.83 41.76
C THR A 10 58.65 -21.26 42.98
N SER A 11 57.44 -20.74 42.74
CA SER A 11 56.61 -20.17 43.79
C SER A 11 55.16 -20.06 43.31
N ASP A 12 54.31 -19.47 44.13
CA ASP A 12 52.90 -19.27 43.77
C ASP A 12 52.55 -17.79 43.78
N GLN A 13 53.56 -16.96 43.99
CA GLN A 13 53.40 -15.52 44.01
C GLN A 13 53.42 -15.04 42.55
N ARG A 14 52.30 -14.46 42.10
CA ARG A 14 52.13 -14.10 40.68
C ARG A 14 52.15 -12.59 40.40
N TYR A 15 52.45 -12.24 39.14
CA TYR A 15 52.48 -10.85 38.69
C TYR A 15 51.70 -10.71 37.38
N VAL A 16 51.11 -9.54 37.16
CA VAL A 16 50.30 -9.31 35.97
C VAL A 16 51.12 -8.72 34.81
N LEU A 17 50.98 -9.32 33.62
CA LEU A 17 51.69 -8.85 32.44
C LEU A 17 50.78 -8.08 31.49
N TYR A 18 51.37 -7.21 30.68
CA TYR A 18 50.61 -6.40 29.73
C TYR A 18 51.13 -6.60 28.31
N PRO A 19 50.37 -7.36 27.49
CA PRO A 19 50.69 -7.71 26.10
C PRO A 19 51.35 -6.57 25.31
N ASN A 20 50.69 -5.42 25.25
CA ASN A 20 51.21 -4.29 24.46
C ASN A 20 52.33 -3.52 25.15
N ASN A 21 52.13 -3.16 26.41
CA ASN A 21 53.11 -2.36 27.14
C ASN A 21 54.28 -3.17 27.72
N PHE A 22 54.50 -4.37 27.20
CA PHE A 22 55.63 -5.18 27.65
C PHE A 22 56.78 -5.08 26.67
N GLN A 23 57.94 -4.71 27.17
CA GLN A 23 59.10 -4.51 26.33
C GLN A 23 60.37 -5.12 26.92
N PHE A 24 61.27 -5.53 26.04
CA PHE A 24 62.55 -6.06 26.45
C PHE A 24 63.57 -4.94 26.37
N GLN A 25 64.33 -4.76 27.43
CA GLN A 25 65.34 -3.73 27.43
C GLN A 25 66.69 -4.21 27.94
N TYR A 26 67.76 -3.63 27.40
CA TYR A 26 69.08 -3.98 27.84
C TYR A 26 69.42 -3.20 29.08
N ASP A 27 70.38 -3.71 29.82
CA ASP A 27 70.86 -3.03 31.00
C ASP A 27 72.10 -2.24 30.60
N VAL A 28 72.21 -1.00 31.09
CA VAL A 28 73.36 -0.13 30.73
C VAL A 28 74.69 -0.80 31.03
N SER A 29 74.56 -1.72 32.01
CA SER A 29 75.70 -2.47 32.38
C SER A 29 76.14 -3.49 31.32
N SER A 30 75.14 -4.08 30.57
CA SER A 30 75.39 -5.19 29.61
C SER A 30 76.48 -5.00 28.57
N ALA A 31 76.96 -6.12 28.02
CA ALA A 31 77.95 -6.10 26.95
C ALA A 31 77.23 -5.99 25.62
N ALA A 32 76.13 -6.72 25.48
CA ALA A 32 75.30 -6.64 24.29
C ALA A 32 74.36 -5.46 24.46
N GLN A 33 74.32 -4.58 23.46
CA GLN A 33 73.53 -3.38 23.53
C GLN A 33 72.78 -3.22 22.20
N PRO A 34 71.80 -2.28 22.14
CA PRO A 34 71.08 -2.06 20.89
C PRO A 34 72.02 -2.09 19.69
N GLY A 35 71.72 -2.97 18.75
CA GLY A 35 72.58 -3.19 17.60
C GLY A 35 73.00 -4.65 17.57
N CYS A 36 72.69 -5.34 18.65
CA CYS A 36 72.96 -6.77 18.76
C CYS A 36 71.95 -7.52 17.93
N SER A 37 72.34 -7.88 16.71
CA SER A 37 71.46 -8.54 15.75
C SER A 37 70.66 -9.70 16.34
N VAL A 38 71.34 -10.60 17.04
CA VAL A 38 70.70 -11.77 17.62
C VAL A 38 69.56 -11.41 18.59
N LEU A 39 69.84 -10.54 19.55
CA LEU A 39 68.86 -10.16 20.57
C LEU A 39 67.77 -9.20 20.05
N ASP A 40 68.15 -8.31 19.14
CA ASP A 40 67.19 -7.37 18.54
C ASP A 40 66.06 -8.13 17.87
N GLU A 41 66.42 -9.16 17.11
CA GLU A 41 65.45 -9.98 16.42
C GLU A 41 64.74 -10.91 17.39
N ALA A 42 65.48 -11.38 18.39
CA ALA A 42 64.92 -12.27 19.40
C ALA A 42 63.78 -11.59 20.17
N PHE A 43 64.01 -10.37 20.62
CA PHE A 43 62.98 -9.63 21.34
C PHE A 43 61.73 -9.48 20.49
N GLN A 44 61.93 -9.31 19.18
CA GLN A 44 60.82 -9.09 18.26
C GLN A 44 60.08 -10.39 18.02
N ARG A 45 60.85 -11.46 17.81
CA ARG A 45 60.30 -12.77 17.53
C ARG A 45 59.53 -13.33 18.72
N TYR A 46 60.04 -13.09 19.92
CA TYR A 46 59.39 -13.60 21.12
C TYR A 46 58.15 -12.82 21.56
N ARG A 47 58.11 -11.53 21.26
CA ARG A 47 56.93 -10.74 21.61
C ARG A 47 55.77 -11.12 20.70
N ASP A 48 56.09 -11.67 19.53
CA ASP A 48 55.08 -12.11 18.59
C ASP A 48 54.51 -13.45 19.06
N LEU A 49 55.34 -14.27 19.69
CA LEU A 49 54.90 -15.56 20.21
C LEU A 49 54.02 -15.40 21.44
N LEU A 50 54.43 -14.54 22.36
CA LEU A 50 53.68 -14.31 23.59
C LEU A 50 52.40 -13.50 23.39
N PHE A 51 52.49 -12.43 22.60
CA PHE A 51 51.35 -11.52 22.46
C PHE A 51 50.96 -11.24 21.01
N GLY A 52 51.28 -12.16 20.10
CA GLY A 52 50.94 -12.01 18.69
C GLY A 52 49.45 -12.04 18.42
N THR A 67 51.83 -7.78 42.24
CA THR A 67 51.88 -6.47 41.62
C THR A 67 51.76 -6.62 40.09
N LEU A 68 52.74 -6.11 39.36
CA LEU A 68 52.75 -6.19 37.90
C LEU A 68 54.15 -6.03 37.32
N GLU A 69 54.34 -6.48 36.08
CA GLU A 69 55.62 -6.40 35.39
C GLU A 69 55.45 -5.81 34.00
N LYS A 70 56.24 -4.78 33.69
CA LYS A 70 56.20 -4.15 32.37
C LYS A 70 57.46 -4.44 31.56
N ASN A 71 58.58 -4.64 32.27
CA ASN A 71 59.86 -4.83 31.60
C ASN A 71 60.56 -6.13 31.98
N VAL A 72 61.63 -6.42 31.25
CA VAL A 72 62.48 -7.56 31.51
C VAL A 72 63.91 -7.21 31.12
N LEU A 73 64.75 -7.02 32.12
CA LEU A 73 66.13 -6.61 31.90
C LEU A 73 66.98 -7.77 31.38
N VAL A 74 67.69 -7.52 30.30
CA VAL A 74 68.58 -8.53 29.73
C VAL A 74 70.02 -8.00 29.75
N VAL A 75 70.89 -8.72 30.48
CA VAL A 75 72.29 -8.31 30.58
C VAL A 75 73.25 -9.48 30.31
N SER A 76 74.10 -9.29 29.30
CA SER A 76 75.10 -10.29 28.96
C SER A 76 76.46 -9.80 29.45
N VAL A 77 77.18 -10.67 30.18
CA VAL A 77 78.48 -10.29 30.72
C VAL A 77 79.59 -10.43 29.67
N VAL A 78 79.61 -11.55 28.96
CA VAL A 78 80.62 -11.78 27.92
C VAL A 78 80.22 -11.06 26.63
N THR A 79 81.13 -10.21 26.14
CA THR A 79 80.86 -9.32 25.01
C THR A 79 80.67 -9.96 23.62
N PRO A 80 81.59 -10.87 23.23
CA PRO A 80 81.70 -11.43 21.88
C PRO A 80 80.48 -11.24 20.97
N GLY A 81 80.38 -10.02 20.43
CA GLY A 81 79.34 -9.64 19.46
C GLY A 81 78.05 -10.42 19.35
N CYS A 82 77.40 -10.25 18.20
CA CYS A 82 76.15 -10.91 17.90
C CYS A 82 76.16 -11.22 16.41
N ASN A 83 77.31 -11.01 15.79
CA ASN A 83 77.50 -11.28 14.37
C ASN A 83 78.33 -12.53 14.12
N GLN A 84 79.12 -12.92 15.12
CA GLN A 84 79.90 -14.16 15.03
C GLN A 84 79.02 -15.36 15.39
N LEU A 85 79.22 -16.47 14.69
CA LEU A 85 78.40 -17.66 14.90
C LEU A 85 78.79 -18.46 16.15
N PRO A 86 77.84 -19.25 16.69
CA PRO A 86 78.08 -20.07 17.88
C PRO A 86 79.08 -21.19 17.61
N THR A 87 79.78 -21.62 18.66
CA THR A 87 80.79 -22.68 18.55
C THR A 87 80.61 -23.71 19.65
N LEU A 88 81.32 -24.82 19.51
CA LEU A 88 81.27 -25.90 20.50
C LEU A 88 81.69 -25.40 21.89
N GLU A 89 82.49 -24.35 21.91
CA GLU A 89 83.02 -23.81 23.17
C GLU A 89 82.14 -22.71 23.79
N SER A 90 81.13 -22.27 23.05
CA SER A 90 80.24 -21.20 23.52
C SER A 90 79.51 -21.56 24.81
N VAL A 91 79.52 -20.64 25.76
CA VAL A 91 78.88 -20.86 27.06
C VAL A 91 77.42 -20.39 27.04
N GLU A 92 76.52 -21.29 27.45
CA GLU A 92 75.09 -20.99 27.42
C GLU A 92 74.48 -20.80 28.81
N ASN A 93 75.34 -20.51 29.79
CA ASN A 93 74.88 -20.25 31.16
C ASN A 93 73.96 -19.04 31.23
N TYR A 94 72.91 -19.12 32.05
CA TYR A 94 72.00 -18.00 32.26
C TYR A 94 71.23 -18.15 33.57
N THR A 95 70.76 -17.03 34.11
CA THR A 95 69.96 -17.04 35.33
C THR A 95 68.73 -16.17 35.14
N LEU A 96 67.57 -16.67 35.55
CA LEU A 96 66.33 -15.93 35.43
C LEU A 96 65.82 -15.55 36.81
N THR A 97 65.85 -14.25 37.11
CA THR A 97 65.43 -13.75 38.42
C THR A 97 64.19 -12.87 38.31
N ILE A 98 63.06 -13.38 38.78
CA ILE A 98 61.81 -12.62 38.75
C ILE A 98 61.14 -12.57 40.12
N ASN A 99 61.07 -11.37 40.69
CA ASN A 99 60.44 -11.15 41.98
C ASN A 99 59.83 -9.75 42.12
N ASP A 100 59.58 -9.32 43.35
CA ASP A 100 58.95 -8.02 43.61
C ASP A 100 59.87 -6.85 43.27
N ASP A 101 61.16 -7.05 43.51
CA ASP A 101 62.14 -5.99 43.29
C ASP A 101 62.63 -5.94 41.85
N GLN A 102 62.89 -7.09 41.27
CA GLN A 102 63.48 -7.16 39.94
C GLN A 102 62.90 -8.24 39.03
N CYS A 103 63.17 -8.08 37.73
CA CYS A 103 62.78 -9.04 36.71
C CYS A 103 63.94 -9.11 35.73
N LEU A 104 64.97 -9.86 36.09
CA LEU A 104 66.23 -9.83 35.36
C LEU A 104 66.63 -11.16 34.72
N LEU A 105 67.11 -11.07 33.47
CA LEU A 105 67.62 -12.22 32.75
C LEU A 105 69.12 -12.01 32.59
N LEU A 106 69.91 -12.70 33.40
CA LEU A 106 71.36 -12.56 33.39
C LEU A 106 72.02 -13.77 32.74
N SER A 107 72.60 -13.57 31.56
CA SER A 107 73.27 -14.66 30.85
C SER A 107 74.74 -14.36 30.68
N GLU A 108 75.55 -15.41 30.66
CA GLU A 108 76.99 -15.27 30.49
C GLU A 108 77.28 -14.75 29.08
N THR A 109 76.68 -15.38 28.08
CA THR A 109 76.89 -15.01 26.69
C THR A 109 75.57 -14.70 25.98
N VAL A 110 75.67 -14.23 24.74
CA VAL A 110 74.50 -13.91 23.94
C VAL A 110 73.62 -15.14 23.68
N TRP A 111 74.26 -16.30 23.55
CA TRP A 111 73.55 -17.55 23.27
C TRP A 111 72.80 -18.06 24.49
N GLY A 112 73.25 -17.66 25.66
CA GLY A 112 72.59 -18.02 26.91
C GLY A 112 71.31 -17.22 27.06
N ALA A 113 71.32 -16.00 26.51
CA ALA A 113 70.16 -15.12 26.58
C ALA A 113 69.02 -15.68 25.74
N LEU A 114 69.36 -16.25 24.58
CA LEU A 114 68.37 -16.87 23.73
C LEU A 114 67.65 -17.97 24.48
N ARG A 115 68.44 -18.79 25.17
CA ARG A 115 67.91 -19.86 25.99
C ARG A 115 66.99 -19.29 27.07
N GLY A 116 67.46 -18.21 27.70
CA GLY A 116 66.69 -17.55 28.76
C GLY A 116 65.35 -17.02 28.29
N LEU A 117 65.32 -16.46 27.09
CA LEU A 117 64.08 -15.93 26.51
C LEU A 117 63.06 -17.04 26.25
N GLU A 118 63.55 -18.18 25.76
CA GLU A 118 62.70 -19.32 25.50
C GLU A 118 62.10 -19.84 26.81
N THR A 119 62.95 -19.93 27.83
CA THR A 119 62.51 -20.34 29.15
C THR A 119 61.48 -19.35 29.69
N PHE A 120 61.72 -18.07 29.44
CA PHE A 120 60.82 -17.02 29.89
C PHE A 120 59.47 -17.12 29.20
N SER A 121 59.49 -17.43 27.90
CA SER A 121 58.27 -17.54 27.10
C SER A 121 57.34 -18.64 27.59
N GLN A 122 57.92 -19.73 28.08
CA GLN A 122 57.13 -20.87 28.55
C GLN A 122 56.59 -20.67 29.95
N LEU A 123 57.20 -19.76 30.71
CA LEU A 123 56.75 -19.48 32.07
C LEU A 123 55.58 -18.50 32.11
N VAL A 124 55.37 -17.79 31.01
CA VAL A 124 54.25 -16.88 30.89
C VAL A 124 52.98 -17.70 30.66
N TRP A 125 51.97 -17.46 31.48
CA TRP A 125 50.72 -18.21 31.40
C TRP A 125 49.52 -17.30 31.60
N LYS A 126 48.34 -17.81 31.23
CA LYS A 126 47.10 -17.06 31.37
C LYS A 126 46.03 -17.90 32.08
N SER A 127 45.26 -17.26 32.95
CA SER A 127 44.22 -17.94 33.71
C SER A 127 42.93 -18.11 32.90
N ALA A 128 41.92 -18.72 33.52
CA ALA A 128 40.63 -18.91 32.86
C ALA A 128 39.97 -17.59 32.50
N GLU A 129 40.36 -16.52 33.22
CA GLU A 129 39.87 -15.18 32.94
C GLU A 129 40.49 -14.66 31.65
N GLY A 130 41.66 -15.19 31.31
CA GLY A 130 42.41 -14.76 30.12
C GLY A 130 43.54 -13.83 30.50
N THR A 131 43.65 -13.53 31.79
CA THR A 131 44.66 -12.63 32.31
C THR A 131 46.07 -13.22 32.19
N PHE A 132 47.01 -12.43 31.68
CA PHE A 132 48.40 -12.85 31.56
C PHE A 132 49.10 -12.76 32.90
N PHE A 133 49.92 -13.77 33.21
CA PHE A 133 50.64 -13.81 34.48
C PHE A 133 52.09 -14.29 34.34
N ILE A 134 52.83 -14.18 35.43
CA ILE A 134 54.20 -14.67 35.50
C ILE A 134 54.56 -14.88 36.98
N ASN A 135 54.87 -16.12 37.35
CA ASN A 135 55.17 -16.47 38.74
C ASN A 135 56.52 -15.94 39.23
N LYS A 136 56.67 -15.90 40.56
CA LYS A 136 57.92 -15.52 41.19
C LYS A 136 58.92 -16.64 40.95
N THR A 137 59.92 -16.37 40.12
CA THR A 137 60.87 -17.43 39.74
C THR A 137 62.35 -17.06 39.88
N GLU A 138 63.13 -18.04 40.34
CA GLU A 138 64.58 -17.90 40.45
C GLU A 138 65.23 -19.12 39.78
N ILE A 139 65.92 -18.87 38.66
CA ILE A 139 66.53 -19.95 37.89
C ILE A 139 68.03 -19.77 37.71
N GLU A 140 68.74 -20.89 37.65
CA GLU A 140 70.19 -20.91 37.39
C GLU A 140 70.41 -22.12 36.49
N ASP A 141 70.31 -21.90 35.18
CA ASP A 141 70.31 -23.00 34.21
C ASP A 141 71.54 -23.05 33.30
N PHE A 142 71.82 -24.24 32.78
CA PHE A 142 72.93 -24.48 31.85
C PHE A 142 72.77 -25.87 31.23
N PRO A 143 73.30 -26.06 30.01
CA PRO A 143 73.18 -27.36 29.33
C PRO A 143 74.13 -28.40 29.92
N ARG A 144 73.68 -29.66 29.95
CA ARG A 144 74.52 -30.76 30.42
C ARG A 144 75.57 -31.09 29.37
N PHE A 145 75.15 -31.05 28.11
CA PHE A 145 76.04 -31.31 26.99
C PHE A 145 76.03 -30.10 26.04
N PRO A 146 77.21 -29.74 25.50
CA PRO A 146 77.33 -28.60 24.60
C PRO A 146 76.90 -28.91 23.15
N HIS A 147 76.81 -30.18 22.79
CA HIS A 147 76.43 -30.57 21.42
C HIS A 147 75.09 -31.28 21.40
N ARG A 148 74.02 -30.51 21.22
CA ARG A 148 72.67 -31.05 21.17
C ARG A 148 72.11 -30.87 19.76
N GLY A 149 72.26 -31.91 18.94
CA GLY A 149 71.89 -31.81 17.54
C GLY A 149 70.66 -32.56 17.06
N LEU A 150 70.32 -32.35 15.80
CA LEU A 150 69.19 -32.99 15.14
C LEU A 150 69.51 -33.15 13.66
N LEU A 151 69.34 -34.35 13.12
CA LEU A 151 69.72 -34.65 11.74
C LEU A 151 68.55 -34.68 10.75
N LEU A 152 68.71 -33.96 9.65
CA LEU A 152 67.74 -33.98 8.55
C LEU A 152 68.37 -34.54 7.28
N ASP A 153 67.68 -35.49 6.67
CA ASP A 153 68.14 -36.13 5.43
C ASP A 153 67.42 -35.50 4.24
N THR A 154 68.10 -34.58 3.56
CA THR A 154 67.50 -33.88 2.42
C THR A 154 67.86 -34.54 1.08
N SER A 155 68.28 -35.80 1.14
CA SER A 155 68.65 -36.53 -0.05
C SER A 155 67.58 -37.54 -0.47
N ARG A 156 67.30 -38.51 0.40
CA ARG A 156 66.26 -39.50 0.12
C ARG A 156 64.96 -38.82 -0.28
N HIS A 157 64.69 -37.69 0.36
CA HIS A 157 63.56 -36.85 0.00
C HIS A 157 63.98 -35.41 0.12
N TYR A 158 63.69 -34.62 -0.90
CA TYR A 158 64.02 -33.21 -0.88
C TYR A 158 63.14 -32.49 0.12
N LEU A 159 63.69 -31.48 0.77
CA LEU A 159 62.92 -30.67 1.72
C LEU A 159 62.97 -29.21 1.35
N PRO A 160 61.80 -28.62 1.09
CA PRO A 160 61.71 -27.20 0.76
C PRO A 160 62.35 -26.36 1.85
N LEU A 161 62.97 -25.25 1.45
CA LEU A 161 63.64 -24.36 2.40
C LEU A 161 62.76 -24.00 3.60
N SER A 162 61.46 -23.80 3.34
CA SER A 162 60.52 -23.45 4.40
C SER A 162 60.40 -24.51 5.49
N SER A 163 60.52 -25.77 5.09
CA SER A 163 60.44 -26.88 6.03
C SER A 163 61.67 -26.93 6.93
N ILE A 164 62.81 -26.57 6.36
CA ILE A 164 64.07 -26.56 7.10
C ILE A 164 64.10 -25.40 8.10
N LEU A 165 63.64 -24.23 7.67
CA LEU A 165 63.59 -23.06 8.52
C LEU A 165 62.61 -23.27 9.67
N ASP A 166 61.52 -23.98 9.39
CA ASP A 166 60.52 -24.27 10.41
C ASP A 166 61.10 -25.20 11.46
N THR A 167 61.87 -26.18 11.01
CA THR A 167 62.52 -27.13 11.92
C THR A 167 63.47 -26.38 12.85
N LEU A 168 64.22 -25.45 12.29
CA LEU A 168 65.16 -24.64 13.07
C LEU A 168 64.43 -23.80 14.13
N ASP A 169 63.22 -23.35 13.81
CA ASP A 169 62.41 -22.59 14.76
C ASP A 169 62.04 -23.43 15.97
N VAL A 170 61.75 -24.71 15.74
CA VAL A 170 61.35 -25.61 16.81
C VAL A 170 62.56 -26.15 17.58
N MET A 171 63.68 -26.30 16.88
CA MET A 171 64.92 -26.70 17.54
C MET A 171 65.26 -25.67 18.60
N ALA A 172 64.96 -24.41 18.29
CA ALA A 172 65.20 -23.31 19.22
C ALA A 172 64.31 -23.44 20.45
N TYR A 173 63.07 -23.90 20.24
CA TYR A 173 62.14 -24.07 21.35
C TYR A 173 62.62 -25.17 22.30
N ASN A 174 63.24 -26.19 21.73
CA ASN A 174 63.73 -27.33 22.51
C ASN A 174 65.17 -27.15 22.97
N LYS A 175 65.76 -26.02 22.63
CA LYS A 175 67.15 -25.71 22.99
C LYS A 175 68.20 -26.59 22.31
N LEU A 176 67.87 -27.10 21.13
CA LEU A 176 68.84 -27.85 20.32
C LEU A 176 69.70 -26.85 19.54
N ASN A 177 71.02 -27.01 19.66
CA ASN A 177 71.93 -26.03 19.07
C ASN A 177 72.80 -26.49 17.89
N VAL A 178 72.54 -27.70 17.39
CA VAL A 178 73.30 -28.21 16.24
C VAL A 178 72.40 -28.81 15.16
N PHE A 179 72.46 -28.25 13.96
CA PHE A 179 71.69 -28.77 12.84
C PHE A 179 72.55 -29.63 11.94
N HIS A 180 72.40 -30.94 12.08
CA HIS A 180 73.16 -31.90 11.27
C HIS A 180 72.53 -32.03 9.89
N TRP A 181 72.97 -31.21 8.96
CA TRP A 181 72.44 -31.23 7.60
C TRP A 181 73.08 -32.35 6.78
N HIS A 182 72.31 -33.38 6.48
CA HIS A 182 72.78 -34.45 5.63
C HIS A 182 72.31 -34.14 4.21
N LEU A 183 73.04 -33.25 3.55
CA LEU A 183 72.64 -32.72 2.24
C LEU A 183 72.46 -33.77 1.14
N VAL A 184 73.49 -34.60 0.93
CA VAL A 184 73.48 -35.53 -0.19
C VAL A 184 73.64 -37.00 0.22
N ASP A 185 73.30 -37.90 -0.69
CA ASP A 185 73.41 -39.34 -0.47
C ASP A 185 73.23 -40.10 -1.80
N ASP A 186 72.93 -41.39 -1.71
CA ASP A 186 72.79 -42.24 -2.91
C ASP A 186 71.75 -41.81 -3.97
N PRO A 187 70.50 -41.52 -3.53
CA PRO A 187 69.45 -41.24 -4.52
C PRO A 187 69.42 -39.81 -5.07
N SER A 188 69.92 -38.84 -4.30
CA SER A 188 69.83 -37.44 -4.75
C SER A 188 70.99 -36.54 -4.30
N PHE A 189 71.36 -35.60 -5.17
CA PHE A 189 72.39 -34.62 -4.85
C PHE A 189 71.81 -33.22 -5.12
N PRO A 190 71.05 -32.69 -4.15
CA PRO A 190 70.37 -31.41 -4.29
C PRO A 190 71.26 -30.18 -4.08
N TYR A 191 72.46 -30.37 -3.56
CA TYR A 191 73.38 -29.25 -3.31
C TYR A 191 73.98 -28.74 -4.61
N GLU A 192 73.83 -27.43 -4.85
CA GLU A 192 74.41 -26.82 -6.04
C GLU A 192 75.83 -26.36 -5.80
N SER A 193 76.78 -27.05 -6.41
CA SER A 193 78.19 -26.71 -6.30
C SER A 193 78.61 -25.82 -7.46
N PHE A 194 79.41 -24.79 -7.18
CA PHE A 194 79.88 -23.90 -8.23
C PHE A 194 81.26 -24.32 -8.76
N THR A 195 81.95 -25.17 -8.00
CA THR A 195 83.24 -25.70 -8.44
C THR A 195 83.01 -26.88 -9.38
N PHE A 196 81.91 -27.59 -9.16
CA PHE A 196 81.51 -28.70 -10.02
C PHE A 196 80.00 -28.67 -10.22
N PRO A 197 79.54 -27.81 -11.16
CA PRO A 197 78.12 -27.60 -11.46
C PRO A 197 77.41 -28.85 -11.97
N GLU A 198 78.18 -29.83 -12.44
CA GLU A 198 77.58 -31.05 -12.99
C GLU A 198 77.05 -32.00 -11.92
N LEU A 199 77.52 -31.83 -10.69
CA LEU A 199 77.05 -32.65 -9.56
C LEU A 199 75.56 -32.48 -9.37
N MET A 200 75.13 -31.23 -9.29
CA MET A 200 73.74 -30.89 -9.07
C MET A 200 72.88 -31.11 -10.32
N ARG A 201 73.44 -30.72 -11.47
CA ARG A 201 72.72 -30.80 -12.75
C ARG A 201 72.34 -32.21 -13.19
N LYS A 202 73.12 -33.20 -12.76
CA LYS A 202 72.87 -34.58 -13.19
C LYS A 202 72.71 -35.56 -12.03
N GLY A 203 72.64 -35.04 -10.81
CA GLY A 203 72.49 -35.88 -9.62
C GLY A 203 71.18 -35.69 -8.88
N SER A 204 70.69 -34.46 -8.88
CA SER A 204 69.45 -34.11 -8.20
C SER A 204 68.23 -34.67 -8.93
N TYR A 205 67.14 -34.89 -8.19
CA TYR A 205 65.91 -35.38 -8.79
C TYR A 205 65.50 -34.45 -9.94
N ASN A 206 65.56 -33.15 -9.68
CA ASN A 206 65.20 -32.14 -10.65
C ASN A 206 66.13 -30.94 -10.49
N PRO A 207 66.87 -30.59 -11.55
CA PRO A 207 67.88 -29.53 -11.57
C PRO A 207 67.36 -28.11 -11.28
N VAL A 208 66.06 -27.98 -11.02
CA VAL A 208 65.47 -26.66 -10.76
C VAL A 208 64.60 -26.61 -9.50
N THR A 209 63.59 -27.46 -9.43
CA THR A 209 62.63 -27.43 -8.33
C THR A 209 63.16 -28.04 -7.02
N HIS A 210 63.94 -29.11 -7.14
CA HIS A 210 64.49 -29.78 -5.96
C HIS A 210 65.98 -29.48 -5.77
N ILE A 211 66.29 -28.20 -5.55
CA ILE A 211 67.68 -27.74 -5.47
C ILE A 211 67.97 -26.83 -4.27
N TYR A 212 69.23 -26.83 -3.83
CA TYR A 212 69.69 -25.91 -2.79
C TYR A 212 70.75 -24.97 -3.36
N THR A 213 70.37 -23.71 -3.57
CA THR A 213 71.27 -22.72 -4.13
C THR A 213 72.23 -22.18 -3.07
N ALA A 214 73.20 -21.38 -3.50
CA ALA A 214 74.12 -20.74 -2.57
C ALA A 214 73.35 -19.74 -1.71
N GLN A 215 72.27 -19.20 -2.28
CA GLN A 215 71.38 -18.28 -1.57
C GLN A 215 70.59 -19.04 -0.50
N ASP A 216 70.16 -20.26 -0.84
CA ASP A 216 69.43 -21.11 0.10
C ASP A 216 70.30 -21.47 1.30
N VAL A 217 71.53 -21.89 1.02
CA VAL A 217 72.46 -22.32 2.06
C VAL A 217 72.84 -21.20 3.03
N LYS A 218 73.13 -20.03 2.49
CA LYS A 218 73.52 -18.88 3.33
C LYS A 218 72.34 -18.37 4.17
N GLU A 219 71.12 -18.63 3.71
CA GLU A 219 69.93 -18.27 4.47
C GLU A 219 69.73 -19.21 5.64
N VAL A 220 69.95 -20.50 5.41
CA VAL A 220 69.84 -21.50 6.46
C VAL A 220 70.83 -21.17 7.58
N ILE A 221 72.08 -20.97 7.20
CA ILE A 221 73.15 -20.67 8.13
C ILE A 221 72.86 -19.44 9.00
N GLU A 222 72.46 -18.35 8.36
CA GLU A 222 72.16 -17.11 9.08
C GLU A 222 70.89 -17.26 9.92
N TYR A 223 69.92 -17.98 9.39
CA TYR A 223 68.67 -18.24 10.11
C TYR A 223 68.96 -19.05 11.36
N ALA A 224 69.80 -20.07 11.21
CA ALA A 224 70.20 -20.90 12.34
C ALA A 224 71.04 -20.12 13.33
N ARG A 225 71.87 -19.21 12.80
CA ARG A 225 72.73 -18.39 13.65
C ARG A 225 71.92 -17.52 14.58
N LEU A 226 70.82 -16.95 14.07
CA LEU A 226 69.96 -16.10 14.87
C LEU A 226 69.30 -16.89 16.00
N ARG A 227 69.17 -18.20 15.81
CA ARG A 227 68.61 -19.09 16.82
C ARG A 227 69.70 -19.69 17.69
N GLY A 228 70.95 -19.36 17.37
CA GLY A 228 72.09 -19.89 18.12
C GLY A 228 72.29 -21.35 17.79
N ILE A 229 72.12 -21.69 16.52
CA ILE A 229 72.27 -23.06 16.07
C ILE A 229 73.43 -23.20 15.10
N ARG A 230 74.30 -24.17 15.38
CA ARG A 230 75.43 -24.46 14.50
C ARG A 230 74.93 -25.28 13.31
N VAL A 231 75.58 -25.11 12.17
CA VAL A 231 75.22 -25.86 10.98
C VAL A 231 76.32 -26.85 10.60
N LEU A 232 76.14 -28.10 11.01
CA LEU A 232 77.09 -29.15 10.68
C LEU A 232 76.73 -29.74 9.34
N ALA A 233 77.58 -29.52 8.34
CA ALA A 233 77.33 -30.02 7.00
C ALA A 233 77.98 -31.39 6.80
N GLU A 234 77.24 -32.29 6.15
CA GLU A 234 77.77 -33.62 5.86
C GLU A 234 77.64 -34.00 4.39
N PHE A 235 78.77 -34.12 3.72
CA PHE A 235 78.81 -34.62 2.36
C PHE A 235 79.46 -36.00 2.41
N ASP A 236 78.68 -36.97 2.89
CA ASP A 236 79.14 -38.34 3.13
C ASP A 236 80.03 -38.94 2.03
N THR A 237 81.19 -39.46 2.45
CA THR A 237 82.15 -40.12 1.55
C THR A 237 82.89 -41.20 2.35
N PRO A 238 83.34 -42.28 1.69
CA PRO A 238 83.19 -42.57 0.26
C PRO A 238 81.91 -43.34 -0.05
N GLY A 239 81.22 -43.79 1.00
CA GLY A 239 79.95 -44.50 0.82
C GLY A 239 78.83 -43.50 0.64
N HIS A 240 77.64 -44.01 0.29
CA HIS A 240 76.47 -43.15 0.07
C HIS A 240 76.78 -42.05 -0.93
N THR A 241 77.30 -42.43 -2.10
CA THR A 241 77.71 -41.46 -3.11
C THR A 241 77.27 -41.81 -4.55
N LEU A 242 76.15 -42.52 -4.68
CA LEU A 242 75.66 -42.91 -6.00
C LEU A 242 75.24 -41.72 -6.87
N SER A 243 74.77 -40.66 -6.22
CA SER A 243 74.32 -39.46 -6.94
C SER A 243 75.49 -38.60 -7.42
N TRP A 244 76.70 -38.93 -6.96
CA TRP A 244 77.90 -38.21 -7.36
C TRP A 244 78.36 -38.73 -8.73
N GLY A 245 78.12 -40.01 -8.98
CA GLY A 245 78.52 -40.67 -10.23
C GLY A 245 78.41 -39.81 -11.47
N PRO A 246 77.17 -39.56 -11.93
CA PRO A 246 76.96 -38.71 -13.09
C PRO A 246 77.39 -37.28 -12.79
N GLY A 247 78.02 -36.63 -13.76
CA GLY A 247 78.50 -35.27 -13.57
C GLY A 247 80.00 -35.24 -13.46
N ILE A 248 80.55 -36.04 -12.56
CA ILE A 248 81.99 -36.18 -12.40
C ILE A 248 82.40 -37.63 -12.73
N PRO A 249 82.72 -37.90 -14.01
CA PRO A 249 83.04 -39.24 -14.52
C PRO A 249 84.33 -39.82 -13.94
N GLY A 250 84.30 -41.12 -13.62
CA GLY A 250 85.46 -41.82 -13.10
C GLY A 250 85.58 -41.77 -11.58
N LEU A 251 84.72 -41.00 -10.93
CA LEU A 251 84.77 -40.86 -9.48
C LEU A 251 84.37 -42.15 -8.74
N LEU A 252 83.26 -42.75 -9.17
CA LEU A 252 82.78 -43.97 -8.53
C LEU A 252 83.51 -45.21 -9.04
N THR A 253 83.47 -46.27 -8.22
CA THR A 253 84.11 -47.52 -8.55
C THR A 253 83.19 -48.42 -9.36
N PRO A 254 83.54 -48.70 -10.62
CA PRO A 254 82.75 -49.62 -11.44
C PRO A 254 82.88 -51.05 -10.93
N CYS A 255 81.78 -51.62 -10.45
CA CYS A 255 81.79 -52.98 -9.91
C CYS A 255 82.00 -54.02 -11.02
N TYR A 256 82.54 -55.18 -10.64
CA TYR A 256 82.84 -56.24 -11.58
C TYR A 256 82.12 -57.55 -11.24
N SER A 257 81.83 -58.34 -12.27
CA SER A 257 81.22 -59.65 -12.09
C SER A 257 82.31 -60.70 -11.97
N GLY A 258 83.45 -60.44 -12.62
CA GLY A 258 84.58 -61.34 -12.60
C GLY A 258 85.64 -60.94 -13.60
N SER A 259 85.24 -60.82 -14.86
CA SER A 259 86.15 -60.44 -15.92
C SER A 259 85.88 -59.03 -16.43
N GLU A 260 84.64 -58.77 -16.82
CA GLU A 260 84.24 -57.46 -17.35
C GLU A 260 83.29 -56.71 -16.39
N PRO A 261 83.27 -55.37 -16.48
CA PRO A 261 82.41 -54.54 -15.63
C PRO A 261 80.93 -54.80 -15.94
N SER A 262 80.09 -54.77 -14.90
CA SER A 262 78.67 -55.07 -15.07
C SER A 262 77.71 -53.93 -14.70
N GLY A 263 77.99 -52.74 -15.23
CA GLY A 263 77.09 -51.59 -15.06
C GLY A 263 77.09 -50.89 -13.70
N THR A 264 76.73 -51.63 -12.65
CA THR A 264 76.58 -51.06 -11.30
C THR A 264 77.86 -50.39 -10.78
N PHE A 265 77.69 -49.27 -10.10
CA PHE A 265 78.80 -48.55 -9.50
C PHE A 265 78.75 -48.64 -7.98
N GLY A 266 79.92 -48.62 -7.35
CA GLY A 266 80.00 -48.69 -5.90
C GLY A 266 80.46 -47.39 -5.28
N PRO A 267 81.19 -47.48 -4.16
CA PRO A 267 81.72 -46.31 -3.45
C PRO A 267 82.74 -45.53 -4.27
N VAL A 268 83.23 -44.43 -3.72
CA VAL A 268 84.21 -43.60 -4.40
C VAL A 268 85.51 -44.37 -4.64
N ASN A 269 86.05 -44.24 -5.85
CA ASN A 269 87.29 -44.92 -6.22
C ASN A 269 88.51 -44.24 -5.60
N PRO A 270 89.15 -44.91 -4.64
CA PRO A 270 90.28 -44.34 -3.92
C PRO A 270 91.64 -44.67 -4.56
N SER A 271 91.60 -45.22 -5.77
CA SER A 271 92.84 -45.61 -6.45
C SER A 271 93.21 -44.67 -7.59
N LEU A 272 92.47 -43.58 -7.74
CA LEU A 272 92.72 -42.63 -8.82
C LEU A 272 93.16 -41.25 -8.34
N ASN A 273 94.11 -40.66 -9.05
CA ASN A 273 94.59 -39.31 -8.76
C ASN A 273 93.46 -38.31 -8.93
N ASN A 274 92.65 -38.52 -9.97
CA ASN A 274 91.50 -37.68 -10.26
C ASN A 274 90.57 -37.48 -9.05
N THR A 275 90.39 -38.54 -8.26
CA THR A 275 89.52 -38.51 -7.09
C THR A 275 89.97 -37.53 -6.02
N TYR A 276 91.25 -37.57 -5.68
CA TYR A 276 91.80 -36.74 -4.61
C TYR A 276 91.91 -35.25 -4.98
N GLU A 277 92.09 -34.97 -6.26
CA GLU A 277 92.11 -33.58 -6.73
C GLU A 277 90.70 -33.02 -6.80
N PHE A 278 89.72 -33.91 -6.93
CA PHE A 278 88.32 -33.51 -6.92
C PHE A 278 87.88 -33.16 -5.50
N MET A 279 88.22 -34.04 -4.56
CA MET A 279 87.87 -33.83 -3.17
C MET A 279 88.53 -32.60 -2.59
N SER A 280 89.76 -32.34 -3.00
CA SER A 280 90.50 -31.17 -2.54
C SER A 280 89.84 -29.87 -2.99
N THR A 281 89.36 -29.85 -4.23
CA THR A 281 88.70 -28.68 -4.80
C THR A 281 87.28 -28.52 -4.25
N PHE A 282 86.57 -29.63 -4.15
CA PHE A 282 85.18 -29.62 -3.67
C PHE A 282 85.06 -29.22 -2.20
N PHE A 283 85.85 -29.87 -1.33
CA PHE A 283 85.80 -29.57 0.11
C PHE A 283 86.39 -28.22 0.46
N LEU A 284 87.05 -27.59 -0.50
CA LEU A 284 87.56 -26.24 -0.32
C LEU A 284 86.35 -25.31 -0.32
N GLU A 285 85.44 -25.57 -1.26
CA GLU A 285 84.19 -24.82 -1.35
C GLU A 285 83.34 -25.05 -0.11
N VAL A 286 83.20 -26.32 0.29
CA VAL A 286 82.41 -26.69 1.46
C VAL A 286 82.89 -25.95 2.71
N SER A 287 84.21 -25.92 2.90
CA SER A 287 84.79 -25.25 4.05
C SER A 287 84.65 -23.72 3.96
N SER A 288 84.41 -23.22 2.75
CA SER A 288 84.24 -21.80 2.54
C SER A 288 82.78 -21.38 2.73
N VAL A 289 81.86 -22.25 2.29
CA VAL A 289 80.43 -21.97 2.39
C VAL A 289 79.92 -22.13 3.83
N PHE A 290 80.40 -23.17 4.51
CA PHE A 290 79.99 -23.43 5.89
C PHE A 290 81.02 -22.93 6.88
N PRO A 291 80.68 -21.88 7.66
CA PRO A 291 81.59 -21.21 8.59
C PRO A 291 81.94 -22.01 9.85
N ASP A 292 81.09 -22.96 10.23
CA ASP A 292 81.33 -23.75 11.45
C ASP A 292 82.71 -24.41 11.41
N PHE A 293 83.33 -24.54 12.58
CA PHE A 293 84.67 -25.12 12.70
C PHE A 293 84.70 -26.59 12.31
N TYR A 294 83.60 -27.30 12.55
CA TYR A 294 83.54 -28.73 12.27
C TYR A 294 82.75 -29.07 11.01
N LEU A 295 83.13 -30.16 10.37
CA LEU A 295 82.43 -30.68 9.21
C LEU A 295 82.27 -32.18 9.40
N HIS A 296 81.13 -32.72 9.00
CA HIS A 296 80.92 -34.15 9.09
C HIS A 296 81.35 -34.76 7.76
N LEU A 297 82.22 -35.75 7.81
CA LEU A 297 82.76 -36.36 6.60
C LEU A 297 82.17 -37.73 6.28
N GLY A 298 81.25 -38.19 7.13
CA GLY A 298 80.58 -39.46 6.91
C GLY A 298 81.47 -40.67 7.21
N GLY A 299 81.60 -41.55 6.22
CA GLY A 299 82.42 -42.76 6.38
C GLY A 299 81.65 -43.96 6.90
N ASP A 300 80.33 -43.89 6.82
CA ASP A 300 79.48 -44.97 7.31
C ASP A 300 79.06 -45.93 6.21
N GLU A 301 78.65 -47.13 6.62
CA GLU A 301 78.18 -48.17 5.71
C GLU A 301 78.97 -48.24 4.42
N VAL A 302 80.29 -48.33 4.55
CA VAL A 302 81.16 -48.44 3.37
C VAL A 302 81.33 -49.91 3.00
N ASP A 303 80.88 -50.27 1.80
CA ASP A 303 80.94 -51.64 1.34
C ASP A 303 82.24 -51.93 0.59
N PHE A 304 82.96 -52.96 1.04
CA PHE A 304 84.23 -53.34 0.41
C PHE A 304 84.04 -54.31 -0.74
N THR A 305 82.79 -54.72 -0.98
CA THR A 305 82.48 -55.68 -2.03
C THR A 305 82.87 -55.19 -3.42
N CYS A 306 82.45 -53.97 -3.76
CA CYS A 306 82.71 -53.42 -5.09
C CYS A 306 84.20 -53.19 -5.34
N TRP A 307 84.93 -52.75 -4.31
CA TRP A 307 86.36 -52.53 -4.45
C TRP A 307 87.10 -53.82 -4.75
N LYS A 308 86.77 -54.89 -4.02
CA LYS A 308 87.44 -56.18 -4.17
C LYS A 308 87.24 -56.79 -5.55
N SER A 309 86.03 -56.65 -6.10
CA SER A 309 85.72 -57.20 -7.41
C SER A 309 86.51 -56.51 -8.53
N ASN A 310 86.88 -55.26 -8.30
CA ASN A 310 87.60 -54.47 -9.31
C ASN A 310 89.09 -54.84 -9.37
N PRO A 311 89.55 -55.28 -10.56
CA PRO A 311 90.94 -55.69 -10.79
C PRO A 311 91.91 -54.52 -10.72
N GLU A 312 91.50 -53.37 -11.26
CA GLU A 312 92.34 -52.17 -11.28
C GLU A 312 92.64 -51.69 -9.85
N ILE A 313 91.68 -51.90 -8.94
CA ILE A 313 91.86 -51.51 -7.53
C ILE A 313 92.65 -52.58 -6.77
N GLN A 314 92.49 -53.84 -7.18
CA GLN A 314 93.26 -54.93 -6.58
C GLN A 314 94.74 -54.69 -6.79
N ASP A 315 95.09 -54.14 -7.95
CA ASP A 315 96.47 -53.83 -8.30
C ASP A 315 97.02 -52.71 -7.40
N PHE A 316 96.15 -51.77 -7.07
CA PHE A 316 96.55 -50.60 -6.26
C PHE A 316 97.02 -50.99 -4.86
N MET A 317 96.36 -51.95 -4.25
CA MET A 317 96.70 -52.38 -2.88
C MET A 317 98.00 -53.18 -2.80
N ARG A 318 98.44 -53.70 -3.95
CA ARG A 318 99.69 -54.46 -3.99
C ARG A 318 100.90 -53.52 -4.14
N LYS A 319 100.64 -52.31 -4.63
CA LYS A 319 101.69 -51.32 -4.80
C LYS A 319 101.97 -50.63 -3.47
N LYS A 320 100.91 -50.28 -2.76
CA LYS A 320 101.02 -49.60 -1.48
C LYS A 320 101.31 -50.60 -0.36
N GLY A 321 101.07 -51.88 -0.65
CA GLY A 321 101.35 -52.94 0.31
C GLY A 321 100.31 -53.06 1.41
N PHE A 322 99.04 -53.02 1.04
CA PHE A 322 97.97 -53.17 2.01
C PHE A 322 97.54 -54.62 2.15
N GLY A 323 97.40 -55.31 1.02
CA GLY A 323 97.07 -56.72 1.04
C GLY A 323 95.60 -57.03 0.78
N GLU A 324 95.00 -57.79 1.70
CA GLU A 324 93.61 -58.22 1.54
C GLU A 324 92.60 -57.45 2.36
N ASP A 325 93.08 -56.66 3.32
CA ASP A 325 92.17 -55.88 4.16
C ASP A 325 91.87 -54.50 3.56
N PHE A 326 90.59 -54.21 3.40
CA PHE A 326 90.17 -52.96 2.81
C PHE A 326 89.92 -51.92 3.88
N LYS A 327 90.07 -52.32 5.14
CA LYS A 327 89.89 -51.41 6.26
C LYS A 327 90.99 -50.35 6.27
N GLN A 328 92.20 -50.75 5.88
CA GLN A 328 93.31 -49.80 5.78
C GLN A 328 93.38 -49.16 4.39
N LEU A 329 92.65 -49.73 3.43
CA LEU A 329 92.52 -49.10 2.13
C LEU A 329 91.60 -47.92 2.31
N GLU A 330 90.57 -48.12 3.12
CA GLU A 330 89.63 -47.07 3.47
C GLU A 330 90.35 -46.01 4.27
N SER A 331 91.25 -46.45 5.14
CA SER A 331 92.05 -45.55 5.96
C SER A 331 92.85 -44.60 5.08
N PHE A 332 93.42 -45.13 4.01
CA PHE A 332 94.20 -44.33 3.07
C PHE A 332 93.37 -43.18 2.51
N TYR A 333 92.11 -43.46 2.19
CA TYR A 333 91.21 -42.44 1.66
C TYR A 333 90.87 -41.39 2.71
N ILE A 334 90.48 -41.85 3.88
CA ILE A 334 90.08 -40.94 4.96
C ILE A 334 91.25 -40.12 5.49
N GLN A 335 92.41 -40.74 5.64
CA GLN A 335 93.61 -40.01 6.09
C GLN A 335 93.86 -38.82 5.18
N THR A 336 93.95 -39.09 3.88
CA THR A 336 94.17 -38.04 2.90
C THR A 336 93.07 -37.00 3.02
N LEU A 337 91.82 -37.47 3.11
CA LEU A 337 90.66 -36.58 3.20
C LEU A 337 90.71 -35.71 4.45
N LEU A 338 91.16 -36.27 5.57
CA LEU A 338 91.27 -35.52 6.81
C LEU A 338 92.32 -34.41 6.68
N ASP A 339 93.44 -34.74 6.04
CA ASP A 339 94.52 -33.77 5.84
C ASP A 339 94.05 -32.58 4.99
N ILE A 340 93.31 -32.88 3.94
CA ILE A 340 92.77 -31.85 3.06
C ILE A 340 91.86 -30.91 3.84
N VAL A 341 90.91 -31.49 4.57
CA VAL A 341 89.96 -30.71 5.38
C VAL A 341 90.66 -30.00 6.54
N SER A 342 91.69 -30.65 7.09
CA SER A 342 92.44 -30.09 8.22
C SER A 342 93.29 -28.88 7.80
N SER A 343 93.71 -28.87 6.53
CA SER A 343 94.54 -27.79 6.01
C SER A 343 93.74 -26.50 5.81
N TYR A 344 92.41 -26.63 5.84
CA TYR A 344 91.54 -25.46 5.70
C TYR A 344 91.12 -24.92 7.07
N GLY A 345 91.76 -25.44 8.12
CA GLY A 345 91.46 -25.02 9.48
C GLY A 345 90.10 -25.52 9.93
N LYS A 346 89.73 -26.71 9.49
CA LYS A 346 88.44 -27.29 9.80
C LYS A 346 88.54 -28.55 10.66
N GLY A 347 87.72 -28.61 11.70
CA GLY A 347 87.60 -29.82 12.51
C GLY A 347 86.67 -30.77 11.79
N TYR A 348 86.50 -31.98 12.32
CA TYR A 348 85.65 -32.96 11.66
C TYR A 348 85.02 -34.01 12.56
N VAL A 349 83.77 -34.34 12.24
CA VAL A 349 83.03 -35.39 12.93
C VAL A 349 82.86 -36.54 11.95
N VAL A 350 82.91 -37.77 12.45
CA VAL A 350 82.80 -38.94 11.60
C VAL A 350 82.01 -40.06 12.28
N TRP A 351 81.35 -40.91 11.48
CA TRP A 351 80.57 -42.02 12.02
C TRP A 351 81.47 -43.06 12.70
N GLN A 352 80.85 -44.02 13.40
CA GLN A 352 81.61 -44.98 14.21
C GLN A 352 82.43 -46.01 13.41
N GLU A 353 82.08 -46.22 12.14
CA GLU A 353 82.82 -47.18 11.30
C GLU A 353 84.30 -46.84 11.22
N VAL A 354 84.60 -45.55 11.06
CA VAL A 354 85.96 -45.08 10.97
C VAL A 354 86.78 -45.50 12.18
N PHE A 355 86.18 -45.40 13.36
CA PHE A 355 86.84 -45.81 14.59
C PHE A 355 86.91 -47.33 14.71
N ASP A 356 85.84 -48.01 14.30
CA ASP A 356 85.77 -49.46 14.39
C ASP A 356 86.72 -50.14 13.42
N ASN A 357 86.98 -49.49 12.30
CA ASN A 357 87.86 -50.05 11.27
C ASN A 357 89.34 -49.69 11.45
N LYS A 358 89.70 -49.30 12.67
CA LYS A 358 91.09 -48.96 12.99
C LYS A 358 91.73 -48.05 11.96
N VAL A 359 91.03 -46.98 11.59
CA VAL A 359 91.55 -46.01 10.62
C VAL A 359 92.46 -45.02 11.33
N LYS A 360 93.66 -44.81 10.78
CA LYS A 360 94.60 -43.85 11.35
C LYS A 360 93.89 -42.51 11.48
N ILE A 361 93.70 -42.06 12.71
CA ILE A 361 92.85 -40.92 12.98
C ILE A 361 93.47 -39.87 13.90
N GLN A 362 93.25 -38.60 13.58
CA GLN A 362 93.76 -37.47 14.36
C GLN A 362 93.12 -37.45 15.75
N PRO A 363 93.91 -37.12 16.79
CA PRO A 363 93.43 -37.09 18.19
C PRO A 363 92.22 -36.18 18.44
N ASP A 364 92.04 -35.16 17.60
CA ASP A 364 90.94 -34.19 17.76
C ASP A 364 89.66 -34.58 17.03
N THR A 365 89.64 -35.77 16.44
CA THR A 365 88.46 -36.22 15.71
C THR A 365 87.36 -36.66 16.65
N ILE A 366 86.11 -36.41 16.25
CA ILE A 366 84.96 -36.79 17.04
C ILE A 366 84.25 -37.96 16.40
N ILE A 367 83.87 -38.94 17.22
CA ILE A 367 83.19 -40.15 16.74
C ILE A 367 81.71 -40.09 17.10
N GLN A 368 80.85 -40.40 16.13
CA GLN A 368 79.41 -40.38 16.37
C GLN A 368 78.83 -41.79 16.36
N VAL A 369 78.55 -42.30 17.57
CA VAL A 369 78.00 -43.66 17.74
C VAL A 369 76.56 -43.72 17.26
N TRP A 370 76.29 -44.65 16.34
CA TRP A 370 74.94 -44.79 15.79
C TRP A 370 74.41 -46.23 15.76
N ARG A 371 75.32 -47.21 15.72
CA ARG A 371 74.92 -48.61 15.67
C ARG A 371 74.51 -49.12 17.04
N GLU A 372 73.56 -50.05 17.06
CA GLU A 372 73.02 -50.57 18.33
C GLU A 372 73.73 -51.82 18.86
N ASP A 373 73.81 -52.86 18.03
CA ASP A 373 74.37 -54.14 18.48
C ASP A 373 75.71 -54.48 17.84
N ILE A 374 75.78 -54.34 16.52
CA ILE A 374 76.99 -54.68 15.76
C ILE A 374 77.88 -53.44 15.57
N PRO A 375 79.19 -53.56 15.87
CA PRO A 375 79.87 -54.77 16.35
C PRO A 375 79.72 -54.99 17.85
N VAL A 376 79.47 -53.92 18.59
CA VAL A 376 79.29 -54.01 20.03
C VAL A 376 78.20 -53.04 20.47
N ASN A 377 77.59 -53.31 21.63
CA ASN A 377 76.54 -52.46 22.19
C ASN A 377 76.94 -51.00 22.17
N TYR A 378 75.98 -50.09 21.98
CA TYR A 378 76.29 -48.67 21.87
C TYR A 378 76.87 -48.05 23.14
N MET A 379 76.55 -48.64 24.28
CA MET A 379 77.10 -48.18 25.56
C MET A 379 78.54 -48.65 25.70
N LYS A 380 78.84 -49.81 25.09
CA LYS A 380 80.17 -50.36 25.13
C LYS A 380 81.04 -49.60 24.13
N GLU A 381 80.39 -49.03 23.10
CA GLU A 381 81.06 -48.20 22.10
C GLU A 381 81.60 -46.93 22.72
N LEU A 382 80.76 -46.25 23.48
CA LEU A 382 81.15 -45.01 24.16
C LEU A 382 82.35 -45.25 25.06
N GLU A 383 82.39 -46.44 25.68
CA GLU A 383 83.51 -46.82 26.54
C GLU A 383 84.80 -46.91 25.74
N LEU A 384 84.75 -47.64 24.62
CA LEU A 384 85.92 -47.83 23.76
C LEU A 384 86.42 -46.51 23.18
N VAL A 385 85.49 -45.71 22.67
CA VAL A 385 85.83 -44.43 22.06
C VAL A 385 86.45 -43.45 23.08
N THR A 386 85.86 -43.38 24.26
CA THR A 386 86.36 -42.48 25.31
C THR A 386 87.67 -42.97 25.93
N LYS A 387 87.78 -44.29 26.14
CA LYS A 387 89.00 -44.87 26.69
C LYS A 387 90.14 -44.72 25.68
N ALA A 388 89.79 -44.68 24.39
CA ALA A 388 90.77 -44.50 23.33
C ALA A 388 91.28 -43.06 23.29
N GLY A 389 90.52 -42.15 23.89
CA GLY A 389 90.93 -40.75 24.00
C GLY A 389 90.14 -39.75 23.17
N PHE A 390 89.27 -40.25 22.29
CA PHE A 390 88.48 -39.38 21.40
C PHE A 390 87.19 -38.88 22.04
N ARG A 391 86.61 -37.85 21.46
CA ARG A 391 85.31 -37.33 21.89
C ARG A 391 84.21 -38.11 21.18
N ALA A 392 83.01 -38.15 21.77
CA ALA A 392 81.93 -38.97 21.21
C ALA A 392 80.55 -38.34 21.21
N LEU A 393 79.79 -38.59 20.15
CA LEU A 393 78.38 -38.20 20.06
C LEU A 393 77.53 -39.46 20.10
N LEU A 394 76.38 -39.36 20.76
CA LEU A 394 75.48 -40.50 20.88
C LEU A 394 74.22 -40.30 20.03
N SER A 395 73.91 -41.27 19.20
CA SER A 395 72.72 -41.21 18.33
C SER A 395 72.05 -42.57 18.16
N ALA A 396 72.75 -43.62 18.59
CA ALA A 396 72.25 -45.00 18.44
C ALA A 396 70.78 -45.22 18.80
N PRO A 397 70.37 -44.88 20.04
CA PRO A 397 69.00 -45.12 20.44
C PRO A 397 68.05 -43.98 20.08
N TRP A 398 68.57 -42.94 19.43
CA TRP A 398 67.74 -41.80 19.07
C TRP A 398 67.44 -41.67 17.58
N TYR A 399 67.16 -42.80 16.94
CA TYR A 399 66.78 -42.81 15.53
C TYR A 399 65.28 -42.63 15.37
N LEU A 400 64.86 -41.38 15.27
CA LEU A 400 63.44 -41.03 15.16
C LEU A 400 62.77 -41.65 13.94
N ASN A 401 63.52 -41.79 12.85
CA ASN A 401 62.99 -42.39 11.62
C ASN A 401 62.42 -43.80 11.85
N ARG A 402 62.95 -44.49 12.86
CA ARG A 402 62.47 -45.83 13.20
C ARG A 402 61.24 -45.76 14.09
N ILE A 403 60.08 -45.64 13.46
CA ILE A 403 58.82 -45.52 14.19
C ILE A 403 58.29 -46.84 14.70
N SER A 404 57.48 -46.76 15.75
CA SER A 404 56.83 -47.93 16.33
C SER A 404 55.53 -47.46 16.97
N TYR A 405 54.63 -48.40 17.25
CA TYR A 405 53.35 -48.05 17.84
C TYR A 405 53.47 -47.62 19.30
N GLY A 406 52.64 -46.66 19.69
CA GLY A 406 52.62 -46.18 21.07
C GLY A 406 53.53 -45.01 21.30
N PRO A 407 53.81 -44.71 22.58
CA PRO A 407 54.64 -43.59 23.00
C PRO A 407 56.11 -43.98 23.17
N ASP A 408 56.82 -44.15 22.07
CA ASP A 408 58.23 -44.55 22.12
C ASP A 408 59.14 -43.39 22.55
N TRP A 409 58.55 -42.24 22.84
CA TRP A 409 59.32 -41.09 23.32
C TRP A 409 59.88 -41.39 24.70
N LYS A 410 59.25 -42.34 25.38
CA LYS A 410 59.67 -42.76 26.71
C LYS A 410 60.98 -43.56 26.62
N ASP A 411 61.20 -44.20 25.48
CA ASP A 411 62.43 -44.93 25.22
C ASP A 411 63.59 -43.95 25.07
N PHE A 412 63.35 -42.89 24.32
CA PHE A 412 64.36 -41.88 24.07
C PHE A 412 64.71 -41.11 25.35
N TYR A 413 63.68 -40.83 26.14
CA TYR A 413 63.85 -40.04 27.37
C TYR A 413 64.66 -40.76 28.44
N VAL A 414 64.48 -42.08 28.54
CA VAL A 414 65.11 -42.86 29.62
C VAL A 414 66.60 -43.17 29.38
N VAL A 415 67.06 -42.98 28.14
CA VAL A 415 68.46 -43.24 27.78
C VAL A 415 69.44 -42.41 28.62
N GLU A 416 70.44 -43.08 29.19
CA GLU A 416 71.48 -42.39 29.96
C GLU A 416 72.82 -42.49 29.24
N PRO A 417 73.28 -41.37 28.66
CA PRO A 417 74.51 -41.28 27.87
C PRO A 417 75.78 -41.68 28.62
N LEU A 418 75.82 -41.46 29.92
CA LEU A 418 77.02 -41.75 30.71
C LEU A 418 76.92 -43.04 31.53
N ALA A 419 76.02 -43.94 31.12
CA ALA A 419 75.85 -45.20 31.82
C ALA A 419 76.80 -46.28 31.30
N PHE A 420 78.10 -46.03 31.44
CA PHE A 420 79.12 -46.98 31.00
C PHE A 420 80.35 -47.00 31.92
N GLU A 421 81.24 -47.95 31.67
CA GLU A 421 82.45 -48.12 32.48
C GLU A 421 83.49 -47.07 32.10
N GLY A 422 83.90 -46.25 33.07
CA GLY A 422 84.90 -45.22 32.81
C GLY A 422 85.17 -44.26 33.97
N THR A 423 86.26 -43.51 33.85
CA THR A 423 86.64 -42.53 34.86
C THR A 423 85.95 -41.19 34.58
N PRO A 424 85.92 -40.30 35.60
CA PRO A 424 85.28 -38.99 35.46
C PRO A 424 85.74 -38.24 34.20
N GLU A 425 87.05 -38.10 34.03
CA GLU A 425 87.61 -37.40 32.87
C GLU A 425 87.42 -38.19 31.56
N GLN A 426 87.24 -39.50 31.69
CA GLN A 426 87.00 -40.34 30.53
C GLN A 426 85.56 -40.11 30.03
N LYS A 427 84.63 -40.00 30.98
CA LYS A 427 83.23 -39.75 30.65
C LYS A 427 83.02 -38.31 30.14
N ALA A 428 83.96 -37.44 30.48
CA ALA A 428 83.87 -36.03 30.09
C ALA A 428 84.08 -35.83 28.58
N LEU A 429 84.53 -36.89 27.90
CA LEU A 429 84.77 -36.83 26.46
C LEU A 429 83.48 -36.92 25.65
N VAL A 430 82.39 -37.27 26.33
CA VAL A 430 81.07 -37.32 25.68
C VAL A 430 80.50 -35.90 25.63
N ILE A 431 80.42 -35.34 24.43
CA ILE A 431 79.97 -33.95 24.26
C ILE A 431 78.47 -33.83 23.90
N GLY A 432 77.75 -34.94 23.94
CA GLY A 432 76.32 -34.93 23.67
C GLY A 432 75.88 -35.94 22.63
N GLY A 433 74.90 -35.57 21.81
CA GLY A 433 74.39 -36.44 20.78
C GLY A 433 73.42 -35.77 19.82
N GLU A 434 72.87 -36.56 18.90
CA GLU A 434 71.94 -36.05 17.90
C GLU A 434 70.79 -37.01 17.66
N ALA A 435 69.59 -36.47 17.45
CA ALA A 435 68.45 -37.26 17.03
C ALA A 435 68.50 -37.33 15.51
N CYS A 436 68.14 -38.48 14.93
CA CYS A 436 68.27 -38.65 13.48
C CYS A 436 66.97 -38.97 12.76
N MET A 437 66.60 -38.08 11.84
CA MET A 437 65.41 -38.28 11.01
C MET A 437 65.78 -38.56 9.56
N TRP A 438 66.15 -39.82 9.28
CA TRP A 438 66.50 -40.23 7.93
C TRP A 438 65.25 -40.22 7.05
N GLY A 439 65.41 -39.75 5.82
CA GLY A 439 64.27 -39.50 4.94
C GLY A 439 63.80 -40.59 4.01
N GLU A 440 64.15 -41.85 4.30
CA GLU A 440 63.68 -42.95 3.45
C GLU A 440 62.16 -42.92 3.33
N TYR A 441 61.48 -42.63 4.42
CA TYR A 441 60.03 -42.64 4.44
C TYR A 441 59.45 -41.31 4.93
N VAL A 442 60.27 -40.26 4.89
CA VAL A 442 59.86 -38.96 5.39
C VAL A 442 60.16 -37.82 4.43
N ASP A 443 59.19 -36.92 4.24
CA ASP A 443 59.39 -35.70 3.47
C ASP A 443 58.50 -34.56 3.99
N ASN A 444 58.20 -33.60 3.13
CA ASN A 444 57.41 -32.44 3.50
C ASN A 444 56.00 -32.80 4.02
N THR A 445 55.58 -34.03 3.76
CA THR A 445 54.23 -34.46 4.09
C THR A 445 54.06 -34.97 5.53
N ASN A 446 55.12 -35.50 6.12
CA ASN A 446 55.03 -36.08 7.47
C ASN A 446 56.23 -35.77 8.37
N LEU A 447 57.04 -34.81 7.99
CA LEU A 447 58.23 -34.45 8.76
C LEU A 447 57.90 -33.93 10.17
N VAL A 448 57.14 -32.85 10.23
CA VAL A 448 56.82 -32.19 11.50
C VAL A 448 56.17 -33.12 12.54
N PRO A 449 55.05 -33.77 12.16
CA PRO A 449 54.36 -34.66 13.10
C PRO A 449 55.25 -35.78 13.62
N ARG A 450 56.11 -36.33 12.75
CA ARG A 450 56.99 -37.43 13.15
C ARG A 450 58.17 -36.93 13.99
N LEU A 451 58.58 -35.69 13.75
CA LEU A 451 59.67 -35.07 14.52
C LEU A 451 59.26 -34.75 15.95
N TRP A 452 58.29 -33.85 16.09
CA TRP A 452 57.87 -33.38 17.41
C TRP A 452 56.58 -34.06 17.86
N PRO A 453 56.43 -34.25 19.18
CA PRO A 453 57.41 -33.86 20.19
C PRO A 453 58.36 -34.99 20.62
N ARG A 454 58.50 -36.01 19.78
CA ARG A 454 59.39 -37.14 20.09
C ARG A 454 60.84 -36.68 20.21
N ALA A 455 61.21 -35.70 19.40
CA ALA A 455 62.58 -35.17 19.43
C ALA A 455 62.83 -34.36 20.70
N GLY A 456 61.75 -33.92 21.35
CA GLY A 456 61.84 -33.17 22.59
C GLY A 456 62.33 -34.02 23.75
N ALA A 457 62.13 -35.33 23.63
CA ALA A 457 62.59 -36.27 24.65
C ALA A 457 64.11 -36.29 24.68
N VAL A 458 64.72 -36.27 23.50
CA VAL A 458 66.16 -36.24 23.36
C VAL A 458 66.69 -34.87 23.78
N ALA A 459 65.91 -33.84 23.47
CA ALA A 459 66.27 -32.47 23.80
C ALA A 459 66.52 -32.28 25.29
N GLU A 460 65.63 -32.82 26.10
CA GLU A 460 65.75 -32.69 27.55
C GLU A 460 66.87 -33.54 28.13
N ARG A 461 67.06 -34.74 27.58
CA ARG A 461 68.10 -35.65 28.06
C ARG A 461 69.51 -35.10 27.80
N LEU A 462 69.62 -34.22 26.83
CA LEU A 462 70.91 -33.62 26.48
C LEU A 462 71.16 -32.28 27.18
N TRP A 463 70.09 -31.65 27.66
CA TRP A 463 70.22 -30.36 28.35
C TRP A 463 70.10 -30.51 29.86
N SER A 464 69.02 -31.15 30.30
CA SER A 464 68.73 -31.27 31.74
C SER A 464 69.72 -32.13 32.51
N ASN A 465 69.54 -32.18 33.82
CA ASN A 465 70.41 -32.92 34.71
C ASN A 465 70.15 -34.43 34.67
N LYS A 466 71.15 -35.19 35.10
CA LYS A 466 71.07 -36.64 35.16
C LYS A 466 69.89 -37.12 36.02
N LEU A 467 69.52 -36.30 37.00
CA LEU A 467 68.47 -36.67 37.96
C LEU A 467 67.04 -36.46 37.45
N THR A 468 66.88 -35.61 36.44
CA THR A 468 65.56 -35.36 35.86
C THR A 468 65.19 -36.53 34.95
N SER A 469 64.50 -37.52 35.49
CA SER A 469 64.18 -38.73 34.73
C SER A 469 62.77 -39.31 34.95
N ASP A 470 62.00 -38.68 35.83
CA ASP A 470 60.65 -39.19 36.11
C ASP A 470 59.74 -39.12 34.88
N LEU A 471 59.29 -40.29 34.42
CA LEU A 471 58.42 -40.38 33.25
C LEU A 471 57.11 -39.64 33.44
N THR A 472 56.57 -39.69 34.65
CA THR A 472 55.31 -39.00 34.94
C THR A 472 55.50 -37.49 34.85
N PHE A 473 56.58 -36.99 35.43
CA PHE A 473 56.90 -35.57 35.39
C PHE A 473 57.25 -35.13 33.97
N ALA A 474 57.80 -36.07 33.19
CA ALA A 474 58.14 -35.80 31.81
C ALA A 474 56.88 -35.64 30.96
N TYR A 475 55.95 -36.58 31.12
CA TYR A 475 54.69 -36.54 30.37
C TYR A 475 53.92 -35.25 30.60
N GLU A 476 53.78 -34.86 31.86
CA GLU A 476 53.03 -33.65 32.20
C GLU A 476 53.55 -32.42 31.48
N ARG A 477 54.88 -32.25 31.50
CA ARG A 477 55.49 -31.08 30.87
C ARG A 477 55.58 -31.19 29.35
N LEU A 478 55.85 -32.39 28.85
CA LEU A 478 55.97 -32.61 27.41
C LEU A 478 54.62 -32.42 26.70
N SER A 479 53.56 -32.93 27.31
CA SER A 479 52.21 -32.79 26.75
C SER A 479 51.76 -31.34 26.83
N HIS A 480 52.17 -30.65 27.89
CA HIS A 480 51.86 -29.25 28.06
C HIS A 480 52.64 -28.43 27.04
N PHE A 481 53.85 -28.89 26.73
CA PHE A 481 54.69 -28.25 25.73
C PHE A 481 54.15 -28.56 24.33
N ARG A 482 53.54 -29.73 24.18
CA ARG A 482 52.98 -30.14 22.89
C ARG A 482 51.82 -29.23 22.47
N CYS A 483 50.95 -28.89 23.42
CA CYS A 483 49.84 -27.96 23.14
C CYS A 483 50.37 -26.56 22.83
N GLU A 484 51.46 -26.18 23.49
CA GLU A 484 52.08 -24.89 23.28
C GLU A 484 52.69 -24.82 21.87
N LEU A 485 53.26 -25.93 21.43
CA LEU A 485 53.81 -26.01 20.08
C LEU A 485 52.72 -25.75 19.06
N LEU A 486 51.56 -26.38 19.26
CA LEU A 486 50.42 -26.17 18.37
C LEU A 486 49.99 -24.71 18.34
N ARG A 487 50.04 -24.05 19.49
CA ARG A 487 49.68 -22.63 19.57
C ARG A 487 50.62 -21.81 18.72
N ARG A 488 51.87 -22.26 18.62
CA ARG A 488 52.89 -21.56 17.84
C ARG A 488 52.86 -21.96 16.36
N GLY A 489 51.90 -22.81 16.00
CA GLY A 489 51.72 -23.23 14.61
C GLY A 489 52.46 -24.50 14.25
N VAL A 490 53.02 -25.18 15.25
CA VAL A 490 53.76 -26.41 15.01
C VAL A 490 52.81 -27.61 14.92
N GLN A 491 52.97 -28.41 13.86
CA GLN A 491 52.13 -29.57 13.63
C GLN A 491 52.67 -30.79 14.37
N ALA A 492 52.71 -30.71 15.70
CA ALA A 492 53.21 -31.80 16.53
C ALA A 492 52.13 -32.81 16.87
N GLN A 493 52.45 -34.10 16.75
CA GLN A 493 51.49 -35.16 17.03
C GLN A 493 51.27 -35.37 18.53
N PRO A 494 50.11 -35.93 18.90
CA PRO A 494 49.78 -36.15 20.30
C PRO A 494 50.62 -37.25 20.93
N LEU A 495 50.87 -37.12 22.23
CA LEU A 495 51.60 -38.12 22.97
C LEU A 495 50.72 -39.32 23.22
N ASN A 496 49.45 -39.03 23.52
CA ASN A 496 48.47 -40.05 23.88
C ASN A 496 47.08 -39.45 23.76
N VAL A 497 46.07 -40.16 24.27
CA VAL A 497 44.70 -39.61 24.30
C VAL A 497 44.67 -38.28 25.07
N GLY A 498 43.82 -37.38 24.63
CA GLY A 498 43.70 -36.07 25.25
C GLY A 498 43.23 -35.03 24.27
N PHE A 499 43.66 -33.79 24.47
CA PHE A 499 43.25 -32.69 23.60
C PHE A 499 43.91 -31.39 24.01
N CYS A 500 44.04 -30.48 23.05
CA CYS A 500 44.47 -29.13 23.32
C CYS A 500 43.27 -28.25 23.03
N GLU A 501 43.07 -27.22 23.83
CA GLU A 501 41.92 -26.36 23.65
C GLU A 501 41.95 -25.74 22.25
N GLN A 502 43.15 -25.34 21.82
CA GLN A 502 43.35 -24.79 20.48
C GLN A 502 43.89 -25.88 19.53
N GLU A 503 42.99 -26.76 19.11
CA GLU A 503 43.36 -27.90 18.26
C GLU A 503 43.99 -27.45 16.95
N PHE A 504 44.90 -28.26 16.42
CA PHE A 504 45.59 -27.91 15.17
C PHE A 504 44.65 -27.95 13.98
N GLU A 505 44.58 -26.84 13.26
CA GLU A 505 43.73 -26.72 12.10
C GLU A 505 44.24 -25.62 11.16
N GLN A 506 44.91 -26.04 10.09
CA GLN A 506 45.48 -25.09 9.15
C GLN A 506 45.40 -25.65 7.73
N PRO B 5 50.03 -47.18 -17.40
CA PRO B 5 49.11 -46.20 -16.85
C PRO B 5 49.07 -46.22 -15.33
N ALA B 6 49.01 -45.04 -14.72
CA ALA B 6 48.99 -44.93 -13.27
C ALA B 6 47.56 -45.05 -12.72
N LEU B 7 46.96 -46.22 -12.90
CA LEU B 7 45.61 -46.46 -12.44
C LEU B 7 45.58 -47.13 -11.08
N TRP B 8 44.77 -46.60 -10.17
CA TRP B 8 44.62 -47.18 -8.83
C TRP B 8 43.26 -46.85 -8.24
N PRO B 9 42.49 -47.89 -7.85
CA PRO B 9 42.86 -49.30 -7.98
C PRO B 9 42.85 -49.75 -9.44
N LEU B 10 43.47 -50.90 -9.71
CA LEU B 10 43.53 -51.44 -11.06
C LEU B 10 42.17 -52.01 -11.48
N PRO B 11 41.58 -51.46 -12.54
CA PRO B 11 40.27 -51.89 -13.05
C PRO B 11 40.27 -53.36 -13.47
N LEU B 12 39.08 -53.96 -13.47
CA LEU B 12 38.91 -55.38 -13.81
C LEU B 12 39.51 -55.73 -15.17
N SER B 13 39.20 -54.92 -16.18
CA SER B 13 39.69 -55.15 -17.53
C SER B 13 40.16 -53.86 -18.19
N VAL B 14 41.40 -53.88 -18.70
CA VAL B 14 41.98 -52.70 -19.35
C VAL B 14 42.60 -53.07 -20.70
N LYS B 15 42.14 -52.42 -21.76
CA LYS B 15 42.66 -52.67 -23.12
C LYS B 15 43.28 -51.42 -23.72
N MET B 16 44.56 -51.21 -23.43
CA MET B 16 45.29 -50.03 -23.89
C MET B 16 45.83 -50.17 -25.30
N THR B 17 45.75 -49.08 -26.07
CA THR B 17 46.31 -49.03 -27.41
C THR B 17 47.22 -47.80 -27.53
N PRO B 18 48.37 -47.95 -28.21
CA PRO B 18 49.37 -46.89 -28.35
C PRO B 18 48.91 -45.68 -29.19
N ASN B 19 47.61 -45.45 -29.29
CA ASN B 19 47.08 -44.33 -30.06
C ASN B 19 46.77 -43.13 -29.18
N LEU B 20 47.47 -42.02 -29.42
CA LEU B 20 47.33 -40.82 -28.59
C LEU B 20 46.12 -39.94 -28.94
N LEU B 21 45.54 -39.32 -27.92
CA LEU B 21 44.42 -38.40 -28.09
C LEU B 21 44.61 -37.18 -27.20
N HIS B 22 44.48 -35.99 -27.78
CA HIS B 22 44.71 -34.75 -27.05
C HIS B 22 43.41 -34.05 -26.62
N LEU B 23 43.47 -33.38 -25.47
CA LEU B 23 42.32 -32.66 -24.93
C LEU B 23 42.59 -31.16 -24.83
N ALA B 24 41.52 -30.38 -24.75
CA ALA B 24 41.63 -28.93 -24.66
C ALA B 24 40.77 -28.39 -23.53
N PRO B 25 41.41 -27.81 -22.50
CA PRO B 25 40.75 -27.25 -21.32
C PRO B 25 39.46 -26.49 -21.64
N GLU B 26 39.56 -25.34 -22.31
CA GLU B 26 38.39 -24.54 -22.64
C GLU B 26 37.67 -25.01 -23.90
N ASN B 27 37.56 -26.32 -24.06
CA ASN B 27 36.89 -26.91 -25.22
C ASN B 27 36.37 -28.32 -24.92
N PHE B 28 36.81 -28.88 -23.80
CA PHE B 28 36.38 -30.22 -23.39
C PHE B 28 35.13 -30.13 -22.51
N TYR B 29 34.12 -30.92 -22.84
CA TYR B 29 32.87 -30.90 -22.09
C TYR B 29 32.45 -32.29 -21.62
N ILE B 30 31.81 -32.35 -20.46
CA ILE B 30 31.26 -33.59 -19.94
C ILE B 30 29.76 -33.41 -19.74
N SER B 31 28.97 -34.02 -20.62
CA SER B 31 27.51 -33.88 -20.55
C SER B 31 26.80 -35.22 -20.70
N HIS B 32 25.49 -35.22 -20.44
CA HIS B 32 24.69 -36.44 -20.48
C HIS B 32 24.36 -36.88 -21.91
N SER B 33 24.24 -38.19 -22.10
CA SER B 33 23.89 -38.74 -23.41
C SER B 33 22.39 -38.55 -23.68
N PRO B 34 22.04 -38.23 -24.93
CA PRO B 34 20.64 -38.01 -25.35
C PRO B 34 19.65 -39.07 -24.83
N ASN B 35 20.11 -40.31 -24.72
CA ASN B 35 19.25 -41.40 -24.24
C ASN B 35 19.62 -41.93 -22.85
N SER B 36 19.92 -41.02 -21.94
CA SER B 36 20.28 -41.39 -20.57
C SER B 36 19.11 -41.18 -19.60
N THR B 37 19.10 -41.94 -18.51
CA THR B 37 18.06 -41.80 -17.50
C THR B 37 18.36 -40.66 -16.54
N ALA B 38 19.50 -40.01 -16.76
CA ALA B 38 19.90 -38.86 -15.96
C ALA B 38 20.18 -37.68 -16.87
N GLY B 39 19.76 -36.49 -16.45
CA GLY B 39 19.95 -35.29 -17.24
C GLY B 39 20.51 -34.14 -16.43
N PRO B 40 20.53 -32.93 -17.01
CA PRO B 40 21.04 -31.71 -16.37
C PRO B 40 20.33 -31.41 -15.06
N SER B 41 19.21 -32.08 -14.80
CA SER B 41 18.46 -31.89 -13.57
C SER B 41 19.08 -32.65 -12.40
N CYS B 42 20.06 -33.51 -12.71
CA CYS B 42 20.73 -34.31 -11.70
C CYS B 42 21.89 -33.54 -11.05
N THR B 43 21.67 -33.09 -9.81
CA THR B 43 22.67 -32.30 -9.09
C THR B 43 23.97 -33.06 -8.86
N LEU B 44 23.86 -34.33 -8.48
CA LEU B 44 25.03 -35.17 -8.20
C LEU B 44 26.00 -35.19 -9.38
N LEU B 45 25.50 -35.55 -10.55
CA LEU B 45 26.34 -35.61 -11.75
C LEU B 45 26.86 -34.23 -12.15
N GLU B 46 26.00 -33.23 -12.12
CA GLU B 46 26.39 -31.86 -12.45
C GLU B 46 27.61 -31.43 -11.62
N GLU B 47 27.57 -31.71 -10.34
CA GLU B 47 28.68 -31.39 -9.43
C GLU B 47 29.92 -32.20 -9.77
N ALA B 48 29.72 -33.48 -10.06
CA ALA B 48 30.81 -34.39 -10.38
C ALA B 48 31.52 -33.99 -11.69
N PHE B 49 30.77 -33.43 -12.63
CA PHE B 49 31.35 -33.01 -13.90
C PHE B 49 32.27 -31.81 -13.74
N ARG B 50 31.81 -30.80 -13.00
CA ARG B 50 32.60 -29.62 -12.76
C ARG B 50 33.80 -29.93 -11.87
N ARG B 51 33.59 -30.84 -10.92
CA ARG B 51 34.64 -31.23 -9.98
C ARG B 51 35.79 -31.95 -10.69
N TYR B 52 35.45 -32.90 -11.56
CA TYR B 52 36.48 -33.66 -12.27
C TYR B 52 37.11 -32.93 -13.44
N HIS B 53 36.48 -31.85 -13.90
CA HIS B 53 37.06 -31.03 -14.95
C HIS B 53 38.23 -30.26 -14.37
N GLY B 54 38.25 -30.14 -13.05
CA GLY B 54 39.34 -29.47 -12.34
C GLY B 54 40.47 -30.42 -12.05
N TYR B 55 40.15 -31.68 -11.76
CA TYR B 55 41.16 -32.69 -11.48
C TYR B 55 41.92 -33.10 -12.73
N ILE B 56 41.18 -33.29 -13.83
CA ILE B 56 41.76 -33.69 -15.11
C ILE B 56 42.82 -32.72 -15.60
N PHE B 57 42.48 -31.43 -15.61
CA PHE B 57 43.39 -30.39 -16.13
C PHE B 57 44.22 -29.73 -15.03
N GLY B 58 43.55 -29.07 -14.09
CA GLY B 58 44.24 -28.40 -12.99
C GLY B 58 44.99 -29.36 -12.09
N THR B 73 42.34 -36.66 -33.76
CA THR B 73 43.30 -36.84 -32.69
C THR B 73 42.86 -36.08 -31.44
N GLN B 74 41.69 -35.46 -31.52
CA GLN B 74 41.17 -34.66 -30.41
C GLN B 74 39.88 -35.22 -29.83
N VAL B 75 39.85 -35.41 -28.52
CA VAL B 75 38.64 -35.79 -27.82
C VAL B 75 37.96 -34.50 -27.39
N GLN B 76 36.77 -34.24 -27.91
CA GLN B 76 36.08 -33.00 -27.63
C GLN B 76 35.05 -33.09 -26.52
N GLN B 77 34.54 -34.29 -26.27
CA GLN B 77 33.47 -34.46 -25.29
C GLN B 77 33.43 -35.85 -24.66
N LEU B 78 33.03 -35.90 -23.39
CA LEU B 78 32.84 -37.16 -22.68
C LEU B 78 31.37 -37.31 -22.33
N LEU B 79 30.69 -38.21 -23.04
CA LEU B 79 29.28 -38.46 -22.79
C LEU B 79 29.06 -39.46 -21.67
N VAL B 80 28.32 -39.04 -20.65
CA VAL B 80 27.99 -39.92 -19.53
C VAL B 80 26.57 -40.45 -19.70
N SER B 81 26.47 -41.75 -19.94
CA SER B 81 25.18 -42.39 -20.18
C SER B 81 24.80 -43.34 -19.05
N ILE B 82 23.72 -43.01 -18.35
CA ILE B 82 23.23 -43.86 -17.28
C ILE B 82 22.16 -44.80 -17.81
N THR B 83 22.43 -46.11 -17.74
CA THR B 83 21.52 -47.12 -18.28
C THR B 83 20.22 -47.23 -17.49
N LEU B 84 20.29 -47.86 -16.31
CA LEU B 84 19.09 -48.05 -15.48
C LEU B 84 18.67 -46.78 -14.76
N GLN B 85 17.74 -46.91 -13.82
CA GLN B 85 17.26 -45.76 -13.05
C GLN B 85 18.41 -45.17 -12.23
N SER B 86 18.82 -43.96 -12.62
CA SER B 86 19.99 -43.29 -12.04
C SER B 86 20.16 -43.36 -10.51
N GLU B 87 19.08 -43.12 -9.77
CA GLU B 87 19.15 -43.01 -8.31
C GLU B 87 19.95 -41.75 -7.96
N CYS B 88 19.75 -40.71 -8.76
CA CYS B 88 20.50 -39.46 -8.63
C CYS B 88 20.35 -38.77 -7.28
N ASP B 89 19.13 -38.76 -6.74
CA ASP B 89 18.87 -38.05 -5.48
C ASP B 89 18.82 -38.98 -4.27
N ALA B 90 19.23 -40.24 -4.45
CA ALA B 90 19.17 -41.21 -3.37
C ALA B 90 20.49 -41.35 -2.62
N PHE B 91 20.43 -42.00 -1.46
CA PHE B 91 21.62 -42.29 -0.66
C PHE B 91 22.11 -43.70 -0.96
N PRO B 92 23.43 -43.88 -1.09
CA PRO B 92 23.99 -45.18 -1.43
C PRO B 92 23.84 -46.20 -0.32
N ASN B 93 23.56 -47.44 -0.70
CA ASN B 93 23.45 -48.53 0.27
C ASN B 93 24.31 -49.72 -0.14
N ILE B 94 24.34 -50.76 0.69
CA ILE B 94 25.18 -51.93 0.47
C ILE B 94 24.92 -52.62 -0.90
N SER B 95 23.72 -52.44 -1.43
CA SER B 95 23.34 -53.10 -2.69
C SER B 95 23.47 -52.19 -3.91
N SER B 96 24.22 -51.10 -3.78
CA SER B 96 24.41 -50.16 -4.89
C SER B 96 25.26 -50.75 -6.00
N ASP B 97 24.99 -50.34 -7.24
CA ASP B 97 25.72 -50.84 -8.41
C ASP B 97 26.77 -49.83 -8.86
N GLU B 98 28.03 -50.15 -8.61
CA GLU B 98 29.15 -49.25 -8.94
C GLU B 98 29.86 -49.63 -10.25
N SER B 99 29.29 -50.59 -10.98
CA SER B 99 29.88 -51.04 -12.24
C SER B 99 29.82 -49.96 -13.32
N TYR B 100 30.80 -49.98 -14.24
CA TYR B 100 30.85 -49.01 -15.32
C TYR B 100 31.71 -49.51 -16.49
N THR B 101 31.50 -48.92 -17.67
CA THR B 101 32.30 -49.22 -18.83
C THR B 101 32.77 -47.93 -19.49
N LEU B 102 34.06 -47.86 -19.81
CA LEU B 102 34.63 -46.65 -20.39
C LEU B 102 35.19 -46.90 -21.79
N LEU B 103 34.98 -45.94 -22.68
CA LEU B 103 35.47 -46.02 -24.04
C LEU B 103 36.13 -44.71 -24.44
N VAL B 104 37.45 -44.73 -24.56
CA VAL B 104 38.20 -43.54 -24.96
C VAL B 104 38.50 -43.58 -26.46
N LYS B 105 37.83 -42.71 -27.21
CA LYS B 105 37.98 -42.66 -28.66
C LYS B 105 37.67 -41.26 -29.17
N GLU B 106 38.06 -40.98 -30.41
CA GLU B 106 37.77 -39.69 -31.03
C GLU B 106 36.53 -39.82 -31.93
N PRO B 107 35.72 -38.74 -32.00
CA PRO B 107 35.90 -37.51 -31.27
C PRO B 107 35.04 -37.46 -30.01
N VAL B 108 34.48 -38.60 -29.62
CA VAL B 108 33.60 -38.67 -28.46
C VAL B 108 33.94 -39.86 -27.56
N ALA B 109 34.30 -39.55 -26.31
CA ALA B 109 34.56 -40.59 -25.32
C ALA B 109 33.25 -40.96 -24.64
N VAL B 110 33.05 -42.25 -24.37
CA VAL B 110 31.80 -42.73 -23.80
C VAL B 110 31.97 -43.40 -22.45
N LEU B 111 31.25 -42.89 -21.45
CA LEU B 111 31.21 -43.48 -20.13
C LEU B 111 29.79 -43.97 -19.85
N LYS B 112 29.60 -45.29 -19.86
CA LYS B 112 28.28 -45.86 -19.64
C LYS B 112 28.24 -46.74 -18.39
N ALA B 113 27.21 -46.54 -17.58
CA ALA B 113 27.03 -47.31 -16.35
C ALA B 113 25.54 -47.48 -16.04
N ASN B 114 25.21 -48.51 -15.26
CA ASN B 114 23.83 -48.78 -14.88
C ASN B 114 23.25 -47.68 -13.99
N ARG B 115 23.95 -47.40 -12.89
CA ARG B 115 23.49 -46.38 -11.95
C ARG B 115 24.40 -45.16 -11.98
N VAL B 116 24.14 -44.21 -11.09
CA VAL B 116 24.96 -43.00 -10.98
C VAL B 116 26.27 -43.31 -10.25
N TRP B 117 26.24 -44.31 -9.38
CA TRP B 117 27.42 -44.69 -8.60
C TRP B 117 28.58 -45.12 -9.48
N GLY B 118 28.27 -45.80 -10.58
CA GLY B 118 29.28 -46.23 -11.52
C GLY B 118 29.89 -45.07 -12.28
N ALA B 119 29.08 -44.04 -12.52
CA ALA B 119 29.53 -42.84 -13.22
C ALA B 119 30.61 -42.12 -12.41
N LEU B 120 30.44 -42.09 -11.10
CA LEU B 120 31.42 -41.46 -10.22
C LEU B 120 32.75 -42.20 -10.28
N ARG B 121 32.71 -43.51 -10.09
CA ARG B 121 33.91 -44.34 -10.15
C ARG B 121 34.56 -44.23 -11.52
N GLY B 122 33.73 -44.14 -12.55
CA GLY B 122 34.21 -44.02 -13.92
C GLY B 122 34.91 -42.70 -14.18
N LEU B 123 34.36 -41.62 -13.62
CA LEU B 123 34.96 -40.30 -13.77
C LEU B 123 36.33 -40.24 -13.11
N GLU B 124 36.47 -40.95 -12.00
CA GLU B 124 37.74 -41.04 -11.29
C GLU B 124 38.76 -41.75 -12.16
N THR B 125 38.37 -42.90 -12.70
CA THR B 125 39.24 -43.69 -13.55
C THR B 125 39.63 -42.90 -14.80
N PHE B 126 38.68 -42.15 -15.34
CA PHE B 126 38.91 -41.34 -16.54
C PHE B 126 39.93 -40.23 -16.29
N SER B 127 39.88 -39.63 -15.09
CA SER B 127 40.81 -38.56 -14.73
C SER B 127 42.22 -39.11 -14.50
N GLN B 128 42.30 -40.39 -14.15
CA GLN B 128 43.59 -41.05 -13.91
C GLN B 128 44.25 -41.48 -15.23
N LEU B 129 43.52 -41.34 -16.34
CA LEU B 129 44.06 -41.71 -17.64
C LEU B 129 44.59 -40.50 -18.41
N VAL B 130 44.15 -39.31 -18.02
CA VAL B 130 44.62 -38.09 -18.66
C VAL B 130 45.91 -37.62 -18.03
N TYR B 131 46.90 -37.31 -18.86
CA TYR B 131 48.20 -36.83 -18.39
C TYR B 131 48.75 -35.78 -19.36
N GLN B 132 49.87 -35.19 -19.00
CA GLN B 132 50.52 -34.21 -19.86
C GLN B 132 51.84 -34.77 -20.37
N ASP B 133 52.09 -34.62 -21.67
CA ASP B 133 53.32 -35.15 -22.27
C ASP B 133 54.53 -34.29 -21.95
N SER B 134 55.61 -34.48 -22.69
CA SER B 134 56.85 -33.75 -22.47
C SER B 134 56.69 -32.25 -22.64
N TYR B 135 55.70 -31.84 -23.43
CA TYR B 135 55.50 -30.42 -23.75
C TYR B 135 54.29 -29.81 -23.03
N GLY B 136 53.70 -30.57 -22.11
CA GLY B 136 52.56 -30.08 -21.34
C GLY B 136 51.22 -30.29 -22.01
N THR B 137 51.25 -30.97 -23.16
CA THR B 137 50.04 -31.24 -23.92
C THR B 137 49.22 -32.33 -23.26
N PHE B 138 47.99 -32.00 -22.86
CA PHE B 138 47.09 -32.97 -22.23
C PHE B 138 46.82 -34.12 -23.20
N THR B 139 47.14 -35.33 -22.77
CA THR B 139 47.03 -36.50 -23.64
C THR B 139 46.40 -37.69 -22.91
N ILE B 140 45.92 -38.65 -23.69
CA ILE B 140 45.34 -39.88 -23.15
C ILE B 140 45.32 -40.99 -24.20
N ASN B 141 46.00 -42.10 -23.91
CA ASN B 141 45.98 -43.26 -24.81
C ASN B 141 44.54 -43.77 -24.93
N GLU B 142 44.05 -43.90 -26.16
CA GLU B 142 42.70 -44.38 -26.37
C GLU B 142 42.59 -45.83 -25.90
N SER B 143 41.51 -46.14 -25.20
CA SER B 143 41.36 -47.48 -24.62
C SER B 143 39.91 -47.87 -24.35
N THR B 144 39.75 -49.10 -23.83
CA THR B 144 38.44 -49.64 -23.49
C THR B 144 38.52 -50.29 -22.12
N ILE B 145 37.72 -49.80 -21.18
CA ILE B 145 37.75 -50.31 -19.81
C ILE B 145 36.40 -50.80 -19.31
N ILE B 146 36.38 -52.02 -18.78
CA ILE B 146 35.20 -52.59 -18.13
C ILE B 146 35.59 -52.90 -16.69
N ASP B 147 34.88 -52.31 -15.73
CA ASP B 147 35.28 -52.42 -14.33
C ASP B 147 34.09 -52.48 -13.36
N SER B 148 34.27 -53.25 -12.28
CA SER B 148 33.29 -53.36 -11.22
C SER B 148 33.99 -53.84 -9.95
N PRO B 149 33.56 -53.34 -8.78
CA PRO B 149 34.16 -53.68 -7.49
C PRO B 149 34.04 -55.16 -7.11
N ARG B 150 35.14 -55.77 -6.66
CA ARG B 150 35.12 -57.15 -6.23
C ARG B 150 34.24 -57.30 -4.99
N PHE B 151 34.37 -56.34 -4.07
CA PHE B 151 33.54 -56.31 -2.88
C PHE B 151 32.73 -55.03 -2.83
N SER B 152 31.58 -55.07 -2.18
CA SER B 152 30.69 -53.91 -2.12
C SER B 152 30.90 -53.03 -0.88
N HIS B 153 31.55 -53.57 0.15
CA HIS B 153 31.79 -52.82 1.37
C HIS B 153 33.28 -52.51 1.57
N ARG B 154 33.69 -51.33 1.14
CA ARG B 154 35.08 -50.88 1.27
C ARG B 154 35.12 -49.57 2.04
N GLY B 155 35.45 -49.64 3.33
CA GLY B 155 35.40 -48.45 4.17
C GLY B 155 36.64 -48.10 4.97
N ILE B 156 36.58 -46.93 5.62
CA ILE B 156 37.66 -46.45 6.47
C ILE B 156 37.09 -46.03 7.82
N LEU B 157 37.70 -46.50 8.91
CA LEU B 157 37.25 -46.15 10.25
C LEU B 157 38.05 -44.98 10.83
N ILE B 158 37.34 -43.97 11.32
CA ILE B 158 37.97 -42.83 11.98
C ILE B 158 37.51 -42.72 13.42
N ASP B 159 38.43 -42.39 14.32
CA ASP B 159 38.12 -42.29 15.74
C ASP B 159 38.13 -40.82 16.19
N THR B 160 36.94 -40.25 16.36
CA THR B 160 36.81 -38.85 16.75
C THR B 160 36.55 -38.66 18.24
N SER B 161 36.74 -39.73 19.01
CA SER B 161 36.51 -39.67 20.46
C SER B 161 37.82 -39.60 21.23
N ARG B 162 38.76 -40.48 20.88
CA ARG B 162 40.08 -40.47 21.52
C ARG B 162 40.83 -39.18 21.16
N HIS B 163 40.45 -38.59 20.03
CA HIS B 163 40.95 -37.29 19.60
C HIS B 163 39.93 -36.64 18.68
N TYR B 164 39.56 -35.41 18.98
CA TYR B 164 38.59 -34.67 18.18
C TYR B 164 39.16 -34.29 16.82
N LEU B 165 38.39 -34.52 15.77
CA LEU B 165 38.82 -34.22 14.41
C LEU B 165 37.96 -33.11 13.81
N PRO B 166 38.59 -31.99 13.44
CA PRO B 166 37.88 -30.89 12.79
C PRO B 166 37.18 -31.40 11.52
N VAL B 167 36.03 -30.83 11.21
CA VAL B 167 35.24 -31.27 10.07
C VAL B 167 36.04 -31.26 8.75
N LYS B 168 36.90 -30.26 8.58
CA LYS B 168 37.71 -30.14 7.37
C LYS B 168 38.47 -31.41 7.02
N ILE B 169 39.14 -32.00 8.01
CA ILE B 169 39.94 -33.19 7.77
C ILE B 169 39.08 -34.41 7.47
N ILE B 170 37.85 -34.43 7.99
CA ILE B 170 36.92 -35.53 7.70
C ILE B 170 36.44 -35.43 6.26
N LEU B 171 36.25 -34.20 5.79
CA LEU B 171 35.83 -33.96 4.42
C LEU B 171 36.98 -34.28 3.46
N LYS B 172 38.21 -33.99 3.88
CA LYS B 172 39.39 -34.32 3.09
C LYS B 172 39.57 -35.82 3.02
N THR B 173 39.26 -36.50 4.11
CA THR B 173 39.33 -37.95 4.16
C THR B 173 38.35 -38.53 3.14
N LEU B 174 37.18 -37.88 3.02
CA LEU B 174 36.17 -38.30 2.04
C LEU B 174 36.66 -38.14 0.61
N ASP B 175 37.35 -37.02 0.33
CA ASP B 175 37.93 -36.78 -0.98
C ASP B 175 38.98 -37.83 -1.28
N ALA B 176 39.80 -38.14 -0.28
CA ALA B 176 40.84 -39.15 -0.41
C ALA B 176 40.23 -40.54 -0.64
N MET B 177 39.09 -40.79 0.02
CA MET B 177 38.38 -42.05 -0.13
C MET B 177 37.78 -42.17 -1.53
N ALA B 178 37.43 -41.04 -2.13
CA ALA B 178 36.88 -41.02 -3.47
C ALA B 178 37.94 -41.36 -4.50
N PHE B 179 39.15 -40.84 -4.29
CA PHE B 179 40.26 -41.10 -5.20
C PHE B 179 40.69 -42.57 -5.12
N ASN B 180 40.52 -43.16 -3.93
CA ASN B 180 40.90 -44.55 -3.70
C ASN B 180 39.72 -45.53 -3.81
N LYS B 181 38.57 -45.00 -4.24
CA LYS B 181 37.35 -45.80 -4.45
C LYS B 181 36.80 -46.52 -3.21
N PHE B 182 36.83 -45.85 -2.07
CA PHE B 182 36.18 -46.36 -0.86
C PHE B 182 34.74 -45.85 -0.86
N ASN B 183 33.83 -46.62 -0.27
CA ASN B 183 32.41 -46.22 -0.28
C ASN B 183 31.72 -46.22 1.09
N VAL B 184 32.47 -46.48 2.15
CA VAL B 184 31.90 -46.50 3.49
C VAL B 184 32.79 -45.77 4.49
N LEU B 185 32.19 -44.86 5.27
CA LEU B 185 32.92 -44.15 6.30
C LEU B 185 32.45 -44.60 7.68
N HIS B 186 33.12 -45.62 8.22
CA HIS B 186 32.82 -46.11 9.56
C HIS B 186 33.19 -45.04 10.58
N TRP B 187 32.21 -44.24 10.97
CA TRP B 187 32.44 -43.14 11.90
C TRP B 187 32.33 -43.60 13.36
N HIS B 188 33.47 -43.87 13.98
CA HIS B 188 33.49 -44.25 15.39
C HIS B 188 33.46 -42.94 16.18
N ILE B 189 32.26 -42.36 16.27
CA ILE B 189 32.09 -41.00 16.82
C ILE B 189 32.35 -40.84 18.32
N VAL B 190 31.80 -41.73 19.14
CA VAL B 190 31.95 -41.62 20.59
C VAL B 190 32.67 -42.81 21.22
N ASP B 191 33.13 -42.63 22.45
CA ASP B 191 33.84 -43.68 23.19
C ASP B 191 34.11 -43.22 24.63
N ASP B 192 34.98 -43.94 25.34
CA ASP B 192 35.29 -43.65 26.75
C ASP B 192 35.82 -42.24 26.98
N GLN B 193 36.84 -41.86 26.20
CA GLN B 193 37.52 -40.58 26.39
C GLN B 193 36.64 -39.34 26.27
N SER B 194 35.75 -39.33 25.28
CA SER B 194 34.88 -38.16 25.08
C SER B 194 33.61 -38.46 24.30
N PHE B 195 32.66 -37.53 24.34
CA PHE B 195 31.40 -37.66 23.63
C PHE B 195 31.15 -36.36 22.85
N PRO B 196 31.68 -36.28 21.62
CA PRO B 196 31.57 -35.07 20.81
C PRO B 196 30.24 -34.91 20.07
N TYR B 197 29.46 -35.99 20.00
CA TYR B 197 28.18 -35.93 19.29
C TYR B 197 27.12 -35.13 20.05
N GLN B 198 26.65 -34.06 19.43
CA GLN B 198 25.59 -33.24 20.03
C GLN B 198 24.23 -33.85 19.74
N SER B 199 23.57 -34.34 20.78
CA SER B 199 22.26 -34.93 20.65
C SER B 199 21.17 -33.89 20.81
N ILE B 200 20.13 -34.01 19.99
CA ILE B 200 18.99 -33.09 20.05
C ILE B 200 18.08 -33.46 21.22
N THR B 201 17.81 -34.75 21.38
CA THR B 201 16.95 -35.24 22.45
C THR B 201 17.63 -35.14 23.82
N PHE B 202 18.91 -35.51 23.85
CA PHE B 202 19.68 -35.47 25.09
C PHE B 202 20.92 -34.58 24.92
N PRO B 203 20.76 -33.27 25.12
CA PRO B 203 21.85 -32.31 24.93
C PRO B 203 22.93 -32.41 26.02
N GLU B 204 22.63 -33.13 27.09
CA GLU B 204 23.56 -33.26 28.20
C GLU B 204 24.73 -34.22 27.92
N LEU B 205 24.53 -35.10 26.94
CA LEU B 205 25.56 -36.07 26.57
C LEU B 205 26.85 -35.39 26.11
N SER B 206 26.69 -34.39 25.24
CA SER B 206 27.85 -33.66 24.72
C SER B 206 28.27 -32.50 25.62
N ASN B 207 27.31 -31.85 26.26
CA ASN B 207 27.59 -30.73 27.15
C ASN B 207 28.45 -31.10 28.35
N LYS B 208 28.37 -32.34 28.79
CA LYS B 208 29.15 -32.81 29.94
C LYS B 208 30.13 -33.93 29.59
N GLY B 209 29.95 -34.54 28.43
CA GLY B 209 30.77 -35.69 28.03
C GLY B 209 31.86 -35.42 27.03
N SER B 210 31.87 -34.22 26.44
CA SER B 210 32.90 -33.85 25.46
C SER B 210 34.12 -33.24 26.13
N TYR B 211 35.27 -33.32 25.45
CA TYR B 211 36.50 -32.70 25.94
C TYR B 211 36.23 -31.24 26.32
N SER B 212 35.57 -30.51 25.43
CA SER B 212 35.12 -29.14 25.68
C SER B 212 33.98 -28.83 24.72
N LEU B 213 33.30 -27.70 24.93
CA LEU B 213 32.15 -27.33 24.10
C LEU B 213 32.49 -26.99 22.65
N SER B 214 33.74 -26.63 22.40
CA SER B 214 34.19 -26.33 21.04
C SER B 214 34.48 -27.63 20.30
N HIS B 215 34.85 -28.67 21.05
CA HIS B 215 35.13 -29.99 20.49
C HIS B 215 33.84 -30.81 20.39
N VAL B 216 32.87 -30.30 19.64
CA VAL B 216 31.56 -30.94 19.50
C VAL B 216 31.07 -30.92 18.05
N TYR B 217 30.42 -32.01 17.64
CA TYR B 217 29.83 -32.10 16.30
C TYR B 217 28.35 -31.77 16.36
N THR B 218 27.99 -30.57 15.92
CA THR B 218 26.59 -30.14 15.90
C THR B 218 25.83 -30.82 14.77
N PRO B 219 24.50 -30.89 14.88
CA PRO B 219 23.67 -31.50 13.85
C PRO B 219 24.07 -31.09 12.43
N ASN B 220 24.33 -29.79 12.22
CA ASN B 220 24.71 -29.29 10.90
C ASN B 220 26.06 -29.83 10.43
N ASP B 221 27.00 -30.00 11.37
CA ASP B 221 28.31 -30.57 11.05
C ASP B 221 28.15 -31.99 10.53
N VAL B 222 27.26 -32.75 11.16
CA VAL B 222 26.98 -34.12 10.75
C VAL B 222 26.26 -34.14 9.40
N ARG B 223 25.28 -33.26 9.25
CA ARG B 223 24.55 -33.15 7.99
C ARG B 223 25.49 -32.82 6.83
N MET B 224 26.49 -31.99 7.10
CA MET B 224 27.47 -31.59 6.11
C MET B 224 28.37 -32.75 5.68
N VAL B 225 28.75 -33.59 6.64
CA VAL B 225 29.58 -34.76 6.37
C VAL B 225 28.84 -35.76 5.48
N ILE B 226 27.57 -35.99 5.78
CA ILE B 226 26.76 -36.95 5.05
C ILE B 226 26.50 -36.53 3.59
N GLU B 227 26.07 -35.29 3.38
CA GLU B 227 25.81 -34.79 2.03
C GLU B 227 27.09 -34.62 1.20
N TYR B 228 28.22 -34.43 1.88
CA TYR B 228 29.50 -34.32 1.21
C TYR B 228 29.93 -35.71 0.74
N ALA B 229 29.60 -36.71 1.55
CA ALA B 229 29.93 -38.10 1.24
C ALA B 229 29.04 -38.66 0.14
N ARG B 230 27.76 -38.30 0.16
CA ARG B 230 26.80 -38.78 -0.83
C ARG B 230 27.21 -38.36 -2.23
N LEU B 231 27.62 -37.10 -2.37
CA LEU B 231 28.04 -36.55 -3.67
C LEU B 231 29.23 -37.29 -4.24
N ARG B 232 29.80 -38.20 -3.45
CA ARG B 232 30.98 -38.95 -3.87
C ARG B 232 30.75 -40.46 -3.76
N GLY B 233 29.54 -40.85 -3.40
CA GLY B 233 29.19 -42.26 -3.31
C GLY B 233 29.70 -42.94 -2.05
N ILE B 234 29.93 -42.16 -1.01
CA ILE B 234 30.37 -42.71 0.27
C ILE B 234 29.21 -42.78 1.26
N ARG B 235 29.05 -43.94 1.88
CA ARG B 235 28.03 -44.13 2.92
C ARG B 235 28.62 -43.71 4.25
N VAL B 236 27.81 -43.07 5.08
CA VAL B 236 28.26 -42.68 6.41
C VAL B 236 27.71 -43.65 7.46
N LEU B 237 28.54 -44.60 7.88
CA LEU B 237 28.15 -45.60 8.87
C LEU B 237 28.51 -45.16 10.28
N PRO B 238 27.49 -44.77 11.06
CA PRO B 238 27.73 -44.33 12.43
C PRO B 238 27.91 -45.49 13.40
N GLU B 239 28.73 -45.29 14.43
CA GLU B 239 28.91 -46.28 15.46
C GLU B 239 28.84 -45.65 16.85
N PHE B 240 27.91 -46.13 17.65
CA PHE B 240 27.79 -45.70 19.03
C PHE B 240 27.97 -46.93 19.92
N ASP B 241 29.23 -47.27 20.16
CA ASP B 241 29.59 -48.49 20.89
C ASP B 241 28.87 -48.62 22.24
N THR B 242 28.24 -49.78 22.43
CA THR B 242 27.54 -50.12 23.67
C THR B 242 27.66 -51.63 23.91
N PRO B 243 27.70 -52.07 25.18
CA PRO B 243 27.62 -51.27 26.39
C PRO B 243 29.01 -50.86 26.89
N GLY B 244 30.05 -51.35 26.23
CA GLY B 244 31.41 -50.99 26.58
C GLY B 244 31.82 -49.70 25.91
N HIS B 245 32.96 -49.16 26.30
CA HIS B 245 33.47 -47.91 25.73
C HIS B 245 32.43 -46.80 25.86
N THR B 246 31.94 -46.58 27.08
CA THR B 246 30.89 -45.59 27.33
C THR B 246 31.11 -44.74 28.59
N LEU B 247 32.35 -44.62 29.03
CA LEU B 247 32.66 -43.83 30.22
C LEU B 247 32.24 -42.36 30.09
N SER B 248 32.13 -41.89 28.85
CA SER B 248 31.73 -40.50 28.60
C SER B 248 30.21 -40.36 28.56
N TRP B 249 29.52 -41.46 28.29
CA TRP B 249 28.05 -41.47 28.25
C TRP B 249 27.48 -41.18 29.64
N GLY B 250 28.19 -41.61 30.67
CA GLY B 250 27.76 -41.43 32.05
C GLY B 250 28.12 -40.10 32.65
N LYS B 251 28.20 -39.07 31.81
CA LYS B 251 28.49 -37.72 32.26
C LYS B 251 27.23 -36.87 32.21
N GLY B 252 26.47 -37.04 31.14
CA GLY B 252 25.23 -36.29 30.95
C GLY B 252 23.99 -37.14 31.17
N GLN B 253 24.19 -38.39 31.56
CA GLN B 253 23.07 -39.30 31.80
C GLN B 253 23.28 -40.05 33.12
N LYS B 254 22.47 -39.70 34.11
CA LYS B 254 22.58 -40.30 35.45
C LYS B 254 22.12 -41.75 35.48
N ASP B 255 22.82 -42.56 36.27
CA ASP B 255 22.46 -43.96 36.47
C ASP B 255 22.40 -44.79 35.18
N LEU B 256 23.16 -44.38 34.18
CA LEU B 256 23.21 -45.12 32.92
C LEU B 256 24.31 -46.17 32.96
N LEU B 257 25.39 -45.86 33.65
CA LEU B 257 26.53 -46.76 33.76
C LEU B 257 26.50 -47.55 35.06
N THR B 258 27.07 -48.76 35.03
CA THR B 258 27.14 -49.61 36.20
C THR B 258 28.19 -49.10 37.18
N PRO B 259 27.78 -48.80 38.42
CA PRO B 259 28.70 -48.34 39.45
C PRO B 259 29.59 -49.48 39.94
N CYS B 260 30.88 -49.22 40.06
CA CYS B 260 31.83 -50.23 40.52
C CYS B 260 32.04 -50.18 42.04
N TYR B 261 31.54 -51.21 42.73
CA TYR B 261 31.71 -51.31 44.17
C TYR B 261 32.93 -52.15 44.52
N SER B 262 33.27 -52.18 45.81
CA SER B 262 34.43 -52.93 46.31
C SER B 262 35.74 -52.16 46.14
N ASP B 268 36.57 -44.66 43.46
CA ASP B 268 35.26 -45.16 43.03
C ASP B 268 34.99 -44.85 41.55
N SER B 269 35.16 -45.86 40.70
CA SER B 269 34.96 -45.70 39.27
C SER B 269 33.65 -46.30 38.80
N PHE B 270 33.40 -46.24 37.50
CA PHE B 270 32.19 -46.80 36.90
C PHE B 270 32.56 -47.85 35.86
N GLY B 271 31.57 -48.64 35.44
CA GLY B 271 31.79 -49.67 34.43
C GLY B 271 30.97 -49.42 33.18
N PRO B 272 30.59 -50.51 32.49
CA PRO B 272 29.79 -50.42 31.26
C PRO B 272 28.34 -50.03 31.55
N ILE B 273 27.53 -49.91 30.50
CA ILE B 273 26.12 -49.55 30.64
C ILE B 273 25.35 -50.64 31.39
N ASN B 274 24.53 -50.21 32.36
CA ASN B 274 23.73 -51.13 33.16
C ASN B 274 22.57 -51.72 32.37
N PRO B 275 22.58 -53.05 32.18
CA PRO B 275 21.56 -53.74 31.39
C PRO B 275 20.41 -54.33 32.22
N THR B 276 20.22 -53.84 33.44
CA THR B 276 19.16 -54.36 34.31
C THR B 276 18.02 -53.35 34.49
N LEU B 277 18.35 -52.07 34.41
CA LEU B 277 17.36 -51.01 34.59
C LEU B 277 16.58 -50.76 33.32
N ASN B 278 15.28 -50.52 33.47
CA ASN B 278 14.41 -50.23 32.33
C ASN B 278 14.63 -48.81 31.79
N THR B 279 15.29 -47.98 32.59
CA THR B 279 15.63 -46.61 32.20
C THR B 279 16.62 -46.63 31.04
N THR B 280 17.51 -47.61 31.05
CA THR B 280 18.53 -47.77 30.01
C THR B 280 17.90 -47.96 28.63
N TYR B 281 16.99 -48.93 28.53
CA TYR B 281 16.37 -49.26 27.25
C TYR B 281 15.40 -48.21 26.75
N SER B 282 14.78 -47.46 27.68
CA SER B 282 13.89 -46.37 27.31
C SER B 282 14.73 -45.23 26.74
N PHE B 283 15.92 -45.04 27.31
CA PHE B 283 16.86 -44.03 26.85
C PHE B 283 17.42 -44.39 25.47
N LEU B 284 17.83 -45.65 25.31
CA LEU B 284 18.39 -46.11 24.03
C LEU B 284 17.37 -46.01 22.91
N THR B 285 16.12 -46.34 23.20
CA THR B 285 15.05 -46.28 22.21
C THR B 285 14.91 -44.88 21.62
N THR B 286 14.85 -43.87 22.48
CA THR B 286 14.73 -42.49 22.03
C THR B 286 16.05 -41.95 21.47
N PHE B 287 17.16 -42.56 21.88
CA PHE B 287 18.47 -42.15 21.38
C PHE B 287 18.68 -42.67 19.96
N PHE B 288 18.48 -43.97 19.77
CA PHE B 288 18.67 -44.59 18.46
C PHE B 288 17.56 -44.21 17.47
N LYS B 289 16.47 -43.65 17.98
CA LYS B 289 15.38 -43.19 17.12
C LYS B 289 15.82 -41.88 16.49
N GLU B 290 16.62 -41.12 17.24
CA GLU B 290 17.22 -39.90 16.74
C GLU B 290 18.27 -40.24 15.69
N ILE B 291 19.09 -41.25 16.00
CA ILE B 291 20.15 -41.70 15.10
C ILE B 291 19.58 -42.19 13.76
N SER B 292 18.41 -42.80 13.81
CA SER B 292 17.75 -43.35 12.62
C SER B 292 17.32 -42.26 11.66
N GLU B 293 17.16 -41.04 12.18
CA GLU B 293 16.72 -39.91 11.39
C GLU B 293 17.87 -38.96 11.07
N VAL B 294 18.95 -39.06 11.85
CA VAL B 294 20.14 -38.24 11.61
C VAL B 294 20.98 -38.87 10.51
N PHE B 295 21.27 -40.16 10.65
CA PHE B 295 22.03 -40.90 9.65
C PHE B 295 21.10 -41.70 8.73
N PRO B 296 21.10 -41.35 7.43
CA PRO B 296 20.22 -41.95 6.44
C PRO B 296 20.66 -43.34 5.96
N ASP B 297 21.78 -43.84 6.46
CA ASP B 297 22.23 -45.17 6.08
C ASP B 297 21.40 -46.23 6.79
N GLN B 298 21.17 -47.36 6.12
CA GLN B 298 20.36 -48.43 6.67
C GLN B 298 20.99 -49.09 7.91
N PHE B 299 22.30 -49.27 7.87
CA PHE B 299 22.98 -49.95 8.96
C PHE B 299 23.49 -49.01 10.05
N ILE B 300 23.51 -49.52 11.27
CA ILE B 300 24.00 -48.77 12.42
C ILE B 300 24.88 -49.70 13.26
N HIS B 301 26.15 -49.33 13.43
CA HIS B 301 27.08 -50.13 14.21
C HIS B 301 26.82 -49.91 15.70
N LEU B 302 26.65 -51.01 16.43
CA LEU B 302 26.32 -50.93 17.85
C LEU B 302 27.52 -51.20 18.76
N GLY B 303 28.60 -51.69 18.18
CA GLY B 303 29.82 -51.97 18.93
C GLY B 303 29.77 -53.31 19.65
N GLY B 304 29.73 -53.26 20.98
CA GLY B 304 29.69 -54.47 21.80
C GLY B 304 30.99 -55.24 21.78
N ASP B 305 32.09 -54.55 22.07
CA ASP B 305 33.41 -55.16 22.08
C ASP B 305 34.21 -54.76 23.32
N GLU B 306 35.18 -55.60 23.68
CA GLU B 306 36.06 -55.33 24.82
C GLU B 306 35.27 -55.03 26.10
N VAL B 307 34.07 -55.60 26.19
CA VAL B 307 33.21 -55.39 27.36
C VAL B 307 33.74 -56.15 28.57
N GLU B 308 34.06 -55.41 29.63
CA GLU B 308 34.61 -56.02 30.84
C GLU B 308 33.52 -56.38 31.84
N PHE B 309 33.54 -57.62 32.33
CA PHE B 309 32.53 -58.09 33.27
C PHE B 309 32.96 -57.87 34.72
N LYS B 310 34.13 -57.29 34.91
CA LYS B 310 34.66 -57.02 36.24
C LYS B 310 33.65 -56.27 37.13
N CYS B 311 33.13 -55.16 36.60
CA CYS B 311 32.24 -54.30 37.36
C CYS B 311 30.85 -54.89 37.60
N TRP B 312 30.30 -55.57 36.60
CA TRP B 312 28.98 -56.21 36.72
C TRP B 312 29.00 -57.29 37.80
N GLU B 313 30.12 -58.00 37.90
CA GLU B 313 30.27 -59.12 38.83
C GLU B 313 30.37 -58.65 40.29
N SER B 314 30.67 -57.36 40.49
CA SER B 314 30.82 -56.81 41.84
C SER B 314 29.66 -55.89 42.24
N ASN B 315 28.49 -56.12 41.64
CA ASN B 315 27.31 -55.30 41.93
C ASN B 315 26.13 -56.15 42.42
N PRO B 316 25.81 -56.03 43.72
CA PRO B 316 24.72 -56.78 44.36
C PRO B 316 23.38 -56.68 43.62
N LYS B 317 23.03 -55.47 43.21
CA LYS B 317 21.77 -55.25 42.49
C LYS B 317 21.71 -56.04 41.19
N ILE B 318 22.83 -56.10 40.49
CA ILE B 318 22.92 -56.84 39.22
C ILE B 318 22.90 -58.35 39.45
N GLN B 319 23.58 -58.81 40.50
CA GLN B 319 23.61 -60.23 40.83
C GLN B 319 22.20 -60.78 41.08
N ASP B 320 21.30 -59.90 41.46
CA ASP B 320 19.90 -60.27 41.69
C ASP B 320 19.23 -60.50 40.34
N PHE B 321 19.57 -59.68 39.36
CA PHE B 321 19.01 -59.78 38.02
C PHE B 321 19.46 -61.10 37.36
N MET B 322 20.54 -61.67 37.88
CA MET B 322 21.08 -62.93 37.37
C MET B 322 20.24 -64.12 37.84
N ARG B 323 19.59 -63.95 38.99
CA ARG B 323 18.76 -65.01 39.56
C ARG B 323 17.37 -65.02 38.91
N GLN B 324 16.74 -63.85 38.86
CA GLN B 324 15.40 -63.72 38.28
C GLN B 324 15.36 -64.06 36.79
N LYS B 325 16.52 -64.33 36.20
CA LYS B 325 16.61 -64.70 34.80
C LYS B 325 17.28 -66.06 34.66
N GLY B 326 17.99 -66.47 35.72
CA GLY B 326 18.67 -67.76 35.75
C GLY B 326 19.89 -67.87 34.85
N PHE B 327 20.69 -66.81 34.82
CA PHE B 327 21.91 -66.80 34.01
C PHE B 327 23.13 -67.35 34.77
N GLY B 328 22.95 -67.64 36.06
CA GLY B 328 24.02 -68.17 36.90
C GLY B 328 25.16 -67.18 37.11
N THR B 329 26.36 -67.55 36.69
CA THR B 329 27.53 -66.67 36.80
C THR B 329 28.17 -66.43 35.43
N ASP B 330 27.43 -66.77 34.36
CA ASP B 330 27.90 -66.58 33.00
C ASP B 330 27.35 -65.26 32.45
N PHE B 331 28.16 -64.20 32.55
CA PHE B 331 27.72 -62.87 32.13
C PHE B 331 27.65 -62.68 30.62
N LYS B 332 28.04 -63.71 29.87
CA LYS B 332 27.93 -63.67 28.41
C LYS B 332 26.46 -63.65 28.02
N LYS B 333 25.62 -64.21 28.89
CA LYS B 333 24.18 -64.22 28.67
C LYS B 333 23.58 -62.86 29.02
N LEU B 334 24.16 -62.21 30.02
CA LEU B 334 23.74 -60.86 30.39
C LEU B 334 24.20 -59.89 29.32
N GLU B 335 25.30 -60.25 28.64
CA GLU B 335 25.82 -59.46 27.54
C GLU B 335 24.91 -59.67 26.34
N SER B 336 24.53 -60.93 26.12
CA SER B 336 23.64 -61.28 25.00
C SER B 336 22.22 -60.75 25.22
N PHE B 337 21.81 -60.65 26.48
CA PHE B 337 20.49 -60.14 26.81
C PHE B 337 20.37 -58.67 26.44
N TYR B 338 21.43 -57.92 26.70
CA TYR B 338 21.45 -56.49 26.41
C TYR B 338 21.48 -56.20 24.91
N ILE B 339 22.41 -56.86 24.20
CA ILE B 339 22.59 -56.62 22.78
C ILE B 339 21.37 -56.99 21.94
N GLN B 340 20.69 -58.07 22.31
CA GLN B 340 19.47 -58.49 21.61
C GLN B 340 18.36 -57.46 21.80
N LYS B 341 18.29 -56.91 23.01
CA LYS B 341 17.35 -55.84 23.32
C LYS B 341 17.59 -54.65 22.40
N VAL B 342 18.86 -54.32 22.19
CA VAL B 342 19.25 -53.20 21.33
C VAL B 342 19.02 -53.54 19.86
N LEU B 343 19.28 -54.79 19.48
CA LEU B 343 19.06 -55.22 18.10
C LEU B 343 17.61 -55.04 17.67
N ASP B 344 16.68 -55.37 18.57
CA ASP B 344 15.25 -55.22 18.31
C ASP B 344 14.89 -53.77 18.06
N ILE B 345 15.43 -52.87 18.89
CA ILE B 345 15.20 -51.44 18.72
C ILE B 345 15.57 -51.02 17.31
N ILE B 346 16.71 -51.48 16.84
CA ILE B 346 17.18 -51.16 15.49
C ILE B 346 16.29 -51.82 14.43
N ALA B 347 15.81 -53.02 14.73
CA ALA B 347 14.91 -53.75 13.83
C ALA B 347 13.52 -53.12 13.83
N THR B 348 13.13 -52.58 14.98
CA THR B 348 11.82 -51.93 15.13
C THR B 348 11.72 -50.68 14.26
N ILE B 349 12.83 -49.96 14.12
CA ILE B 349 12.87 -48.74 13.33
C ILE B 349 13.35 -48.99 11.89
N ASN B 350 13.14 -50.21 11.40
CA ASN B 350 13.51 -50.60 10.03
C ASN B 350 14.93 -50.23 9.64
N LYS B 351 15.89 -50.65 10.46
CA LYS B 351 17.30 -50.40 10.19
C LYS B 351 18.10 -51.68 10.32
N GLY B 352 19.20 -51.78 9.58
CA GLY B 352 20.09 -52.92 9.67
C GLY B 352 21.03 -52.75 10.85
N SER B 353 21.87 -53.75 11.09
CA SER B 353 22.81 -53.68 12.20
C SER B 353 24.17 -54.29 11.88
N ILE B 354 25.21 -53.65 12.41
CA ILE B 354 26.57 -54.16 12.31
C ILE B 354 27.13 -54.21 13.72
N VAL B 355 27.93 -55.23 14.01
CA VAL B 355 28.45 -55.42 15.35
C VAL B 355 29.82 -56.10 15.35
N TRP B 356 30.62 -55.83 16.38
CA TRP B 356 31.94 -56.47 16.50
C TRP B 356 31.78 -57.96 16.79
N GLN B 357 32.88 -58.71 16.66
CA GLN B 357 32.81 -60.17 16.76
C GLN B 357 32.52 -60.72 18.16
N GLU B 358 32.82 -59.94 19.20
CA GLU B 358 32.55 -60.38 20.57
C GLU B 358 31.10 -60.85 20.74
N VAL B 359 30.17 -60.05 20.24
CA VAL B 359 28.74 -60.35 20.33
C VAL B 359 28.38 -61.71 19.73
N PHE B 360 28.89 -61.99 18.52
CA PHE B 360 28.64 -63.27 17.87
C PHE B 360 29.26 -64.42 18.68
N ASP B 361 30.45 -64.17 19.21
CA ASP B 361 31.14 -65.17 20.01
C ASP B 361 30.45 -65.40 21.35
N ASP B 362 29.74 -64.38 21.83
CA ASP B 362 29.02 -64.48 23.10
C ASP B 362 27.73 -65.27 22.99
N LYS B 363 27.54 -65.93 21.85
CA LYS B 363 26.37 -66.79 21.59
C LYS B 363 25.05 -66.03 21.63
N ALA B 364 25.07 -64.77 21.19
CA ALA B 364 23.87 -63.95 21.12
C ALA B 364 23.09 -64.25 19.84
N LYS B 365 21.78 -64.03 19.88
CA LYS B 365 20.93 -64.31 18.72
C LYS B 365 20.80 -63.07 17.83
N LEU B 366 21.28 -63.21 16.59
CA LEU B 366 21.25 -62.10 15.64
C LEU B 366 20.12 -62.26 14.63
N ALA B 367 19.53 -61.13 14.24
CA ALA B 367 18.45 -61.14 13.25
C ALA B 367 19.01 -61.43 11.85
N PRO B 368 18.17 -61.98 10.96
CA PRO B 368 18.58 -62.26 9.59
C PRO B 368 19.01 -60.99 8.84
N GLY B 369 20.29 -60.92 8.46
CA GLY B 369 20.83 -59.76 7.77
C GLY B 369 21.84 -58.98 8.60
N THR B 370 21.98 -59.38 9.86
CA THR B 370 22.92 -58.73 10.78
C THR B 370 24.36 -58.96 10.34
N ILE B 371 25.11 -57.87 10.22
CA ILE B 371 26.50 -57.93 9.78
C ILE B 371 27.44 -58.12 10.98
N VAL B 372 28.50 -58.90 10.78
CA VAL B 372 29.50 -59.14 11.82
C VAL B 372 30.87 -58.68 11.34
N GLU B 373 31.58 -57.94 12.20
CA GLU B 373 32.89 -57.44 11.85
C GLU B 373 34.00 -58.13 12.65
N VAL B 374 34.82 -58.91 11.94
CA VAL B 374 35.94 -59.64 12.55
C VAL B 374 37.16 -58.72 12.67
N TRP B 375 37.75 -58.65 13.86
CA TRP B 375 38.88 -57.73 14.08
C TRP B 375 40.09 -58.30 14.85
N LYS B 376 39.98 -59.53 15.37
CA LYS B 376 41.09 -60.13 16.12
C LYS B 376 42.06 -60.89 15.22
N ASP B 377 43.34 -60.85 15.55
CA ASP B 377 44.37 -61.56 14.77
C ASP B 377 44.30 -63.06 14.98
N SER B 378 44.26 -63.48 16.24
CA SER B 378 44.22 -64.90 16.58
C SER B 378 43.17 -65.66 15.77
N ALA B 379 43.64 -66.43 14.80
CA ALA B 379 42.79 -67.26 13.95
C ALA B 379 41.51 -66.57 13.49
N TYR B 380 41.68 -65.51 12.69
CA TYR B 380 40.52 -64.78 12.17
C TYR B 380 39.88 -65.44 10.94
N PRO B 381 40.68 -66.17 10.14
CA PRO B 381 40.09 -66.89 9.02
C PRO B 381 39.10 -67.94 9.52
N GLU B 382 39.34 -68.45 10.73
CA GLU B 382 38.45 -69.42 11.35
C GLU B 382 37.17 -68.74 11.81
N GLU B 383 37.29 -67.48 12.24
CA GLU B 383 36.13 -66.68 12.62
C GLU B 383 35.25 -66.45 11.42
N LEU B 384 35.86 -66.10 10.30
CA LEU B 384 35.14 -65.88 9.06
C LEU B 384 34.34 -67.13 8.71
N SER B 385 34.96 -68.29 8.90
CA SER B 385 34.32 -69.57 8.63
C SER B 385 33.08 -69.74 9.50
N ARG B 386 33.23 -69.52 10.80
CA ARG B 386 32.14 -69.67 11.76
C ARG B 386 30.94 -68.74 11.47
N VAL B 387 31.24 -67.47 11.19
CA VAL B 387 30.19 -66.50 10.91
C VAL B 387 29.42 -66.83 9.64
N THR B 388 30.16 -67.14 8.57
CA THR B 388 29.53 -67.50 7.30
C THR B 388 28.78 -68.82 7.40
N ALA B 389 29.29 -69.72 8.24
CA ALA B 389 28.65 -71.01 8.45
C ALA B 389 27.27 -70.81 9.08
N SER B 390 27.17 -69.84 9.99
CA SER B 390 25.92 -69.54 10.65
C SER B 390 24.96 -68.76 9.75
N GLY B 391 25.43 -68.41 8.56
CA GLY B 391 24.59 -67.73 7.57
C GLY B 391 24.51 -66.23 7.69
N PHE B 392 25.43 -65.65 8.47
CA PHE B 392 25.46 -64.19 8.65
C PHE B 392 26.52 -63.54 7.79
N PRO B 393 26.20 -62.37 7.19
CA PRO B 393 27.16 -61.62 6.39
C PRO B 393 28.33 -61.17 7.26
N VAL B 394 29.52 -61.07 6.66
CA VAL B 394 30.70 -60.75 7.44
C VAL B 394 31.59 -59.67 6.79
N ILE B 395 32.27 -58.91 7.64
CA ILE B 395 33.21 -57.87 7.20
C ILE B 395 34.54 -58.06 7.94
N LEU B 396 35.65 -57.88 7.22
CA LEU B 396 36.98 -58.10 7.79
C LEU B 396 37.72 -56.78 8.09
N SER B 397 38.41 -56.73 9.23
CA SER B 397 39.20 -55.56 9.61
C SER B 397 40.40 -55.94 10.48
N ALA B 398 40.53 -57.24 10.77
CA ALA B 398 41.59 -57.75 11.64
C ALA B 398 43.02 -57.40 11.20
N PRO B 399 43.40 -57.75 9.96
CA PRO B 399 44.77 -57.51 9.52
C PRO B 399 45.02 -56.07 9.10
N TRP B 400 43.96 -55.27 9.01
CA TRP B 400 44.09 -53.89 8.56
C TRP B 400 43.90 -52.84 9.67
N TYR B 401 44.62 -53.02 10.77
CA TYR B 401 44.62 -52.03 11.84
C TYR B 401 45.77 -51.05 11.60
N LEU B 402 45.52 -50.06 10.75
CA LEU B 402 46.55 -49.12 10.32
C LEU B 402 47.12 -48.24 11.44
N ASP B 403 46.39 -48.13 12.55
CA ASP B 403 46.89 -47.33 13.67
C ASP B 403 48.14 -47.94 14.27
N LEU B 404 48.29 -49.25 14.12
CA LEU B 404 49.47 -49.96 14.62
C LEU B 404 50.61 -49.81 13.61
N ILE B 405 51.35 -48.72 13.74
CA ILE B 405 52.41 -48.38 12.79
C ILE B 405 53.71 -49.14 13.03
N SER B 406 54.52 -49.25 11.98
CA SER B 406 55.82 -49.91 12.05
C SER B 406 56.77 -49.33 11.00
N TYR B 407 58.05 -49.53 11.20
CA TYR B 407 59.07 -49.00 10.30
C TYR B 407 59.12 -49.77 8.97
N GLY B 408 59.15 -49.03 7.86
CA GLY B 408 59.27 -49.64 6.53
C GLY B 408 58.02 -49.55 5.68
N GLN B 409 58.02 -50.31 4.59
CA GLN B 409 56.88 -50.34 3.68
C GLN B 409 55.88 -51.40 4.11
N ASP B 410 55.13 -51.09 5.17
CA ASP B 410 54.14 -52.02 5.69
C ASP B 410 52.88 -52.08 4.83
N TRP B 411 52.82 -51.23 3.81
CA TRP B 411 51.69 -51.23 2.89
C TRP B 411 51.66 -52.54 2.12
N ARG B 412 52.81 -53.22 2.09
CA ARG B 412 52.93 -54.51 1.42
C ARG B 412 52.25 -55.60 2.24
N LYS B 413 52.31 -55.47 3.56
CA LYS B 413 51.66 -56.43 4.45
C LYS B 413 50.15 -56.39 4.25
N TYR B 414 49.61 -55.18 4.12
CA TYR B 414 48.17 -54.99 3.92
C TYR B 414 47.76 -55.39 2.52
N TYR B 415 48.67 -55.23 1.56
CA TYR B 415 48.40 -55.55 0.16
C TYR B 415 48.40 -57.06 -0.07
N LYS B 416 49.23 -57.77 0.68
CA LYS B 416 49.35 -59.24 0.54
C LYS B 416 48.16 -60.01 1.10
N VAL B 417 47.36 -59.35 1.94
CA VAL B 417 46.22 -60.00 2.59
C VAL B 417 45.17 -60.45 1.58
N GLU B 418 44.77 -61.71 1.67
CA GLU B 418 43.71 -62.27 0.83
C GLU B 418 42.51 -62.68 1.69
N PRO B 419 41.42 -61.90 1.61
CA PRO B 419 40.22 -62.07 2.41
C PRO B 419 39.52 -63.43 2.25
N LEU B 420 39.34 -63.89 1.02
CA LEU B 420 38.63 -65.15 0.76
C LEU B 420 39.47 -66.40 1.01
N ASP B 421 40.45 -66.29 1.91
CA ASP B 421 41.29 -67.44 2.27
C ASP B 421 40.88 -68.05 3.60
N PHE B 422 39.76 -68.78 3.58
CA PHE B 422 39.25 -69.45 4.77
C PHE B 422 38.33 -70.59 4.37
N GLY B 423 38.24 -71.60 5.23
CA GLY B 423 37.40 -72.77 4.96
C GLY B 423 35.93 -72.41 4.83
N GLY B 424 35.27 -72.98 3.82
CA GLY B 424 33.85 -72.73 3.59
C GLY B 424 33.43 -73.01 2.16
N THR B 425 32.13 -73.22 1.96
CA THR B 425 31.60 -73.51 0.63
C THR B 425 31.58 -72.25 -0.24
N GLN B 426 31.24 -72.42 -1.51
CA GLN B 426 31.16 -71.31 -2.43
C GLN B 426 29.97 -70.42 -2.08
N LYS B 427 29.01 -70.99 -1.36
CA LYS B 427 27.82 -70.26 -0.93
C LYS B 427 28.16 -69.37 0.27
N GLN B 428 29.15 -69.80 1.06
CA GLN B 428 29.59 -69.03 2.23
C GLN B 428 30.45 -67.82 1.83
N LYS B 429 31.06 -67.91 0.65
CA LYS B 429 31.91 -66.82 0.16
C LYS B 429 31.11 -65.59 -0.27
N GLN B 430 29.86 -65.82 -0.66
CA GLN B 430 28.96 -64.70 -1.03
C GLN B 430 28.56 -63.87 0.18
N LEU B 431 28.66 -64.47 1.37
CA LEU B 431 28.32 -63.75 2.61
C LEU B 431 29.40 -62.73 2.99
N PHE B 432 30.59 -62.91 2.42
CA PHE B 432 31.68 -61.97 2.64
C PHE B 432 31.47 -60.76 1.73
N ILE B 433 31.16 -59.62 2.32
CA ILE B 433 30.83 -58.42 1.55
C ILE B 433 31.95 -57.38 1.45
N GLY B 434 33.02 -57.55 2.24
CA GLY B 434 34.15 -56.63 2.18
C GLY B 434 34.92 -56.47 3.48
N GLY B 435 35.60 -55.33 3.62
CA GLY B 435 36.40 -55.04 4.80
C GLY B 435 36.64 -53.56 5.03
N GLU B 436 37.36 -53.25 6.10
CA GLU B 436 37.66 -51.87 6.46
C GLU B 436 39.08 -51.68 7.01
N ALA B 437 39.67 -50.52 6.73
CA ALA B 437 40.97 -50.17 7.29
C ALA B 437 40.74 -49.18 8.43
N CYS B 438 41.10 -49.61 9.65
CA CYS B 438 40.83 -48.81 10.84
C CYS B 438 42.01 -47.96 11.29
N LEU B 439 41.71 -46.72 11.68
CA LEU B 439 42.72 -45.82 12.20
C LEU B 439 42.26 -45.29 13.54
N TRP B 440 42.42 -46.10 14.58
CA TRP B 440 42.05 -45.69 15.93
C TRP B 440 42.91 -44.52 16.36
N GLY B 441 42.32 -43.60 17.10
CA GLY B 441 42.99 -42.33 17.43
C GLY B 441 43.60 -42.17 18.81
N GLU B 442 44.08 -43.26 19.40
CA GLU B 442 44.79 -43.15 20.67
C GLU B 442 46.00 -42.24 20.52
N TYR B 443 46.57 -42.24 19.31
CA TYR B 443 47.74 -41.43 19.01
C TYR B 443 47.57 -40.74 17.66
N VAL B 444 46.31 -40.55 17.25
CA VAL B 444 46.02 -39.94 15.95
C VAL B 444 45.01 -38.81 16.02
N ASP B 445 45.41 -37.63 15.53
CA ASP B 445 44.49 -36.50 15.40
C ASP B 445 44.72 -35.78 14.08
N ALA B 446 44.28 -34.52 13.99
CA ALA B 446 44.40 -33.73 12.76
C ALA B 446 45.86 -33.50 12.32
N THR B 447 46.79 -33.64 13.26
CA THR B 447 48.20 -33.39 12.97
C THR B 447 48.87 -34.51 12.17
N ASN B 448 48.39 -35.74 12.34
CA ASN B 448 49.04 -36.89 11.69
C ASN B 448 48.10 -37.89 10.99
N LEU B 449 46.81 -37.57 10.91
CA LEU B 449 45.83 -38.49 10.33
C LEU B 449 46.07 -38.76 8.85
N THR B 450 46.05 -37.71 8.04
CA THR B 450 46.22 -37.83 6.59
C THR B 450 47.48 -38.60 6.19
N PRO B 451 48.67 -38.17 6.68
CA PRO B 451 49.91 -38.85 6.33
C PRO B 451 49.95 -40.31 6.76
N ARG B 452 49.45 -40.60 7.96
CA ARG B 452 49.48 -41.96 8.49
C ARG B 452 48.48 -42.89 7.79
N LEU B 453 47.39 -42.31 7.30
CA LEU B 453 46.33 -43.08 6.66
C LEU B 453 46.70 -43.44 5.22
N TRP B 454 47.09 -42.42 4.45
CA TRP B 454 47.45 -42.60 3.05
C TRP B 454 48.95 -42.57 2.88
N PRO B 455 49.49 -43.35 1.92
CA PRO B 455 48.76 -44.21 1.02
C PRO B 455 48.72 -45.67 1.47
N ARG B 456 48.79 -45.89 2.78
CA ARG B 456 48.76 -47.26 3.31
C ARG B 456 47.37 -47.88 3.13
N ALA B 457 46.33 -47.04 3.20
CA ALA B 457 44.97 -47.52 3.02
C ALA B 457 44.66 -47.77 1.56
N SER B 458 45.45 -47.19 0.67
CA SER B 458 45.29 -47.39 -0.75
C SER B 458 45.55 -48.85 -1.11
N ALA B 459 46.44 -49.47 -0.33
CA ALA B 459 46.77 -50.88 -0.50
C ALA B 459 45.53 -51.73 -0.25
N VAL B 460 44.73 -51.31 0.73
CA VAL B 460 43.49 -52.02 1.06
C VAL B 460 42.44 -51.76 -0.02
N GLY B 461 42.42 -50.53 -0.53
CA GLY B 461 41.46 -50.14 -1.57
C GLY B 461 41.51 -51.03 -2.78
N GLU B 462 42.71 -51.25 -3.31
CA GLU B 462 42.90 -52.11 -4.48
C GLU B 462 42.59 -53.56 -4.17
N ARG B 463 42.94 -53.99 -2.96
CA ARG B 463 42.68 -55.37 -2.55
C ARG B 463 41.19 -55.65 -2.40
N LEU B 464 40.40 -54.59 -2.21
CA LEU B 464 38.96 -54.74 -2.04
C LEU B 464 38.16 -54.43 -3.31
N TRP B 465 38.81 -53.81 -4.31
CA TRP B 465 38.15 -53.47 -5.56
C TRP B 465 38.65 -54.30 -6.72
N SER B 466 39.97 -54.33 -6.90
CA SER B 466 40.57 -55.05 -8.02
C SER B 466 40.43 -56.56 -7.88
N SER B 467 40.74 -57.28 -8.95
CA SER B 467 40.61 -58.74 -8.98
C SER B 467 41.52 -59.43 -7.97
N LYS B 468 41.23 -60.69 -7.69
CA LYS B 468 42.00 -61.49 -6.74
C LYS B 468 43.41 -61.78 -7.26
N ASP B 469 43.54 -61.89 -8.58
CA ASP B 469 44.83 -62.23 -9.20
C ASP B 469 45.73 -61.01 -9.45
N VAL B 470 45.35 -59.86 -8.92
CA VAL B 470 46.17 -58.65 -9.03
C VAL B 470 47.04 -58.56 -7.78
N ARG B 471 48.25 -59.11 -7.86
CA ARG B 471 49.12 -59.18 -6.68
C ARG B 471 50.61 -58.94 -6.99
N ASP B 472 50.92 -58.49 -8.21
CA ASP B 472 52.31 -58.24 -8.59
C ASP B 472 52.90 -57.03 -7.86
N MET B 473 53.89 -57.29 -7.01
CA MET B 473 54.52 -56.22 -6.21
C MET B 473 55.17 -55.10 -7.01
N ASP B 474 56.05 -55.44 -7.94
CA ASP B 474 56.74 -54.44 -8.76
C ASP B 474 55.76 -53.48 -9.42
N ASP B 475 54.68 -54.03 -9.97
CA ASP B 475 53.66 -53.22 -10.62
C ASP B 475 52.86 -52.42 -9.59
N ALA B 476 52.54 -53.05 -8.47
CA ALA B 476 51.81 -52.39 -7.39
C ALA B 476 52.59 -51.19 -6.89
N TYR B 477 53.88 -51.40 -6.61
CA TYR B 477 54.77 -50.35 -6.15
C TYR B 477 54.87 -49.23 -7.19
N ASP B 478 55.01 -49.64 -8.45
CA ASP B 478 55.16 -48.70 -9.55
C ASP B 478 53.95 -47.77 -9.68
N ARG B 479 52.75 -48.35 -9.63
CA ARG B 479 51.52 -47.56 -9.76
C ARG B 479 51.16 -46.80 -8.49
N LEU B 480 51.52 -47.35 -7.33
CA LEU B 480 51.18 -46.73 -6.06
C LEU B 480 52.00 -45.46 -5.77
N THR B 481 53.26 -45.46 -6.19
CA THR B 481 54.11 -44.28 -6.03
C THR B 481 53.57 -43.12 -6.85
N ARG B 482 53.22 -43.41 -8.11
CA ARG B 482 52.68 -42.42 -9.03
C ARG B 482 51.28 -41.96 -8.64
N HIS B 483 50.51 -42.86 -8.05
CA HIS B 483 49.17 -42.52 -7.58
C HIS B 483 49.25 -41.70 -6.31
N ARG B 484 50.27 -41.98 -5.50
CA ARG B 484 50.50 -41.23 -4.27
C ARG B 484 50.80 -39.78 -4.60
N CYS B 485 51.64 -39.56 -5.62
CA CYS B 485 51.98 -38.21 -6.07
C CYS B 485 50.74 -37.49 -6.58
N ARG B 486 49.80 -38.24 -7.13
CA ARG B 486 48.56 -37.67 -7.64
C ARG B 486 47.68 -37.17 -6.50
N MET B 487 47.65 -37.94 -5.42
CA MET B 487 46.91 -37.54 -4.23
C MET B 487 47.49 -36.26 -3.63
N VAL B 488 48.82 -36.16 -3.64
CA VAL B 488 49.53 -34.98 -3.13
C VAL B 488 49.18 -33.73 -3.95
N GLU B 489 49.06 -33.90 -5.27
CA GLU B 489 48.70 -32.81 -6.16
C GLU B 489 47.24 -32.42 -6.00
N ARG B 490 46.42 -33.35 -5.52
CA ARG B 490 45.00 -33.10 -5.31
C ARG B 490 44.71 -32.57 -3.89
N GLY B 491 45.77 -32.27 -3.15
CA GLY B 491 45.63 -31.69 -1.81
C GLY B 491 45.63 -32.70 -0.66
N ILE B 492 46.01 -33.94 -0.95
CA ILE B 492 46.05 -34.97 0.08
C ILE B 492 47.50 -35.27 0.48
N ALA B 493 47.84 -34.92 1.72
CA ALA B 493 49.21 -35.10 2.21
C ALA B 493 49.54 -36.56 2.52
N ALA B 494 49.61 -37.39 1.48
CA ALA B 494 49.99 -38.79 1.63
C ALA B 494 51.50 -38.93 1.74
N GLN B 495 51.95 -39.76 2.66
CA GLN B 495 53.38 -39.97 2.87
C GLN B 495 53.98 -40.88 1.78
N PRO B 496 55.28 -40.77 1.54
CA PRO B 496 55.94 -41.55 0.50
C PRO B 496 56.09 -43.02 0.89
N LEU B 497 56.24 -43.88 -0.12
CA LEU B 497 56.45 -45.31 0.13
C LEU B 497 57.93 -45.57 0.35
N TYR B 498 58.76 -44.83 -0.39
CA TYR B 498 60.22 -44.97 -0.30
C TYR B 498 60.88 -43.70 -0.83
N ALA B 499 62.20 -43.73 -0.98
CA ALA B 499 62.95 -42.58 -1.48
C ALA B 499 62.58 -42.24 -2.92
N GLY B 500 62.35 -40.96 -3.19
CA GLY B 500 61.99 -40.50 -4.53
C GLY B 500 61.50 -39.06 -4.55
N TYR B 501 60.60 -38.75 -5.48
CA TYR B 501 60.05 -37.40 -5.60
C TYR B 501 58.82 -37.34 -6.52
N CYS B 502 58.06 -36.25 -6.41
CA CYS B 502 56.88 -36.03 -7.26
C CYS B 502 57.13 -34.88 -8.22
N ASN B 503 56.11 -34.52 -9.00
CA ASN B 503 56.22 -33.45 -10.01
C ASN B 503 57.22 -33.76 -11.12
N PRO C 5 51.85 -13.46 -26.22
CA PRO C 5 52.02 -12.33 -27.11
C PRO C 5 51.56 -11.01 -26.48
N ALA C 6 51.40 -11.02 -25.16
CA ALA C 6 50.98 -9.82 -24.42
C ALA C 6 52.15 -9.27 -23.60
N LEU C 7 52.92 -8.37 -24.20
CA LEU C 7 54.10 -7.80 -23.53
C LEU C 7 53.79 -6.52 -22.78
N TRP C 8 54.24 -6.45 -21.52
CA TRP C 8 54.06 -5.26 -20.71
C TRP C 8 55.19 -5.11 -19.69
N PRO C 9 55.91 -3.98 -19.73
CA PRO C 9 55.69 -2.91 -20.71
C PRO C 9 56.11 -3.34 -22.11
N LEU C 10 55.66 -2.59 -23.11
CA LEU C 10 55.99 -2.88 -24.49
C LEU C 10 57.43 -2.48 -24.78
N PRO C 11 58.25 -3.44 -25.23
CA PRO C 11 59.67 -3.21 -25.53
C PRO C 11 59.89 -2.16 -26.61
N LEU C 12 61.14 -1.73 -26.78
CA LEU C 12 61.48 -0.72 -27.77
C LEU C 12 61.37 -1.27 -29.20
N SER C 13 61.92 -2.46 -29.41
CA SER C 13 61.90 -3.10 -30.72
C SER C 13 61.41 -4.54 -30.63
N VAL C 14 60.39 -4.86 -31.42
CA VAL C 14 59.84 -6.21 -31.45
C VAL C 14 59.67 -6.72 -32.88
N LYS C 15 60.43 -7.75 -33.24
CA LYS C 15 60.33 -8.37 -34.57
C LYS C 15 59.70 -9.75 -34.45
N MET C 16 58.41 -9.85 -34.77
CA MET C 16 57.68 -11.12 -34.61
C MET C 16 57.46 -11.88 -35.91
N THR C 17 57.59 -13.20 -35.82
CA THR C 17 57.33 -14.09 -36.95
C THR C 17 56.26 -15.11 -36.54
N PRO C 18 55.51 -15.65 -37.51
CA PRO C 18 54.45 -16.62 -37.21
C PRO C 18 54.98 -18.03 -36.88
N ASN C 19 56.29 -18.22 -36.95
CA ASN C 19 56.89 -19.52 -36.64
C ASN C 19 56.80 -19.88 -35.16
N LEU C 20 56.23 -21.04 -34.87
CA LEU C 20 56.02 -21.48 -33.49
C LEU C 20 57.09 -22.45 -33.00
N LEU C 21 57.54 -22.25 -31.76
CA LEU C 21 58.53 -23.11 -31.13
C LEU C 21 57.93 -23.67 -29.85
N HIS C 22 58.31 -24.89 -29.49
CA HIS C 22 57.75 -25.54 -28.30
C HIS C 22 58.78 -25.75 -27.18
N LEU C 23 58.29 -25.81 -25.95
CA LEU C 23 59.14 -25.98 -24.77
C LEU C 23 58.75 -27.19 -23.95
N ALA C 24 59.73 -27.76 -23.24
CA ALA C 24 59.49 -28.91 -22.36
C ALA C 24 59.87 -28.53 -20.94
N PRO C 25 58.87 -28.49 -20.03
CA PRO C 25 59.04 -28.12 -18.63
C PRO C 25 60.24 -28.80 -17.96
N GLU C 26 60.45 -30.07 -18.24
CA GLU C 26 61.56 -30.82 -17.63
C GLU C 26 62.68 -31.13 -18.62
N ASN C 27 62.90 -30.22 -19.56
CA ASN C 27 63.99 -30.37 -20.53
C ASN C 27 64.42 -29.01 -21.06
N PHE C 28 64.10 -27.96 -20.29
CA PHE C 28 64.47 -26.60 -20.64
C PHE C 28 65.34 -26.01 -19.55
N TYR C 29 66.60 -25.75 -19.88
CA TYR C 29 67.56 -25.23 -18.92
C TYR C 29 67.91 -23.78 -19.21
N ILE C 30 68.22 -23.03 -18.15
CA ILE C 30 68.68 -21.66 -18.30
C ILE C 30 70.09 -21.56 -17.71
N SER C 31 71.09 -21.70 -18.57
CA SER C 31 72.48 -21.67 -18.16
C SER C 31 73.24 -20.50 -18.78
N HIS C 32 74.48 -20.29 -18.31
CA HIS C 32 75.32 -19.22 -18.82
C HIS C 32 76.00 -19.63 -20.11
N SER C 33 76.17 -18.68 -21.03
CA SER C 33 76.83 -18.94 -22.31
C SER C 33 78.33 -19.10 -22.10
N PRO C 34 78.97 -19.98 -22.89
CA PRO C 34 80.40 -20.27 -22.81
C PRO C 34 81.25 -19.03 -22.50
N ASN C 35 81.11 -17.97 -23.29
CA ASN C 35 81.93 -16.76 -23.12
C ASN C 35 81.24 -15.59 -22.38
N SER C 36 80.50 -15.91 -21.33
CA SER C 36 79.86 -14.89 -20.52
C SER C 36 80.82 -14.41 -19.42
N THR C 37 80.59 -13.20 -18.91
CA THR C 37 81.44 -12.66 -17.85
C THR C 37 81.01 -13.16 -16.47
N ALA C 38 79.81 -13.72 -16.40
CA ALA C 38 79.29 -14.26 -15.15
C ALA C 38 79.09 -15.76 -15.25
N GLY C 39 79.27 -16.47 -14.14
CA GLY C 39 79.14 -17.92 -14.11
C GLY C 39 78.26 -18.42 -12.99
N PRO C 40 78.33 -19.73 -12.69
CA PRO C 40 77.55 -20.40 -11.65
C PRO C 40 77.73 -19.78 -10.26
N SER C 41 78.77 -18.97 -10.09
CA SER C 41 79.04 -18.33 -8.80
C SER C 41 78.27 -17.02 -8.63
N CYS C 42 77.49 -16.67 -9.65
CA CYS C 42 76.65 -15.47 -9.61
C CYS C 42 75.30 -15.81 -8.97
N THR C 43 75.18 -15.53 -7.68
CA THR C 43 73.97 -15.83 -6.92
C THR C 43 72.72 -15.18 -7.51
N LEU C 44 72.82 -13.90 -7.85
CA LEU C 44 71.69 -13.14 -8.39
C LEU C 44 71.09 -13.81 -9.63
N LEU C 45 71.94 -14.29 -10.52
CA LEU C 45 71.48 -14.97 -11.73
C LEU C 45 70.96 -16.38 -11.47
N GLU C 46 71.64 -17.12 -10.61
CA GLU C 46 71.22 -18.49 -10.28
C GLU C 46 69.84 -18.52 -9.62
N GLU C 47 69.53 -17.49 -8.84
CA GLU C 47 68.22 -17.37 -8.22
C GLU C 47 67.18 -16.97 -9.25
N ALA C 48 67.59 -16.13 -10.19
CA ALA C 48 66.69 -15.64 -11.23
C ALA C 48 66.32 -16.75 -12.22
N PHE C 49 67.26 -17.66 -12.48
CA PHE C 49 67.00 -18.76 -13.42
C PHE C 49 65.95 -19.72 -12.85
N ARG C 50 66.06 -20.00 -11.55
CA ARG C 50 65.11 -20.88 -10.89
C ARG C 50 63.77 -20.19 -10.68
N ARG C 51 63.82 -18.92 -10.30
CA ARG C 51 62.61 -18.14 -10.06
C ARG C 51 61.76 -18.01 -11.33
N TYR C 52 62.42 -17.74 -12.46
CA TYR C 52 61.72 -17.58 -13.72
C TYR C 52 61.36 -18.87 -14.43
N HIS C 53 61.87 -19.99 -13.94
CA HIS C 53 61.49 -21.28 -14.50
C HIS C 53 60.09 -21.62 -14.03
N GLY C 54 59.71 -21.04 -12.89
CA GLY C 54 58.38 -21.23 -12.34
C GLY C 54 57.36 -20.33 -13.01
N TYR C 55 57.75 -19.08 -13.28
CA TYR C 55 56.86 -18.13 -13.93
C TYR C 55 56.58 -18.47 -15.40
N ILE C 56 57.43 -19.31 -15.98
CA ILE C 56 57.28 -19.71 -17.38
C ILE C 56 56.34 -20.90 -17.55
N PHE C 57 56.38 -21.84 -16.61
CA PHE C 57 55.56 -23.04 -16.70
C PHE C 57 54.46 -23.11 -15.64
N GLY C 58 54.45 -22.13 -14.73
CA GLY C 58 53.43 -22.09 -13.68
C GLY C 58 53.64 -23.14 -12.60
N THR C 73 62.71 -27.31 -34.41
CA THR C 73 61.54 -26.51 -34.05
C THR C 73 61.21 -26.62 -32.54
N GLN C 74 62.27 -26.75 -31.73
CA GLN C 74 62.11 -26.86 -30.28
C GLN C 74 63.20 -26.10 -29.54
N VAL C 75 62.79 -25.25 -28.60
CA VAL C 75 63.73 -24.51 -27.77
C VAL C 75 64.06 -25.35 -26.55
N GLN C 76 65.34 -25.75 -26.44
CA GLN C 76 65.77 -26.63 -25.37
C GLN C 76 66.64 -25.91 -24.36
N GLN C 77 67.06 -24.69 -24.68
CA GLN C 77 67.98 -23.96 -23.83
C GLN C 77 67.90 -22.44 -24.01
N LEU C 78 68.12 -21.71 -22.93
CA LEU C 78 68.18 -20.26 -22.98
C LEU C 78 69.50 -19.79 -22.38
N LEU C 79 70.46 -19.50 -23.24
CA LEU C 79 71.77 -19.05 -22.81
C LEU C 79 71.78 -17.58 -22.43
N VAL C 80 72.22 -17.29 -21.21
CA VAL C 80 72.33 -15.92 -20.74
C VAL C 80 73.77 -15.44 -20.89
N SER C 81 73.96 -14.44 -21.75
CA SER C 81 75.28 -13.92 -22.03
C SER C 81 75.45 -12.50 -21.50
N ILE C 82 76.40 -12.32 -20.58
CA ILE C 82 76.71 -11.01 -20.04
C ILE C 82 77.97 -10.48 -20.73
N THR C 83 77.88 -9.27 -21.27
CA THR C 83 78.99 -8.71 -22.06
C THR C 83 80.07 -8.01 -21.22
N LEU C 84 79.64 -7.16 -20.28
CA LEU C 84 80.59 -6.42 -19.45
C LEU C 84 80.58 -6.95 -18.01
N GLN C 85 81.33 -6.29 -17.13
CA GLN C 85 81.34 -6.65 -15.71
C GLN C 85 79.94 -6.50 -15.18
N SER C 86 79.31 -7.63 -14.87
CA SER C 86 77.90 -7.65 -14.49
C SER C 86 77.59 -7.16 -13.08
N GLU C 87 78.60 -6.67 -12.37
CA GLU C 87 78.44 -6.32 -10.94
C GLU C 87 77.35 -7.21 -10.29
N CYS C 88 77.55 -8.52 -10.41
CA CYS C 88 76.62 -9.51 -9.91
C CYS C 88 76.38 -9.44 -8.40
N ASP C 89 77.39 -8.97 -7.66
CA ASP C 89 77.30 -8.90 -6.20
C ASP C 89 77.12 -7.48 -5.68
N ALA C 90 76.78 -6.56 -6.57
CA ALA C 90 76.59 -5.16 -6.18
C ALA C 90 75.11 -4.75 -6.17
N PHE C 91 74.85 -3.55 -5.67
CA PHE C 91 73.50 -3.00 -5.65
C PHE C 91 73.32 -2.08 -6.86
N PRO C 92 72.09 -2.05 -7.42
CA PRO C 92 71.81 -1.22 -8.58
C PRO C 92 71.78 0.27 -8.25
N ASN C 93 72.31 1.09 -9.16
CA ASN C 93 72.29 2.54 -8.98
C ASN C 93 71.58 3.26 -10.12
N ILE C 94 71.53 4.58 -10.04
CA ILE C 94 70.81 5.41 -11.02
C ILE C 94 71.20 5.14 -12.49
N SER C 95 72.48 4.94 -12.74
CA SER C 95 72.97 4.75 -14.10
C SER C 95 73.21 3.28 -14.46
N SER C 96 72.45 2.38 -13.86
CA SER C 96 72.58 0.96 -14.14
C SER C 96 72.05 0.63 -15.52
N ASP C 97 72.82 -0.12 -16.30
CA ASP C 97 72.42 -0.49 -17.64
C ASP C 97 71.44 -1.66 -17.62
N GLU C 98 70.19 -1.38 -17.99
CA GLU C 98 69.14 -2.40 -17.99
C GLU C 98 68.78 -2.87 -19.38
N SER C 99 69.56 -2.43 -20.38
CA SER C 99 69.30 -2.81 -21.77
C SER C 99 69.63 -4.27 -22.01
N TYR C 100 68.98 -4.87 -22.99
CA TYR C 100 69.18 -6.26 -23.32
C TYR C 100 68.67 -6.57 -24.73
N THR C 101 69.07 -7.72 -25.25
CA THR C 101 68.58 -8.20 -26.53
C THR C 101 68.18 -9.66 -26.38
N LEU C 102 67.01 -10.01 -26.92
CA LEU C 102 66.50 -11.37 -26.81
C LEU C 102 66.34 -12.04 -28.18
N LEU C 103 67.06 -13.13 -28.39
CA LEU C 103 66.99 -13.87 -29.64
C LEU C 103 66.30 -15.21 -29.43
N VAL C 104 65.07 -15.33 -29.93
CA VAL C 104 64.30 -16.56 -29.75
C VAL C 104 64.22 -17.39 -31.03
N LYS C 105 64.84 -18.56 -31.00
CA LYS C 105 64.82 -19.52 -32.11
C LYS C 105 65.41 -20.85 -31.66
N GLU C 106 65.12 -21.92 -32.40
CA GLU C 106 65.65 -23.23 -32.04
C GLU C 106 67.09 -23.35 -32.54
N PRO C 107 67.92 -24.18 -31.88
CA PRO C 107 67.56 -24.97 -30.70
C PRO C 107 68.00 -24.30 -29.39
N VAL C 108 68.62 -23.13 -29.48
CA VAL C 108 69.09 -22.43 -28.30
C VAL C 108 68.77 -20.93 -28.37
N ALA C 109 67.82 -20.50 -27.56
CA ALA C 109 67.46 -19.09 -27.48
C ALA C 109 68.54 -18.34 -26.72
N VAL C 110 68.82 -17.10 -27.13
CA VAL C 110 69.92 -16.34 -26.54
C VAL C 110 69.48 -15.00 -25.93
N LEU C 111 69.81 -14.81 -24.66
CA LEU C 111 69.56 -13.54 -23.98
C LEU C 111 70.90 -12.84 -23.76
N LYS C 112 71.06 -11.67 -24.38
CA LYS C 112 72.33 -10.95 -24.33
C LYS C 112 72.16 -9.56 -23.68
N ALA C 113 72.97 -9.30 -22.66
CA ALA C 113 72.91 -8.01 -21.96
C ALA C 113 74.28 -7.56 -21.46
N ASN C 114 74.47 -6.24 -21.36
CA ASN C 114 75.73 -5.67 -20.88
C ASN C 114 75.97 -5.97 -19.40
N ARG C 115 75.00 -5.62 -18.56
CA ARG C 115 75.10 -5.88 -17.14
C ARG C 115 74.16 -7.01 -16.74
N VAL C 116 74.11 -7.31 -15.45
CA VAL C 116 73.24 -8.36 -14.93
C VAL C 116 71.80 -7.87 -14.84
N TRP C 117 71.65 -6.55 -14.70
CA TRP C 117 70.33 -5.93 -14.55
C TRP C 117 69.50 -6.06 -15.81
N GLY C 118 70.17 -6.16 -16.95
CA GLY C 118 69.50 -6.34 -18.23
C GLY C 118 69.00 -7.76 -18.38
N ALA C 119 69.73 -8.71 -17.79
CA ALA C 119 69.33 -10.11 -17.82
C ALA C 119 68.03 -10.31 -17.06
N LEU C 120 67.87 -9.55 -15.97
CA LEU C 120 66.66 -9.62 -15.16
C LEU C 120 65.43 -9.17 -15.93
N ARG C 121 65.54 -8.02 -16.59
CA ARG C 121 64.44 -7.48 -17.38
C ARG C 121 64.15 -8.41 -18.56
N GLY C 122 65.22 -8.96 -19.13
CA GLY C 122 65.09 -9.88 -20.25
C GLY C 122 64.39 -11.17 -19.89
N LEU C 123 64.65 -11.66 -18.68
CA LEU C 123 64.02 -12.88 -18.19
C LEU C 123 62.53 -12.69 -17.99
N GLU C 124 62.14 -11.49 -17.56
CA GLU C 124 60.73 -11.16 -17.37
C GLU C 124 60.00 -11.15 -18.70
N THR C 125 60.60 -10.49 -19.69
CA THR C 125 60.01 -10.41 -21.02
C THR C 125 59.91 -11.78 -21.67
N PHE C 126 60.93 -12.61 -21.47
CA PHE C 126 60.94 -13.96 -22.03
C PHE C 126 59.81 -14.80 -21.43
N SER C 127 59.51 -14.58 -20.15
CA SER C 127 58.46 -15.31 -19.46
C SER C 127 57.09 -14.92 -20.03
N GLN C 128 56.98 -13.67 -20.46
CA GLN C 128 55.73 -13.16 -21.03
C GLN C 128 55.52 -13.69 -22.45
N LEU C 129 56.61 -14.00 -23.14
CA LEU C 129 56.53 -14.52 -24.51
C LEU C 129 56.09 -15.97 -24.56
N VAL C 130 56.23 -16.68 -23.43
CA VAL C 130 55.84 -18.07 -23.37
C VAL C 130 54.37 -18.21 -22.97
N TYR C 131 53.64 -19.05 -23.71
CA TYR C 131 52.23 -19.28 -23.43
C TYR C 131 51.84 -20.70 -23.79
N GLN C 132 50.63 -21.09 -23.39
CA GLN C 132 50.12 -22.41 -23.69
C GLN C 132 48.98 -22.29 -24.71
N ASP C 133 48.97 -23.18 -25.69
CA ASP C 133 47.92 -23.16 -26.71
C ASP C 133 46.62 -23.77 -26.17
N SER C 134 45.68 -24.03 -27.07
CA SER C 134 44.40 -24.60 -26.68
C SER C 134 44.54 -26.00 -26.09
N TYR C 135 45.65 -26.67 -26.40
CA TYR C 135 45.90 -28.02 -25.89
C TYR C 135 46.85 -28.05 -24.68
N GLY C 136 47.23 -26.86 -24.20
CA GLY C 136 48.10 -26.75 -23.03
C GLY C 136 49.57 -26.93 -23.35
N THR C 137 49.91 -26.90 -24.64
CA THR C 137 51.29 -27.06 -25.08
C THR C 137 52.05 -25.76 -24.93
N PHE C 138 53.16 -25.79 -24.19
CA PHE C 138 53.99 -24.61 -24.01
C PHE C 138 54.59 -24.18 -25.34
N THR C 139 54.27 -22.96 -25.76
CA THR C 139 54.69 -22.47 -27.06
C THR C 139 55.28 -21.06 -26.97
N ILE C 140 56.01 -20.67 -28.01
CA ILE C 140 56.59 -19.34 -28.10
C ILE C 140 56.89 -18.98 -29.56
N ASN C 141 56.55 -17.76 -29.96
CA ASN C 141 56.81 -17.30 -31.32
C ASN C 141 58.29 -16.99 -31.53
N GLU C 142 58.84 -17.47 -32.63
CA GLU C 142 60.23 -17.19 -32.99
C GLU C 142 60.37 -15.69 -33.23
N SER C 143 61.19 -15.03 -32.42
CA SER C 143 61.30 -13.58 -32.51
C SER C 143 62.65 -13.03 -32.09
N THR C 144 62.80 -11.71 -32.23
CA THR C 144 64.00 -11.00 -31.82
C THR C 144 63.58 -9.70 -31.15
N ILE C 145 64.18 -9.39 -30.01
CA ILE C 145 63.80 -8.19 -29.25
C ILE C 145 64.99 -7.36 -28.79
N ILE C 146 64.96 -6.06 -29.10
CA ILE C 146 65.97 -5.12 -28.62
C ILE C 146 65.27 -4.09 -27.73
N ASP C 147 65.38 -4.27 -26.42
CA ASP C 147 64.65 -3.41 -25.49
C ASP C 147 65.55 -2.58 -24.59
N SER C 148 65.08 -1.39 -24.22
CA SER C 148 65.82 -0.48 -23.36
C SER C 148 64.85 0.46 -22.65
N PRO C 149 65.12 0.76 -21.36
CA PRO C 149 64.27 1.67 -20.59
C PRO C 149 64.40 3.11 -21.06
N ARG C 150 63.29 3.85 -21.07
CA ARG C 150 63.30 5.25 -21.48
C ARG C 150 63.82 6.13 -20.34
N PHE C 151 63.50 5.74 -19.11
CA PHE C 151 63.99 6.44 -17.93
C PHE C 151 64.60 5.46 -16.94
N SER C 152 65.70 5.88 -16.31
CA SER C 152 66.43 5.02 -15.38
C SER C 152 65.80 5.00 -13.97
N HIS C 153 64.94 5.97 -13.69
CA HIS C 153 64.26 6.03 -12.40
C HIS C 153 62.78 5.76 -12.56
N ARG C 154 62.34 4.57 -12.17
CA ARG C 154 60.95 4.18 -12.23
C ARG C 154 60.58 3.58 -10.88
N GLY C 155 59.96 4.39 -10.03
CA GLY C 155 59.69 3.97 -8.66
C GLY C 155 58.25 3.91 -8.20
N ILE C 156 58.05 3.25 -7.06
CA ILE C 156 56.76 3.13 -6.42
C ILE C 156 56.89 3.63 -4.98
N LEU C 157 56.07 4.59 -4.60
CA LEU C 157 56.13 5.14 -3.26
C LEU C 157 55.13 4.48 -2.33
N ILE C 158 55.64 3.81 -1.31
CA ILE C 158 54.79 3.20 -0.29
C ILE C 158 54.89 4.00 1.00
N ASP C 159 53.80 4.02 1.77
CA ASP C 159 53.74 4.78 3.00
C ASP C 159 53.49 3.85 4.20
N THR C 160 54.53 3.62 4.99
CA THR C 160 54.42 2.71 6.13
C THR C 160 54.34 3.45 7.47
N SER C 161 53.95 4.73 7.43
CA SER C 161 53.82 5.52 8.64
C SER C 161 52.36 5.80 8.99
N ARG C 162 51.57 6.16 7.97
CA ARG C 162 50.15 6.39 8.18
C ARG C 162 49.42 5.06 8.39
N HIS C 163 50.01 3.99 7.88
CA HIS C 163 49.54 2.64 8.10
C HIS C 163 50.69 1.66 8.00
N TYR C 164 50.98 0.96 9.10
CA TYR C 164 52.04 -0.01 9.12
C TYR C 164 51.76 -1.13 8.12
N LEU C 165 52.80 -1.53 7.40
CA LEU C 165 52.68 -2.60 6.41
C LEU C 165 53.55 -3.79 6.79
N PRO C 166 52.96 -4.99 6.79
CA PRO C 166 53.70 -6.21 7.06
C PRO C 166 54.74 -6.47 5.97
N VAL C 167 55.91 -6.96 6.36
CA VAL C 167 56.99 -7.23 5.41
C VAL C 167 56.52 -8.03 4.20
N LYS C 168 55.60 -8.97 4.42
CA LYS C 168 55.06 -9.81 3.34
C LYS C 168 54.50 -9.01 2.17
N ILE C 169 53.67 -8.01 2.46
CA ILE C 169 53.06 -7.22 1.41
C ILE C 169 54.08 -6.30 0.73
N ILE C 170 55.15 -5.98 1.44
CA ILE C 170 56.23 -5.17 0.88
C ILE C 170 57.07 -6.00 -0.09
N LEU C 171 57.19 -7.29 0.20
CA LEU C 171 57.93 -8.21 -0.67
C LEU C 171 57.11 -8.56 -1.90
N LYS C 172 55.79 -8.72 -1.70
CA LYS C 172 54.88 -9.05 -2.79
C LYS C 172 54.77 -7.88 -3.76
N THR C 173 54.98 -6.67 -3.24
CA THR C 173 54.98 -5.47 -4.07
C THR C 173 56.26 -5.46 -4.91
N LEU C 174 57.37 -5.84 -4.30
CA LEU C 174 58.64 -5.94 -5.01
C LEU C 174 58.56 -6.95 -6.15
N ASP C 175 57.83 -8.04 -5.91
CA ASP C 175 57.60 -9.05 -6.93
C ASP C 175 56.79 -8.46 -8.06
N ALA C 176 55.76 -7.69 -7.71
CA ALA C 176 54.89 -7.05 -8.69
C ALA C 176 55.65 -5.97 -9.46
N MET C 177 56.47 -5.20 -8.76
CA MET C 177 57.29 -4.17 -9.39
C MET C 177 58.23 -4.79 -10.41
N ALA C 178 58.75 -5.97 -10.09
CA ALA C 178 59.66 -6.68 -10.98
C ALA C 178 58.95 -7.10 -12.26
N PHE C 179 57.67 -7.42 -12.15
CA PHE C 179 56.88 -7.82 -13.31
C PHE C 179 56.60 -6.65 -14.25
N ASN C 180 56.64 -5.44 -13.70
CA ASN C 180 56.38 -4.23 -14.47
C ASN C 180 57.66 -3.45 -14.78
N LYS C 181 58.79 -4.01 -14.38
CA LYS C 181 60.10 -3.41 -14.65
C LYS C 181 60.38 -2.11 -13.89
N PHE C 182 59.76 -1.94 -12.72
CA PHE C 182 60.08 -0.82 -11.85
C PHE C 182 61.41 -1.11 -11.16
N ASN C 183 62.17 -0.07 -10.82
CA ASN C 183 63.49 -0.28 -10.23
C ASN C 183 63.79 0.53 -8.97
N VAL C 184 62.80 1.24 -8.45
CA VAL C 184 62.98 2.05 -7.24
C VAL C 184 61.81 1.89 -6.26
N LEU C 185 62.12 1.59 -5.01
CA LEU C 185 61.10 1.49 -3.98
C LEU C 185 61.21 2.69 -3.04
N HIS C 186 60.47 3.75 -3.36
CA HIS C 186 60.44 4.94 -2.52
C HIS C 186 59.79 4.58 -1.19
N TRP C 187 60.59 4.21 -0.21
CA TRP C 187 60.08 3.79 1.08
C TRP C 187 59.89 4.97 2.03
N HIS C 188 58.72 5.60 1.97
CA HIS C 188 58.39 6.68 2.90
C HIS C 188 58.10 6.01 4.24
N ILE C 189 59.16 5.69 4.97
CA ILE C 189 59.05 4.88 6.17
C ILE C 189 58.41 5.56 7.40
N VAL C 190 58.76 6.81 7.67
CA VAL C 190 58.23 7.51 8.85
C VAL C 190 57.49 8.78 8.48
N ASP C 191 56.74 9.33 9.45
CA ASP C 191 55.97 10.56 9.25
C ASP C 191 55.34 11.04 10.58
N ASP C 192 54.29 11.85 10.49
CA ASP C 192 53.62 12.41 11.67
C ASP C 192 52.94 11.36 12.53
N GLN C 193 52.22 10.45 11.87
CA GLN C 193 51.37 9.48 12.56
C GLN C 193 52.13 8.42 13.38
N SER C 194 53.26 7.94 12.87
CA SER C 194 54.02 6.92 13.58
C SER C 194 55.47 6.82 13.12
N PHE C 195 56.27 6.09 13.89
CA PHE C 195 57.69 5.90 13.58
C PHE C 195 58.02 4.41 13.67
N PRO C 196 57.77 3.67 12.57
CA PRO C 196 57.99 2.23 12.53
C PRO C 196 59.46 1.81 12.51
N TYR C 197 60.31 2.60 11.86
CA TYR C 197 61.74 2.29 11.77
C TYR C 197 62.40 2.17 13.14
N GLN C 198 63.16 1.10 13.34
CA GLN C 198 63.88 0.90 14.59
C GLN C 198 65.32 1.37 14.45
N SER C 199 65.67 2.43 15.17
CA SER C 199 67.02 2.98 15.12
C SER C 199 67.94 2.30 16.12
N ILE C 200 69.11 1.88 15.64
CA ILE C 200 70.11 1.23 16.47
C ILE C 200 70.74 2.23 17.43
N THR C 201 71.12 3.40 16.91
CA THR C 201 71.76 4.43 17.72
C THR C 201 70.76 5.16 18.63
N PHE C 202 69.50 5.21 18.22
CA PHE C 202 68.46 5.84 19.03
C PHE C 202 67.24 4.93 19.15
N PRO C 203 67.29 3.98 20.08
CA PRO C 203 66.22 2.99 20.30
C PRO C 203 64.89 3.62 20.70
N GLU C 204 64.94 4.78 21.33
CA GLU C 204 63.74 5.45 21.83
C GLU C 204 62.84 6.05 20.76
N LEU C 205 63.36 6.16 19.53
CA LEU C 205 62.57 6.69 18.42
C LEU C 205 61.40 5.78 18.07
N SER C 206 61.67 4.50 17.89
CA SER C 206 60.63 3.53 17.56
C SER C 206 59.83 3.13 18.81
N ASN C 207 60.51 3.07 19.96
CA ASN C 207 59.87 2.70 21.22
C ASN C 207 58.75 3.64 21.64
N LYS C 208 58.90 4.91 21.29
CA LYS C 208 57.93 5.92 21.68
C LYS C 208 57.14 6.46 20.48
N GLY C 209 57.66 6.23 19.28
CA GLY C 209 57.06 6.80 18.07
C GLY C 209 56.12 5.91 17.28
N SER C 210 56.38 4.60 17.30
CA SER C 210 55.56 3.65 16.55
C SER C 210 54.15 3.53 17.12
N TYR C 211 53.23 3.00 16.31
CA TYR C 211 51.87 2.75 16.76
C TYR C 211 51.90 1.82 17.97
N SER C 212 52.63 0.73 17.84
CA SER C 212 52.84 -0.22 18.92
C SER C 212 54.15 -0.96 18.68
N LEU C 213 54.67 -1.60 19.73
CA LEU C 213 55.94 -2.31 19.65
C LEU C 213 55.98 -3.42 18.60
N SER C 214 54.81 -3.93 18.22
CA SER C 214 54.73 -4.96 17.19
C SER C 214 54.78 -4.35 15.80
N HIS C 215 54.35 -3.09 15.69
CA HIS C 215 54.36 -2.37 14.41
C HIS C 215 55.70 -1.68 14.21
N VAL C 216 56.77 -2.47 14.12
CA VAL C 216 58.12 -1.92 13.99
C VAL C 216 58.95 -2.70 12.97
N TYR C 217 59.83 -1.99 12.26
CA TYR C 217 60.73 -2.63 11.29
C TYR C 217 62.13 -2.80 11.89
N THR C 218 62.44 -4.03 12.28
CA THR C 218 63.75 -4.34 12.85
C THR C 218 64.85 -4.26 11.79
N PRO C 219 66.12 -4.12 12.23
CA PRO C 219 67.23 -4.09 11.30
C PRO C 219 67.19 -5.24 10.29
N ASN C 220 66.83 -6.44 10.75
CA ASN C 220 66.76 -7.60 9.87
C ASN C 220 65.59 -7.51 8.89
N ASP C 221 64.50 -6.88 9.33
CA ASP C 221 63.35 -6.68 8.46
C ASP C 221 63.73 -5.77 7.30
N VAL C 222 64.34 -4.64 7.63
CA VAL C 222 64.81 -3.68 6.64
C VAL C 222 65.86 -4.35 5.75
N ARG C 223 66.77 -5.08 6.39
CA ARG C 223 67.83 -5.80 5.70
C ARG C 223 67.25 -6.80 4.72
N MET C 224 66.17 -7.46 5.13
CA MET C 224 65.51 -8.48 4.31
C MET C 224 64.82 -7.85 3.09
N VAL C 225 64.24 -6.67 3.27
CA VAL C 225 63.58 -5.95 2.18
C VAL C 225 64.59 -5.49 1.14
N ILE C 226 65.71 -4.93 1.62
CA ILE C 226 66.76 -4.43 0.74
C ILE C 226 67.38 -5.55 -0.12
N GLU C 227 67.65 -6.69 0.50
CA GLU C 227 68.24 -7.82 -0.20
C GLU C 227 67.26 -8.49 -1.16
N TYR C 228 65.97 -8.45 -0.79
CA TYR C 228 64.93 -9.04 -1.61
C TYR C 228 64.74 -8.20 -2.88
N ALA C 229 64.94 -6.90 -2.74
CA ALA C 229 64.80 -5.98 -3.86
C ALA C 229 65.98 -6.08 -4.82
N ARG C 230 67.17 -6.30 -4.26
CA ARG C 230 68.39 -6.39 -5.06
C ARG C 230 68.33 -7.57 -6.04
N LEU C 231 67.76 -8.68 -5.59
CA LEU C 231 67.64 -9.88 -6.42
C LEU C 231 66.73 -9.61 -7.63
N ARG C 232 66.06 -8.47 -7.62
CA ARG C 232 65.15 -8.10 -8.69
C ARG C 232 65.51 -6.76 -9.33
N GLY C 233 66.75 -6.33 -9.12
CA GLY C 233 67.26 -5.08 -9.69
C GLY C 233 66.48 -3.86 -9.25
N ILE C 234 66.02 -3.87 -8.02
CA ILE C 234 65.23 -2.76 -7.49
C ILE C 234 65.97 -2.04 -6.37
N ARG C 235 66.08 -0.72 -6.49
CA ARG C 235 66.70 0.10 -5.46
C ARG C 235 65.75 0.32 -4.30
N VAL C 236 66.30 0.62 -3.14
CA VAL C 236 65.50 0.95 -1.98
C VAL C 236 65.81 2.37 -1.53
N LEU C 237 65.01 3.31 -2.00
CA LEU C 237 65.18 4.72 -1.67
C LEU C 237 64.46 5.04 -0.37
N PRO C 238 65.22 5.27 0.71
CA PRO C 238 64.63 5.59 2.00
C PRO C 238 64.33 7.08 2.14
N GLU C 239 63.21 7.40 2.76
CA GLU C 239 62.87 8.79 3.00
C GLU C 239 62.56 9.05 4.46
N PHE C 240 63.39 9.89 5.08
CA PHE C 240 63.17 10.29 6.46
C PHE C 240 62.80 11.76 6.50
N ASP C 241 61.61 12.04 5.95
CA ASP C 241 61.08 13.39 5.81
C ASP C 241 61.40 14.30 7.00
N THR C 242 61.89 15.50 6.68
CA THR C 242 62.27 16.48 7.70
C THR C 242 62.36 17.88 7.06
N PRO C 243 62.10 18.95 7.84
CA PRO C 243 61.73 18.97 9.26
C PRO C 243 60.22 18.81 9.48
N GLY C 244 59.45 18.83 8.40
CA GLY C 244 58.02 18.64 8.49
C GLY C 244 57.72 17.16 8.60
N HIS C 245 56.49 16.83 8.95
CA HIS C 245 56.06 15.44 9.08
C HIS C 245 56.99 14.67 10.02
N THR C 246 57.26 15.25 11.19
CA THR C 246 58.15 14.63 12.17
C THR C 246 57.56 14.68 13.58
N LEU C 247 56.25 14.49 13.68
CA LEU C 247 55.58 14.54 14.97
C LEU C 247 55.99 13.35 15.83
N SER C 248 56.14 12.18 15.21
CA SER C 248 56.50 10.95 15.92
C SER C 248 57.95 10.96 16.44
N TRP C 249 58.79 11.77 15.82
CA TRP C 249 60.21 11.87 16.21
C TRP C 249 60.36 12.48 17.60
N GLY C 250 59.53 13.48 17.90
CA GLY C 250 59.58 14.18 19.18
C GLY C 250 59.32 13.30 20.39
N LYS C 251 58.47 12.30 20.22
CA LYS C 251 58.17 11.38 21.30
C LYS C 251 59.42 10.60 21.73
N GLY C 252 60.34 10.41 20.80
CA GLY C 252 61.59 9.72 21.07
C GLY C 252 62.69 10.64 21.60
N GLN C 253 63.07 11.62 20.78
CA GLN C 253 64.10 12.61 21.16
C GLN C 253 63.42 13.82 21.80
N LYS C 254 63.78 14.13 23.05
CA LYS C 254 63.06 15.16 23.83
C LYS C 254 63.05 16.61 23.30
N ASP C 255 64.24 17.21 23.13
CA ASP C 255 64.30 18.61 22.67
C ASP C 255 64.56 18.73 21.17
N LEU C 256 64.00 17.80 20.40
CA LEU C 256 64.17 17.81 18.95
C LEU C 256 63.16 18.73 18.28
N LEU C 257 61.90 18.63 18.68
CA LEU C 257 60.83 19.42 18.07
C LEU C 257 60.65 20.80 18.71
N THR C 258 60.05 21.70 17.95
CA THR C 258 59.79 23.06 18.39
C THR C 258 58.51 23.13 19.20
N PRO C 259 58.60 23.57 20.47
CA PRO C 259 57.42 23.69 21.33
C PRO C 259 56.53 24.89 20.95
N CYS C 260 55.32 24.62 20.49
CA CYS C 260 54.38 25.68 20.14
C CYS C 260 53.94 26.42 21.40
N TYR C 261 54.56 27.57 21.64
CA TYR C 261 54.20 28.40 22.79
C TYR C 261 52.78 28.91 22.73
N SER C 262 51.94 28.41 23.64
CA SER C 262 50.54 28.79 23.72
C SER C 262 50.21 29.37 25.09
N LEU C 267 45.83 19.33 23.33
CA LEU C 267 47.13 19.03 23.91
C LEU C 267 48.14 20.15 23.65
N ASP C 268 49.26 20.12 24.35
CA ASP C 268 50.33 21.09 24.15
C ASP C 268 51.10 20.74 22.87
N SER C 269 50.57 21.17 21.74
CA SER C 269 51.11 20.84 20.42
C SER C 269 52.58 21.21 20.20
N PHE C 270 53.20 20.50 19.27
CA PHE C 270 54.58 20.76 18.86
C PHE C 270 54.59 21.14 17.38
N GLY C 271 55.74 21.62 16.91
CA GLY C 271 55.89 21.98 15.51
C GLY C 271 56.94 21.14 14.82
N PRO C 272 57.57 21.69 13.77
CA PRO C 272 58.62 20.98 13.04
C PRO C 272 59.90 20.89 13.88
N ILE C 273 60.92 20.24 13.32
CA ILE C 273 62.19 20.10 14.01
C ILE C 273 62.83 21.45 14.26
N ASN C 274 63.23 21.70 15.52
CA ASN C 274 63.86 22.95 15.91
C ASN C 274 65.25 23.09 15.28
N PRO C 275 65.38 24.02 14.32
CA PRO C 275 66.64 24.19 13.59
C PRO C 275 67.58 25.22 14.21
N THR C 276 67.34 25.56 15.48
CA THR C 276 68.18 26.54 16.16
C THR C 276 69.20 25.89 17.09
N LEU C 277 68.77 24.85 17.80
CA LEU C 277 69.65 24.13 18.74
C LEU C 277 70.75 23.35 18.04
N ASN C 278 71.93 23.33 18.65
CA ASN C 278 73.05 22.58 18.11
C ASN C 278 72.93 21.07 18.41
N THR C 279 72.00 20.73 19.31
CA THR C 279 71.74 19.34 19.67
C THR C 279 70.91 18.67 18.56
N THR C 280 70.30 19.49 17.71
CA THR C 280 69.50 19.00 16.60
C THR C 280 70.38 18.40 15.51
N TYR C 281 71.31 19.19 15.01
CA TYR C 281 72.20 18.77 13.94
C TYR C 281 73.20 17.73 14.44
N SER C 282 73.43 17.72 15.74
CA SER C 282 74.32 16.74 16.35
C SER C 282 73.59 15.40 16.41
N PHE C 283 72.27 15.46 16.55
CA PHE C 283 71.42 14.27 16.55
C PHE C 283 71.25 13.73 15.13
N LEU C 284 71.00 14.63 14.19
CA LEU C 284 70.81 14.27 12.79
C LEU C 284 72.06 13.64 12.18
N THR C 285 73.23 14.15 12.60
CA THR C 285 74.50 13.64 12.09
C THR C 285 74.68 12.17 12.44
N THR C 286 74.44 11.84 13.70
CA THR C 286 74.55 10.46 14.17
C THR C 286 73.44 9.60 13.56
N PHE C 287 72.26 10.20 13.37
CA PHE C 287 71.13 9.48 12.81
C PHE C 287 71.34 9.11 11.34
N PHE C 288 71.67 10.10 10.51
CA PHE C 288 71.89 9.86 9.08
C PHE C 288 73.16 9.08 8.79
N LYS C 289 74.06 9.03 9.76
CA LYS C 289 75.28 8.24 9.61
C LYS C 289 74.87 6.77 9.64
N GLU C 290 73.91 6.47 10.51
CA GLU C 290 73.36 5.11 10.62
C GLU C 290 72.58 4.76 9.34
N ILE C 291 71.77 5.70 8.87
CA ILE C 291 70.95 5.49 7.68
C ILE C 291 71.81 5.16 6.45
N SER C 292 72.99 5.77 6.38
CA SER C 292 73.90 5.54 5.27
C SER C 292 74.54 4.16 5.35
N GLU C 293 74.64 3.63 6.57
CA GLU C 293 75.19 2.30 6.79
C GLU C 293 74.14 1.23 6.48
N VAL C 294 72.91 1.51 6.87
CA VAL C 294 71.79 0.58 6.68
C VAL C 294 71.37 0.47 5.21
N PHE C 295 71.08 1.62 4.60
CA PHE C 295 70.65 1.66 3.19
C PHE C 295 71.83 1.83 2.24
N PRO C 296 72.06 0.82 1.39
CA PRO C 296 73.18 0.76 0.46
C PRO C 296 73.06 1.74 -0.71
N ASP C 297 71.84 2.11 -1.08
CA ASP C 297 71.62 3.00 -2.21
C ASP C 297 72.38 4.32 -2.08
N GLN C 298 72.79 4.88 -3.21
CA GLN C 298 73.56 6.12 -3.24
C GLN C 298 72.79 7.35 -2.74
N PHE C 299 71.46 7.29 -2.84
CA PHE C 299 70.62 8.45 -2.49
C PHE C 299 69.77 8.28 -1.23
N ILE C 300 69.49 9.40 -0.57
CA ILE C 300 68.65 9.43 0.62
C ILE C 300 67.67 10.60 0.50
N HIS C 301 66.37 10.28 0.51
CA HIS C 301 65.33 11.31 0.38
C HIS C 301 65.12 12.03 1.72
N LEU C 302 65.39 13.34 1.72
CA LEU C 302 65.31 14.13 2.96
C LEU C 302 63.92 14.71 3.25
N GLY C 303 63.09 14.77 2.22
CA GLY C 303 61.73 15.28 2.37
C GLY C 303 61.62 16.79 2.25
N GLY C 304 61.30 17.45 3.36
CA GLY C 304 61.20 18.91 3.38
C GLY C 304 59.97 19.46 2.67
N ASP C 305 58.84 18.79 2.83
CA ASP C 305 57.59 19.24 2.21
C ASP C 305 56.56 19.67 3.25
N GLU C 306 55.67 20.57 2.84
CA GLU C 306 54.58 21.07 3.69
C GLU C 306 55.08 21.46 5.09
N VAL C 307 55.97 22.45 5.14
CA VAL C 307 56.52 22.90 6.40
C VAL C 307 55.74 24.09 6.96
N GLU C 308 55.05 23.87 8.08
CA GLU C 308 54.27 24.91 8.73
C GLU C 308 55.13 25.79 9.62
N PHE C 309 55.31 27.04 9.22
CA PHE C 309 56.13 27.98 9.97
C PHE C 309 55.38 28.51 11.19
N LYS C 310 54.07 28.27 11.20
CA LYS C 310 53.20 28.73 12.29
C LYS C 310 53.86 28.62 13.66
N CYS C 311 54.43 27.46 13.94
CA CYS C 311 55.00 27.20 15.26
C CYS C 311 56.37 27.88 15.48
N TRP C 312 57.11 28.13 14.39
CA TRP C 312 58.40 28.82 14.50
C TRP C 312 58.23 30.29 14.86
N GLU C 313 57.11 30.87 14.41
CA GLU C 313 56.84 32.30 14.63
C GLU C 313 56.51 32.63 16.08
N SER C 314 55.89 31.67 16.78
CA SER C 314 55.47 31.88 18.16
C SER C 314 56.53 31.47 19.19
N ASN C 315 57.73 31.16 18.72
CA ASN C 315 58.80 30.74 19.61
C ASN C 315 59.86 31.84 19.80
N PRO C 316 59.95 32.37 21.04
CA PRO C 316 60.88 33.44 21.40
C PRO C 316 62.34 33.13 21.05
N LYS C 317 62.82 31.97 21.50
CA LYS C 317 64.22 31.57 21.25
C LYS C 317 64.56 31.58 19.77
N ILE C 318 63.57 31.25 18.93
CA ILE C 318 63.76 31.23 17.48
C ILE C 318 63.73 32.64 16.90
N GLN C 319 62.84 33.48 17.44
CA GLN C 319 62.75 34.88 17.01
C GLN C 319 64.10 35.56 17.18
N ASP C 320 64.84 35.15 18.20
CA ASP C 320 66.17 35.67 18.47
C ASP C 320 67.15 35.25 17.39
N PHE C 321 67.03 33.98 16.97
CA PHE C 321 67.91 33.43 15.94
C PHE C 321 67.65 34.10 14.59
N MET C 322 66.39 34.45 14.33
CA MET C 322 66.01 35.11 13.08
C MET C 322 66.72 36.44 12.90
N ARG C 323 66.88 37.18 13.99
CA ARG C 323 67.55 38.48 13.95
C ARG C 323 69.07 38.34 13.89
N GLN C 324 69.61 37.45 14.73
CA GLN C 324 71.05 37.24 14.81
C GLN C 324 71.65 36.74 13.49
N LYS C 325 70.79 36.44 12.52
CA LYS C 325 71.25 35.95 11.22
C LYS C 325 70.73 36.81 10.06
N GLY C 326 70.02 37.89 10.40
CA GLY C 326 69.48 38.79 9.38
C GLY C 326 68.44 38.10 8.50
N PHE C 327 67.56 37.34 9.13
CA PHE C 327 66.51 36.61 8.42
C PHE C 327 65.21 37.39 8.45
N GLY C 328 65.05 38.25 9.46
CA GLY C 328 63.86 39.07 9.60
C GLY C 328 62.62 38.26 9.94
N THR C 329 61.56 38.47 9.18
CA THR C 329 60.31 37.74 9.38
C THR C 329 60.05 36.78 8.21
N ASP C 330 61.12 36.47 7.48
CA ASP C 330 61.04 35.53 6.35
C ASP C 330 61.48 34.14 6.81
N PHE C 331 60.52 33.27 7.09
CA PHE C 331 60.83 31.93 7.59
C PHE C 331 61.18 30.92 6.51
N LYS C 332 61.18 31.35 5.25
CA LYS C 332 61.62 30.51 4.14
C LYS C 332 63.14 30.44 4.14
N LYS C 333 63.76 31.38 4.85
CA LYS C 333 65.21 31.41 4.99
C LYS C 333 65.63 30.46 6.11
N LEU C 334 64.76 30.31 7.11
CA LEU C 334 65.02 29.40 8.22
C LEU C 334 64.90 27.96 7.75
N GLU C 335 63.97 27.72 6.83
CA GLU C 335 63.80 26.41 6.23
C GLU C 335 64.98 26.11 5.32
N SER C 336 65.44 27.15 4.63
CA SER C 336 66.60 27.03 3.75
C SER C 336 67.86 26.78 4.57
N PHE C 337 67.95 27.48 5.70
CA PHE C 337 69.11 27.34 6.59
C PHE C 337 69.23 25.90 7.13
N TYR C 338 68.11 25.36 7.61
CA TYR C 338 68.08 24.01 8.15
C TYR C 338 68.44 22.97 7.10
N ILE C 339 67.75 23.00 5.96
CA ILE C 339 67.94 22.02 4.91
C ILE C 339 69.33 22.09 4.28
N GLN C 340 69.96 23.26 4.35
CA GLN C 340 71.31 23.44 3.82
C GLN C 340 72.35 22.72 4.69
N LYS C 341 72.16 22.78 6.01
CA LYS C 341 73.07 22.10 6.93
C LYS C 341 72.89 20.58 6.86
N VAL C 342 71.65 20.16 6.61
CA VAL C 342 71.33 18.74 6.48
C VAL C 342 71.88 18.16 5.17
N LEU C 343 71.70 18.89 4.08
CA LEU C 343 72.21 18.46 2.77
C LEU C 343 73.71 18.21 2.80
N ASP C 344 74.42 18.96 3.63
CA ASP C 344 75.86 18.82 3.76
C ASP C 344 76.21 17.59 4.60
N ILE C 345 75.42 17.35 5.65
CA ILE C 345 75.61 16.16 6.49
C ILE C 345 75.56 14.90 5.64
N ILE C 346 74.67 14.89 4.66
CA ILE C 346 74.54 13.77 3.75
C ILE C 346 75.72 13.75 2.78
N ALA C 347 76.13 14.93 2.33
CA ALA C 347 77.26 15.06 1.40
C ALA C 347 78.59 14.73 2.08
N THR C 348 78.63 14.84 3.40
CA THR C 348 79.83 14.52 4.16
C THR C 348 80.03 13.01 4.21
N ILE C 349 78.92 12.27 4.15
CA ILE C 349 78.96 10.82 4.15
C ILE C 349 78.99 10.29 2.72
N ASN C 350 79.45 11.13 1.79
CA ASN C 350 79.52 10.76 0.38
C ASN C 350 78.25 10.06 -0.08
N LYS C 351 77.11 10.73 0.12
CA LYS C 351 75.81 10.17 -0.21
C LYS C 351 74.99 11.22 -0.95
N GLY C 352 74.23 10.79 -1.96
CA GLY C 352 73.38 11.69 -2.73
C GLY C 352 72.14 12.10 -1.97
N SER C 353 71.45 13.13 -2.45
CA SER C 353 70.26 13.64 -1.78
C SER C 353 69.10 13.93 -2.73
N ILE C 354 67.92 13.45 -2.37
CA ILE C 354 66.69 13.76 -3.11
C ILE C 354 65.75 14.51 -2.18
N VAL C 355 65.07 15.51 -2.71
CA VAL C 355 64.21 16.36 -1.88
C VAL C 355 62.90 16.75 -2.60
N TRP C 356 61.88 17.11 -1.82
CA TRP C 356 60.61 17.55 -2.39
C TRP C 356 60.76 18.97 -2.98
N GLN C 357 59.81 19.34 -3.84
CA GLN C 357 59.89 20.61 -4.56
C GLN C 357 59.85 21.87 -3.68
N GLU C 358 59.22 21.78 -2.51
CA GLU C 358 59.13 22.93 -1.59
C GLU C 358 60.49 23.57 -1.33
N VAL C 359 61.50 22.73 -1.11
CA VAL C 359 62.84 23.21 -0.82
C VAL C 359 63.43 24.07 -1.94
N PHE C 360 63.27 23.63 -3.18
CA PHE C 360 63.77 24.40 -4.33
C PHE C 360 62.97 25.68 -4.54
N ASP C 361 61.66 25.61 -4.29
CA ASP C 361 60.78 26.76 -4.46
C ASP C 361 61.01 27.85 -3.43
N ASP C 362 61.51 27.45 -2.27
CA ASP C 362 61.80 28.41 -1.19
C ASP C 362 63.22 28.97 -1.29
N LYS C 363 63.83 28.79 -2.47
CA LYS C 363 65.15 29.33 -2.78
C LYS C 363 66.29 28.86 -1.88
N ALA C 364 66.30 27.56 -1.57
CA ALA C 364 67.37 26.98 -0.76
C ALA C 364 68.61 26.76 -1.62
N LYS C 365 69.78 26.92 -1.03
CA LYS C 365 71.01 26.69 -1.75
C LYS C 365 71.29 25.20 -1.81
N LEU C 366 71.04 24.62 -2.98
CA LEU C 366 71.20 23.17 -3.17
C LEU C 366 72.62 22.81 -3.60
N ALA C 367 72.96 21.53 -3.44
CA ALA C 367 74.28 21.03 -3.82
C ALA C 367 74.21 20.39 -5.20
N PRO C 368 75.07 20.85 -6.13
CA PRO C 368 75.13 20.30 -7.48
C PRO C 368 74.95 18.79 -7.47
N GLY C 369 73.89 18.31 -8.10
CA GLY C 369 73.60 16.89 -8.15
C GLY C 369 72.36 16.53 -7.36
N THR C 370 71.90 17.45 -6.51
CA THR C 370 70.70 17.24 -5.71
C THR C 370 69.48 17.05 -6.60
N ILE C 371 68.78 15.95 -6.41
CA ILE C 371 67.60 15.65 -7.21
C ILE C 371 66.33 16.21 -6.56
N VAL C 372 65.54 16.92 -7.35
CA VAL C 372 64.30 17.50 -6.86
C VAL C 372 63.10 16.72 -7.41
N GLU C 373 62.13 16.43 -6.55
CA GLU C 373 60.94 15.71 -6.98
C GLU C 373 59.71 16.61 -6.99
N VAL C 374 59.05 16.68 -8.15
CA VAL C 374 57.86 17.51 -8.33
C VAL C 374 56.60 16.71 -8.00
N TRP C 375 55.89 17.12 -6.95
CA TRP C 375 54.70 16.41 -6.52
C TRP C 375 53.41 17.22 -6.65
N LYS C 376 53.55 18.56 -6.62
CA LYS C 376 52.39 19.44 -6.72
C LYS C 376 51.79 19.43 -8.14
N ASP C 377 50.48 19.21 -8.21
CA ASP C 377 49.77 19.13 -9.49
C ASP C 377 49.45 20.51 -10.07
N SER C 378 49.75 21.55 -9.31
CA SER C 378 49.49 22.92 -9.74
C SER C 378 50.55 23.40 -10.72
N ALA C 379 50.33 23.14 -12.01
CA ALA C 379 51.26 23.52 -13.07
C ALA C 379 52.66 22.95 -12.83
N TYR C 380 52.82 21.66 -13.12
CA TYR C 380 54.11 20.99 -12.92
C TYR C 380 55.07 21.09 -14.11
N PRO C 381 54.55 21.25 -15.34
CA PRO C 381 55.44 21.40 -16.48
C PRO C 381 56.36 22.62 -16.33
N GLU C 382 55.83 23.71 -15.79
CA GLU C 382 56.62 24.92 -15.53
C GLU C 382 57.62 24.66 -14.41
N GLU C 383 57.27 23.76 -13.50
CA GLU C 383 58.14 23.40 -12.39
C GLU C 383 59.32 22.57 -12.88
N LEU C 384 59.05 21.68 -13.83
CA LEU C 384 60.10 20.86 -14.44
C LEU C 384 61.09 21.73 -15.19
N SER C 385 60.60 22.87 -15.69
CA SER C 385 61.43 23.80 -16.44
C SER C 385 62.42 24.54 -15.54
N ARG C 386 61.94 25.06 -14.42
CA ARG C 386 62.79 25.82 -13.48
C ARG C 386 63.90 24.98 -12.85
N VAL C 387 63.56 23.77 -12.41
CA VAL C 387 64.53 22.87 -11.78
C VAL C 387 65.64 22.48 -12.74
N THR C 388 65.27 22.17 -13.98
CA THR C 388 66.23 21.80 -15.01
C THR C 388 67.00 23.02 -15.53
N ALA C 389 66.43 24.21 -15.31
CA ALA C 389 67.09 25.45 -15.71
C ALA C 389 68.22 25.80 -14.74
N SER C 390 68.03 25.42 -13.48
CA SER C 390 69.03 25.67 -12.45
C SER C 390 70.15 24.62 -12.51
N GLY C 391 69.93 23.57 -13.28
CA GLY C 391 70.94 22.53 -13.47
C GLY C 391 70.80 21.33 -12.54
N PHE C 392 69.63 21.16 -11.94
CA PHE C 392 69.38 20.05 -11.04
C PHE C 392 68.53 18.96 -11.70
N PRO C 393 68.88 17.68 -11.45
CA PRO C 393 68.09 16.56 -11.96
C PRO C 393 66.70 16.56 -11.32
N VAL C 394 65.70 16.07 -12.05
CA VAL C 394 64.32 16.14 -11.56
C VAL C 394 63.52 14.84 -11.74
N ILE C 395 62.68 14.55 -10.76
CA ILE C 395 61.79 13.39 -10.79
C ILE C 395 60.35 13.89 -10.78
N LEU C 396 59.47 13.22 -11.52
CA LEU C 396 58.06 13.64 -11.61
C LEU C 396 57.10 12.64 -10.97
N SER C 397 56.30 13.14 -10.02
CA SER C 397 55.32 12.30 -9.34
C SER C 397 53.95 12.98 -9.24
N ALA C 398 53.88 14.22 -9.72
CA ALA C 398 52.66 15.02 -9.63
C ALA C 398 51.40 14.40 -10.29
N PRO C 399 51.53 13.94 -11.55
CA PRO C 399 50.35 13.40 -12.23
C PRO C 399 50.11 11.92 -11.93
N TRP C 400 50.82 11.38 -10.95
CA TRP C 400 50.67 9.97 -10.60
C TRP C 400 50.45 9.70 -9.11
N TYR C 401 49.48 10.40 -8.54
CA TYR C 401 49.08 10.16 -7.14
C TYR C 401 47.93 9.15 -7.12
N LEU C 402 48.29 7.87 -7.16
CA LEU C 402 47.31 6.79 -7.25
C LEU C 402 46.40 6.68 -6.04
N ASP C 403 46.86 7.18 -4.89
CA ASP C 403 46.05 7.16 -3.68
C ASP C 403 44.78 7.97 -3.90
N LEU C 404 44.86 8.98 -4.76
CA LEU C 404 43.69 9.77 -5.14
C LEU C 404 42.90 8.96 -6.16
N ILE C 405 41.93 8.20 -5.66
CA ILE C 405 41.15 7.30 -6.50
C ILE C 405 39.89 7.94 -7.08
N SER C 406 39.39 7.34 -8.14
CA SER C 406 38.17 7.80 -8.80
C SER C 406 37.48 6.62 -9.50
N TYR C 407 36.19 6.77 -9.78
CA TYR C 407 35.42 5.71 -10.43
C TYR C 407 35.78 5.56 -11.91
N GLY C 408 35.95 4.31 -12.35
CA GLY C 408 36.21 4.03 -13.75
C GLY C 408 37.64 3.64 -14.06
N GLN C 409 37.99 3.69 -15.34
CA GLN C 409 39.33 3.33 -15.81
C GLN C 409 40.26 4.53 -15.75
N ASP C 410 40.65 4.93 -14.55
CA ASP C 410 41.56 6.07 -14.38
C ASP C 410 43.00 5.74 -14.76
N TRP C 411 43.26 4.49 -15.13
CA TRP C 411 44.58 4.08 -15.56
C TRP C 411 44.94 4.78 -16.86
N ARG C 412 43.92 5.05 -17.67
CA ARG C 412 44.09 5.75 -18.93
C ARG C 412 44.63 7.15 -18.67
N LYS C 413 44.16 7.77 -17.60
CA LYS C 413 44.61 9.10 -17.21
C LYS C 413 46.09 9.10 -16.86
N TYR C 414 46.55 8.02 -16.22
CA TYR C 414 47.96 7.90 -15.86
C TYR C 414 48.80 7.45 -17.05
N TYR C 415 48.15 6.84 -18.03
CA TYR C 415 48.81 6.34 -19.23
C TYR C 415 48.99 7.45 -20.27
N LYS C 416 48.04 8.38 -20.33
CA LYS C 416 48.07 9.47 -21.30
C LYS C 416 48.92 10.65 -20.85
N VAL C 417 49.98 10.38 -20.08
CA VAL C 417 50.83 11.45 -19.58
C VAL C 417 52.20 11.43 -20.25
N GLU C 418 52.52 12.53 -20.95
CA GLU C 418 53.85 12.69 -21.53
C GLU C 418 54.69 13.57 -20.63
N PRO C 419 55.67 12.96 -19.94
CA PRO C 419 56.50 13.64 -18.95
C PRO C 419 57.43 14.72 -19.52
N LEU C 420 57.87 14.54 -20.77
CA LEU C 420 58.80 15.49 -21.39
C LEU C 420 58.10 16.69 -22.04
N ASP C 421 56.83 16.91 -21.68
CA ASP C 421 56.09 18.05 -22.21
C ASP C 421 56.21 19.27 -21.31
N PHE C 422 57.29 20.03 -21.51
CA PHE C 422 57.53 21.26 -20.78
C PHE C 422 58.61 22.08 -21.50
N GLY C 423 58.73 23.35 -21.13
CA GLY C 423 59.71 24.23 -21.77
C GLY C 423 61.15 23.86 -21.46
N GLY C 424 61.97 23.76 -22.49
CA GLY C 424 63.38 23.42 -22.32
C GLY C 424 64.01 22.79 -23.55
N THR C 425 65.34 22.73 -23.56
CA THR C 425 66.09 22.13 -24.67
C THR C 425 66.51 20.69 -24.33
N GLN C 426 67.20 20.04 -25.27
CA GLN C 426 67.69 18.68 -25.05
C GLN C 426 68.69 18.63 -23.90
N LYS C 427 69.54 19.65 -23.83
CA LYS C 427 70.53 19.77 -22.75
C LYS C 427 69.80 19.94 -21.41
N GLN C 428 68.57 20.41 -21.48
CA GLN C 428 67.76 20.64 -20.28
C GLN C 428 66.82 19.45 -20.00
N LYS C 429 66.34 18.81 -21.07
CA LYS C 429 65.48 17.63 -20.94
C LYS C 429 66.25 16.39 -20.50
N GLN C 430 67.57 16.51 -20.46
CA GLN C 430 68.42 15.40 -20.12
C GLN C 430 68.58 15.26 -18.61
N LEU C 431 68.10 16.28 -17.88
CA LEU C 431 68.14 16.25 -16.42
C LEU C 431 66.91 15.56 -15.83
N PHE C 432 65.91 15.32 -16.67
CA PHE C 432 64.71 14.60 -16.25
C PHE C 432 65.04 13.12 -16.22
N ILE C 433 65.31 12.60 -15.03
CA ILE C 433 65.76 11.21 -14.88
C ILE C 433 64.62 10.17 -14.81
N GLY C 434 63.43 10.61 -14.44
CA GLY C 434 62.29 9.69 -14.37
C GLY C 434 61.10 10.19 -13.56
N GLY C 435 60.27 9.25 -13.11
CA GLY C 435 59.08 9.59 -12.34
C GLY C 435 58.69 8.52 -11.33
N GLU C 436 57.69 8.82 -10.51
CA GLU C 436 57.22 7.88 -9.48
C GLU C 436 55.70 7.89 -9.33
N ALA C 437 55.12 6.70 -9.17
CA ALA C 437 53.70 6.56 -8.90
C ALA C 437 53.52 6.47 -7.38
N CYS C 438 52.82 7.43 -6.81
CA CYS C 438 52.66 7.49 -5.36
C CYS C 438 51.35 6.90 -4.86
N LEU C 439 51.45 6.08 -3.82
CA LEU C 439 50.28 5.51 -3.17
C LEU C 439 50.37 5.79 -1.68
N TRP C 440 50.10 7.04 -1.30
CA TRP C 440 50.17 7.45 0.10
C TRP C 440 49.20 6.65 0.96
N GLY C 441 49.57 6.46 2.22
CA GLY C 441 48.82 5.57 3.10
C GLY C 441 47.78 6.17 4.04
N GLU C 442 47.22 7.31 3.67
CA GLU C 442 46.15 7.91 4.48
C GLU C 442 44.98 6.95 4.61
N TYR C 443 44.63 6.30 3.50
CA TYR C 443 43.53 5.35 3.47
C TYR C 443 43.97 4.03 2.85
N VAL C 444 45.21 3.65 3.11
CA VAL C 444 45.77 2.42 2.54
C VAL C 444 46.55 1.59 3.56
N ASP C 445 46.27 0.29 3.60
CA ASP C 445 47.05 -0.66 4.39
C ASP C 445 47.04 -2.01 3.68
N ALA C 446 47.39 -3.07 4.40
CA ALA C 446 47.49 -4.40 3.80
C ALA C 446 46.18 -4.91 3.18
N THR C 447 45.06 -4.32 3.59
CA THR C 447 43.75 -4.77 3.12
C THR C 447 43.35 -4.31 1.71
N ASN C 448 43.85 -3.14 1.30
CA ASN C 448 43.47 -2.60 -0.01
C ASN C 448 44.65 -2.15 -0.88
N LEU C 449 45.87 -2.27 -0.37
CA LEU C 449 47.05 -1.82 -1.08
C LEU C 449 47.19 -2.43 -2.48
N THR C 450 47.33 -3.75 -2.54
CA THR C 450 47.58 -4.46 -3.80
C THR C 450 46.53 -4.16 -4.90
N PRO C 451 45.23 -4.35 -4.60
CA PRO C 451 44.20 -4.09 -5.61
C PRO C 451 44.18 -2.64 -6.07
N ARG C 452 44.36 -1.72 -5.15
CA ARG C 452 44.35 -0.29 -5.48
C ARG C 452 45.59 0.13 -6.25
N LEU C 453 46.69 -0.60 -6.06
CA LEU C 453 47.96 -0.26 -6.70
C LEU C 453 48.07 -0.84 -8.11
N TRP C 454 47.67 -2.09 -8.28
CA TRP C 454 47.78 -2.77 -9.57
C TRP C 454 46.39 -3.07 -10.17
N PRO C 455 46.26 -3.01 -11.51
CA PRO C 455 47.31 -2.69 -12.48
C PRO C 455 47.33 -1.20 -12.82
N ARG C 456 47.05 -0.37 -11.83
CA ARG C 456 47.06 1.08 -11.99
C ARG C 456 48.47 1.57 -12.29
N ALA C 457 49.42 1.17 -11.44
CA ALA C 457 50.81 1.58 -11.60
C ALA C 457 51.46 1.02 -12.86
N SER C 458 50.83 0.00 -13.45
CA SER C 458 51.33 -0.59 -14.68
C SER C 458 51.35 0.44 -15.79
N ALA C 459 50.33 1.30 -15.80
CA ALA C 459 50.24 2.38 -16.78
C ALA C 459 51.41 3.34 -16.64
N VAL C 460 51.85 3.55 -15.40
CA VAL C 460 53.00 4.40 -15.12
C VAL C 460 54.27 3.66 -15.52
N GLY C 461 54.25 2.35 -15.37
CA GLY C 461 55.38 1.50 -15.70
C GLY C 461 55.77 1.56 -17.16
N GLU C 462 54.79 1.34 -18.04
CA GLU C 462 55.03 1.37 -19.47
C GLU C 462 55.41 2.76 -19.98
N ARG C 463 54.80 3.78 -19.40
CA ARG C 463 55.08 5.16 -19.80
C ARG C 463 56.52 5.56 -19.43
N LEU C 464 57.02 5.03 -18.32
CA LEU C 464 58.38 5.31 -17.88
C LEU C 464 59.41 4.39 -18.55
N TRP C 465 58.93 3.28 -19.13
CA TRP C 465 59.83 2.34 -19.79
C TRP C 465 59.79 2.45 -21.31
N SER C 466 58.61 2.26 -21.89
CA SER C 466 58.44 2.29 -23.33
C SER C 466 58.67 3.68 -23.92
N SER C 467 58.93 3.73 -25.23
CA SER C 467 59.20 4.98 -25.92
C SER C 467 57.97 5.90 -25.99
N LYS C 468 58.23 7.19 -26.24
CA LYS C 468 57.19 8.21 -26.27
C LYS C 468 56.04 7.92 -27.24
N ASP C 469 56.37 7.43 -28.43
CA ASP C 469 55.37 7.21 -29.49
C ASP C 469 54.44 6.00 -29.28
N VAL C 470 54.63 5.27 -28.18
CA VAL C 470 53.72 4.17 -27.83
C VAL C 470 52.48 4.79 -27.19
N ARG C 471 51.42 4.94 -27.98
CA ARG C 471 50.23 5.69 -27.52
C ARG C 471 48.88 5.02 -27.76
N ASP C 472 48.82 4.05 -28.66
CA ASP C 472 47.55 3.39 -28.98
C ASP C 472 46.80 2.99 -27.72
N MET C 473 45.61 3.58 -27.52
CA MET C 473 44.81 3.30 -26.34
C MET C 473 44.09 1.94 -26.41
N ASP C 474 43.71 1.54 -27.62
CA ASP C 474 43.05 0.24 -27.81
C ASP C 474 44.02 -0.91 -27.59
N ASP C 475 45.27 -0.72 -28.00
CA ASP C 475 46.29 -1.74 -27.82
C ASP C 475 46.70 -1.81 -26.35
N ALA C 476 46.63 -0.67 -25.67
CA ALA C 476 46.97 -0.59 -24.25
C ALA C 476 45.97 -1.41 -23.44
N TYR C 477 44.68 -1.26 -23.76
CA TYR C 477 43.63 -2.00 -23.09
C TYR C 477 43.79 -3.51 -23.28
N ASP C 478 44.12 -3.90 -24.51
CA ASP C 478 44.28 -5.31 -24.85
C ASP C 478 45.48 -5.92 -24.12
N ARG C 479 46.62 -5.23 -24.15
CA ARG C 479 47.84 -5.74 -23.53
C ARG C 479 47.85 -5.61 -22.00
N LEU C 480 46.95 -4.81 -21.45
CA LEU C 480 46.91 -4.62 -20.00
C LEU C 480 45.98 -5.59 -19.28
N THR C 481 44.88 -5.97 -19.94
CA THR C 481 43.94 -6.93 -19.34
C THR C 481 44.57 -8.31 -19.26
N ARG C 482 45.23 -8.72 -20.34
CA ARG C 482 45.89 -10.01 -20.41
C ARG C 482 47.11 -10.06 -19.49
N HIS C 483 47.70 -8.89 -19.24
CA HIS C 483 48.83 -8.78 -18.33
C HIS C 483 48.34 -8.70 -16.89
N ARG C 484 47.10 -8.23 -16.73
CA ARG C 484 46.47 -8.14 -15.41
C ARG C 484 46.12 -9.53 -14.91
N CYS C 485 45.68 -10.39 -15.83
CA CYS C 485 45.38 -11.78 -15.49
C CYS C 485 46.66 -12.51 -15.14
N ARG C 486 47.76 -12.10 -15.78
CA ARG C 486 49.07 -12.73 -15.55
C ARG C 486 49.58 -12.48 -14.14
N MET C 487 49.39 -11.24 -13.65
CA MET C 487 49.79 -10.92 -12.29
C MET C 487 49.01 -11.79 -11.31
N VAL C 488 47.73 -11.98 -11.58
CA VAL C 488 46.86 -12.82 -10.76
C VAL C 488 47.35 -14.27 -10.78
N GLU C 489 47.79 -14.74 -11.94
CA GLU C 489 48.35 -16.08 -12.08
C GLU C 489 49.58 -16.23 -11.17
N ARG C 490 50.30 -15.12 -10.98
CA ARG C 490 51.52 -15.12 -10.19
C ARG C 490 51.29 -14.66 -8.75
N GLY C 491 50.05 -14.73 -8.29
CA GLY C 491 49.71 -14.41 -6.90
C GLY C 491 49.60 -12.92 -6.57
N ILE C 492 49.38 -12.10 -7.59
CA ILE C 492 49.21 -10.66 -7.38
C ILE C 492 47.75 -10.25 -7.55
N ALA C 493 47.14 -9.78 -6.47
CA ALA C 493 45.74 -9.42 -6.48
C ALA C 493 45.48 -8.04 -7.12
N ALA C 494 45.58 -7.98 -8.45
CA ALA C 494 45.34 -6.74 -9.19
C ALA C 494 43.87 -6.63 -9.58
N GLN C 495 43.29 -5.45 -9.34
CA GLN C 495 41.87 -5.21 -9.65
C GLN C 495 41.61 -5.18 -11.16
N PRO C 496 40.40 -5.56 -11.57
CA PRO C 496 40.07 -5.62 -13.01
C PRO C 496 39.95 -4.26 -13.65
N LEU C 497 40.25 -4.18 -14.95
CA LEU C 497 40.13 -2.94 -15.70
C LEU C 497 38.69 -2.69 -16.10
N TYR C 498 38.01 -3.76 -16.49
CA TYR C 498 36.63 -3.68 -16.92
C TYR C 498 35.99 -5.07 -16.80
N ALA C 499 34.69 -5.15 -17.09
CA ALA C 499 33.97 -6.43 -17.01
C ALA C 499 34.65 -7.50 -17.84
N GLY C 500 34.70 -8.72 -17.30
CA GLY C 500 35.32 -9.85 -18.00
C GLY C 500 35.72 -10.96 -17.06
N TYR C 501 36.76 -11.71 -17.45
CA TYR C 501 37.24 -12.83 -16.65
C TYR C 501 38.66 -13.24 -17.06
N CYS C 502 39.30 -14.04 -16.21
CA CYS C 502 40.65 -14.54 -16.50
C CYS C 502 40.62 -16.06 -16.65
N ASN C 503 41.74 -16.63 -17.12
CA ASN C 503 41.85 -18.07 -17.38
C ASN C 503 41.31 -18.46 -18.76
N LEU D 1 30.05 -0.60 19.24
CA LEU D 1 28.96 -1.51 18.80
C LEU D 1 28.37 -1.01 17.49
N TRP D 2 28.25 -1.90 16.51
CA TRP D 2 27.71 -1.54 15.21
C TRP D 2 26.74 -2.58 14.68
N PRO D 3 25.52 -2.14 14.30
CA PRO D 3 25.08 -0.76 14.41
C PRO D 3 24.65 -0.41 15.84
N TRP D 4 24.21 0.84 16.04
CA TRP D 4 23.82 1.30 17.36
C TRP D 4 22.35 0.99 17.64
N PRO D 5 22.08 0.32 18.77
CA PRO D 5 20.73 -0.08 19.17
C PRO D 5 19.80 1.10 19.45
N GLN D 6 18.49 0.82 19.47
CA GLN D 6 17.48 1.85 19.73
C GLN D 6 17.62 2.39 21.15
N ASN D 7 17.51 1.51 22.14
CA ASN D 7 17.71 1.88 23.54
C ASN D 7 18.98 1.22 24.08
N PHE D 8 19.72 1.93 24.90
CA PHE D 8 21.01 1.43 25.38
C PHE D 8 21.43 2.00 26.75
N GLN D 9 21.19 1.23 27.81
CA GLN D 9 21.67 1.60 29.14
C GLN D 9 23.00 0.91 29.42
N THR D 10 24.06 1.70 29.52
CA THR D 10 25.40 1.16 29.76
C THR D 10 25.89 1.50 31.17
N SER D 11 26.96 0.81 31.58
CA SER D 11 27.55 1.03 32.90
C SER D 11 29.00 0.57 32.93
N ASP D 12 29.71 0.95 33.99
CA ASP D 12 31.11 0.55 34.17
C ASP D 12 31.22 -0.71 35.02
N GLN D 13 30.08 -1.28 35.39
CA GLN D 13 30.05 -2.52 36.16
C GLN D 13 30.61 -3.68 35.34
N ARG D 14 31.76 -4.19 35.77
CA ARG D 14 32.46 -5.25 35.06
C ARG D 14 32.04 -6.65 35.50
N TYR D 15 32.04 -7.58 34.55
CA TYR D 15 31.75 -8.99 34.84
C TYR D 15 32.78 -9.86 34.13
N VAL D 16 33.37 -10.79 34.87
CA VAL D 16 34.40 -11.65 34.32
C VAL D 16 33.82 -12.81 33.49
N LEU D 17 34.56 -13.21 32.46
CA LEU D 17 34.15 -14.32 31.59
C LEU D 17 35.14 -15.46 31.66
N TYR D 18 34.74 -16.61 31.12
CA TYR D 18 35.60 -17.78 31.05
C TYR D 18 35.46 -18.44 29.69
N PRO D 19 36.27 -18.01 28.72
CA PRO D 19 36.27 -18.49 27.34
C PRO D 19 36.19 -20.02 27.23
N ASN D 20 37.14 -20.70 27.86
CA ASN D 20 37.20 -22.17 27.80
C ASN D 20 35.84 -22.85 27.73
N ASN D 21 35.00 -22.60 28.73
CA ASN D 21 33.67 -23.19 28.75
C ASN D 21 32.53 -22.25 29.15
N PHE D 22 32.37 -21.18 28.38
CA PHE D 22 31.24 -20.27 28.53
C PHE D 22 30.12 -20.86 27.68
N GLN D 23 29.01 -21.19 28.32
CA GLN D 23 27.93 -21.90 27.63
C GLN D 23 26.69 -21.08 27.30
N PHE D 24 26.12 -21.35 26.13
CA PHE D 24 24.86 -20.76 25.71
C PHE D 24 23.79 -21.80 26.01
N GLN D 25 22.70 -21.38 26.65
CA GLN D 25 21.63 -22.32 26.96
C GLN D 25 20.26 -21.71 26.80
N TYR D 26 19.28 -22.56 26.54
CA TYR D 26 17.90 -22.12 26.42
C TYR D 26 17.26 -22.10 27.78
N ASP D 27 16.09 -21.49 27.87
CA ASP D 27 15.33 -21.59 29.09
C ASP D 27 14.06 -22.43 28.86
N VAL D 28 13.63 -23.13 29.95
CA VAL D 28 12.46 -24.10 30.00
C VAL D 28 11.34 -23.80 29.00
N SER D 29 11.31 -22.52 28.25
CA SER D 29 10.59 -21.49 28.98
C SER D 29 10.24 -20.85 27.65
N SER D 30 11.25 -21.14 26.78
CA SER D 30 11.33 -20.70 25.39
C SER D 30 10.61 -21.57 24.38
N ALA D 31 10.23 -20.92 23.29
CA ALA D 31 9.64 -21.58 22.15
C ALA D 31 10.73 -22.34 21.40
N ALA D 32 11.94 -21.78 21.41
CA ALA D 32 13.08 -22.43 20.77
C ALA D 32 13.81 -23.30 21.79
N GLN D 33 14.04 -24.55 21.43
CA GLN D 33 14.67 -25.50 22.33
C GLN D 33 15.68 -26.33 21.53
N PRO D 34 16.60 -27.04 22.22
CA PRO D 34 17.56 -27.89 21.52
C PRO D 34 16.91 -28.61 20.34
N GLY D 35 17.29 -28.22 19.13
CA GLY D 35 16.69 -28.74 17.91
C GLY D 35 16.51 -27.58 16.95
N CYS D 36 16.65 -26.38 17.49
CA CYS D 36 16.58 -25.16 16.70
C CYS D 36 17.83 -25.07 15.82
N SER D 37 17.66 -25.41 14.55
CA SER D 37 18.77 -25.43 13.60
C SER D 37 19.56 -24.12 13.59
N VAL D 38 18.84 -23.00 13.70
CA VAL D 38 19.45 -21.69 13.65
C VAL D 38 20.32 -21.38 14.89
N LEU D 39 19.74 -21.51 16.07
CA LEU D 39 20.43 -21.19 17.33
C LEU D 39 21.58 -22.16 17.67
N ASP D 40 21.33 -23.47 17.57
CA ASP D 40 22.37 -24.47 17.84
C ASP D 40 23.66 -24.11 17.11
N GLU D 41 23.55 -23.77 15.82
CA GLU D 41 24.70 -23.35 15.02
C GLU D 41 25.24 -21.99 15.44
N ALA D 42 24.33 -21.07 15.77
CA ALA D 42 24.72 -19.74 16.18
C ALA D 42 25.55 -19.75 17.45
N PHE D 43 25.19 -20.63 18.38
CA PHE D 43 25.91 -20.73 19.64
C PHE D 43 27.36 -21.16 19.44
N GLN D 44 27.57 -22.08 18.49
CA GLN D 44 28.93 -22.56 18.20
C GLN D 44 29.72 -21.56 17.35
N ARG D 45 29.06 -21.00 16.34
CA ARG D 45 29.70 -20.02 15.46
C ARG D 45 30.17 -18.81 16.26
N TYR D 46 29.34 -18.34 17.18
CA TYR D 46 29.71 -17.21 18.02
C TYR D 46 30.73 -17.57 19.10
N ARG D 47 30.73 -18.82 19.52
CA ARG D 47 31.72 -19.29 20.46
C ARG D 47 33.11 -19.28 19.82
N ASP D 48 33.16 -19.57 18.52
CA ASP D 48 34.41 -19.55 17.77
C ASP D 48 34.92 -18.12 17.59
N LEU D 49 34.01 -17.21 17.21
CA LEU D 49 34.36 -15.81 17.01
C LEU D 49 34.89 -15.15 18.28
N LEU D 50 34.26 -15.44 19.40
CA LEU D 50 34.66 -14.87 20.68
C LEU D 50 35.90 -15.55 21.26
N PHE D 51 35.95 -16.87 21.14
CA PHE D 51 37.04 -17.63 21.73
C PHE D 51 37.60 -18.66 20.75
N GLY D 52 38.92 -18.63 20.56
CA GLY D 52 39.58 -19.56 19.65
C GLY D 52 40.10 -18.87 18.40
N THR D 67 31.39 -9.80 39.46
CA THR D 67 31.53 -11.20 39.83
C THR D 67 31.97 -12.02 38.62
N LEU D 68 31.23 -13.08 38.32
CA LEU D 68 31.54 -13.92 37.16
C LEU D 68 30.28 -14.34 36.39
N GLU D 69 30.39 -14.37 35.06
CA GLU D 69 29.30 -14.80 34.20
C GLU D 69 29.77 -15.99 33.36
N LYS D 70 29.08 -17.11 33.47
CA LYS D 70 29.47 -18.32 32.75
C LYS D 70 28.41 -18.77 31.76
N ASN D 71 27.31 -18.04 31.67
CA ASN D 71 26.19 -18.44 30.82
C ASN D 71 25.27 -17.29 30.41
N VAL D 72 24.74 -17.38 29.20
CA VAL D 72 23.77 -16.41 28.69
C VAL D 72 22.49 -17.13 28.27
N LEU D 73 21.41 -16.88 29.00
CA LEU D 73 20.12 -17.52 28.72
C LEU D 73 19.45 -16.93 27.49
N VAL D 74 18.96 -17.81 26.61
CA VAL D 74 18.28 -17.37 25.40
C VAL D 74 16.85 -17.90 25.39
N VAL D 75 15.89 -17.00 25.14
CA VAL D 75 14.48 -17.38 25.10
C VAL D 75 13.73 -16.72 23.97
N SER D 76 13.24 -17.53 23.04
CA SER D 76 12.41 -17.05 21.96
C SER D 76 10.95 -17.36 22.31
N VAL D 77 10.06 -16.38 22.12
CA VAL D 77 8.66 -16.57 22.50
C VAL D 77 7.79 -17.11 21.36
N VAL D 78 8.01 -16.61 20.15
CA VAL D 78 7.25 -17.04 18.99
C VAL D 78 7.83 -18.38 18.49
N THR D 79 6.97 -19.40 18.43
CA THR D 79 7.41 -20.76 18.07
C THR D 79 7.86 -21.01 16.62
N PRO D 80 7.21 -20.34 15.63
CA PRO D 80 7.59 -20.60 14.24
C PRO D 80 9.02 -21.12 14.13
N GLY D 81 9.13 -22.43 13.94
CA GLY D 81 10.41 -23.14 13.91
C GLY D 81 11.62 -22.40 13.37
N CYS D 82 12.78 -23.00 13.59
CA CYS D 82 14.02 -22.44 13.10
C CYS D 82 14.34 -23.08 11.76
N ASN D 83 13.36 -23.83 11.24
CA ASN D 83 13.52 -24.55 9.97
C ASN D 83 12.84 -23.85 8.80
N GLN D 84 12.22 -22.70 9.06
CA GLN D 84 11.53 -21.95 8.00
C GLN D 84 12.27 -20.68 7.58
N LEU D 85 11.99 -20.23 6.36
CA LEU D 85 12.66 -19.05 5.77
C LEU D 85 12.20 -17.72 6.37
N PRO D 86 13.13 -16.77 6.53
CA PRO D 86 12.79 -15.43 7.01
C PRO D 86 12.15 -14.60 5.89
N THR D 87 11.21 -13.74 6.25
CA THR D 87 10.50 -12.93 5.26
C THR D 87 10.53 -11.44 5.60
N LEU D 88 9.91 -10.64 4.74
CA LEU D 88 9.84 -9.20 4.91
C LEU D 88 9.04 -8.82 6.16
N GLU D 89 8.12 -9.69 6.55
CA GLU D 89 7.24 -9.42 7.70
C GLU D 89 7.76 -10.01 9.01
N SER D 90 9.00 -10.52 8.98
CA SER D 90 9.60 -11.11 10.18
C SER D 90 9.85 -10.06 11.26
N VAL D 91 9.64 -10.44 12.51
CA VAL D 91 9.85 -9.54 13.65
C VAL D 91 11.22 -9.80 14.27
N GLU D 92 12.07 -8.77 14.30
CA GLU D 92 13.44 -8.92 14.80
C GLU D 92 13.70 -8.24 16.15
N ASN D 93 12.64 -7.98 16.90
CA ASN D 93 12.75 -7.37 18.22
C ASN D 93 13.55 -8.26 19.19
N TYR D 94 14.35 -7.64 20.05
CA TYR D 94 15.10 -8.39 21.07
C TYR D 94 15.56 -7.49 22.21
N THR D 95 15.81 -8.10 23.38
CA THR D 95 16.33 -7.38 24.54
C THR D 95 17.55 -8.11 25.09
N LEU D 96 18.42 -7.37 25.77
CA LEU D 96 19.61 -7.95 26.37
C LEU D 96 19.88 -7.32 27.74
N THR D 97 19.58 -8.07 28.80
CA THR D 97 19.77 -7.59 30.16
C THR D 97 20.91 -8.31 30.85
N ILE D 98 21.92 -7.55 31.26
CA ILE D 98 23.07 -8.13 31.97
C ILE D 98 23.32 -7.41 33.28
N ASN D 99 23.08 -8.10 34.39
CA ASN D 99 23.31 -7.54 35.72
C ASN D 99 23.82 -8.58 36.71
N ASP D 100 23.79 -8.23 38.00
CA ASP D 100 24.30 -9.11 39.06
C ASP D 100 23.65 -10.49 39.11
N ASP D 101 22.37 -10.56 38.73
CA ASP D 101 21.63 -11.82 38.79
C ASP D 101 21.23 -12.33 37.42
N GLN D 102 21.29 -11.46 36.42
CA GLN D 102 20.80 -11.81 35.09
C GLN D 102 21.85 -11.78 34.00
N CYS D 103 21.53 -12.46 32.90
CA CYS D 103 22.35 -12.50 31.70
C CYS D 103 21.47 -13.10 30.63
N LEU D 104 20.31 -12.49 30.44
CA LEU D 104 19.27 -13.02 29.56
C LEU D 104 19.17 -12.31 28.21
N LEU D 105 18.90 -13.10 27.16
CA LEU D 105 18.65 -12.56 25.83
C LEU D 105 17.23 -12.97 25.44
N LEU D 106 16.31 -12.03 25.56
CA LEU D 106 14.90 -12.27 25.21
C LEU D 106 14.58 -11.66 23.86
N SER D 107 13.94 -12.44 22.99
CA SER D 107 13.53 -11.96 21.68
C SER D 107 12.17 -12.54 21.29
N GLU D 108 11.54 -11.92 20.30
CA GLU D 108 10.25 -12.38 19.83
C GLU D 108 10.40 -13.64 18.98
N THR D 109 10.83 -13.45 17.73
CA THR D 109 11.06 -14.59 16.84
C THR D 109 12.50 -15.07 16.95
N VAL D 110 12.82 -16.13 16.22
CA VAL D 110 14.16 -16.72 16.24
C VAL D 110 15.21 -15.80 15.61
N TRP D 111 14.75 -14.91 14.73
CA TRP D 111 15.65 -13.99 14.02
C TRP D 111 16.16 -12.90 14.94
N GLY D 112 15.38 -12.57 15.96
CA GLY D 112 15.78 -11.57 16.94
C GLY D 112 16.92 -12.07 17.79
N ALA D 113 16.98 -13.39 17.97
CA ALA D 113 18.04 -14.03 18.75
C ALA D 113 19.39 -13.87 18.04
N LEU D 114 19.39 -14.07 16.73
CA LEU D 114 20.61 -13.92 15.93
C LEU D 114 21.17 -12.52 16.09
N ARG D 115 20.31 -11.52 15.92
CA ARG D 115 20.69 -10.13 16.06
C ARG D 115 21.21 -9.86 17.47
N GLY D 116 20.58 -10.49 18.45
CA GLY D 116 20.96 -10.33 19.84
C GLY D 116 22.34 -10.91 20.12
N LEU D 117 22.64 -12.05 19.50
CA LEU D 117 23.93 -12.71 19.68
C LEU D 117 25.07 -11.89 19.10
N GLU D 118 24.82 -11.26 17.94
CA GLU D 118 25.82 -10.40 17.30
C GLU D 118 26.10 -9.21 18.20
N THR D 119 25.05 -8.63 18.75
CA THR D 119 25.18 -7.51 19.67
C THR D 119 25.92 -7.93 20.93
N PHE D 120 25.69 -9.18 21.35
CA PHE D 120 26.35 -9.72 22.52
C PHE D 120 27.84 -9.93 22.27
N SER D 121 28.17 -10.34 21.04
CA SER D 121 29.55 -10.63 20.66
C SER D 121 30.39 -9.37 20.58
N GLN D 122 29.76 -8.24 20.29
CA GLN D 122 30.47 -6.97 20.17
C GLN D 122 30.64 -6.26 21.50
N LEU D 123 29.87 -6.68 22.50
CA LEU D 123 29.95 -6.08 23.83
C LEU D 123 31.04 -6.72 24.69
N VAL D 124 31.53 -7.89 24.27
CA VAL D 124 32.61 -8.57 24.98
C VAL D 124 33.95 -7.89 24.67
N TRP D 125 34.72 -7.61 25.72
CA TRP D 125 36.00 -6.93 25.55
C TRP D 125 37.10 -7.50 26.45
N LYS D 126 38.34 -7.28 26.06
CA LYS D 126 39.49 -7.71 26.85
C LYS D 126 40.22 -6.51 27.40
N SER D 127 40.66 -6.60 28.66
CA SER D 127 41.40 -5.51 29.27
C SER D 127 42.85 -5.52 28.78
N ALA D 128 43.63 -4.53 29.21
CA ALA D 128 45.04 -4.45 28.82
C ALA D 128 45.81 -5.64 29.40
N GLU D 129 45.14 -6.41 30.24
CA GLU D 129 45.74 -7.57 30.89
C GLU D 129 45.31 -8.86 30.20
N GLY D 130 44.43 -8.73 29.22
CA GLY D 130 43.93 -9.89 28.47
C GLY D 130 42.69 -10.52 29.09
N THR D 131 42.16 -9.88 30.11
CA THR D 131 41.00 -10.40 30.83
C THR D 131 39.69 -10.10 30.10
N PHE D 132 38.89 -11.13 29.86
CA PHE D 132 37.59 -10.98 29.20
C PHE D 132 36.56 -10.37 30.15
N PHE D 133 35.72 -9.48 29.62
CA PHE D 133 34.68 -8.82 30.42
C PHE D 133 33.40 -8.55 29.64
N ILE D 134 32.35 -8.23 30.39
CA ILE D 134 31.09 -7.73 29.83
C ILE D 134 30.57 -6.73 30.84
N ASN D 135 30.17 -5.56 30.37
CA ASN D 135 29.65 -4.54 31.27
C ASN D 135 28.16 -4.72 31.57
N LYS D 136 27.74 -4.20 32.72
CA LYS D 136 26.33 -4.24 33.11
C LYS D 136 25.54 -3.44 32.08
N THR D 137 24.91 -4.14 31.14
CA THR D 137 24.17 -3.48 30.08
C THR D 137 22.66 -3.75 30.12
N GLU D 138 21.91 -2.89 29.44
CA GLU D 138 20.46 -3.00 29.34
C GLU D 138 20.02 -2.47 27.97
N ILE D 139 19.67 -3.38 27.07
CA ILE D 139 19.36 -2.99 25.70
C ILE D 139 18.01 -3.48 25.19
N GLU D 140 17.32 -2.61 24.44
CA GLU D 140 16.11 -2.97 23.71
C GLU D 140 16.33 -2.49 22.28
N ASP D 141 16.35 -3.42 21.33
CA ASP D 141 16.68 -3.06 19.96
C ASP D 141 15.73 -3.63 18.91
N PHE D 142 15.55 -2.88 17.82
CA PHE D 142 14.70 -3.31 16.71
C PHE D 142 15.05 -2.51 15.44
N PRO D 143 14.90 -3.15 14.27
CA PRO D 143 15.24 -2.51 12.98
C PRO D 143 14.27 -1.40 12.59
N ARG D 144 14.82 -0.27 12.13
CA ARG D 144 13.99 0.83 11.66
C ARG D 144 13.27 0.43 10.38
N PHE D 145 13.93 -0.39 9.57
CA PHE D 145 13.34 -0.89 8.33
C PHE D 145 13.46 -2.41 8.28
N PRO D 146 12.47 -3.09 7.69
CA PRO D 146 12.46 -4.55 7.61
C PRO D 146 13.25 -5.09 6.40
N HIS D 147 13.60 -4.22 5.46
CA HIS D 147 14.32 -4.64 4.26
C HIS D 147 15.66 -3.91 4.14
N ARG D 148 16.73 -4.60 4.48
CA ARG D 148 18.07 -4.04 4.43
C ARG D 148 18.98 -4.96 3.62
N GLY D 149 19.16 -4.63 2.35
CA GLY D 149 19.90 -5.51 1.45
C GLY D 149 21.23 -5.01 0.93
N LEU D 150 21.86 -5.84 0.09
CA LEU D 150 23.16 -5.54 -0.48
C LEU D 150 23.25 -6.17 -1.87
N LEU D 151 23.27 -5.32 -2.91
CA LEU D 151 23.40 -5.80 -4.28
C LEU D 151 24.77 -6.39 -4.56
N LEU D 152 24.78 -7.55 -5.21
CA LEU D 152 26.02 -8.19 -5.57
C LEU D 152 25.96 -8.61 -7.04
N ASP D 153 26.83 -8.01 -7.85
CA ASP D 153 26.85 -8.27 -9.28
C ASP D 153 27.77 -9.44 -9.60
N THR D 154 27.18 -10.52 -10.09
CA THR D 154 27.95 -11.71 -10.45
C THR D 154 27.94 -11.95 -11.96
N SER D 155 27.58 -10.91 -12.71
CA SER D 155 27.56 -11.01 -14.17
C SER D 155 28.76 -10.29 -14.76
N ARG D 156 28.92 -9.02 -14.42
CA ARG D 156 30.07 -8.25 -14.90
C ARG D 156 31.36 -8.98 -14.50
N HIS D 157 31.35 -9.59 -13.32
CA HIS D 157 32.44 -10.45 -12.86
C HIS D 157 31.90 -11.60 -12.04
N TYR D 158 32.31 -12.81 -12.38
CA TYR D 158 31.89 -14.00 -11.66
C TYR D 158 32.49 -14.01 -10.25
N LEU D 159 31.72 -14.48 -9.29
CA LEU D 159 32.21 -14.56 -7.92
C LEU D 159 32.18 -16.01 -7.43
N PRO D 160 33.31 -16.48 -6.89
CA PRO D 160 33.37 -17.83 -6.35
C PRO D 160 32.39 -17.97 -5.19
N LEU D 161 31.97 -19.20 -4.92
CA LEU D 161 31.01 -19.45 -3.85
C LEU D 161 31.49 -18.85 -2.52
N SER D 162 32.79 -18.97 -2.26
CA SER D 162 33.39 -18.44 -1.02
C SER D 162 33.10 -16.96 -0.83
N SER D 163 33.33 -16.17 -1.89
CA SER D 163 33.11 -14.73 -1.84
C SER D 163 31.70 -14.39 -1.40
N ILE D 164 30.72 -15.09 -1.99
CA ILE D 164 29.31 -14.87 -1.67
C ILE D 164 29.04 -15.27 -0.22
N LEU D 165 29.51 -16.45 0.17
CA LEU D 165 29.32 -16.93 1.53
C LEU D 165 29.98 -16.00 2.57
N ASP D 166 31.17 -15.51 2.24
CA ASP D 166 31.91 -14.60 3.12
C ASP D 166 31.17 -13.27 3.28
N THR D 167 30.54 -12.82 2.21
CA THR D 167 29.77 -11.58 2.23
C THR D 167 28.57 -11.75 3.16
N LEU D 168 27.91 -12.90 3.05
CA LEU D 168 26.77 -13.21 3.90
C LEU D 168 27.19 -13.22 5.37
N ASP D 169 28.39 -13.73 5.64
CA ASP D 169 28.93 -13.73 7.00
C ASP D 169 29.03 -12.31 7.53
N VAL D 170 29.58 -11.41 6.73
CA VAL D 170 29.75 -10.02 7.13
C VAL D 170 28.43 -9.27 7.17
N MET D 171 27.52 -9.62 6.26
CA MET D 171 26.19 -9.04 6.26
C MET D 171 25.51 -9.29 7.59
N ALA D 172 25.80 -10.45 8.19
CA ALA D 172 25.24 -10.82 9.47
C ALA D 172 25.80 -9.95 10.60
N TYR D 173 27.08 -9.60 10.50
CA TYR D 173 27.71 -8.74 11.51
C TYR D 173 27.07 -7.35 11.51
N ASN D 174 26.57 -6.94 10.34
CA ASN D 174 25.96 -5.62 10.18
C ASN D 174 24.42 -5.64 10.22
N LYS D 175 23.85 -6.79 10.54
CA LYS D 175 22.39 -6.96 10.58
C LYS D 175 21.69 -6.82 9.22
N LEU D 176 22.46 -6.82 8.13
CA LEU D 176 21.86 -6.79 6.80
C LEU D 176 21.07 -8.09 6.60
N ASN D 177 19.89 -7.99 6.00
CA ASN D 177 19.03 -9.18 5.88
C ASN D 177 18.51 -9.51 4.49
N VAL D 178 18.96 -8.77 3.48
CA VAL D 178 18.53 -9.05 2.11
C VAL D 178 19.71 -9.13 1.14
N PHE D 179 19.94 -10.31 0.60
CA PHE D 179 21.00 -10.50 -0.38
C PHE D 179 20.46 -10.35 -1.80
N HIS D 180 20.48 -9.12 -2.30
CA HIS D 180 20.01 -8.85 -3.65
C HIS D 180 20.99 -9.42 -4.65
N TRP D 181 20.71 -10.62 -5.14
CA TRP D 181 21.61 -11.30 -6.04
C TRP D 181 21.32 -11.02 -7.51
N HIS D 182 22.17 -10.20 -8.12
CA HIS D 182 22.05 -9.87 -9.53
C HIS D 182 22.84 -10.91 -10.31
N LEU D 183 22.22 -12.06 -10.53
CA LEU D 183 22.88 -13.19 -11.20
C LEU D 183 23.38 -12.89 -12.60
N VAL D 184 22.51 -12.35 -13.45
CA VAL D 184 22.86 -12.16 -14.85
C VAL D 184 22.72 -10.73 -15.35
N ASP D 185 23.37 -10.46 -16.48
CA ASP D 185 23.31 -9.17 -17.12
C ASP D 185 23.87 -9.30 -18.53
N ASP D 186 24.24 -8.19 -19.13
CA ASP D 186 24.75 -8.22 -20.50
C ASP D 186 25.95 -9.16 -20.79
N PRO D 187 27.06 -9.11 -19.95
CA PRO D 187 28.24 -10.04 -20.23
C PRO D 187 27.61 -11.57 -20.53
N SER D 188 26.92 -12.02 -19.50
CA SER D 188 27.67 -13.25 -18.62
C SER D 188 26.43 -13.95 -18.12
N PHE D 189 26.26 -15.21 -18.41
CA PHE D 189 25.11 -15.83 -17.87
C PHE D 189 25.61 -17.01 -17.06
N PRO D 190 26.05 -16.75 -15.82
CA PRO D 190 26.67 -17.79 -15.01
C PRO D 190 25.68 -18.82 -14.43
N TYR D 191 24.41 -18.44 -14.31
CA TYR D 191 23.41 -19.32 -13.73
C TYR D 191 22.96 -20.43 -14.69
N GLU D 192 23.07 -21.69 -14.26
CA GLU D 192 22.63 -22.80 -15.08
C GLU D 192 21.16 -23.12 -14.85
N SER D 193 20.45 -23.40 -15.93
CA SER D 193 19.02 -23.71 -15.87
C SER D 193 18.76 -25.11 -16.42
N PHE D 194 17.95 -25.89 -15.70
CA PHE D 194 17.64 -27.25 -16.13
C PHE D 194 16.52 -27.30 -17.17
N THR D 195 15.78 -26.20 -17.31
CA THR D 195 14.72 -26.11 -18.32
C THR D 195 15.34 -25.66 -19.64
N PHE D 196 16.29 -24.73 -19.55
CA PHE D 196 17.00 -24.24 -20.72
C PHE D 196 18.51 -24.29 -20.46
N PRO D 197 19.12 -25.45 -20.73
CA PRO D 197 20.56 -25.68 -20.49
C PRO D 197 21.46 -24.80 -21.38
N GLU D 198 20.98 -24.49 -22.58
CA GLU D 198 21.77 -23.73 -23.54
C GLU D 198 22.03 -22.27 -23.11
N LEU D 199 21.31 -21.81 -22.09
CA LEU D 199 21.49 -20.45 -21.58
C LEU D 199 22.93 -20.25 -21.07
N MET D 200 23.28 -20.99 -20.02
CA MET D 200 24.60 -20.90 -19.41
C MET D 200 25.70 -21.47 -20.32
N ARG D 201 25.37 -22.56 -21.01
CA ARG D 201 26.34 -23.27 -21.86
C ARG D 201 26.75 -22.48 -23.11
N LYS D 202 26.11 -21.34 -23.34
CA LYS D 202 26.41 -20.51 -24.51
C LYS D 202 26.38 -19.01 -24.20
N GLY D 203 26.16 -18.66 -22.94
CA GLY D 203 26.07 -17.25 -22.54
C GLY D 203 26.96 -16.86 -21.38
N SER D 204 27.63 -17.84 -20.78
CA SER D 204 28.52 -17.57 -19.65
C SER D 204 29.95 -17.32 -20.13
N TYR D 205 30.83 -16.94 -19.22
CA TYR D 205 32.24 -16.73 -19.55
C TYR D 205 32.87 -18.08 -19.82
N ASN D 206 32.55 -19.06 -18.98
CA ASN D 206 33.06 -20.42 -19.10
C ASN D 206 32.06 -21.38 -18.47
N PRO D 207 31.56 -22.34 -19.27
CA PRO D 207 30.52 -23.32 -18.89
C PRO D 207 30.91 -24.25 -17.73
N VAL D 208 32.10 -24.09 -17.20
CA VAL D 208 32.57 -24.97 -16.12
C VAL D 208 33.12 -24.19 -14.91
N THR D 209 34.08 -23.31 -15.16
CA THR D 209 34.78 -22.60 -14.09
C THR D 209 34.01 -21.40 -13.50
N HIS D 210 33.24 -20.71 -14.35
CA HIS D 210 32.49 -19.52 -13.91
C HIS D 210 30.98 -19.76 -13.90
N ILE D 211 30.55 -20.78 -13.17
CA ILE D 211 29.14 -21.18 -13.15
C ILE D 211 28.55 -21.30 -11.76
N TYR D 212 27.22 -21.11 -11.66
CA TYR D 212 26.49 -21.31 -10.42
C TYR D 212 25.55 -22.51 -10.54
N THR D 213 25.97 -23.64 -10.01
CA THR D 213 25.19 -24.87 -10.07
C THR D 213 23.93 -24.77 -9.20
N ALA D 214 22.94 -25.61 -9.49
CA ALA D 214 21.73 -25.67 -8.68
C ALA D 214 22.12 -25.99 -7.23
N GLN D 215 23.13 -26.84 -7.09
CA GLN D 215 23.68 -27.18 -5.78
C GLN D 215 24.25 -25.93 -5.10
N ASP D 216 24.99 -25.14 -5.87
CA ASP D 216 25.60 -23.91 -5.36
C ASP D 216 24.54 -22.96 -4.84
N VAL D 217 23.52 -22.71 -5.65
CA VAL D 217 22.42 -21.83 -5.27
C VAL D 217 21.71 -22.34 -4.02
N LYS D 218 21.59 -23.66 -3.90
CA LYS D 218 20.96 -24.29 -2.75
C LYS D 218 21.73 -23.98 -1.48
N GLU D 219 23.05 -24.10 -1.54
CA GLU D 219 23.91 -23.79 -0.39
C GLU D 219 23.82 -22.32 -0.01
N VAL D 220 23.75 -21.45 -1.00
CA VAL D 220 23.65 -20.01 -0.77
C VAL D 220 22.41 -19.67 0.04
N ILE D 221 21.27 -20.20 -0.38
CA ILE D 221 19.99 -19.94 0.28
C ILE D 221 19.99 -20.43 1.74
N GLU D 222 20.52 -21.63 1.96
CA GLU D 222 20.56 -22.22 3.30
C GLU D 222 21.59 -21.53 4.19
N TYR D 223 22.73 -21.19 3.61
CA TYR D 223 23.80 -20.52 4.32
C TYR D 223 23.30 -19.15 4.77
N ALA D 224 22.54 -18.49 3.90
CA ALA D 224 21.98 -17.18 4.21
C ALA D 224 20.87 -17.29 5.25
N ARG D 225 20.05 -18.33 5.14
CA ARG D 225 18.95 -18.54 6.08
C ARG D 225 19.46 -18.65 7.50
N LEU D 226 20.53 -19.41 7.69
CA LEU D 226 21.12 -19.59 9.01
C LEU D 226 21.53 -18.26 9.64
N ARG D 227 21.84 -17.28 8.79
CA ARG D 227 22.18 -15.94 9.27
C ARG D 227 20.97 -15.00 9.20
N GLY D 228 19.81 -15.56 8.88
CA GLY D 228 18.58 -14.76 8.78
C GLY D 228 18.64 -13.74 7.68
N ILE D 229 19.05 -14.19 6.49
CA ILE D 229 19.16 -13.33 5.33
C ILE D 229 18.31 -13.85 4.18
N ARG D 230 17.53 -12.96 3.57
CA ARG D 230 16.70 -13.32 2.44
C ARG D 230 17.47 -13.22 1.14
N VAL D 231 17.32 -14.23 0.29
CA VAL D 231 17.98 -14.23 -1.00
C VAL D 231 17.03 -13.75 -2.10
N LEU D 232 17.19 -12.48 -2.48
CA LEU D 232 16.36 -11.89 -3.53
C LEU D 232 17.06 -11.96 -4.88
N ALA D 233 16.60 -12.88 -5.73
CA ALA D 233 17.21 -13.07 -7.04
C ALA D 233 16.65 -12.11 -8.09
N GLU D 234 17.53 -11.57 -8.91
CA GLU D 234 17.12 -10.67 -9.99
C GLU D 234 17.55 -11.18 -11.35
N PHE D 235 16.58 -11.40 -12.23
CA PHE D 235 16.86 -11.77 -13.60
C PHE D 235 16.38 -10.65 -14.50
N ASP D 236 17.16 -9.57 -14.51
CA ASP D 236 16.85 -8.34 -15.24
C ASP D 236 16.25 -8.57 -16.64
N THR D 237 15.07 -8.01 -16.87
CA THR D 237 14.37 -8.09 -18.15
C THR D 237 13.53 -6.82 -18.34
N PRO D 238 13.35 -6.36 -19.60
CA PRO D 238 13.87 -6.96 -20.83
C PRO D 238 15.26 -6.42 -21.16
N GLY D 239 15.69 -5.39 -20.45
CA GLY D 239 17.01 -4.81 -20.65
C GLY D 239 18.08 -5.62 -19.95
N HIS D 240 19.33 -5.39 -20.32
CA HIS D 240 20.46 -6.12 -19.74
C HIS D 240 20.33 -7.62 -19.96
N THR D 241 19.89 -8.01 -21.16
CA THR D 241 19.68 -9.41 -21.49
C THR D 241 20.43 -9.85 -22.74
N LEU D 242 21.64 -9.33 -22.93
CA LEU D 242 22.43 -9.65 -24.12
C LEU D 242 22.98 -11.08 -24.05
N SER D 243 23.28 -11.54 -22.84
CA SER D 243 23.83 -12.88 -22.63
C SER D 243 22.78 -13.98 -22.84
N TRP D 244 21.52 -13.58 -22.96
CA TRP D 244 20.42 -14.51 -23.15
C TRP D 244 20.33 -14.95 -24.62
N GLY D 245 20.73 -14.05 -25.53
CA GLY D 245 20.69 -14.30 -26.97
C GLY D 245 21.10 -15.72 -27.38
N PRO D 246 22.41 -16.01 -27.31
CA PRO D 246 22.90 -17.35 -27.61
C PRO D 246 22.29 -18.36 -26.64
N GLY D 247 21.75 -19.46 -27.17
CA GLY D 247 21.10 -20.46 -26.35
C GLY D 247 19.62 -20.52 -26.69
N ILE D 248 18.95 -19.38 -26.54
CA ILE D 248 17.54 -19.27 -26.92
C ILE D 248 17.40 -18.23 -28.05
N PRO D 249 17.51 -18.70 -29.31
CA PRO D 249 17.45 -17.83 -30.49
C PRO D 249 16.07 -17.22 -30.71
N GLY D 250 16.03 -16.02 -31.27
CA GLY D 250 14.77 -15.32 -31.54
C GLY D 250 14.30 -14.46 -30.38
N LEU D 251 14.83 -14.72 -29.19
CA LEU D 251 14.43 -13.99 -27.98
C LEU D 251 14.71 -12.48 -28.06
N LEU D 252 15.93 -12.11 -28.39
CA LEU D 252 16.31 -10.71 -28.47
C LEU D 252 15.85 -10.05 -29.76
N THR D 253 15.57 -8.75 -29.69
CA THR D 253 15.11 -8.00 -30.85
C THR D 253 16.28 -7.63 -31.75
N PRO D 254 16.27 -8.13 -33.01
CA PRO D 254 17.31 -7.80 -33.97
C PRO D 254 17.18 -6.35 -34.44
N CYS D 255 18.19 -5.54 -34.18
CA CYS D 255 18.17 -4.14 -34.57
C CYS D 255 18.38 -3.98 -36.08
N TYR D 256 17.48 -3.23 -36.73
CA TYR D 256 17.60 -2.94 -38.16
C TYR D 256 18.18 -1.55 -38.39
N SER D 257 19.07 -1.44 -39.38
CA SER D 257 19.64 -0.14 -39.72
C SER D 257 18.70 0.57 -40.67
N GLY D 258 18.85 0.31 -41.97
CA GLY D 258 17.96 0.89 -42.97
C GLY D 258 16.89 -0.10 -43.37
N SER D 259 17.04 -0.68 -44.55
CA SER D 259 16.11 -1.70 -45.04
C SER D 259 16.46 -3.06 -44.46
N GLU D 260 17.75 -3.40 -44.49
CA GLU D 260 18.24 -4.67 -43.96
C GLU D 260 18.68 -4.57 -42.48
N PRO D 261 18.76 -5.73 -41.79
CA PRO D 261 19.11 -5.75 -40.38
C PRO D 261 20.62 -5.72 -40.13
N SER D 262 21.00 -5.26 -38.94
CA SER D 262 22.40 -5.25 -38.52
C SER D 262 22.61 -6.32 -37.46
N GLY D 263 23.86 -6.74 -37.28
CA GLY D 263 24.19 -7.77 -36.31
C GLY D 263 23.98 -7.31 -34.86
N THR D 264 23.38 -6.13 -34.71
CA THR D 264 23.12 -5.57 -33.39
C THR D 264 21.84 -6.18 -32.78
N PHE D 265 21.93 -6.53 -31.50
CA PHE D 265 20.79 -7.11 -30.79
C PHE D 265 20.38 -6.23 -29.61
N GLY D 266 19.11 -5.85 -29.58
CA GLY D 266 18.58 -5.01 -28.51
C GLY D 266 17.99 -5.84 -27.39
N PRO D 267 17.01 -5.26 -26.66
CA PRO D 267 16.35 -5.93 -25.54
C PRO D 267 15.48 -7.10 -25.99
N VAL D 268 14.79 -7.72 -25.04
CA VAL D 268 13.92 -8.84 -25.32
C VAL D 268 12.76 -8.42 -26.23
N ASN D 269 12.45 -9.26 -27.22
CA ASN D 269 11.37 -8.98 -28.17
C ASN D 269 9.99 -9.14 -27.53
N PRO D 270 9.24 -8.02 -27.42
CA PRO D 270 7.94 -8.03 -26.77
C PRO D 270 6.77 -8.34 -27.70
N SER D 271 7.05 -8.43 -29.00
CA SER D 271 6.00 -8.69 -29.99
C SER D 271 5.82 -10.17 -30.25
N LEU D 272 6.93 -10.92 -30.23
CA LEU D 272 6.92 -12.33 -30.56
C LEU D 272 6.05 -13.22 -29.67
N ASN D 273 5.43 -14.20 -30.30
CA ASN D 273 4.58 -15.17 -29.64
C ASN D 273 5.45 -16.16 -28.85
N ASN D 274 6.63 -16.45 -29.41
CA ASN D 274 7.58 -17.41 -28.83
C ASN D 274 8.24 -16.91 -27.54
N THR D 275 8.42 -15.59 -27.45
CA THR D 275 9.08 -14.97 -26.30
C THR D 275 8.38 -15.27 -24.98
N TYR D 276 7.06 -15.22 -24.97
CA TYR D 276 6.28 -15.41 -23.75
C TYR D 276 6.17 -16.86 -23.29
N GLU D 277 6.39 -17.82 -24.19
CA GLU D 277 6.44 -19.23 -23.79
C GLU D 277 7.72 -19.49 -23.00
N PHE D 278 8.82 -18.88 -23.45
CA PHE D 278 10.11 -19.00 -22.79
C PHE D 278 10.07 -18.43 -21.37
N MET D 279 9.64 -17.17 -21.25
CA MET D 279 9.57 -16.50 -19.96
C MET D 279 8.72 -17.27 -18.96
N SER D 280 7.60 -17.81 -19.45
CA SER D 280 6.70 -18.59 -18.61
C SER D 280 7.36 -19.87 -18.13
N THR D 281 8.15 -20.49 -19.01
CA THR D 281 8.83 -21.74 -18.68
C THR D 281 10.07 -21.50 -17.80
N PHE D 282 10.73 -20.37 -18.02
CA PHE D 282 11.95 -20.04 -17.26
C PHE D 282 11.66 -19.61 -15.83
N PHE D 283 10.74 -18.66 -15.66
CA PHE D 283 10.38 -18.19 -14.32
C PHE D 283 9.64 -19.26 -13.52
N LEU D 284 9.18 -20.30 -14.20
CA LEU D 284 8.56 -21.43 -13.54
C LEU D 284 9.66 -22.10 -12.72
N GLU D 285 10.85 -22.15 -13.29
CA GLU D 285 12.01 -22.71 -12.61
C GLU D 285 12.55 -21.75 -11.54
N VAL D 286 12.70 -20.48 -11.91
CA VAL D 286 13.20 -19.46 -10.99
C VAL D 286 12.44 -19.45 -9.67
N SER D 287 11.11 -19.33 -9.77
CA SER D 287 10.25 -19.33 -8.58
C SER D 287 10.38 -20.63 -7.78
N SER D 288 10.67 -21.72 -8.47
CA SER D 288 10.82 -23.03 -7.84
C SER D 288 12.19 -23.15 -7.16
N VAL D 289 13.13 -22.32 -7.59
CA VAL D 289 14.49 -22.34 -7.04
C VAL D 289 14.63 -21.46 -5.80
N PHE D 290 14.23 -20.20 -5.93
CA PHE D 290 14.32 -19.24 -4.82
C PHE D 290 13.01 -19.19 -4.03
N PRO D 291 13.05 -19.64 -2.77
CA PRO D 291 11.88 -19.75 -1.89
C PRO D 291 11.28 -18.42 -1.42
N ASP D 292 12.07 -17.34 -1.46
CA ASP D 292 11.59 -16.04 -1.00
C ASP D 292 10.29 -15.64 -1.72
N PHE D 293 9.44 -14.89 -1.04
CA PHE D 293 8.16 -14.45 -1.60
C PHE D 293 8.33 -13.51 -2.79
N TYR D 294 9.33 -12.64 -2.72
CA TYR D 294 9.57 -11.66 -3.77
C TYR D 294 10.67 -12.08 -4.75
N LEU D 295 10.57 -11.57 -5.97
CA LEU D 295 11.57 -11.78 -7.00
C LEU D 295 11.78 -10.47 -7.74
N HIS D 296 13.04 -10.07 -7.90
CA HIS D 296 13.34 -8.84 -8.62
C HIS D 296 13.31 -9.13 -10.10
N LEU D 297 12.60 -8.30 -10.86
CA LEU D 297 12.40 -8.55 -12.29
C LEU D 297 13.13 -7.55 -13.20
N GLY D 298 13.86 -6.62 -12.61
CA GLY D 298 14.63 -5.64 -13.38
C GLY D 298 13.77 -4.53 -13.96
N GLY D 299 13.83 -4.36 -15.29
CA GLY D 299 13.03 -3.35 -15.98
C GLY D 299 13.70 -1.98 -16.07
N ASP D 300 14.99 -1.94 -15.76
CA ASP D 300 15.74 -0.69 -15.81
C ASP D 300 16.42 -0.48 -17.16
N GLU D 301 16.68 0.78 -17.48
CA GLU D 301 17.40 1.14 -18.71
C GLU D 301 16.98 0.31 -19.93
N VAL D 302 15.74 0.49 -20.36
CA VAL D 302 15.23 -0.24 -21.52
C VAL D 302 15.35 0.60 -22.80
N ASP D 303 16.13 0.11 -23.74
CA ASP D 303 16.36 0.81 -25.00
C ASP D 303 15.15 0.66 -25.92
N PHE D 304 14.41 1.74 -26.11
CA PHE D 304 13.23 1.73 -26.97
C PHE D 304 13.57 1.88 -28.45
N THR D 305 14.75 2.46 -28.72
CA THR D 305 15.13 2.78 -30.09
C THR D 305 15.39 1.57 -31.01
N CYS D 306 15.78 0.43 -30.45
CA CYS D 306 16.02 -0.77 -31.27
C CYS D 306 14.72 -1.38 -31.76
N TRP D 307 13.70 -1.35 -30.90
CA TRP D 307 12.38 -1.86 -31.27
C TRP D 307 11.81 -1.03 -32.42
N LYS D 308 11.98 0.29 -32.33
CA LYS D 308 11.46 1.23 -33.32
C LYS D 308 11.95 0.93 -34.74
N SER D 309 13.25 0.67 -34.88
CA SER D 309 13.86 0.42 -36.19
C SER D 309 13.38 -0.87 -36.85
N ASN D 310 13.08 -1.89 -36.03
CA ASN D 310 12.62 -3.18 -36.54
C ASN D 310 11.24 -3.07 -37.19
N PRO D 311 11.15 -3.46 -38.48
CA PRO D 311 9.91 -3.40 -39.28
C PRO D 311 8.80 -4.30 -38.73
N GLU D 312 9.17 -5.51 -38.29
CA GLU D 312 8.18 -6.45 -37.76
C GLU D 312 7.61 -5.98 -36.43
N ILE D 313 8.37 -5.13 -35.73
CA ILE D 313 7.92 -4.56 -34.46
C ILE D 313 6.87 -3.47 -34.69
N GLN D 314 7.14 -2.60 -35.67
CA GLN D 314 6.17 -1.55 -36.03
C GLN D 314 4.90 -2.18 -36.55
N ASP D 315 5.06 -3.31 -37.24
CA ASP D 315 3.94 -4.06 -37.78
C ASP D 315 3.06 -4.53 -36.62
N PHE D 316 3.66 -4.65 -35.44
CA PHE D 316 2.96 -5.07 -34.24
C PHE D 316 2.43 -3.85 -33.49
N MET D 317 3.06 -2.69 -33.72
CA MET D 317 2.67 -1.44 -33.05
C MET D 317 1.27 -0.95 -33.44
N ARG D 318 0.97 -1.01 -34.74
CA ARG D 318 -0.32 -0.54 -35.24
C ARG D 318 -1.44 -1.58 -35.06
N LYS D 319 -1.08 -2.86 -35.19
CA LYS D 319 -2.06 -3.95 -35.06
C LYS D 319 -2.49 -4.19 -33.62
N LYS D 320 -2.10 -3.28 -32.72
CA LYS D 320 -2.47 -3.37 -31.32
C LYS D 320 -2.98 -2.02 -30.83
N GLY D 321 -2.81 -0.99 -31.64
CA GLY D 321 -3.29 0.35 -31.33
C GLY D 321 -2.39 1.09 -30.34
N PHE D 322 -1.11 1.18 -30.65
CA PHE D 322 -0.16 1.88 -29.79
C PHE D 322 0.44 3.11 -30.47
N GLY D 323 0.17 3.25 -31.77
CA GLY D 323 0.70 4.37 -32.55
C GLY D 323 2.21 4.37 -32.61
N GLU D 324 2.82 5.38 -32.01
CA GLU D 324 4.29 5.49 -31.97
C GLU D 324 4.79 5.64 -30.53
N ASP D 325 3.99 5.18 -29.58
CA ASP D 325 4.37 5.22 -28.18
C ASP D 325 4.93 3.86 -27.76
N PHE D 326 6.24 3.81 -27.55
CA PHE D 326 6.91 2.57 -27.18
C PHE D 326 6.97 2.34 -25.67
N LYS D 327 6.52 3.35 -24.92
CA LYS D 327 6.49 3.24 -23.46
C LYS D 327 5.35 2.32 -23.02
N GLN D 328 4.29 2.27 -23.82
CA GLN D 328 3.16 1.39 -23.53
C GLN D 328 3.35 0.02 -24.18
N LEU D 329 4.32 -0.07 -25.09
CA LEU D 329 4.70 -1.34 -25.68
C LEU D 329 5.40 -2.15 -24.62
N GLU D 330 6.26 -1.46 -23.85
CA GLU D 330 6.96 -2.08 -22.73
C GLU D 330 5.95 -2.44 -21.65
N SER D 331 4.96 -1.56 -21.47
CA SER D 331 3.92 -1.79 -20.48
C SER D 331 3.21 -3.11 -20.74
N PHE D 332 3.03 -3.44 -22.02
CA PHE D 332 2.43 -4.69 -22.42
C PHE D 332 3.30 -5.88 -21.99
N TYR D 333 4.61 -5.73 -22.17
CA TYR D 333 5.56 -6.78 -21.82
C TYR D 333 5.65 -7.00 -20.31
N ILE D 334 5.67 -5.90 -19.57
CA ILE D 334 5.78 -5.97 -18.12
C ILE D 334 4.52 -6.59 -17.48
N GLN D 335 3.35 -6.12 -17.93
CA GLN D 335 2.08 -6.67 -17.42
C GLN D 335 2.03 -8.19 -17.59
N THR D 336 2.38 -8.65 -18.78
CA THR D 336 2.38 -10.07 -19.09
C THR D 336 3.35 -10.81 -18.16
N LEU D 337 4.51 -10.21 -17.93
CA LEU D 337 5.54 -10.79 -17.08
C LEU D 337 5.10 -10.83 -15.62
N LEU D 338 4.43 -9.77 -15.17
CA LEU D 338 3.95 -9.69 -13.79
C LEU D 338 2.85 -10.71 -13.52
N ASP D 339 2.04 -10.98 -14.54
CA ASP D 339 0.95 -11.96 -14.42
C ASP D 339 1.51 -13.37 -14.25
N ILE D 340 2.56 -13.68 -15.01
CA ILE D 340 3.21 -14.98 -14.95
C ILE D 340 3.79 -15.22 -13.56
N VAL D 341 4.44 -14.19 -13.01
CA VAL D 341 5.03 -14.28 -11.68
C VAL D 341 3.96 -14.46 -10.61
N SER D 342 2.84 -13.74 -10.76
CA SER D 342 1.73 -13.83 -9.82
C SER D 342 1.07 -15.20 -9.85
N SER D 343 1.11 -15.85 -11.02
CA SER D 343 0.51 -17.17 -11.20
C SER D 343 1.27 -18.25 -10.43
N TYR D 344 2.57 -18.02 -10.22
CA TYR D 344 3.40 -18.96 -9.47
C TYR D 344 3.42 -18.61 -7.99
N GLY D 345 2.62 -17.62 -7.60
CA GLY D 345 2.53 -17.19 -6.22
C GLY D 345 3.78 -16.47 -5.72
N LYS D 346 4.21 -15.47 -6.48
CA LYS D 346 5.41 -14.70 -6.12
C LYS D 346 5.17 -13.21 -6.25
N GLY D 347 5.72 -12.45 -5.30
CA GLY D 347 5.67 -10.99 -5.36
C GLY D 347 6.81 -10.49 -6.22
N TYR D 348 6.88 -9.18 -6.41
CA TYR D 348 7.94 -8.62 -7.27
C TYR D 348 8.43 -7.22 -6.90
N VAL D 349 9.75 -7.04 -6.96
CA VAL D 349 10.37 -5.76 -6.77
C VAL D 349 10.91 -5.35 -8.13
N VAL D 350 10.77 -4.08 -8.48
CA VAL D 350 11.17 -3.61 -9.80
C VAL D 350 11.89 -2.25 -9.74
N TRP D 351 12.69 -1.95 -10.76
CA TRP D 351 13.41 -0.68 -10.82
C TRP D 351 12.46 0.48 -11.13
N GLN D 352 12.90 1.70 -10.80
CA GLN D 352 12.04 2.89 -10.93
C GLN D 352 11.54 3.20 -12.35
N GLU D 353 12.25 2.71 -13.38
CA GLU D 353 11.85 2.95 -14.77
C GLU D 353 10.41 2.52 -15.03
N VAL D 354 10.08 1.31 -14.60
CA VAL D 354 8.73 0.77 -14.77
C VAL D 354 7.69 1.77 -14.26
N PHE D 355 7.98 2.38 -13.11
CA PHE D 355 7.08 3.36 -12.52
C PHE D 355 7.20 4.72 -13.20
N ASP D 356 8.42 5.07 -13.62
CA ASP D 356 8.67 6.36 -14.26
C ASP D 356 8.03 6.44 -15.65
N ASN D 357 8.06 5.31 -16.37
CA ASN D 357 7.45 5.25 -17.70
C ASN D 357 5.94 5.04 -17.63
N LYS D 358 5.42 4.96 -16.41
CA LYS D 358 3.99 4.77 -16.16
C LYS D 358 3.43 3.50 -16.79
N VAL D 359 3.96 2.36 -16.37
CA VAL D 359 3.49 1.07 -16.82
C VAL D 359 2.43 0.58 -15.84
N LYS D 360 1.23 0.29 -16.34
CA LYS D 360 0.15 -0.18 -15.50
C LYS D 360 0.63 -1.36 -14.66
N ILE D 361 0.73 -1.13 -13.35
CA ILE D 361 1.29 -2.11 -12.44
C ILE D 361 0.44 -2.27 -11.18
N GLN D 362 0.54 -3.43 -10.54
CA GLN D 362 -0.20 -3.72 -9.32
C GLN D 362 0.23 -2.77 -8.20
N PRO D 363 -0.73 -2.34 -7.36
CA PRO D 363 -0.46 -1.40 -6.27
C PRO D 363 0.45 -1.96 -5.16
N ASP D 364 0.56 -3.29 -5.09
CA ASP D 364 1.38 -3.93 -4.04
C ASP D 364 2.84 -4.10 -4.44
N THR D 365 3.18 -3.67 -5.66
CA THR D 365 4.55 -3.78 -6.16
C THR D 365 5.51 -2.87 -5.42
N ILE D 366 6.75 -3.34 -5.25
CA ILE D 366 7.80 -2.56 -4.59
C ILE D 366 8.68 -1.88 -5.63
N ILE D 367 8.76 -0.55 -5.56
CA ILE D 367 9.56 0.23 -6.49
C ILE D 367 10.89 0.60 -5.88
N GLN D 368 11.98 0.26 -6.58
CA GLN D 368 13.33 0.54 -6.08
C GLN D 368 13.95 1.73 -6.81
N VAL D 369 14.14 2.82 -6.06
CA VAL D 369 14.72 4.06 -6.61
C VAL D 369 16.24 3.97 -6.67
N TRP D 370 16.79 3.98 -7.89
CA TRP D 370 18.24 3.87 -8.07
C TRP D 370 18.87 5.09 -8.74
N ARG D 371 18.08 5.83 -9.51
CA ARG D 371 18.58 7.03 -10.18
C ARG D 371 18.52 8.21 -9.22
N GLU D 372 19.49 9.11 -9.31
CA GLU D 372 19.55 10.26 -8.39
C GLU D 372 19.13 11.60 -9.01
N ASP D 373 19.38 11.77 -10.30
CA ASP D 373 19.00 13.01 -10.99
C ASP D 373 17.84 12.78 -11.95
N ILE D 374 18.10 12.10 -13.04
CA ILE D 374 17.08 11.78 -14.04
C ILE D 374 16.12 10.70 -13.52
N PRO D 375 14.80 10.95 -13.62
CA PRO D 375 14.18 12.16 -14.17
C PRO D 375 13.99 13.25 -13.11
N VAL D 376 14.12 12.89 -11.84
CA VAL D 376 14.00 13.86 -10.75
C VAL D 376 14.78 13.37 -9.52
N ASN D 377 15.14 14.30 -8.63
CA ASN D 377 15.89 13.97 -7.40
C ASN D 377 15.32 12.72 -6.71
N TYR D 378 16.20 11.84 -6.25
CA TYR D 378 15.77 10.58 -5.64
C TYR D 378 14.86 10.77 -4.42
N MET D 379 14.96 11.92 -3.77
CA MET D 379 14.09 12.23 -2.64
C MET D 379 12.68 12.56 -3.13
N LYS D 380 12.59 13.14 -4.32
CA LYS D 380 11.30 13.41 -4.95
C LYS D 380 10.70 12.11 -5.46
N GLU D 381 11.56 11.22 -5.97
CA GLU D 381 11.11 9.92 -6.45
C GLU D 381 10.45 9.13 -5.33
N LEU D 382 11.08 9.14 -4.15
CA LEU D 382 10.50 8.48 -3.00
C LEU D 382 9.11 9.06 -2.74
N GLU D 383 9.00 10.38 -2.83
CA GLU D 383 7.73 11.06 -2.62
C GLU D 383 6.69 10.63 -3.66
N LEU D 384 7.02 10.80 -4.94
CA LEU D 384 6.11 10.43 -6.04
C LEU D 384 5.67 8.96 -5.98
N VAL D 385 6.61 8.05 -5.71
CA VAL D 385 6.30 6.63 -5.62
C VAL D 385 5.33 6.34 -4.47
N THR D 386 5.59 6.95 -3.31
CA THR D 386 4.73 6.77 -2.14
C THR D 386 3.46 7.63 -2.25
N LYS D 387 3.52 8.65 -3.11
CA LYS D 387 2.36 9.51 -3.36
C LYS D 387 1.35 8.74 -4.21
N ALA D 388 1.85 7.78 -4.98
CA ALA D 388 1.00 6.94 -5.81
C ALA D 388 0.60 5.66 -5.08
N GLY D 389 1.00 5.56 -3.81
CA GLY D 389 0.63 4.43 -2.95
C GLY D 389 1.44 3.16 -3.15
N PHE D 390 2.70 3.31 -3.56
CA PHE D 390 3.59 2.16 -3.76
C PHE D 390 4.66 2.08 -2.69
N ARG D 391 5.12 0.87 -2.41
CA ARG D 391 6.20 0.66 -1.43
C ARG D 391 7.56 0.99 -2.07
N ALA D 392 8.30 1.89 -1.43
CA ALA D 392 9.58 2.36 -1.99
C ALA D 392 10.79 1.62 -1.43
N LEU D 393 11.91 1.73 -2.13
CA LEU D 393 13.15 1.08 -1.74
C LEU D 393 14.33 1.95 -2.19
N LEU D 394 15.06 2.52 -1.22
CA LEU D 394 16.15 3.47 -1.51
C LEU D 394 17.50 2.80 -1.81
N SER D 395 18.15 3.25 -2.89
CA SER D 395 19.46 2.73 -3.28
C SER D 395 20.31 3.78 -3.99
N ALA D 396 19.65 4.77 -4.59
CA ALA D 396 20.31 5.82 -5.37
C ALA D 396 21.59 6.40 -4.75
N PRO D 397 21.51 6.89 -3.50
CA PRO D 397 22.69 7.50 -2.86
C PRO D 397 23.70 6.46 -2.36
N TRP D 398 23.29 5.19 -2.30
CA TRP D 398 24.16 4.14 -1.78
C TRP D 398 24.73 3.25 -2.88
N TYR D 399 25.54 3.84 -3.75
CA TYR D 399 26.24 3.10 -4.79
C TYR D 399 27.71 2.94 -4.45
N LEU D 400 28.04 1.82 -3.82
CA LEU D 400 29.40 1.55 -3.36
C LEU D 400 30.40 1.46 -4.51
N ASN D 401 29.94 1.00 -5.67
CA ASN D 401 30.80 0.89 -6.85
C ASN D 401 31.40 2.23 -7.27
N ARG D 402 30.63 3.30 -7.08
CA ARG D 402 31.10 4.63 -7.40
C ARG D 402 32.04 5.12 -6.29
N ILE D 403 33.32 4.82 -6.45
CA ILE D 403 34.32 5.17 -5.45
C ILE D 403 34.84 6.59 -5.62
N SER D 404 35.40 7.12 -4.55
CA SER D 404 36.00 8.46 -4.56
C SER D 404 36.95 8.61 -3.37
N TYR D 405 37.95 9.47 -3.52
CA TYR D 405 38.97 9.67 -2.48
C TYR D 405 38.37 10.12 -1.16
N GLY D 406 39.01 9.73 -0.07
CA GLY D 406 38.58 10.13 1.26
C GLY D 406 37.51 9.26 1.86
N PRO D 407 36.95 9.70 3.00
CA PRO D 407 35.91 8.96 3.71
C PRO D 407 34.53 9.19 3.11
N ASP D 408 34.24 8.52 1.99
CA ASP D 408 32.95 8.67 1.33
C ASP D 408 31.84 7.95 2.09
N TRP D 409 32.20 7.27 3.16
CA TRP D 409 31.21 6.58 3.99
C TRP D 409 30.35 7.60 4.71
N LYS D 410 30.92 8.78 4.99
CA LYS D 410 30.20 9.85 5.65
C LYS D 410 29.03 10.31 4.79
N ASP D 411 29.19 10.15 3.47
CA ASP D 411 28.13 10.49 2.54
C ASP D 411 26.95 9.54 2.70
N PHE D 412 27.24 8.23 2.69
CA PHE D 412 26.19 7.22 2.81
C PHE D 412 25.51 7.27 4.17
N TYR D 413 26.29 7.57 5.20
CA TYR D 413 25.80 7.56 6.59
C TYR D 413 24.81 8.68 6.90
N VAL D 414 25.02 9.85 6.31
CA VAL D 414 24.19 11.03 6.60
C VAL D 414 22.84 11.01 5.85
N VAL D 415 22.75 10.20 4.81
CA VAL D 415 21.53 10.10 4.01
C VAL D 415 20.29 9.73 4.85
N GLU D 416 19.28 10.61 4.83
CA GLU D 416 18.03 10.35 5.54
C GLU D 416 16.92 9.95 4.56
N PRO D 417 16.52 8.67 4.60
CA PRO D 417 15.55 8.06 3.66
C PRO D 417 14.13 8.63 3.74
N LEU D 418 13.78 9.26 4.85
CA LEU D 418 12.43 9.79 5.02
C LEU D 418 12.34 11.31 4.91
N ALA D 419 13.48 11.97 4.71
CA ALA D 419 13.51 13.43 4.63
C ALA D 419 12.88 13.97 3.34
N PHE D 420 11.55 14.08 3.33
CA PHE D 420 10.84 14.63 2.18
C PHE D 420 9.39 15.03 2.50
N GLU D 421 8.70 15.58 1.51
CA GLU D 421 7.33 16.05 1.64
C GLU D 421 6.36 14.84 1.63
N GLY D 422 5.70 14.60 2.76
CA GLY D 422 4.76 13.47 2.84
C GLY D 422 4.01 13.35 4.16
N THR D 423 3.05 12.43 4.20
CA THR D 423 2.24 12.20 5.40
C THR D 423 2.71 10.96 6.17
N PRO D 424 2.30 10.83 7.45
CA PRO D 424 2.68 9.71 8.32
C PRO D 424 2.44 8.32 7.70
N GLU D 425 1.32 8.16 6.99
CA GLU D 425 1.01 6.88 6.35
C GLU D 425 1.65 6.76 4.95
N GLN D 426 2.05 7.88 4.38
CA GLN D 426 2.70 7.90 3.07
C GLN D 426 4.17 7.48 3.22
N LYS D 427 4.80 7.90 4.32
CA LYS D 427 6.19 7.57 4.58
C LYS D 427 6.34 6.16 5.15
N ALA D 428 5.21 5.52 5.42
CA ALA D 428 5.22 4.15 5.95
C ALA D 428 5.45 3.13 4.84
N LEU D 429 5.37 3.59 3.59
CA LEU D 429 5.56 2.73 2.43
C LEU D 429 7.04 2.45 2.14
N VAL D 430 7.92 3.30 2.68
CA VAL D 430 9.36 3.11 2.52
C VAL D 430 9.85 2.00 3.45
N ILE D 431 10.13 0.84 2.87
CA ILE D 431 10.51 -0.34 3.64
C ILE D 431 12.03 -0.54 3.76
N GLY D 432 12.79 0.52 3.47
CA GLY D 432 14.25 0.46 3.58
C GLY D 432 14.97 0.67 2.27
N GLY D 433 16.11 0.02 2.12
CA GLY D 433 16.91 0.15 0.91
C GLY D 433 18.01 -0.87 0.78
N GLU D 434 18.85 -0.68 -0.24
CA GLU D 434 19.96 -1.59 -0.49
C GLU D 434 21.22 -0.84 -0.91
N ALA D 435 22.36 -1.28 -0.39
CA ALA D 435 23.64 -0.75 -0.83
C ALA D 435 24.01 -1.54 -2.09
N CYS D 436 24.49 -0.84 -3.11
CA CYS D 436 24.77 -1.47 -4.39
C CYS D 436 26.26 -1.62 -4.69
N MET D 437 26.64 -2.80 -5.14
CA MET D 437 28.03 -3.10 -5.46
C MET D 437 28.11 -3.75 -6.84
N TRP D 438 28.06 -2.91 -7.88
CA TRP D 438 28.12 -3.41 -9.26
C TRP D 438 29.53 -3.86 -9.62
N GLY D 439 29.65 -4.78 -10.57
CA GLY D 439 30.93 -5.42 -10.86
C GLY D 439 31.67 -5.01 -12.11
N GLU D 440 31.44 -3.81 -12.61
CA GLU D 440 32.18 -3.32 -13.78
C GLU D 440 33.67 -3.25 -13.49
N TYR D 441 34.01 -2.95 -12.24
CA TYR D 441 35.40 -2.84 -11.81
C TYR D 441 35.62 -3.62 -10.52
N VAL D 442 34.75 -4.59 -10.25
CA VAL D 442 34.81 -5.35 -9.01
C VAL D 442 34.76 -6.86 -9.25
N ASP D 443 35.62 -7.59 -8.56
CA ASP D 443 35.62 -9.05 -8.60
C ASP D 443 36.24 -9.65 -7.35
N ASN D 444 36.55 -10.94 -7.42
CA ASN D 444 37.11 -11.67 -6.30
C ASN D 444 38.34 -11.01 -5.66
N THR D 445 39.01 -10.14 -6.41
CA THR D 445 40.27 -9.55 -5.97
C THR D 445 40.13 -8.25 -5.14
N ASN D 446 39.02 -7.54 -5.28
CA ASN D 446 38.85 -6.26 -4.59
C ASN D 446 37.49 -6.05 -3.95
N LEU D 447 36.64 -7.08 -4.01
CA LEU D 447 35.28 -7.00 -3.48
C LEU D 447 35.22 -6.64 -1.99
N VAL D 448 35.90 -7.43 -1.16
CA VAL D 448 35.83 -7.27 0.29
C VAL D 448 36.24 -5.88 0.82
N PRO D 449 37.44 -5.39 0.42
CA PRO D 449 37.88 -4.07 0.90
C PRO D 449 36.99 -2.93 0.38
N ARG D 450 36.40 -3.10 -0.80
CA ARG D 450 35.54 -2.07 -1.37
C ARG D 450 34.16 -2.10 -0.70
N LEU D 451 33.74 -3.27 -0.24
CA LEU D 451 32.46 -3.42 0.44
C LEU D 451 32.49 -2.86 1.84
N TRP D 452 33.38 -3.39 2.67
CA TRP D 452 33.44 -3.03 4.07
C TRP D 452 34.61 -2.09 4.35
N PRO D 453 34.46 -1.20 5.35
CA PRO D 453 33.26 -1.08 6.17
C PRO D 453 32.29 -0.01 5.66
N ARG D 454 32.47 0.42 4.42
CA ARG D 454 31.61 1.45 3.84
C ARG D 454 30.13 1.08 3.84
N ALA D 455 29.84 -0.19 3.54
CA ALA D 455 28.46 -0.69 3.52
C ALA D 455 27.86 -0.70 4.92
N GLY D 456 28.74 -0.64 5.93
CA GLY D 456 28.31 -0.60 7.32
C GLY D 456 27.59 0.70 7.65
N ALA D 457 27.98 1.77 6.95
CA ALA D 457 27.35 3.07 7.14
C ALA D 457 25.88 3.02 6.70
N VAL D 458 25.61 2.21 5.69
CA VAL D 458 24.25 2.01 5.21
C VAL D 458 23.48 1.15 6.21
N ALA D 459 24.15 0.12 6.72
CA ALA D 459 23.56 -0.78 7.69
C ALA D 459 22.96 -0.03 8.88
N GLU D 460 23.76 0.82 9.51
CA GLU D 460 23.31 1.58 10.68
C GLU D 460 22.19 2.55 10.35
N ARG D 461 22.16 3.04 9.12
CA ARG D 461 21.11 3.96 8.68
C ARG D 461 19.79 3.22 8.46
N LEU D 462 19.87 1.92 8.25
CA LEU D 462 18.68 1.11 8.04
C LEU D 462 18.24 0.37 9.30
N TRP D 463 19.09 0.37 10.31
CA TRP D 463 18.75 -0.27 11.58
C TRP D 463 18.54 0.73 12.71
N SER D 464 19.56 1.53 12.99
CA SER D 464 19.50 2.49 14.09
C SER D 464 18.37 3.52 13.96
N ASN D 465 18.20 4.33 15.00
CA ASN D 465 17.14 5.31 15.05
C ASN D 465 17.37 6.49 14.11
N LYS D 466 16.29 7.18 13.76
CA LYS D 466 16.33 8.35 12.89
C LYS D 466 17.26 9.42 13.46
N LEU D 467 17.43 9.42 14.77
CA LEU D 467 18.22 10.44 15.47
C LEU D 467 19.69 10.08 15.66
N THR D 468 20.08 8.89 15.20
CA THR D 468 21.47 8.46 15.27
C THR D 468 22.20 8.90 14.01
N SER D 469 22.94 10.00 14.10
CA SER D 469 23.62 10.55 12.93
C SER D 469 24.87 11.37 13.24
N ASP D 470 25.34 11.31 14.48
CA ASP D 470 26.55 12.04 14.87
C ASP D 470 27.79 11.40 14.24
N LEU D 471 28.41 12.11 13.30
CA LEU D 471 29.58 11.57 12.58
C LEU D 471 30.78 11.22 13.47
N THR D 472 31.01 12.02 14.50
CA THR D 472 32.12 11.75 15.43
C THR D 472 31.83 10.47 16.21
N PHE D 473 30.59 10.34 16.68
CA PHE D 473 30.16 9.17 17.43
C PHE D 473 30.20 7.91 16.56
N ALA D 474 29.96 8.10 15.26
CA ALA D 474 29.99 7.00 14.31
C ALA D 474 31.43 6.54 14.05
N TYR D 475 32.37 7.49 14.06
CA TYR D 475 33.77 7.18 13.82
C TYR D 475 34.38 6.24 14.86
N GLU D 476 34.22 6.58 16.14
CA GLU D 476 34.76 5.73 17.21
C GLU D 476 34.22 4.30 17.14
N ARG D 477 32.96 4.16 16.72
CA ARG D 477 32.33 2.85 16.66
C ARG D 477 32.60 2.07 15.39
N LEU D 478 32.65 2.77 14.25
CA LEU D 478 32.89 2.12 12.97
C LEU D 478 34.34 1.64 12.83
N SER D 479 35.28 2.46 13.32
CA SER D 479 36.69 2.09 13.29
C SER D 479 36.96 0.97 14.28
N HIS D 480 36.27 1.02 15.41
CA HIS D 480 36.37 -0.03 16.43
C HIS D 480 35.80 -1.33 15.85
N PHE D 481 34.71 -1.20 15.09
CA PHE D 481 34.08 -2.35 14.46
C PHE D 481 34.96 -2.88 13.34
N ARG D 482 35.72 -2.00 12.69
CA ARG D 482 36.60 -2.41 11.62
C ARG D 482 37.72 -3.33 12.13
N CYS D 483 38.43 -2.88 13.17
CA CYS D 483 39.51 -3.68 13.75
C CYS D 483 38.99 -5.03 14.22
N GLU D 484 37.74 -5.07 14.65
CA GLU D 484 37.12 -6.30 15.13
C GLU D 484 36.83 -7.22 13.95
N LEU D 485 36.47 -6.61 12.81
CA LEU D 485 36.21 -7.35 11.58
C LEU D 485 37.48 -8.03 11.08
N LEU D 486 38.62 -7.35 11.21
CA LEU D 486 39.91 -7.90 10.82
C LEU D 486 40.24 -9.10 11.69
N ARG D 487 39.90 -9.02 12.97
CA ARG D 487 40.13 -10.11 13.90
C ARG D 487 39.27 -11.32 13.52
N ARG D 488 38.15 -11.03 12.87
CA ARG D 488 37.25 -12.08 12.40
C ARG D 488 37.62 -12.55 10.99
N GLY D 489 38.77 -12.08 10.50
CA GLY D 489 39.29 -12.51 9.20
C GLY D 489 38.66 -11.85 7.99
N VAL D 490 38.16 -10.63 8.17
CA VAL D 490 37.55 -9.88 7.06
C VAL D 490 38.52 -8.82 6.54
N GLN D 491 38.73 -8.81 5.23
CA GLN D 491 39.65 -7.88 4.60
C GLN D 491 39.00 -6.49 4.39
N ALA D 492 38.73 -5.80 5.49
CA ALA D 492 38.11 -4.48 5.44
C ALA D 492 39.15 -3.36 5.44
N GLN D 493 38.99 -2.42 4.52
CA GLN D 493 39.92 -1.29 4.39
C GLN D 493 39.80 -0.33 5.56
N PRO D 494 40.82 0.52 5.78
CA PRO D 494 40.77 1.46 6.89
C PRO D 494 39.86 2.63 6.60
N LEU D 495 39.27 3.19 7.66
CA LEU D 495 38.44 4.37 7.51
C LEU D 495 39.32 5.59 7.37
N ASN D 496 40.42 5.58 8.12
CA ASN D 496 41.36 6.69 8.11
C ASN D 496 42.70 6.22 8.66
N VAL D 497 43.56 7.15 9.06
CA VAL D 497 44.88 6.81 9.61
C VAL D 497 44.77 6.14 10.97
N GLY D 498 45.74 5.28 11.28
CA GLY D 498 45.76 4.58 12.55
C GLY D 498 46.28 3.17 12.44
N PHE D 499 45.72 2.27 13.25
CA PHE D 499 46.18 0.89 13.27
C PHE D 499 45.23 0.00 14.07
N CYS D 500 45.38 -1.30 13.91
CA CYS D 500 44.70 -2.28 14.73
C CYS D 500 45.81 -3.15 15.31
N GLU D 501 45.82 -3.32 16.63
CA GLU D 501 46.88 -4.10 17.28
C GLU D 501 47.22 -5.30 16.39
N GLN D 502 46.19 -6.07 16.02
CA GLN D 502 46.34 -7.20 15.11
C GLN D 502 46.07 -6.71 13.69
N GLU D 503 47.12 -6.60 12.88
CA GLU D 503 46.97 -6.10 11.53
C GLU D 503 46.65 -7.25 10.57
N PHE D 504 45.98 -6.93 9.47
CA PHE D 504 45.59 -7.94 8.49
C PHE D 504 46.78 -8.47 7.70
N GLU D 505 46.82 -9.78 7.49
CA GLU D 505 47.92 -10.42 6.75
C GLU D 505 47.53 -11.79 6.19
N GLN D 506 47.19 -11.81 4.89
CA GLN D 506 46.82 -13.04 4.18
C GLN D 506 46.39 -12.73 2.76
N LEU E 1 -44.68 -3.30 15.17
CA LEU E 1 -44.26 -2.52 16.37
C LEU E 1 -42.74 -2.38 16.46
N TRP E 2 -42.25 -1.15 16.38
CA TRP E 2 -40.82 -0.87 16.39
C TRP E 2 -40.52 0.36 17.25
N PRO E 3 -39.63 0.22 18.26
CA PRO E 3 -38.93 -1.01 18.60
C PRO E 3 -39.79 -1.94 19.42
N TRP E 4 -39.28 -3.15 19.67
CA TRP E 4 -40.00 -4.16 20.42
C TRP E 4 -39.94 -3.88 21.92
N PRO E 5 -41.11 -3.88 22.59
CA PRO E 5 -41.20 -3.62 24.03
C PRO E 5 -40.54 -4.71 24.87
N GLN E 6 -40.22 -4.37 26.12
CA GLN E 6 -39.59 -5.32 27.03
C GLN E 6 -40.51 -6.50 27.33
N ASN E 7 -41.76 -6.19 27.65
CA ASN E 7 -42.76 -7.21 27.96
C ASN E 7 -44.05 -6.94 27.21
N PHE E 8 -44.40 -7.82 26.28
CA PHE E 8 -45.58 -7.62 25.44
C PHE E 8 -46.48 -8.85 25.34
N GLN E 9 -47.53 -8.88 26.16
CA GLN E 9 -48.53 -9.93 26.09
C GLN E 9 -49.56 -9.59 25.02
N THR E 10 -49.55 -10.36 23.95
CA THR E 10 -50.46 -10.12 22.84
C THR E 10 -51.62 -11.11 22.81
N SER E 11 -52.69 -10.72 22.14
CA SER E 11 -53.87 -11.56 22.01
C SER E 11 -54.48 -11.39 20.62
N ASP E 12 -55.52 -12.16 20.33
CA ASP E 12 -56.18 -12.09 19.02
C ASP E 12 -57.54 -11.41 19.10
N GLN E 13 -58.04 -11.19 20.31
CA GLN E 13 -59.32 -10.51 20.49
C GLN E 13 -59.21 -9.08 19.99
N ARG E 14 -60.25 -8.60 19.31
CA ARG E 14 -60.23 -7.29 18.70
C ARG E 14 -61.18 -6.31 19.35
N TYR E 15 -60.95 -5.02 19.09
CA TYR E 15 -61.81 -3.96 19.57
C TYR E 15 -61.98 -2.90 18.49
N VAL E 16 -63.23 -2.57 18.19
CA VAL E 16 -63.54 -1.63 17.11
C VAL E 16 -63.21 -0.18 17.48
N LEU E 17 -62.73 0.59 16.50
CA LEU E 17 -62.42 2.00 16.69
C LEU E 17 -63.29 2.89 15.82
N TYR E 18 -63.36 4.17 16.17
CA TYR E 18 -64.11 5.15 15.39
C TYR E 18 -63.26 6.38 15.16
N PRO E 19 -62.57 6.43 14.01
CA PRO E 19 -61.66 7.50 13.59
C PRO E 19 -62.10 8.92 13.97
N ASN E 20 -63.40 9.19 13.91
CA ASN E 20 -63.91 10.53 14.18
C ASN E 20 -64.35 10.79 15.62
N ASN E 21 -64.68 9.72 16.34
CA ASN E 21 -65.13 9.86 17.72
C ASN E 21 -64.15 9.27 18.74
N PHE E 22 -62.86 9.33 18.42
CA PHE E 22 -61.83 8.82 19.33
C PHE E 22 -61.09 9.98 19.99
N GLN E 23 -60.92 9.90 21.30
CA GLN E 23 -60.27 10.97 22.04
C GLN E 23 -59.29 10.49 23.10
N PHE E 24 -58.27 11.29 23.35
CA PHE E 24 -57.27 11.01 24.38
C PHE E 24 -57.56 11.92 25.55
N GLN E 25 -57.93 11.35 26.69
CA GLN E 25 -58.23 12.16 27.87
C GLN E 25 -57.38 11.79 29.08
N TYR E 26 -57.07 12.79 29.90
CA TYR E 26 -56.31 12.58 31.12
C TYR E 26 -57.22 11.94 32.16
N ASP E 27 -56.62 11.26 33.13
CA ASP E 27 -57.39 10.68 34.21
C ASP E 27 -57.42 11.67 35.37
N VAL E 28 -58.52 11.69 36.12
CA VAL E 28 -58.65 12.60 37.26
C VAL E 28 -57.50 12.44 38.24
N SER E 29 -56.97 11.22 38.34
CA SER E 29 -55.86 10.92 39.22
C SER E 29 -54.56 10.89 38.43
N SER E 30 -54.20 12.03 37.86
CA SER E 30 -52.99 12.15 37.05
C SER E 30 -52.29 13.48 37.28
N ALA E 31 -50.97 13.45 37.39
CA ALA E 31 -50.19 14.67 37.58
C ALA E 31 -50.33 15.55 36.34
N ALA E 32 -50.19 14.94 35.16
CA ALA E 32 -50.38 15.66 33.91
C ALA E 32 -51.88 15.88 33.68
N GLN E 33 -52.24 17.11 33.34
CA GLN E 33 -53.63 17.49 33.15
C GLN E 33 -53.67 18.62 32.11
N PRO E 34 -54.88 18.97 31.60
CA PRO E 34 -54.97 20.07 30.64
C PRO E 34 -54.07 21.24 31.03
N GLY E 35 -53.29 21.72 30.08
CA GLY E 35 -52.29 22.74 30.34
C GLY E 35 -50.94 22.09 30.15
N CYS E 36 -50.98 20.78 29.92
CA CYS E 36 -49.79 19.99 29.66
C CYS E 36 -49.32 20.24 28.24
N SER E 37 -48.33 21.13 28.09
CA SER E 37 -47.81 21.50 26.77
C SER E 37 -47.44 20.28 25.91
N VAL E 38 -46.75 19.32 26.50
CA VAL E 38 -46.29 18.15 25.77
C VAL E 38 -47.43 17.23 25.32
N LEU E 39 -48.30 16.85 26.26
CA LEU E 39 -49.39 15.93 25.98
C LEU E 39 -50.59 16.55 25.23
N ASP E 40 -50.85 17.83 25.47
CA ASP E 40 -51.95 18.51 24.78
C ASP E 40 -51.71 18.55 23.26
N GLU E 41 -50.44 18.61 22.87
CA GLU E 41 -50.07 18.62 21.46
C GLU E 41 -49.86 17.21 20.94
N ALA E 42 -49.42 16.32 21.82
CA ALA E 42 -49.19 14.93 21.46
C ALA E 42 -50.49 14.24 21.05
N PHE E 43 -51.56 14.51 21.79
CA PHE E 43 -52.85 13.89 21.50
C PHE E 43 -53.36 14.29 20.13
N GLN E 44 -53.23 15.57 19.80
CA GLN E 44 -53.70 16.09 18.52
C GLN E 44 -52.80 15.64 17.36
N ARG E 45 -51.52 15.45 17.65
CA ARG E 45 -50.56 15.04 16.64
C ARG E 45 -50.84 13.60 16.23
N TYR E 46 -51.09 12.75 17.22
CA TYR E 46 -51.32 11.32 16.98
C TYR E 46 -52.73 10.98 16.51
N ARG E 47 -53.69 11.86 16.80
CA ARG E 47 -55.05 11.63 16.32
C ARG E 47 -55.11 11.89 14.82
N ASP E 48 -54.28 12.83 14.38
CA ASP E 48 -54.16 13.14 12.97
C ASP E 48 -53.35 12.05 12.29
N LEU E 49 -52.29 11.62 12.97
CA LEU E 49 -51.39 10.60 12.45
C LEU E 49 -52.13 9.29 12.23
N LEU E 50 -53.18 9.06 13.01
CA LEU E 50 -53.99 7.86 12.89
C LEU E 50 -55.15 8.04 11.93
N PHE E 51 -55.81 9.20 12.00
CA PHE E 51 -56.97 9.47 11.16
C PHE E 51 -56.90 10.85 10.52
N GLY E 52 -56.00 11.00 9.55
CA GLY E 52 -55.85 12.29 8.85
C GLY E 52 -55.45 12.12 7.40
N THR E 67 -67.06 -5.50 21.01
CA THR E 67 -66.97 -4.39 21.95
C THR E 67 -66.27 -3.20 21.28
N LEU E 68 -66.74 -2.00 21.59
CA LEU E 68 -66.20 -0.78 21.00
C LEU E 68 -65.15 -0.12 21.88
N GLU E 69 -64.30 0.69 21.25
CA GLU E 69 -63.25 1.44 21.94
C GLU E 69 -63.17 2.84 21.35
N LYS E 70 -63.34 3.85 22.20
CA LYS E 70 -63.28 5.24 21.74
C LYS E 70 -62.67 6.19 22.78
N ASN E 71 -61.67 5.69 23.51
CA ASN E 71 -61.01 6.48 24.53
C ASN E 71 -59.82 5.76 25.16
N VAL E 72 -58.66 6.42 25.16
CA VAL E 72 -57.48 5.89 25.83
C VAL E 72 -57.04 6.84 26.94
N LEU E 73 -57.13 6.37 28.19
CA LEU E 73 -56.80 7.19 29.34
C LEU E 73 -55.30 7.25 29.60
N VAL E 74 -54.79 8.46 29.83
CA VAL E 74 -53.38 8.67 30.09
C VAL E 74 -53.18 9.21 31.51
N VAL E 75 -52.23 8.63 32.23
CA VAL E 75 -51.91 9.10 33.58
C VAL E 75 -50.41 9.06 33.85
N SER E 76 -49.84 10.24 34.04
CA SER E 76 -48.42 10.37 34.37
C SER E 76 -48.30 10.63 35.86
N VAL E 77 -47.52 9.81 36.55
CA VAL E 77 -47.40 9.92 38.01
C VAL E 77 -46.40 10.99 38.46
N VAL E 78 -45.27 11.09 37.77
CA VAL E 78 -44.23 12.07 38.13
C VAL E 78 -44.74 13.50 37.92
N THR E 79 -44.61 14.31 38.98
CA THR E 79 -45.19 15.66 39.00
C THR E 79 -44.61 16.69 38.00
N PRO E 80 -43.27 16.72 37.82
CA PRO E 80 -42.68 17.75 36.96
C PRO E 80 -43.53 18.05 35.76
N GLY E 81 -44.03 19.28 35.69
CA GLY E 81 -44.88 19.71 34.59
C GLY E 81 -44.33 19.33 33.22
N CYS E 82 -45.19 19.42 32.23
CA CYS E 82 -44.83 19.07 30.87
C CYS E 82 -43.96 20.15 30.22
N ASN E 83 -43.72 21.24 30.95
CA ASN E 83 -42.94 22.35 30.39
C ASN E 83 -41.45 22.34 30.76
N GLN E 84 -40.99 21.25 31.35
CA GLN E 84 -39.57 21.09 31.65
C GLN E 84 -38.86 20.24 30.61
N LEU E 85 -37.63 20.63 30.29
CA LEU E 85 -36.80 19.90 29.34
C LEU E 85 -36.55 18.49 29.85
N PRO E 86 -36.48 17.51 28.93
CA PRO E 86 -36.14 16.15 29.32
C PRO E 86 -34.65 16.05 29.63
N THR E 87 -34.29 15.15 30.55
CA THR E 87 -32.90 14.97 30.92
C THR E 87 -32.49 13.51 30.81
N LEU E 88 -31.19 13.25 30.93
CA LEU E 88 -30.66 11.90 30.88
C LEU E 88 -31.26 11.04 32.01
N GLU E 89 -31.64 11.70 33.10
CA GLU E 89 -32.21 11.01 34.26
C GLU E 89 -33.71 10.73 34.13
N SER E 90 -34.36 11.40 33.16
CA SER E 90 -35.80 11.22 32.95
C SER E 90 -36.16 9.74 32.80
N VAL E 91 -37.16 9.30 33.55
CA VAL E 91 -37.58 7.90 33.54
C VAL E 91 -38.67 7.64 32.50
N GLU E 92 -38.29 7.01 31.39
CA GLU E 92 -39.23 6.75 30.29
C GLU E 92 -40.08 5.49 30.44
N ASN E 93 -40.15 4.96 31.66
CA ASN E 93 -40.99 3.79 31.95
C ASN E 93 -42.45 4.09 31.62
N TYR E 94 -43.12 3.13 30.98
CA TYR E 94 -44.55 3.26 30.68
C TYR E 94 -45.19 1.88 30.54
N THR E 95 -46.51 1.84 30.72
CA THR E 95 -47.25 0.60 30.55
C THR E 95 -48.53 0.84 29.75
N LEU E 96 -48.84 -0.08 28.85
CA LEU E 96 -50.06 0.01 28.05
C LEU E 96 -50.92 -1.23 28.25
N THR E 97 -52.14 -1.03 28.73
CA THR E 97 -53.06 -2.14 28.98
C THR E 97 -54.41 -1.91 28.33
N ILE E 98 -54.84 -2.88 27.51
CA ILE E 98 -56.12 -2.79 26.81
C ILE E 98 -56.89 -4.11 26.86
N ASN E 99 -58.03 -4.08 27.55
CA ASN E 99 -58.91 -5.25 27.62
C ASN E 99 -60.40 -4.88 27.48
N ASP E 100 -61.28 -5.74 28.00
CA ASP E 100 -62.72 -5.53 27.86
C ASP E 100 -63.24 -4.24 28.50
N ASP E 101 -62.65 -3.85 29.62
CA ASP E 101 -63.13 -2.67 30.34
C ASP E 101 -62.02 -1.67 30.68
N GLN E 102 -60.87 -1.81 30.02
CA GLN E 102 -59.75 -0.91 30.26
C GLN E 102 -58.98 -0.54 28.99
N CYS E 103 -58.53 0.70 28.94
CA CYS E 103 -57.72 1.21 27.84
C CYS E 103 -56.86 2.28 28.48
N LEU E 104 -55.86 1.84 29.25
CA LEU E 104 -55.08 2.73 30.08
C LEU E 104 -53.61 2.77 29.68
N LEU E 105 -53.07 3.98 29.58
CA LEU E 105 -51.66 4.18 29.32
C LEU E 105 -51.07 4.95 30.49
N LEU E 106 -50.46 4.22 31.43
CA LEU E 106 -49.84 4.88 32.58
C LEU E 106 -48.33 4.90 32.44
N SER E 107 -47.72 6.00 32.86
CA SER E 107 -46.29 6.16 32.75
C SER E 107 -45.73 6.86 33.97
N GLU E 108 -44.43 6.70 34.19
CA GLU E 108 -43.75 7.36 35.28
C GLU E 108 -43.75 8.85 35.00
N THR E 109 -42.96 9.26 34.02
CA THR E 109 -42.89 10.66 33.64
C THR E 109 -43.74 10.93 32.39
N VAL E 110 -43.75 12.19 31.96
CA VAL E 110 -44.52 12.60 30.79
C VAL E 110 -43.89 12.06 29.49
N TRP E 111 -42.58 11.83 29.53
CA TRP E 111 -41.84 11.34 28.38
C TRP E 111 -42.20 9.89 28.08
N GLY E 112 -42.53 9.14 29.12
CA GLY E 112 -42.98 7.76 28.97
C GLY E 112 -44.33 7.71 28.27
N ALA E 113 -45.15 8.72 28.56
CA ALA E 113 -46.47 8.83 27.94
C ALA E 113 -46.34 9.03 26.43
N LEU E 114 -45.32 9.77 26.01
CA LEU E 114 -45.06 9.97 24.58
C LEU E 114 -44.74 8.65 23.91
N ARG E 115 -43.85 7.88 24.52
CA ARG E 115 -43.45 6.59 24.00
C ARG E 115 -44.66 5.68 23.88
N GLY E 116 -45.51 5.71 24.91
CA GLY E 116 -46.72 4.90 24.92
C GLY E 116 -47.65 5.21 23.76
N LEU E 117 -47.80 6.50 23.46
CA LEU E 117 -48.65 6.95 22.36
C LEU E 117 -48.12 6.44 21.02
N GLU E 118 -46.80 6.42 20.87
CA GLU E 118 -46.17 5.91 19.65
C GLU E 118 -46.47 4.43 19.48
N THR E 119 -46.30 3.66 20.54
CA THR E 119 -46.59 2.24 20.52
C THR E 119 -48.07 2.05 20.19
N PHE E 120 -48.91 2.91 20.76
CA PHE E 120 -50.34 2.85 20.53
C PHE E 120 -50.67 3.08 19.07
N SER E 121 -50.00 4.06 18.45
CA SER E 121 -50.26 4.41 17.05
C SER E 121 -49.87 3.28 16.10
N GLN E 122 -48.93 2.45 16.52
CA GLN E 122 -48.47 1.34 15.70
C GLN E 122 -49.33 0.10 15.89
N LEU E 123 -50.03 0.03 17.02
CA LEU E 123 -50.88 -1.12 17.32
C LEU E 123 -52.24 -1.04 16.62
N VAL E 124 -52.66 0.17 16.29
CA VAL E 124 -53.92 0.37 15.58
C VAL E 124 -53.76 -0.12 14.14
N TRP E 125 -54.69 -0.97 13.69
CA TRP E 125 -54.63 -1.54 12.35
C TRP E 125 -55.97 -1.54 11.64
N LYS E 126 -55.92 -1.61 10.31
CA LYS E 126 -57.14 -1.69 9.51
C LYS E 126 -57.24 -3.06 8.86
N SER E 127 -58.47 -3.56 8.73
CA SER E 127 -58.71 -4.84 8.10
C SER E 127 -58.88 -4.65 6.59
N ALA E 128 -59.07 -5.76 5.88
CA ALA E 128 -59.26 -5.71 4.43
C ALA E 128 -60.55 -4.97 4.07
N GLU E 129 -61.48 -4.93 5.03
CA GLU E 129 -62.76 -4.25 4.84
C GLU E 129 -62.61 -2.73 5.00
N GLY E 130 -61.57 -2.33 5.72
CA GLY E 130 -61.32 -0.90 5.99
C GLY E 130 -61.72 -0.51 7.40
N THR E 131 -61.97 -1.50 8.24
CA THR E 131 -62.40 -1.28 9.62
C THR E 131 -61.22 -1.08 10.55
N PHE E 132 -61.33 -0.10 11.45
CA PHE E 132 -60.27 0.18 12.43
C PHE E 132 -60.39 -0.72 13.66
N PHE E 133 -59.25 -1.24 14.13
CA PHE E 133 -59.22 -2.17 15.28
C PHE E 133 -58.02 -2.00 16.20
N ILE E 134 -58.14 -2.58 17.40
CA ILE E 134 -57.03 -2.71 18.34
C ILE E 134 -57.22 -4.04 19.07
N ASN E 135 -56.16 -4.83 19.20
CA ASN E 135 -56.23 -6.10 19.89
C ASN E 135 -56.04 -5.96 21.41
N LYS E 136 -56.44 -6.98 22.16
CA LYS E 136 -56.20 -7.00 23.60
C LYS E 136 -54.69 -7.04 23.82
N THR E 137 -54.18 -6.10 24.60
CA THR E 137 -52.74 -5.99 24.79
C THR E 137 -52.31 -5.63 26.21
N GLU E 138 -51.23 -6.24 26.66
CA GLU E 138 -50.64 -5.96 27.96
C GLU E 138 -49.15 -5.68 27.78
N ILE E 139 -48.78 -4.41 27.91
CA ILE E 139 -47.40 -3.98 27.71
C ILE E 139 -46.85 -3.19 28.88
N GLU E 140 -45.69 -3.58 29.37
CA GLU E 140 -44.96 -2.78 30.32
C GLU E 140 -43.54 -2.62 29.77
N ASP E 141 -43.24 -1.43 29.27
CA ASP E 141 -42.02 -1.20 28.50
C ASP E 141 -41.11 -0.13 29.10
N PHE E 142 -39.83 -0.18 28.73
CA PHE E 142 -38.82 0.77 29.19
C PHE E 142 -37.55 0.65 28.33
N PRO E 143 -36.77 1.74 28.23
CA PRO E 143 -35.54 1.70 27.43
C PRO E 143 -34.39 1.00 28.12
N ARG E 144 -33.52 0.35 27.33
CA ARG E 144 -32.34 -0.32 27.87
C ARG E 144 -31.27 0.70 28.22
N PHE E 145 -31.10 1.69 27.34
CA PHE E 145 -30.15 2.76 27.56
C PHE E 145 -30.89 4.10 27.62
N PRO E 146 -30.47 5.00 28.53
CA PRO E 146 -31.11 6.32 28.65
C PRO E 146 -30.71 7.28 27.53
N HIS E 147 -29.48 7.17 27.04
CA HIS E 147 -28.98 8.08 26.01
C HIS E 147 -28.98 7.42 24.63
N ARG E 148 -30.06 7.62 23.88
CA ARG E 148 -30.20 7.05 22.54
C ARG E 148 -30.35 8.18 21.53
N GLY E 149 -29.32 8.41 20.73
CA GLY E 149 -29.32 9.56 19.84
C GLY E 149 -29.07 9.35 18.36
N LEU E 150 -29.11 10.46 17.63
CA LEU E 150 -28.90 10.49 16.20
C LEU E 150 -28.10 11.76 15.85
N LEU E 151 -27.11 11.62 14.98
CA LEU E 151 -26.24 12.73 14.62
C LEU E 151 -26.52 13.30 13.24
N LEU E 152 -26.76 14.61 13.18
CA LEU E 152 -26.92 15.31 11.91
C LEU E 152 -25.80 16.31 11.70
N ASP E 153 -25.07 16.13 10.61
CA ASP E 153 -23.98 17.03 10.26
C ASP E 153 -24.50 18.12 9.34
N THR E 154 -24.67 19.31 9.89
CA THR E 154 -25.17 20.44 9.12
C THR E 154 -24.05 21.40 8.72
N SER E 155 -22.84 20.86 8.55
CA SER E 155 -21.69 21.68 8.19
C SER E 155 -21.21 21.35 6.78
N ARG E 156 -20.80 20.11 6.55
CA ARG E 156 -20.34 19.69 5.23
C ARG E 156 -21.41 19.96 4.16
N HIS E 157 -22.66 20.03 4.60
CA HIS E 157 -23.80 20.40 3.76
C HIS E 157 -24.88 21.03 4.63
N TYR E 158 -25.50 22.09 4.12
CA TYR E 158 -26.55 22.78 4.88
C TYR E 158 -27.89 22.05 4.81
N LEU E 159 -28.58 21.98 5.94
CA LEU E 159 -29.88 21.33 6.00
C LEU E 159 -30.97 22.32 6.44
N PRO E 160 -31.93 22.60 5.55
CA PRO E 160 -33.04 23.50 5.84
C PRO E 160 -33.75 23.12 7.14
N LEU E 161 -34.35 24.10 7.81
CA LEU E 161 -35.02 23.89 9.09
C LEU E 161 -36.09 22.79 9.02
N SER E 162 -36.80 22.72 7.91
CA SER E 162 -37.86 21.73 7.73
C SER E 162 -37.32 20.30 7.79
N SER E 163 -36.14 20.09 7.20
CA SER E 163 -35.52 18.77 7.19
C SER E 163 -35.15 18.30 8.60
N ILE E 164 -34.62 19.23 9.40
CA ILE E 164 -34.24 18.92 10.77
C ILE E 164 -35.47 18.59 11.62
N LEU E 165 -36.57 19.29 11.36
CA LEU E 165 -37.83 19.03 12.07
C LEU E 165 -38.45 17.69 11.64
N ASP E 166 -38.24 17.34 10.37
CA ASP E 166 -38.72 16.07 9.85
C ASP E 166 -37.98 14.91 10.49
N THR E 167 -36.66 15.06 10.63
CA THR E 167 -35.83 14.05 11.26
C THR E 167 -36.26 13.87 12.72
N LEU E 168 -36.66 14.97 13.36
CA LEU E 168 -37.13 14.93 14.73
C LEU E 168 -38.42 14.14 14.86
N ASP E 169 -39.31 14.29 13.87
CA ASP E 169 -40.57 13.56 13.85
C ASP E 169 -40.34 12.06 13.84
N VAL E 170 -39.46 11.61 12.95
CA VAL E 170 -39.17 10.19 12.80
C VAL E 170 -38.38 9.66 14.01
N MET E 171 -37.52 10.50 14.58
CA MET E 171 -36.78 10.12 15.79
C MET E 171 -37.76 9.80 16.90
N ALA E 172 -38.87 10.52 16.94
CA ALA E 172 -39.92 10.28 17.92
C ALA E 172 -40.59 8.94 17.64
N TYR E 173 -40.80 8.63 16.36
CA TYR E 173 -41.42 7.38 15.97
C TYR E 173 -40.57 6.18 16.39
N ASN E 174 -39.25 6.33 16.27
CA ASN E 174 -38.31 5.27 16.62
C ASN E 174 -37.89 5.30 18.09
N LYS E 175 -38.48 6.21 18.86
CA LYS E 175 -38.18 6.36 20.28
C LYS E 175 -36.73 6.80 20.54
N LEU E 176 -36.26 7.79 19.79
CA LEU E 176 -34.93 8.36 20.03
C LEU E 176 -35.09 9.68 20.78
N ASN E 177 -34.27 9.88 21.80
CA ASN E 177 -34.42 11.07 22.66
C ASN E 177 -33.21 12.01 22.71
N VAL E 178 -32.28 11.87 21.76
CA VAL E 178 -31.11 12.74 21.73
C VAL E 178 -30.77 13.18 20.32
N PHE E 179 -30.80 14.50 20.09
CA PHE E 179 -30.42 15.03 18.79
C PHE E 179 -29.01 15.62 18.85
N HIS E 180 -28.05 14.87 18.33
CA HIS E 180 -26.65 15.27 18.33
C HIS E 180 -26.36 16.21 17.15
N TRP E 181 -26.57 17.50 17.37
CA TRP E 181 -26.37 18.50 16.33
C TRP E 181 -24.90 18.90 16.19
N HIS E 182 -24.29 18.52 15.07
CA HIS E 182 -22.92 18.93 14.76
C HIS E 182 -23.02 20.07 13.76
N LEU E 183 -23.24 21.28 14.29
CA LEU E 183 -23.51 22.46 13.47
C LEU E 183 -22.41 22.86 12.49
N VAL E 184 -21.20 23.08 13.01
CA VAL E 184 -20.09 23.55 12.19
C VAL E 184 -18.93 22.56 12.19
N ASP E 185 -18.05 22.70 11.20
CA ASP E 185 -16.90 21.80 11.07
C ASP E 185 -15.74 22.46 10.28
N ASP E 186 -15.63 22.14 8.99
CA ASP E 186 -14.54 22.69 8.16
C ASP E 186 -14.99 23.68 7.09
N PRO E 187 -15.73 23.19 6.07
CA PRO E 187 -16.10 24.05 4.94
C PRO E 187 -17.31 24.96 5.18
N SER E 188 -17.92 24.90 6.37
CA SER E 188 -19.11 25.73 6.63
C SER E 188 -19.27 26.19 8.07
N PHE E 189 -19.99 27.29 8.24
CA PHE E 189 -20.32 27.81 9.55
C PHE E 189 -21.70 28.49 9.50
N PRO E 190 -22.77 27.68 9.45
CA PRO E 190 -24.14 28.20 9.34
C PRO E 190 -24.73 28.78 10.64
N TYR E 191 -24.26 28.34 11.80
CA TYR E 191 -24.77 28.87 13.07
C TYR E 191 -24.46 30.35 13.23
N GLU E 192 -25.49 31.15 13.48
CA GLU E 192 -25.33 32.58 13.66
C GLU E 192 -25.11 32.95 15.12
N SER E 193 -23.97 33.56 15.40
CA SER E 193 -23.63 33.98 16.76
C SER E 193 -23.76 35.49 16.88
N PHE E 194 -24.26 35.95 18.04
CA PHE E 194 -24.41 37.38 18.27
C PHE E 194 -23.15 37.99 18.89
N THR E 195 -22.42 37.20 19.67
CA THR E 195 -21.17 37.66 20.27
C THR E 195 -20.09 37.84 19.22
N PHE E 196 -20.18 37.05 18.14
CA PHE E 196 -19.23 37.15 17.04
C PHE E 196 -19.93 36.98 15.70
N PRO E 197 -20.57 38.07 15.21
CA PRO E 197 -21.31 38.03 13.96
C PRO E 197 -20.41 38.22 12.75
N GLU E 198 -19.26 37.54 12.73
CA GLU E 198 -18.33 37.63 11.61
C GLU E 198 -17.93 36.26 11.09
N LEU E 199 -17.78 35.31 12.01
CA LEU E 199 -17.42 33.94 11.64
C LEU E 199 -18.52 33.23 10.83
N MET E 200 -19.76 33.72 11.00
CA MET E 200 -20.89 33.13 10.30
C MET E 200 -21.10 33.73 8.91
N ARG E 201 -20.97 35.05 8.80
CA ARG E 201 -21.14 35.73 7.51
C ARG E 201 -19.92 35.56 6.59
N LYS E 202 -18.77 35.30 7.20
CA LYS E 202 -17.54 35.06 6.43
C LYS E 202 -17.11 33.60 6.51
N GLY E 203 -18.04 32.73 6.91
CA GLY E 203 -17.72 31.30 7.04
C GLY E 203 -18.74 30.37 6.38
N SER E 204 -20.02 30.72 6.51
CA SER E 204 -21.10 29.91 5.93
C SER E 204 -21.09 29.96 4.40
N TYR E 205 -21.60 28.90 3.77
CA TYR E 205 -21.68 28.84 2.31
C TYR E 205 -22.27 30.11 1.75
N ASN E 206 -23.32 30.61 2.42
CA ASN E 206 -24.02 31.81 2.00
C ASN E 206 -24.54 32.56 3.22
N PRO E 207 -24.26 33.88 3.29
CA PRO E 207 -24.63 34.74 4.42
C PRO E 207 -26.14 34.80 4.76
N VAL E 208 -27.01 34.34 3.86
CA VAL E 208 -28.45 34.40 4.11
C VAL E 208 -29.25 33.10 3.87
N THR E 209 -28.98 32.44 2.75
CA THR E 209 -29.75 31.23 2.37
C THR E 209 -29.33 29.96 3.10
N HIS E 210 -28.13 29.97 3.71
CA HIS E 210 -27.62 28.80 4.41
C HIS E 210 -27.25 29.14 5.87
N ILE E 211 -28.23 29.66 6.62
CA ILE E 211 -27.99 30.12 7.99
C ILE E 211 -28.96 29.54 9.01
N TYR E 212 -28.50 29.40 10.25
CA TYR E 212 -29.36 28.99 11.35
C TYR E 212 -29.49 30.14 12.34
N THR E 213 -30.59 30.87 12.24
CA THR E 213 -30.84 32.02 13.10
C THR E 213 -31.12 31.60 14.53
N ALA E 214 -31.04 32.55 15.46
CA ALA E 214 -31.35 32.30 16.86
C ALA E 214 -32.79 31.83 16.99
N GLN E 215 -33.63 32.22 16.03
CA GLN E 215 -35.02 31.80 15.99
C GLN E 215 -35.12 30.36 15.51
N ASP E 216 -34.32 30.01 14.50
CA ASP E 216 -34.30 28.65 13.98
C ASP E 216 -33.87 27.68 15.08
N VAL E 217 -32.82 28.06 15.81
CA VAL E 217 -32.26 27.24 16.87
C VAL E 217 -33.21 27.06 18.05
N LYS E 218 -33.95 28.12 18.40
CA LYS E 218 -34.87 28.05 19.54
C LYS E 218 -36.10 27.19 19.21
N GLU E 219 -36.39 27.03 17.92
CA GLU E 219 -37.50 26.18 17.48
C GLU E 219 -37.12 24.72 17.45
N VAL E 220 -35.88 24.43 17.03
CA VAL E 220 -35.37 23.06 17.03
C VAL E 220 -35.43 22.50 18.44
N ILE E 221 -35.11 23.35 19.42
CA ILE E 221 -35.12 22.96 20.82
C ILE E 221 -36.54 22.68 21.32
N GLU E 222 -37.46 23.61 21.03
CA GLU E 222 -38.85 23.46 21.47
C GLU E 222 -39.58 22.34 20.71
N TYR E 223 -39.32 22.24 19.42
CA TYR E 223 -39.93 21.20 18.59
C TYR E 223 -39.52 19.83 19.12
N ALA E 224 -38.25 19.69 19.45
CA ALA E 224 -37.72 18.43 19.98
C ALA E 224 -38.22 18.18 21.40
N ARG E 225 -38.37 19.24 22.19
CA ARG E 225 -38.83 19.12 23.57
C ARG E 225 -40.22 18.54 23.63
N LEU E 226 -41.07 18.96 22.69
CA LEU E 226 -42.44 18.49 22.61
C LEU E 226 -42.50 17.01 22.21
N ARG E 227 -41.37 16.47 21.78
CA ARG E 227 -41.28 15.08 21.37
C ARG E 227 -40.28 14.30 22.22
N GLY E 228 -39.96 14.87 23.40
CA GLY E 228 -39.05 14.23 24.34
C GLY E 228 -37.67 13.98 23.77
N ILE E 229 -37.14 14.96 23.04
CA ILE E 229 -35.82 14.84 22.43
C ILE E 229 -34.87 15.92 22.95
N ARG E 230 -33.78 15.49 23.57
CA ARG E 230 -32.77 16.41 24.07
C ARG E 230 -31.88 16.89 22.94
N VAL E 231 -31.68 18.20 22.87
CA VAL E 231 -30.82 18.79 21.83
C VAL E 231 -29.41 18.97 22.36
N LEU E 232 -28.44 18.34 21.70
CA LEU E 232 -27.05 18.41 22.12
C LEU E 232 -26.20 19.03 21.01
N ALA E 233 -25.69 20.24 21.26
CA ALA E 233 -24.91 20.98 20.26
C ALA E 233 -23.42 20.65 20.30
N GLU E 234 -22.79 20.65 19.13
CA GLU E 234 -21.37 20.38 19.04
C GLU E 234 -20.59 21.38 18.18
N PHE E 235 -19.73 22.14 18.84
CA PHE E 235 -18.81 23.04 18.15
C PHE E 235 -17.41 22.51 18.42
N ASP E 236 -17.01 21.47 17.69
CA ASP E 236 -15.74 20.78 17.95
C ASP E 236 -14.49 21.61 17.64
N THR E 237 -13.51 21.51 18.54
CA THR E 237 -12.25 22.23 18.43
C THR E 237 -11.16 21.36 19.08
N PRO E 238 -9.88 21.62 18.76
CA PRO E 238 -9.38 22.65 17.85
C PRO E 238 -9.37 22.18 16.40
N GLY E 239 -9.63 20.89 16.19
CA GLY E 239 -9.69 20.33 14.85
C GLY E 239 -11.02 20.65 14.20
N HIS E 240 -11.07 20.50 12.88
CA HIS E 240 -12.30 20.82 12.13
C HIS E 240 -12.80 22.21 12.48
N THR E 241 -12.00 23.23 12.16
CA THR E 241 -12.37 24.62 12.45
C THR E 241 -11.91 25.58 11.34
N LEU E 242 -11.70 25.03 10.14
CA LEU E 242 -11.25 25.83 9.01
C LEU E 242 -12.37 26.73 8.50
N SER E 243 -13.31 27.04 9.39
CA SER E 243 -14.43 27.93 9.08
C SER E 243 -14.51 29.04 10.12
N TRP E 244 -13.85 28.82 11.26
CA TRP E 244 -13.81 29.80 12.34
C TRP E 244 -12.76 30.87 12.02
N GLY E 245 -11.98 30.64 10.97
CA GLY E 245 -10.92 31.56 10.55
C GLY E 245 -11.45 32.91 10.10
N PRO E 246 -11.78 33.01 8.79
CA PRO E 246 -12.32 34.26 8.24
C PRO E 246 -13.48 34.75 9.10
N GLY E 247 -13.32 35.93 9.68
CA GLY E 247 -14.30 36.49 10.59
C GLY E 247 -13.61 36.86 11.89
N ILE E 248 -12.97 35.88 12.50
CA ILE E 248 -12.15 36.11 13.68
C ILE E 248 -10.71 35.62 13.38
N PRO E 249 -9.87 36.53 12.87
CA PRO E 249 -8.50 36.25 12.42
C PRO E 249 -7.52 35.95 13.56
N GLY E 250 -6.43 35.27 13.23
CA GLY E 250 -5.43 34.91 14.21
C GLY E 250 -5.87 33.79 15.13
N LEU E 251 -6.85 33.02 14.68
CA LEU E 251 -7.37 31.91 15.46
C LEU E 251 -6.80 30.58 14.97
N LEU E 252 -6.47 30.52 13.68
CA LEU E 252 -5.94 29.29 13.08
C LEU E 252 -4.46 29.45 12.71
N THR E 253 -3.64 28.50 13.16
CA THR E 253 -2.20 28.52 12.88
C THR E 253 -1.90 28.59 11.39
N PRO E 254 -1.11 29.60 10.98
CA PRO E 254 -0.66 29.70 9.59
C PRO E 254 0.46 28.71 9.33
N CYS E 255 0.33 27.90 8.29
CA CYS E 255 1.33 26.89 7.99
C CYS E 255 2.59 27.48 7.36
N TYR E 256 3.74 26.84 7.62
CA TYR E 256 5.02 27.28 7.08
C TYR E 256 5.77 26.12 6.43
N SER E 257 5.54 25.91 5.13
CA SER E 257 6.19 24.82 4.39
C SER E 257 7.71 24.81 4.58
N GLY E 258 8.31 25.99 4.60
CA GLY E 258 9.75 26.12 4.79
C GLY E 258 10.12 27.42 5.49
N SER E 259 10.29 28.47 4.70
CA SER E 259 10.66 29.79 5.24
C SER E 259 9.44 30.69 5.39
N GLU E 260 8.66 30.81 4.31
CA GLU E 260 7.48 31.69 4.31
C GLU E 260 6.18 30.94 4.60
N PRO E 261 5.13 31.68 5.02
CA PRO E 261 3.82 31.09 5.30
C PRO E 261 3.33 30.27 4.11
N SER E 262 2.88 29.05 4.36
CA SER E 262 2.43 28.15 3.31
C SER E 262 1.09 28.57 2.69
N GLY E 263 0.53 29.66 3.19
CA GLY E 263 -0.74 30.18 2.68
C GLY E 263 -1.96 29.42 3.20
N THR E 264 -1.72 28.19 3.65
CA THR E 264 -2.80 27.36 4.19
C THR E 264 -2.86 27.47 5.71
N PHE E 265 -3.94 26.95 6.30
CA PHE E 265 -4.13 27.02 7.74
C PHE E 265 -4.49 25.66 8.31
N GLY E 266 -4.15 25.44 9.58
CA GLY E 266 -4.44 24.18 10.26
C GLY E 266 -5.42 24.36 11.39
N PRO E 267 -5.29 23.53 12.45
CA PRO E 267 -6.16 23.57 13.63
C PRO E 267 -6.09 24.90 14.37
N VAL E 268 -6.94 25.06 15.39
CA VAL E 268 -6.99 26.30 16.18
C VAL E 268 -5.64 26.58 16.84
N ASN E 269 -5.19 27.82 16.71
CA ASN E 269 -3.93 28.27 17.31
C ASN E 269 -4.07 28.36 18.83
N PRO E 270 -3.43 27.43 19.57
CA PRO E 270 -3.54 27.37 21.01
C PRO E 270 -2.38 28.05 21.74
N SER E 271 -1.63 28.90 21.04
CA SER E 271 -0.46 29.55 21.63
C SER E 271 -0.71 31.01 22.00
N LEU E 272 -1.84 31.56 21.55
CA LEU E 272 -2.18 32.96 21.83
C LEU E 272 -3.26 33.08 22.89
N ASN E 273 -3.82 34.27 23.05
CA ASN E 273 -4.93 34.51 23.97
C ASN E 273 -6.18 35.04 23.28
N ASN E 274 -6.04 35.37 21.99
CA ASN E 274 -7.19 35.73 21.17
C ASN E 274 -8.01 34.47 20.96
N THR E 275 -7.43 33.35 21.35
CA THR E 275 -8.07 32.05 21.23
C THR E 275 -8.83 31.70 22.51
N TYR E 276 -8.15 31.77 23.64
CA TYR E 276 -8.75 31.40 24.92
C TYR E 276 -9.69 32.45 25.50
N GLU E 277 -9.80 33.58 24.82
CA GLU E 277 -10.74 34.62 25.23
C GLU E 277 -11.95 34.61 24.30
N PHE E 278 -11.68 34.34 23.03
CA PHE E 278 -12.72 34.19 22.02
C PHE E 278 -13.56 32.95 22.31
N MET E 279 -12.89 31.88 22.71
CA MET E 279 -13.54 30.62 23.02
C MET E 279 -14.30 30.75 24.34
N SER E 280 -13.77 31.60 25.23
CA SER E 280 -14.38 31.84 26.53
C SER E 280 -15.71 32.57 26.38
N THR E 281 -15.81 33.41 25.35
CA THR E 281 -17.02 34.18 25.08
C THR E 281 -18.02 33.39 24.24
N PHE E 282 -17.51 32.65 23.26
CA PHE E 282 -18.36 31.87 22.36
C PHE E 282 -19.19 30.82 23.08
N PHE E 283 -18.55 30.04 23.96
CA PHE E 283 -19.26 29.01 24.72
C PHE E 283 -20.12 29.59 25.84
N LEU E 284 -19.95 30.88 26.11
CA LEU E 284 -20.77 31.58 27.09
C LEU E 284 -22.15 31.80 26.47
N GLU E 285 -22.16 32.00 25.16
CA GLU E 285 -23.40 32.15 24.41
C GLU E 285 -24.09 30.81 24.21
N VAL E 286 -23.31 29.81 23.81
CA VAL E 286 -23.83 28.46 23.57
C VAL E 286 -24.55 27.89 24.79
N SER E 287 -23.96 28.08 25.96
CA SER E 287 -24.54 27.59 27.21
C SER E 287 -25.84 28.30 27.55
N SER E 288 -26.04 29.47 26.95
CA SER E 288 -27.25 30.25 27.17
C SER E 288 -28.34 29.84 26.19
N VAL E 289 -27.95 29.56 24.95
CA VAL E 289 -28.87 29.15 23.89
C VAL E 289 -29.42 27.74 24.10
N PHE E 290 -28.50 26.77 24.24
CA PHE E 290 -28.89 25.36 24.43
C PHE E 290 -29.04 25.02 25.91
N PRO E 291 -30.27 24.72 26.34
CA PRO E 291 -30.61 24.48 27.74
C PRO E 291 -30.27 23.09 28.26
N ASP E 292 -29.75 22.21 27.40
CA ASP E 292 -29.38 20.87 27.82
C ASP E 292 -28.14 20.91 28.70
N PHE E 293 -28.15 20.14 29.79
CA PHE E 293 -27.04 20.12 30.74
C PHE E 293 -25.69 19.79 30.06
N TYR E 294 -25.73 18.96 29.02
CA TYR E 294 -24.51 18.54 28.36
C TYR E 294 -24.25 19.22 27.02
N LEU E 295 -22.98 19.38 26.68
CA LEU E 295 -22.56 19.95 25.41
C LEU E 295 -21.41 19.13 24.87
N HIS E 296 -21.42 18.86 23.58
CA HIS E 296 -20.34 18.10 22.97
C HIS E 296 -19.23 19.07 22.62
N LEU E 297 -18.35 19.34 23.58
CA LEU E 297 -17.22 20.25 23.36
C LEU E 297 -16.41 19.75 22.18
N GLY E 298 -16.85 18.62 21.63
CA GLY E 298 -16.21 18.02 20.48
C GLY E 298 -14.83 17.54 20.80
N GLY E 299 -13.86 17.98 20.00
CA GLY E 299 -12.48 17.61 20.21
C GLY E 299 -12.17 16.21 19.75
N ASP E 300 -12.19 16.01 18.43
CA ASP E 300 -11.80 14.71 17.87
C ASP E 300 -10.45 14.75 17.14
N GLU E 301 -10.45 14.44 15.84
CA GLU E 301 -9.20 14.28 15.08
C GLU E 301 -8.43 15.58 14.77
N VAL E 302 -7.23 15.68 15.37
CA VAL E 302 -6.35 16.85 15.19
C VAL E 302 -5.00 16.38 14.64
N ASP E 303 -4.42 17.14 13.70
CA ASP E 303 -3.08 16.82 13.21
C ASP E 303 -2.12 17.96 13.51
N PHE E 304 -0.93 17.64 14.02
CA PHE E 304 0.03 18.67 14.39
C PHE E 304 1.12 18.86 13.35
N THR E 305 0.73 18.91 12.07
CA THR E 305 1.67 19.15 10.98
C THR E 305 1.87 20.66 10.81
N CYS E 306 0.77 21.39 10.66
CA CYS E 306 0.82 22.84 10.53
C CYS E 306 1.41 23.45 11.80
N TRP E 307 1.34 22.68 12.89
CA TRP E 307 1.89 23.08 14.18
C TRP E 307 3.41 22.87 14.20
N LYS E 308 3.86 21.83 13.52
CA LYS E 308 5.28 21.49 13.43
C LYS E 308 6.05 22.50 12.58
N SER E 309 5.42 22.93 11.48
CA SER E 309 6.05 23.84 10.55
C SER E 309 6.02 25.30 11.02
N ASN E 310 5.17 25.58 12.00
CA ASN E 310 5.01 26.94 12.52
C ASN E 310 6.02 27.26 13.63
N PRO E 311 6.97 28.18 13.35
CA PRO E 311 8.00 28.60 14.31
C PRO E 311 7.41 29.42 15.46
N GLU E 312 6.29 30.07 15.19
CA GLU E 312 5.57 30.85 16.20
C GLU E 312 5.09 29.92 17.31
N ILE E 313 4.75 28.69 16.91
CA ILE E 313 4.32 27.65 17.85
C ILE E 313 5.52 27.01 18.51
N GLN E 314 6.53 26.69 17.70
CA GLN E 314 7.74 26.01 18.18
C GLN E 314 8.49 26.80 19.26
N ASP E 315 8.47 28.13 19.14
CA ASP E 315 9.13 28.99 20.13
C ASP E 315 8.37 28.95 21.46
N PHE E 316 7.06 28.71 21.38
CA PHE E 316 6.22 28.61 22.56
C PHE E 316 6.38 27.23 23.21
N MET E 317 6.83 26.25 22.42
CA MET E 317 7.07 24.90 22.92
C MET E 317 8.19 24.90 23.96
N ARG E 318 9.16 25.78 23.77
CA ARG E 318 10.30 25.90 24.67
C ARG E 318 9.95 26.70 25.92
N LYS E 319 8.92 27.55 25.81
CA LYS E 319 8.47 28.38 26.93
C LYS E 319 7.86 27.53 28.03
N LYS E 320 6.80 26.78 27.69
CA LYS E 320 6.11 25.95 28.67
C LYS E 320 6.80 24.62 28.91
N GLY E 321 7.70 24.24 28.00
CA GLY E 321 8.48 23.00 28.15
C GLY E 321 7.81 21.76 27.56
N PHE E 322 7.36 21.88 26.32
CA PHE E 322 6.74 20.74 25.63
C PHE E 322 7.77 20.06 24.74
N GLY E 323 8.81 20.81 24.36
CA GLY E 323 9.86 20.29 23.51
C GLY E 323 9.40 20.04 22.10
N GLU E 324 9.37 18.77 21.69
CA GLU E 324 8.89 18.40 20.37
C GLU E 324 7.67 17.49 20.46
N ASP E 325 6.98 17.53 21.59
CA ASP E 325 5.78 16.73 21.80
C ASP E 325 4.53 17.59 21.61
N PHE E 326 3.87 17.41 20.48
CA PHE E 326 2.70 18.22 20.13
C PHE E 326 1.36 17.65 20.65
N LYS E 327 1.44 16.56 21.43
CA LYS E 327 0.22 15.96 21.98
C LYS E 327 -0.16 16.56 23.34
N GLN E 328 0.84 16.94 24.12
CA GLN E 328 0.57 17.59 25.41
C GLN E 328 0.22 19.04 25.18
N LEU E 329 0.62 19.56 24.02
CA LEU E 329 0.28 20.92 23.62
C LEU E 329 -1.20 21.03 23.32
N GLU E 330 -1.73 20.06 22.58
CA GLU E 330 -3.14 20.03 22.24
C GLU E 330 -3.98 19.61 23.46
N SER E 331 -3.30 19.06 24.47
CA SER E 331 -3.96 18.70 25.72
C SER E 331 -4.24 19.95 26.51
N PHE E 332 -3.27 20.87 26.53
CA PHE E 332 -3.41 22.14 27.24
C PHE E 332 -4.63 22.91 26.73
N TYR E 333 -4.85 22.86 25.42
CA TYR E 333 -6.00 23.53 24.80
C TYR E 333 -7.34 22.96 25.29
N ILE E 334 -7.48 21.64 25.22
CA ILE E 334 -8.70 20.96 25.63
C ILE E 334 -8.92 21.09 27.14
N GLN E 335 -7.84 21.03 27.90
CA GLN E 335 -7.90 21.19 29.35
C GLN E 335 -8.35 22.60 29.71
N THR E 336 -7.80 23.59 29.00
CA THR E 336 -8.13 24.99 29.24
C THR E 336 -9.58 25.30 28.83
N LEU E 337 -10.04 24.63 27.78
CA LEU E 337 -11.40 24.82 27.27
C LEU E 337 -12.40 24.08 28.16
N LEU E 338 -11.93 23.03 28.82
CA LEU E 338 -12.78 22.18 29.65
C LEU E 338 -13.24 22.91 30.92
N ASP E 339 -12.30 23.54 31.62
CA ASP E 339 -12.58 24.23 32.88
C ASP E 339 -13.60 25.34 32.70
N ILE E 340 -13.48 26.10 31.61
CA ILE E 340 -14.39 27.21 31.31
C ILE E 340 -15.84 26.74 31.22
N VAL E 341 -16.07 25.73 30.40
CA VAL E 341 -17.41 25.16 30.23
C VAL E 341 -17.93 24.61 31.55
N SER E 342 -17.03 24.00 32.33
CA SER E 342 -17.36 23.48 33.64
C SER E 342 -17.87 24.60 34.54
N SER E 343 -17.22 25.76 34.43
CA SER E 343 -17.57 26.93 35.25
C SER E 343 -18.91 27.55 34.87
N TYR E 344 -19.42 27.21 33.70
CA TYR E 344 -20.74 27.70 33.27
C TYR E 344 -21.86 26.77 33.72
N GLY E 345 -21.49 25.69 34.41
CA GLY E 345 -22.46 24.72 34.92
C GLY E 345 -22.98 23.80 33.83
N LYS E 346 -22.08 23.33 32.98
CA LYS E 346 -22.44 22.46 31.86
C LYS E 346 -21.62 21.17 31.85
N GLY E 347 -22.27 20.06 31.50
CA GLY E 347 -21.59 18.78 31.34
C GLY E 347 -20.93 18.74 29.98
N TYR E 348 -20.15 17.71 29.73
CA TYR E 348 -19.40 17.62 28.46
C TYR E 348 -19.22 16.21 27.91
N VAL E 349 -19.48 16.06 26.62
CA VAL E 349 -19.27 14.79 25.93
C VAL E 349 -18.15 14.97 24.93
N VAL E 350 -17.20 14.05 24.91
CA VAL E 350 -16.04 14.16 24.03
C VAL E 350 -15.83 12.89 23.21
N TRP E 351 -15.21 13.04 22.04
CA TRP E 351 -14.89 11.90 21.18
C TRP E 351 -13.80 11.02 21.81
N GLN E 352 -13.16 10.19 20.98
CA GLN E 352 -12.11 9.29 21.46
C GLN E 352 -10.80 10.00 21.82
N GLU E 353 -10.17 10.60 20.81
CA GLU E 353 -8.85 11.26 20.98
C GLU E 353 -8.53 11.71 22.40
N VAL E 354 -9.38 12.55 22.98
CA VAL E 354 -9.15 13.10 24.32
C VAL E 354 -8.78 12.04 25.37
N PHE E 355 -9.53 10.95 25.40
CA PHE E 355 -9.25 9.86 26.33
C PHE E 355 -8.02 9.06 25.90
N ASP E 356 -7.91 8.80 24.59
CA ASP E 356 -6.82 7.99 24.04
C ASP E 356 -5.42 8.53 24.36
N ASN E 357 -5.23 9.84 24.20
CA ASN E 357 -4.02 10.49 24.67
C ASN E 357 -4.33 11.15 26.01
N LYS E 358 -4.72 10.31 26.97
CA LYS E 358 -5.23 10.74 28.27
C LYS E 358 -5.00 12.17 28.71
N VAL E 359 -6.05 12.97 28.59
CA VAL E 359 -6.06 14.35 29.01
C VAL E 359 -6.74 14.40 30.37
N LYS E 360 -6.27 15.31 31.24
CA LYS E 360 -6.86 15.45 32.57
C LYS E 360 -8.38 15.53 32.48
N ILE E 361 -8.99 14.36 32.47
CA ILE E 361 -10.42 14.24 32.32
C ILE E 361 -11.09 14.08 33.69
N GLN E 362 -12.10 14.91 33.95
CA GLN E 362 -12.78 14.96 35.24
C GLN E 362 -13.76 13.81 35.41
N PRO E 363 -13.85 13.25 36.63
CA PRO E 363 -14.74 12.11 36.93
C PRO E 363 -16.23 12.35 36.62
N ASP E 364 -16.52 13.08 35.54
CA ASP E 364 -17.90 13.36 35.13
C ASP E 364 -18.07 13.35 33.61
N THR E 365 -16.95 13.44 32.90
CA THR E 365 -16.97 13.50 31.44
C THR E 365 -17.49 12.21 30.81
N ILE E 366 -18.06 12.33 29.61
CA ILE E 366 -18.59 11.19 28.87
C ILE E 366 -17.82 11.01 27.58
N ILE E 367 -17.14 9.87 27.45
CA ILE E 367 -16.35 9.58 26.25
C ILE E 367 -17.21 8.90 25.18
N GLN E 368 -17.04 9.32 23.93
CA GLN E 368 -17.80 8.78 22.83
C GLN E 368 -16.91 8.02 21.84
N VAL E 369 -17.02 6.69 21.85
CA VAL E 369 -16.22 5.83 20.97
C VAL E 369 -16.79 5.84 19.54
N TRP E 370 -15.95 6.24 18.58
CA TRP E 370 -16.38 6.35 17.19
C TRP E 370 -15.49 5.60 16.19
N ARG E 371 -14.20 5.50 16.51
CA ARG E 371 -13.26 4.84 15.60
C ARG E 371 -13.26 3.33 15.86
N GLU E 372 -13.42 2.55 14.79
CA GLU E 372 -13.55 1.10 14.90
C GLU E 372 -12.31 0.35 15.42
N ASP E 373 -11.19 0.44 14.71
CA ASP E 373 -9.98 -0.29 15.13
C ASP E 373 -8.65 0.32 14.70
N ILE E 374 -8.60 1.65 14.54
CA ILE E 374 -7.35 2.32 14.19
C ILE E 374 -6.40 2.43 15.39
N PRO E 375 -6.93 2.86 16.57
CA PRO E 375 -6.11 2.79 17.77
C PRO E 375 -6.28 1.41 18.41
N VAL E 376 -7.50 0.89 18.36
CA VAL E 376 -7.84 -0.43 18.88
C VAL E 376 -9.35 -0.65 18.65
N ASN E 377 -9.75 -1.92 18.57
CA ASN E 377 -11.16 -2.28 18.38
C ASN E 377 -12.13 -1.55 19.34
N TYR E 378 -13.24 -1.06 18.80
CA TYR E 378 -14.20 -0.24 19.57
C TYR E 378 -14.75 -0.94 20.82
N MET E 379 -14.75 -2.27 20.80
CA MET E 379 -15.20 -3.03 21.96
C MET E 379 -14.14 -3.00 23.05
N LYS E 380 -12.88 -2.94 22.64
CA LYS E 380 -11.78 -2.86 23.57
C LYS E 380 -11.72 -1.43 24.12
N GLU E 381 -12.09 -0.47 23.27
CA GLU E 381 -12.17 0.93 23.67
C GLU E 381 -13.18 1.14 24.79
N LEU E 382 -14.36 0.54 24.63
CA LEU E 382 -15.43 0.66 25.63
C LEU E 382 -14.98 0.16 27.00
N GLU E 383 -14.15 -0.89 27.01
CA GLU E 383 -13.65 -1.45 28.25
C GLU E 383 -12.77 -0.47 28.99
N LEU E 384 -11.74 0.04 28.31
CA LEU E 384 -10.81 0.99 28.92
C LEU E 384 -11.51 2.23 29.49
N VAL E 385 -12.46 2.77 28.73
CA VAL E 385 -13.20 3.95 29.17
C VAL E 385 -13.99 3.66 30.44
N THR E 386 -14.67 2.52 30.46
CA THR E 386 -15.47 2.12 31.62
C THR E 386 -14.57 1.67 32.77
N LYS E 387 -13.43 1.06 32.44
CA LYS E 387 -12.48 0.62 33.46
C LYS E 387 -11.87 1.84 34.15
N ALA E 388 -11.65 2.90 33.37
CA ALA E 388 -11.12 4.15 33.91
C ALA E 388 -12.16 4.82 34.81
N GLY E 389 -13.43 4.45 34.63
CA GLY E 389 -14.50 4.96 35.47
C GLY E 389 -15.29 6.11 34.87
N PHE E 390 -15.34 6.19 33.54
CA PHE E 390 -16.08 7.26 32.88
C PHE E 390 -17.24 6.74 32.06
N ARG E 391 -18.35 7.48 32.06
CA ARG E 391 -19.54 7.10 31.31
C ARG E 391 -19.20 6.97 29.83
N ALA E 392 -19.58 5.82 29.24
CA ALA E 392 -19.24 5.53 27.85
C ALA E 392 -20.39 5.78 26.88
N LEU E 393 -20.04 6.08 25.64
CA LEU E 393 -21.01 6.32 24.60
C LEU E 393 -20.55 5.64 23.31
N LEU E 394 -21.26 4.60 22.89
CA LEU E 394 -20.89 3.85 21.69
C LEU E 394 -21.55 4.41 20.44
N SER E 395 -20.81 4.41 19.34
CA SER E 395 -21.33 4.93 18.06
C SER E 395 -20.40 4.56 16.91
N ALA E 396 -19.44 3.69 17.18
CA ALA E 396 -18.43 3.31 16.19
C ALA E 396 -18.96 2.56 14.95
N PRO E 397 -19.71 1.47 15.18
CA PRO E 397 -20.20 0.69 14.05
C PRO E 397 -21.41 1.32 13.36
N TRP E 398 -22.06 2.24 14.06
CA TRP E 398 -23.28 2.86 13.55
C TRP E 398 -23.05 4.16 12.77
N TYR E 399 -22.21 4.09 11.75
CA TYR E 399 -21.96 5.22 10.86
C TYR E 399 -22.85 5.13 9.63
N LEU E 400 -24.07 5.66 9.76
CA LEU E 400 -25.07 5.61 8.69
C LEU E 400 -24.60 6.23 7.38
N ASN E 401 -23.55 7.05 7.45
CA ASN E 401 -22.98 7.64 6.25
C ASN E 401 -22.20 6.61 5.44
N ARG E 402 -21.56 5.67 6.13
CA ARG E 402 -20.87 4.56 5.46
C ARG E 402 -21.88 3.63 4.79
N ILE E 403 -22.19 3.91 3.54
CA ILE E 403 -23.15 3.12 2.81
C ILE E 403 -22.51 1.94 2.10
N SER E 404 -23.32 0.93 1.79
CA SER E 404 -22.86 -0.26 1.10
C SER E 404 -24.07 -0.99 0.53
N TYR E 405 -23.84 -1.81 -0.47
CA TYR E 405 -24.92 -2.55 -1.13
C TYR E 405 -25.56 -3.57 -0.18
N GLY E 406 -26.83 -3.87 -0.43
CA GLY E 406 -27.56 -4.85 0.37
C GLY E 406 -28.06 -4.32 1.69
N PRO E 407 -28.76 -5.18 2.45
CA PRO E 407 -29.34 -4.82 3.74
C PRO E 407 -28.29 -4.71 4.84
N ASP E 408 -27.52 -3.63 4.81
CA ASP E 408 -26.48 -3.41 5.82
C ASP E 408 -27.08 -3.03 7.18
N TRP E 409 -28.40 -2.90 7.22
CA TRP E 409 -29.10 -2.58 8.46
C TRP E 409 -28.96 -3.70 9.46
N LYS E 410 -28.73 -4.91 8.95
CA LYS E 410 -28.55 -6.08 9.79
C LYS E 410 -27.28 -5.98 10.62
N ASP E 411 -26.25 -5.36 10.04
CA ASP E 411 -25.00 -5.13 10.76
C ASP E 411 -25.21 -4.19 11.94
N PHE E 412 -25.97 -3.13 11.72
CA PHE E 412 -26.26 -2.17 12.78
C PHE E 412 -27.11 -2.78 13.89
N TYR E 413 -27.91 -3.78 13.52
CA TYR E 413 -28.83 -4.41 14.47
C TYR E 413 -28.15 -5.42 15.39
N VAL E 414 -27.25 -6.22 14.83
CA VAL E 414 -26.56 -7.28 15.58
C VAL E 414 -25.57 -6.76 16.63
N VAL E 415 -25.08 -5.54 16.44
CA VAL E 415 -24.13 -4.92 17.36
C VAL E 415 -24.62 -4.98 18.81
N GLU E 416 -23.79 -5.58 19.68
CA GLU E 416 -24.11 -5.67 21.10
C GLU E 416 -23.17 -4.79 21.91
N PRO E 417 -23.69 -3.71 22.49
CA PRO E 417 -22.92 -2.74 23.27
C PRO E 417 -22.02 -3.37 24.33
N LEU E 418 -22.61 -4.18 25.20
CA LEU E 418 -21.88 -4.76 26.34
C LEU E 418 -21.10 -6.03 26.00
N ALA E 419 -20.79 -6.23 24.72
CA ALA E 419 -20.05 -7.41 24.28
C ALA E 419 -18.54 -7.27 24.54
N PHE E 420 -18.18 -7.09 25.80
CA PHE E 420 -16.78 -6.96 26.20
C PHE E 420 -16.56 -7.48 27.62
N GLU E 421 -15.30 -7.72 27.97
CA GLU E 421 -14.97 -8.24 29.30
C GLU E 421 -14.94 -7.11 30.33
N GLY E 422 -15.75 -7.26 31.38
CA GLY E 422 -15.83 -6.26 32.44
C GLY E 422 -16.84 -6.61 33.52
N THR E 423 -16.65 -6.02 34.70
CA THR E 423 -17.54 -6.26 35.85
C THR E 423 -18.90 -5.58 35.66
N PRO E 424 -19.97 -6.16 36.29
CA PRO E 424 -21.32 -5.60 36.24
C PRO E 424 -21.38 -4.08 36.39
N GLU E 425 -20.87 -3.56 37.50
CA GLU E 425 -20.91 -2.11 37.77
C GLU E 425 -20.06 -1.28 36.78
N GLN E 426 -19.07 -1.92 36.17
CA GLN E 426 -18.25 -1.24 35.17
C GLN E 426 -19.03 -1.08 33.87
N LYS E 427 -19.88 -2.06 33.57
CA LYS E 427 -20.70 -2.03 32.35
C LYS E 427 -21.87 -1.05 32.47
N ALA E 428 -22.19 -0.66 33.71
CA ALA E 428 -23.29 0.27 33.96
C ALA E 428 -22.96 1.67 33.43
N LEU E 429 -21.67 1.95 33.26
CA LEU E 429 -21.22 3.25 32.76
C LEU E 429 -21.62 3.51 31.32
N VAL E 430 -21.92 2.45 30.58
CA VAL E 430 -22.38 2.58 29.20
C VAL E 430 -23.82 3.11 29.20
N ILE E 431 -23.99 4.35 28.78
CA ILE E 431 -25.29 5.01 28.81
C ILE E 431 -26.03 5.01 27.47
N GLY E 432 -25.43 4.40 26.45
CA GLY E 432 -26.07 4.30 25.14
C GLY E 432 -25.18 4.64 23.98
N GLY E 433 -25.79 4.96 22.85
CA GLY E 433 -25.06 5.28 21.64
C GLY E 433 -25.80 6.23 20.71
N GLU E 434 -25.19 6.52 19.57
CA GLU E 434 -25.77 7.44 18.59
C GLU E 434 -25.49 6.99 17.17
N ALA E 435 -26.45 7.19 16.28
CA ALA E 435 -26.25 6.92 14.86
C ALA E 435 -25.64 8.18 14.25
N CYS E 436 -24.75 7.99 13.26
CA CYS E 436 -24.06 9.14 12.67
C CYS E 436 -24.34 9.34 11.19
N MET E 437 -24.64 10.58 10.83
CA MET E 437 -24.87 10.95 9.43
C MET E 437 -23.98 12.12 9.01
N TRP E 438 -22.69 11.84 8.87
CA TRP E 438 -21.74 12.86 8.43
C TRP E 438 -22.07 13.28 7.00
N GLY E 439 -22.27 14.58 6.79
CA GLY E 439 -22.77 15.09 5.52
C GLY E 439 -21.78 15.40 4.42
N GLU E 440 -20.71 14.62 4.30
CA GLU E 440 -19.77 14.79 3.20
C GLU E 440 -20.46 14.46 1.88
N TYR E 441 -21.35 13.46 1.92
CA TYR E 441 -22.04 13.00 0.74
C TYR E 441 -23.56 13.07 0.91
N VAL E 442 -24.01 13.84 1.91
CA VAL E 442 -25.44 13.94 2.18
C VAL E 442 -25.95 15.34 2.51
N ASP E 443 -27.00 15.73 1.80
CA ASP E 443 -27.74 16.95 2.09
C ASP E 443 -29.23 16.66 1.85
N ASN E 444 -30.04 17.70 1.86
CA ASN E 444 -31.50 17.55 1.76
C ASN E 444 -32.01 16.68 0.59
N THR E 445 -31.13 16.35 -0.35
CA THR E 445 -31.54 15.59 -1.53
C THR E 445 -31.55 14.06 -1.33
N ASN E 446 -30.89 13.58 -0.29
CA ASN E 446 -30.81 12.14 -0.04
C ASN E 446 -30.78 11.77 1.44
N LEU E 447 -31.04 12.74 2.29
CA LEU E 447 -31.00 12.54 3.74
C LEU E 447 -32.00 11.49 4.22
N VAL E 448 -33.28 11.77 4.01
CA VAL E 448 -34.36 10.91 4.51
C VAL E 448 -34.25 9.44 4.08
N PRO E 449 -34.16 9.17 2.77
CA PRO E 449 -34.05 7.78 2.29
C PRO E 449 -32.88 7.04 2.91
N ARG E 450 -31.70 7.64 2.89
CA ARG E 450 -30.50 7.01 3.42
C ARG E 450 -30.57 6.85 4.94
N LEU E 451 -31.32 7.73 5.59
CA LEU E 451 -31.43 7.72 7.05
C LEU E 451 -32.35 6.59 7.52
N TRP E 452 -33.58 6.57 6.99
CA TRP E 452 -34.59 5.61 7.44
C TRP E 452 -34.88 4.53 6.39
N PRO E 453 -35.21 3.31 6.85
CA PRO E 453 -35.33 2.95 8.25
C PRO E 453 -34.08 2.26 8.81
N ARG E 454 -32.93 2.50 8.18
CA ARG E 454 -31.68 1.90 8.63
C ARG E 454 -31.33 2.32 10.06
N ALA E 455 -31.62 3.58 10.39
CA ALA E 455 -31.35 4.10 11.72
C ALA E 455 -32.30 3.52 12.76
N GLY E 456 -33.34 2.83 12.28
CA GLY E 456 -34.30 2.17 13.16
C GLY E 456 -33.66 0.96 13.83
N ALA E 457 -32.72 0.33 13.12
CA ALA E 457 -32.01 -0.82 13.65
C ALA E 457 -31.24 -0.44 14.90
N VAL E 458 -30.57 0.71 14.85
CA VAL E 458 -29.83 1.23 16.00
C VAL E 458 -30.81 1.59 17.12
N ALA E 459 -31.95 2.15 16.73
CA ALA E 459 -32.99 2.55 17.68
C ALA E 459 -33.45 1.39 18.54
N GLU E 460 -33.75 0.27 17.91
CA GLU E 460 -34.22 -0.91 18.62
C GLU E 460 -33.15 -1.52 19.52
N ARG E 461 -31.92 -1.59 19.01
CA ARG E 461 -30.82 -2.13 19.79
C ARG E 461 -30.58 -1.31 21.06
N LEU E 462 -30.88 -0.02 20.99
CA LEU E 462 -30.70 0.87 22.12
C LEU E 462 -31.87 0.83 23.11
N TRP E 463 -33.07 0.55 22.60
CA TRP E 463 -34.26 0.50 23.46
C TRP E 463 -34.60 -0.92 23.94
N SER E 464 -34.72 -1.85 22.99
CA SER E 464 -35.15 -3.21 23.29
C SER E 464 -34.16 -4.02 24.14
N ASN E 465 -34.62 -5.19 24.57
CA ASN E 465 -33.82 -6.06 25.44
C ASN E 465 -32.63 -6.70 24.71
N LYS E 466 -31.59 -7.00 25.47
CA LYS E 466 -30.38 -7.64 24.95
C LYS E 466 -30.70 -8.89 24.14
N LEU E 467 -31.74 -9.62 24.56
CA LEU E 467 -32.12 -10.87 23.91
C LEU E 467 -32.88 -10.70 22.61
N THR E 468 -33.57 -9.57 22.46
CA THR E 468 -34.32 -9.29 21.22
C THR E 468 -33.33 -9.04 20.08
N SER E 469 -32.97 -10.10 19.37
CA SER E 469 -31.97 -10.00 18.32
C SER E 469 -32.21 -10.91 17.11
N ASP E 470 -33.42 -11.45 16.98
CA ASP E 470 -33.75 -12.31 15.83
C ASP E 470 -33.94 -11.47 14.56
N LEU E 471 -33.16 -11.77 13.54
CA LEU E 471 -33.20 -11.02 12.28
C LEU E 471 -34.49 -11.20 11.47
N THR E 472 -34.97 -12.43 11.37
CA THR E 472 -36.21 -12.70 10.63
C THR E 472 -37.38 -11.95 11.28
N PHE E 473 -37.44 -11.99 12.60
CA PHE E 473 -38.48 -11.30 13.35
C PHE E 473 -38.30 -9.80 13.21
N ALA E 474 -37.04 -9.36 13.16
CA ALA E 474 -36.72 -7.95 12.98
C ALA E 474 -37.20 -7.46 11.62
N TYR E 475 -36.78 -8.13 10.56
CA TYR E 475 -37.19 -7.77 9.21
C TYR E 475 -38.71 -7.71 9.07
N GLU E 476 -39.39 -8.77 9.50
CA GLU E 476 -40.84 -8.86 9.40
C GLU E 476 -41.54 -7.56 9.78
N ARG E 477 -41.24 -7.04 10.96
CA ARG E 477 -41.93 -5.86 11.45
C ARG E 477 -41.21 -4.54 11.16
N LEU E 478 -39.94 -4.60 10.75
CA LEU E 478 -39.22 -3.39 10.38
C LEU E 478 -39.69 -2.93 9.00
N SER E 479 -40.01 -3.89 8.14
CA SER E 479 -40.55 -3.60 6.82
C SER E 479 -41.99 -3.13 6.95
N HIS E 480 -42.68 -3.69 7.94
CA HIS E 480 -44.05 -3.27 8.25
C HIS E 480 -44.01 -1.83 8.73
N PHE E 481 -42.95 -1.50 9.46
CA PHE E 481 -42.76 -0.16 9.98
C PHE E 481 -42.40 0.81 8.87
N ARG E 482 -41.73 0.32 7.82
CA ARG E 482 -41.39 1.16 6.69
C ARG E 482 -42.64 1.64 5.98
N CYS E 483 -43.51 0.69 5.59
CA CYS E 483 -44.77 1.04 4.92
C CYS E 483 -45.59 2.00 5.77
N GLU E 484 -45.45 1.88 7.09
CA GLU E 484 -46.13 2.78 8.01
C GLU E 484 -45.54 4.18 7.91
N LEU E 485 -44.21 4.25 7.86
CA LEU E 485 -43.52 5.54 7.72
C LEU E 485 -43.94 6.22 6.42
N LEU E 486 -44.04 5.46 5.34
CA LEU E 486 -44.47 6.01 4.05
C LEU E 486 -45.87 6.60 4.11
N ARG E 487 -46.75 5.93 4.85
CA ARG E 487 -48.12 6.42 5.02
C ARG E 487 -48.11 7.72 5.82
N ARG E 488 -47.12 7.87 6.68
CA ARG E 488 -46.96 9.07 7.48
C ARG E 488 -46.20 10.16 6.71
N GLY E 489 -45.91 9.87 5.44
CA GLY E 489 -45.24 10.83 4.58
C GLY E 489 -43.73 10.79 4.62
N VAL E 490 -43.18 9.85 5.39
CA VAL E 490 -41.72 9.74 5.51
C VAL E 490 -41.14 9.02 4.31
N GLN E 491 -40.16 9.66 3.67
CA GLN E 491 -39.52 9.12 2.48
C GLN E 491 -38.44 8.08 2.82
N ALA E 492 -38.85 7.01 3.50
CA ALA E 492 -37.92 5.95 3.90
C ALA E 492 -37.68 4.95 2.76
N GLN E 493 -36.42 4.56 2.58
CA GLN E 493 -36.05 3.62 1.53
C GLN E 493 -36.49 2.20 1.85
N PRO E 494 -36.62 1.35 0.82
CA PRO E 494 -37.02 -0.04 1.05
C PRO E 494 -35.88 -0.89 1.60
N LEU E 495 -36.23 -1.86 2.43
CA LEU E 495 -35.24 -2.78 3.00
C LEU E 495 -34.90 -3.86 1.99
N ASN E 496 -35.89 -4.18 1.14
CA ASN E 496 -35.73 -5.22 0.13
C ASN E 496 -36.89 -5.18 -0.86
N VAL E 497 -37.01 -6.22 -1.68
CA VAL E 497 -38.10 -6.30 -2.67
C VAL E 497 -39.47 -6.38 -2.00
N GLY E 498 -40.47 -5.78 -2.62
CA GLY E 498 -41.82 -5.77 -2.09
C GLY E 498 -42.62 -4.55 -2.50
N PHE E 499 -43.60 -4.19 -1.67
CA PHE E 499 -44.46 -3.05 -1.97
C PHE E 499 -45.24 -2.60 -0.74
N CYS E 500 -45.68 -1.35 -0.77
CA CYS E 500 -46.60 -0.84 0.22
C CYS E 500 -47.83 -0.42 -0.56
N GLU E 501 -48.97 -1.04 -0.25
CA GLU E 501 -50.20 -0.78 -1.00
C GLU E 501 -50.26 0.71 -1.37
N GLN E 502 -49.88 1.56 -0.43
CA GLN E 502 -49.81 2.99 -0.64
C GLN E 502 -48.36 3.45 -0.88
N GLU E 503 -47.91 3.35 -2.13
CA GLU E 503 -46.54 3.74 -2.48
C GLU E 503 -46.28 5.24 -2.31
N PHE E 504 -45.03 5.58 -2.03
CA PHE E 504 -44.65 6.97 -1.83
C PHE E 504 -44.61 7.74 -3.14
N GLU E 505 -45.24 8.90 -3.14
CA GLU E 505 -45.27 9.77 -4.33
C GLU E 505 -45.61 11.21 -3.97
N GLN E 506 -44.68 12.12 -4.25
CA GLN E 506 -44.88 13.54 -3.97
C GLN E 506 -44.32 14.41 -5.10
N PRO F 5 -18.73 27.19 -19.06
CA PRO F 5 -17.79 26.25 -18.46
C PRO F 5 -18.50 25.13 -17.69
N ALA F 6 -19.83 25.09 -17.79
CA ALA F 6 -20.63 24.07 -17.12
C ALA F 6 -21.30 23.14 -18.13
N LEU F 7 -20.57 22.84 -19.21
CA LEU F 7 -21.08 21.96 -20.25
C LEU F 7 -20.96 20.50 -19.86
N TRP F 8 -22.04 19.75 -19.98
CA TRP F 8 -22.05 18.33 -19.66
C TRP F 8 -23.22 17.62 -20.35
N PRO F 9 -22.91 16.64 -21.21
CA PRO F 9 -21.55 16.22 -21.54
C PRO F 9 -20.86 17.24 -22.44
N LEU F 10 -19.53 17.22 -22.46
CA LEU F 10 -18.76 18.14 -23.27
C LEU F 10 -18.89 17.78 -24.76
N PRO F 11 -19.37 18.73 -25.58
CA PRO F 11 -19.57 18.54 -27.02
C PRO F 11 -18.29 18.21 -27.78
N LEU F 12 -18.42 17.77 -29.03
CA LEU F 12 -17.28 17.39 -29.86
C LEU F 12 -16.21 18.49 -29.90
N SER F 13 -16.55 19.65 -30.44
CA SER F 13 -15.61 20.78 -30.52
C SER F 13 -16.21 22.05 -29.95
N VAL F 14 -15.48 22.69 -29.03
CA VAL F 14 -15.95 23.92 -28.40
C VAL F 14 -14.86 24.99 -28.34
N LYS F 15 -15.02 26.05 -29.14
CA LYS F 15 -14.09 27.18 -29.10
C LYS F 15 -14.70 28.36 -28.35
N MET F 16 -14.17 28.65 -27.17
CA MET F 16 -14.68 29.73 -26.33
C MET F 16 -14.31 31.12 -26.83
N THR F 17 -14.87 32.15 -26.18
CA THR F 17 -14.59 33.55 -26.52
C THR F 17 -15.07 34.45 -25.39
N PRO F 18 -14.18 35.33 -24.89
CA PRO F 18 -14.47 36.25 -23.78
C PRO F 18 -15.51 37.34 -24.10
N ASN F 19 -16.18 37.22 -25.26
CA ASN F 19 -17.21 38.19 -25.65
C ASN F 19 -18.54 37.97 -24.93
N LEU F 20 -18.95 38.97 -24.16
CA LEU F 20 -20.18 38.88 -23.38
C LEU F 20 -21.40 39.38 -24.15
N LEU F 21 -22.45 38.57 -24.19
CA LEU F 21 -23.72 38.97 -24.82
C LEU F 21 -24.83 38.91 -23.77
N HIS F 22 -25.98 39.51 -24.09
CA HIS F 22 -27.10 39.51 -23.14
C HIS F 22 -28.44 39.11 -23.78
N LEU F 23 -29.35 38.63 -22.93
CA LEU F 23 -30.65 38.13 -23.40
C LEU F 23 -31.83 38.83 -22.73
N ALA F 24 -32.98 38.78 -23.39
CA ALA F 24 -34.20 39.38 -22.88
C ALA F 24 -35.32 38.35 -22.80
N PRO F 25 -35.72 37.99 -21.57
CA PRO F 25 -36.76 36.99 -21.28
C PRO F 25 -38.00 37.11 -22.19
N GLU F 26 -38.80 38.15 -21.96
CA GLU F 26 -40.02 38.36 -22.73
C GLU F 26 -39.77 39.06 -24.07
N ASN F 27 -38.55 38.88 -24.59
CA ASN F 27 -38.17 39.49 -25.87
C ASN F 27 -37.18 38.60 -26.65
N PHE F 28 -37.26 37.29 -26.40
CA PHE F 28 -36.43 36.31 -27.10
C PHE F 28 -37.32 35.19 -27.60
N TYR F 29 -37.21 34.88 -28.89
CA TYR F 29 -38.07 33.86 -29.49
C TYR F 29 -37.30 32.90 -30.38
N ILE F 30 -37.38 31.61 -30.09
CA ILE F 30 -36.74 30.60 -30.90
C ILE F 30 -37.67 30.27 -32.07
N SER F 31 -37.22 30.57 -33.29
CA SER F 31 -38.06 30.39 -34.47
C SER F 31 -37.49 29.42 -35.51
N HIS F 32 -38.35 28.95 -36.40
CA HIS F 32 -37.94 28.08 -37.49
C HIS F 32 -37.25 28.91 -38.57
N SER F 33 -36.06 28.47 -38.98
CA SER F 33 -35.31 29.15 -40.03
C SER F 33 -36.04 29.02 -41.36
N PRO F 34 -36.06 30.12 -42.15
CA PRO F 34 -36.72 30.13 -43.46
C PRO F 34 -36.22 29.01 -44.38
N ASN F 35 -35.04 28.48 -44.08
CA ASN F 35 -34.44 27.41 -44.88
C ASN F 35 -34.76 26.01 -44.35
N SER F 36 -35.22 25.94 -43.10
CA SER F 36 -35.52 24.67 -42.44
C SER F 36 -36.52 23.81 -43.22
N THR F 37 -36.36 22.49 -43.11
CA THR F 37 -37.26 21.55 -43.78
C THR F 37 -38.52 21.31 -42.94
N ALA F 38 -38.59 22.00 -41.81
CA ALA F 38 -39.75 21.90 -40.92
C ALA F 38 -40.11 23.29 -40.38
N GLY F 39 -41.42 23.54 -40.23
CA GLY F 39 -41.89 24.84 -39.75
C GLY F 39 -42.86 24.75 -38.59
N PRO F 40 -43.75 25.75 -38.47
CA PRO F 40 -44.76 25.84 -37.40
C PRO F 40 -45.72 24.66 -37.38
N SER F 41 -45.57 23.73 -38.33
CA SER F 41 -46.43 22.56 -38.40
C SER F 41 -45.87 21.41 -37.56
N CYS F 42 -44.58 21.48 -37.22
CA CYS F 42 -43.93 20.44 -36.44
C CYS F 42 -44.25 20.57 -34.94
N THR F 43 -45.10 19.68 -34.45
CA THR F 43 -45.52 19.69 -33.04
C THR F 43 -44.35 19.44 -32.09
N LEU F 44 -43.44 18.56 -32.48
CA LEU F 44 -42.30 18.21 -31.64
C LEU F 44 -41.45 19.44 -31.35
N LEU F 45 -41.12 20.20 -32.38
CA LEU F 45 -40.31 21.41 -32.22
C LEU F 45 -41.03 22.51 -31.45
N GLU F 46 -42.35 22.62 -31.64
CA GLU F 46 -43.15 23.62 -30.94
C GLU F 46 -43.00 23.48 -29.43
N GLU F 47 -43.19 22.25 -28.92
CA GLU F 47 -43.03 21.97 -27.51
C GLU F 47 -41.60 22.19 -27.06
N ALA F 48 -40.65 21.84 -27.91
CA ALA F 48 -39.23 21.99 -27.61
C ALA F 48 -38.85 23.44 -27.30
N PHE F 49 -39.36 24.37 -28.11
CA PHE F 49 -39.06 25.79 -27.92
C PHE F 49 -39.68 26.33 -26.64
N ARG F 50 -40.94 25.97 -26.39
CA ARG F 50 -41.63 26.43 -25.19
C ARG F 50 -41.01 25.83 -23.93
N ARG F 51 -40.71 24.55 -23.97
CA ARG F 51 -40.14 23.84 -22.82
C ARG F 51 -38.81 24.47 -22.38
N TYR F 52 -37.92 24.70 -23.34
CA TYR F 52 -36.59 25.24 -23.01
C TYR F 52 -36.55 26.71 -22.62
N HIS F 53 -37.62 27.44 -22.88
CA HIS F 53 -37.68 28.84 -22.49
C HIS F 53 -37.58 28.97 -20.97
N GLY F 54 -38.16 28.01 -20.27
CA GLY F 54 -38.12 28.01 -18.81
C GLY F 54 -36.78 27.55 -18.26
N TYR F 55 -36.18 26.57 -18.93
CA TYR F 55 -34.88 26.05 -18.51
C TYR F 55 -33.76 27.06 -18.72
N ILE F 56 -33.95 27.95 -19.69
CA ILE F 56 -32.96 28.97 -20.01
C ILE F 56 -32.94 30.10 -18.99
N PHE F 57 -34.08 30.78 -18.83
CA PHE F 57 -34.18 31.90 -17.91
C PHE F 57 -34.61 31.45 -16.51
N GLY F 58 -35.91 31.30 -16.31
CA GLY F 58 -36.45 30.85 -15.03
C GLY F 58 -36.42 31.92 -13.95
N THR F 73 -24.71 42.78 -28.74
CA THR F 73 -25.15 42.65 -27.35
C THR F 73 -26.41 41.78 -27.24
N GLN F 74 -27.57 42.36 -27.53
CA GLN F 74 -28.84 41.64 -27.46
C GLN F 74 -28.97 40.57 -28.54
N VAL F 75 -29.09 39.32 -28.11
CA VAL F 75 -29.32 38.22 -29.04
C VAL F 75 -30.83 38.16 -29.30
N GLN F 76 -31.26 38.80 -30.39
CA GLN F 76 -32.68 38.87 -30.74
C GLN F 76 -33.42 37.53 -30.69
N GLN F 77 -32.98 36.59 -31.52
CA GLN F 77 -33.66 35.31 -31.61
C GLN F 77 -32.72 34.14 -31.90
N LEU F 78 -33.30 32.95 -31.96
CA LEU F 78 -32.55 31.74 -32.25
C LEU F 78 -33.25 30.97 -33.38
N LEU F 79 -32.60 30.92 -34.54
CA LEU F 79 -33.16 30.21 -35.69
C LEU F 79 -32.73 28.75 -35.70
N VAL F 80 -33.68 27.87 -35.96
CA VAL F 80 -33.41 26.44 -36.04
C VAL F 80 -33.70 25.93 -37.44
N SER F 81 -32.68 25.42 -38.10
CA SER F 81 -32.84 24.89 -39.45
C SER F 81 -32.48 23.41 -39.51
N ILE F 82 -33.37 22.62 -40.09
CA ILE F 82 -33.14 21.20 -40.23
C ILE F 82 -32.63 20.89 -41.64
N THR F 83 -31.34 20.59 -41.74
CA THR F 83 -30.68 20.35 -43.03
C THR F 83 -31.42 19.32 -43.90
N LEU F 84 -31.45 18.06 -43.46
CA LEU F 84 -32.20 17.03 -44.18
C LEU F 84 -33.63 16.99 -43.68
N GLN F 85 -34.31 15.86 -43.89
CA GLN F 85 -35.68 15.71 -43.41
C GLN F 85 -35.72 15.60 -41.88
N SER F 86 -36.64 16.33 -41.27
CA SER F 86 -36.72 16.43 -39.81
C SER F 86 -37.32 15.19 -39.14
N GLU F 87 -38.33 14.60 -39.77
CA GLU F 87 -39.07 13.46 -39.19
C GLU F 87 -39.63 13.80 -37.79
N CYS F 88 -40.57 14.75 -37.76
CA CYS F 88 -41.19 15.22 -36.53
C CYS F 88 -42.21 14.25 -35.98
N ASP F 89 -42.84 13.50 -36.88
CA ASP F 89 -43.89 12.56 -36.48
C ASP F 89 -43.39 11.13 -36.44
N ALA F 90 -42.08 10.96 -36.23
CA ALA F 90 -41.48 9.65 -36.19
C ALA F 90 -40.73 9.40 -34.88
N PHE F 91 -40.74 8.13 -34.44
CA PHE F 91 -40.03 7.74 -33.23
C PHE F 91 -38.55 7.54 -33.55
N PRO F 92 -37.67 7.81 -32.58
CA PRO F 92 -36.23 7.70 -32.81
C PRO F 92 -35.78 6.25 -32.97
N ASN F 93 -34.90 6.01 -33.95
CA ASN F 93 -34.31 4.69 -34.15
C ASN F 93 -32.83 4.69 -33.74
N ILE F 94 -32.21 3.52 -33.77
CA ILE F 94 -30.80 3.39 -33.35
C ILE F 94 -29.88 4.31 -34.14
N SER F 95 -30.04 4.33 -35.46
CA SER F 95 -29.20 5.16 -36.33
C SER F 95 -29.87 6.50 -36.61
N SER F 96 -30.08 7.29 -35.56
CA SER F 96 -30.66 8.62 -35.70
C SER F 96 -29.57 9.66 -35.66
N ASP F 97 -29.64 10.62 -36.58
CA ASP F 97 -28.64 11.67 -36.68
C ASP F 97 -28.85 12.73 -35.59
N GLU F 98 -28.03 12.64 -34.53
CA GLU F 98 -28.12 13.58 -33.41
C GLU F 98 -27.04 14.65 -33.50
N SER F 99 -26.53 14.88 -34.71
CA SER F 99 -25.48 15.89 -34.93
C SER F 99 -26.09 17.28 -35.06
N TYR F 100 -25.32 18.30 -34.69
CA TYR F 100 -25.78 19.68 -34.76
C TYR F 100 -24.62 20.68 -34.67
N THR F 101 -24.86 21.89 -35.17
CA THR F 101 -23.89 22.98 -35.04
C THR F 101 -24.62 24.18 -34.44
N LEU F 102 -24.00 24.80 -33.43
CA LEU F 102 -24.63 25.93 -32.75
C LEU F 102 -23.80 27.21 -32.86
N LEU F 103 -24.37 28.23 -33.49
CA LEU F 103 -23.69 29.51 -33.68
C LEU F 103 -24.24 30.58 -32.75
N VAL F 104 -23.39 31.10 -31.87
CA VAL F 104 -23.80 32.16 -30.94
C VAL F 104 -23.33 33.53 -31.46
N LYS F 105 -24.20 34.21 -32.20
CA LYS F 105 -23.90 35.53 -32.72
C LYS F 105 -24.79 36.57 -32.04
N GLU F 106 -24.34 37.82 -32.02
CA GLU F 106 -25.09 38.90 -31.38
C GLU F 106 -26.36 39.36 -32.13
N PRO F 107 -26.35 39.30 -33.48
CA PRO F 107 -27.58 39.65 -34.18
C PRO F 107 -28.63 38.53 -34.07
N VAL F 108 -28.30 37.35 -34.61
CA VAL F 108 -29.18 36.20 -34.57
C VAL F 108 -28.38 34.93 -34.27
N ALA F 109 -28.83 34.15 -33.29
CA ALA F 109 -28.19 32.88 -32.96
C ALA F 109 -28.76 31.79 -33.87
N VAL F 110 -27.92 30.87 -34.31
CA VAL F 110 -28.35 29.83 -35.24
C VAL F 110 -27.99 28.41 -34.78
N LEU F 111 -28.99 27.55 -34.69
CA LEU F 111 -28.79 26.15 -34.39
C LEU F 111 -29.11 25.35 -35.63
N LYS F 112 -28.07 24.80 -36.26
CA LYS F 112 -28.23 24.05 -37.49
C LYS F 112 -28.00 22.57 -37.23
N ALA F 113 -29.07 21.79 -37.27
CA ALA F 113 -28.99 20.37 -37.01
C ALA F 113 -29.37 19.57 -38.25
N ASN F 114 -28.65 18.49 -38.51
CA ASN F 114 -28.92 17.64 -39.66
C ASN F 114 -30.37 17.17 -39.63
N ARG F 115 -30.81 16.68 -38.46
CA ARG F 115 -32.21 16.26 -38.27
C ARG F 115 -32.74 16.71 -36.90
N VAL F 116 -34.05 16.60 -36.71
CA VAL F 116 -34.72 17.10 -35.49
C VAL F 116 -34.10 16.61 -34.18
N TRP F 117 -33.48 15.44 -34.21
CA TRP F 117 -32.90 14.84 -33.01
C TRP F 117 -31.66 15.61 -32.55
N GLY F 118 -30.94 16.17 -33.51
CA GLY F 118 -29.76 16.98 -33.21
C GLY F 118 -30.15 18.32 -32.62
N ALA F 119 -31.33 18.80 -33.01
CA ALA F 119 -31.85 20.07 -32.51
C ALA F 119 -32.17 19.96 -31.02
N LEU F 120 -32.82 18.88 -30.63
CA LEU F 120 -33.16 18.64 -29.23
C LEU F 120 -31.90 18.62 -28.38
N ARG F 121 -30.88 17.93 -28.87
CA ARG F 121 -29.60 17.86 -28.18
C ARG F 121 -28.92 19.23 -28.23
N GLY F 122 -29.26 20.02 -29.25
CA GLY F 122 -28.70 21.34 -29.43
C GLY F 122 -29.24 22.34 -28.42
N LEU F 123 -30.56 22.33 -28.23
CA LEU F 123 -31.20 23.23 -27.25
C LEU F 123 -30.66 23.04 -25.84
N GLU F 124 -30.40 21.80 -25.46
CA GLU F 124 -29.88 21.50 -24.13
C GLU F 124 -28.55 22.19 -23.89
N THR F 125 -27.65 22.09 -24.86
CA THR F 125 -26.34 22.73 -24.77
C THR F 125 -26.46 24.24 -24.77
N PHE F 126 -27.49 24.76 -25.45
CA PHE F 126 -27.73 26.19 -25.50
C PHE F 126 -28.12 26.69 -24.12
N SER F 127 -29.07 25.99 -23.49
CA SER F 127 -29.52 26.33 -22.15
C SER F 127 -28.38 26.24 -21.15
N GLN F 128 -27.38 25.43 -21.49
CA GLN F 128 -26.20 25.26 -20.64
C GLN F 128 -25.24 26.44 -20.78
N LEU F 129 -25.31 27.14 -21.92
CA LEU F 129 -24.48 28.31 -22.16
C LEU F 129 -25.05 29.55 -21.46
N VAL F 130 -26.37 29.72 -21.55
CA VAL F 130 -27.05 30.86 -20.91
C VAL F 130 -26.69 30.91 -19.43
N TYR F 131 -26.30 32.10 -18.98
CA TYR F 131 -25.74 32.26 -17.65
C TYR F 131 -26.16 33.60 -17.04
N GLN F 132 -26.12 33.69 -15.72
CA GLN F 132 -26.44 34.93 -15.01
C GLN F 132 -25.23 35.46 -14.28
N ASP F 133 -24.96 36.76 -14.44
CA ASP F 133 -23.82 37.38 -13.77
C ASP F 133 -24.16 37.78 -12.33
N SER F 134 -23.34 38.64 -11.75
CA SER F 134 -23.53 39.08 -10.37
C SER F 134 -24.83 39.87 -10.20
N TYR F 135 -25.24 40.56 -11.27
CA TYR F 135 -26.44 41.41 -11.22
C TYR F 135 -27.70 40.70 -11.70
N GLY F 136 -27.58 39.44 -12.07
CA GLY F 136 -28.72 38.65 -12.54
C GLY F 136 -29.06 38.88 -14.00
N THR F 137 -28.11 39.45 -14.74
CA THR F 137 -28.31 39.69 -16.16
C THR F 137 -28.02 38.41 -16.94
N PHE F 138 -28.90 38.09 -17.88
CA PHE F 138 -28.75 36.88 -18.69
C PHE F 138 -27.60 36.98 -19.69
N THR F 139 -26.40 36.67 -19.20
CA THR F 139 -25.19 36.74 -20.01
C THR F 139 -24.89 35.42 -20.72
N ILE F 140 -24.17 35.50 -21.84
CA ILE F 140 -23.80 34.32 -22.60
C ILE F 140 -22.58 34.58 -23.50
N ASN F 141 -21.48 33.88 -23.23
CA ASN F 141 -20.27 34.06 -24.02
C ASN F 141 -20.43 33.64 -25.49
N GLU F 142 -20.17 34.57 -26.39
CA GLU F 142 -20.25 34.33 -27.84
C GLU F 142 -19.30 33.20 -28.25
N SER F 143 -19.80 32.26 -29.05
CA SER F 143 -18.99 31.12 -29.47
C SER F 143 -19.66 30.29 -30.58
N THR F 144 -18.94 29.25 -31.03
CA THR F 144 -19.46 28.34 -32.04
C THR F 144 -19.18 26.89 -31.61
N ILE F 145 -20.19 26.03 -31.73
CA ILE F 145 -20.06 24.64 -31.29
C ILE F 145 -20.53 23.64 -32.35
N ILE F 146 -19.61 22.76 -32.77
CA ILE F 146 -19.95 21.65 -33.67
C ILE F 146 -19.97 20.38 -32.82
N ASP F 147 -21.10 19.67 -32.82
CA ASP F 147 -21.23 18.49 -31.98
C ASP F 147 -21.90 17.28 -32.64
N SER F 148 -21.44 16.09 -32.27
CA SER F 148 -21.98 14.83 -32.78
C SER F 148 -21.74 13.75 -31.73
N PRO F 149 -22.75 12.90 -31.47
CA PRO F 149 -22.64 11.84 -30.46
C PRO F 149 -21.63 10.76 -30.85
N ARG F 150 -20.88 10.27 -29.87
CA ARG F 150 -19.91 9.22 -30.11
C ARG F 150 -20.62 7.87 -30.33
N PHE F 151 -21.45 7.49 -29.37
CA PHE F 151 -22.24 6.26 -29.48
C PHE F 151 -23.72 6.59 -29.57
N SER F 152 -24.39 6.02 -30.57
CA SER F 152 -25.81 6.30 -30.80
C SER F 152 -26.73 5.48 -29.89
N HIS F 153 -26.17 4.82 -28.89
CA HIS F 153 -26.96 4.04 -27.94
C HIS F 153 -26.52 4.31 -26.50
N ARG F 154 -27.11 5.34 -25.90
CA ARG F 154 -26.81 5.72 -24.52
C ARG F 154 -28.08 5.55 -23.70
N GLY F 155 -28.15 4.46 -22.93
CA GLY F 155 -29.35 4.13 -22.18
C GLY F 155 -29.25 4.05 -20.66
N ILE F 156 -30.42 3.99 -20.03
CA ILE F 156 -30.54 3.84 -18.59
C ILE F 156 -31.51 2.70 -18.29
N LEU F 157 -31.15 1.84 -17.34
CA LEU F 157 -32.02 0.73 -16.98
C LEU F 157 -32.82 1.03 -15.72
N ILE F 158 -34.13 0.93 -15.82
CA ILE F 158 -35.01 1.08 -14.66
C ILE F 158 -35.71 -0.24 -14.38
N ASP F 159 -35.87 -0.56 -13.10
CA ASP F 159 -36.48 -1.81 -12.69
C ASP F 159 -37.83 -1.54 -12.04
N THR F 160 -38.91 -1.86 -12.76
CA THR F 160 -40.25 -1.62 -12.26
C THR F 160 -40.97 -2.91 -11.84
N SER F 161 -40.20 -3.96 -11.63
CA SER F 161 -40.77 -5.24 -11.19
C SER F 161 -40.41 -5.53 -9.74
N ARG F 162 -39.15 -5.32 -9.40
CA ARG F 162 -38.71 -5.51 -8.02
C ARG F 162 -39.32 -4.44 -7.10
N HIS F 163 -39.66 -3.31 -7.71
CA HIS F 163 -40.39 -2.24 -7.03
C HIS F 163 -41.19 -1.44 -8.06
N TYR F 164 -42.46 -1.20 -7.78
CA TYR F 164 -43.30 -0.43 -8.69
C TYR F 164 -42.94 1.04 -8.64
N LEU F 165 -42.71 1.62 -9.81
CA LEU F 165 -42.38 3.03 -9.91
C LEU F 165 -43.55 3.80 -10.51
N PRO F 166 -44.08 4.79 -9.79
CA PRO F 166 -45.17 5.61 -10.30
C PRO F 166 -44.79 6.23 -11.63
N VAL F 167 -45.78 6.43 -12.50
CA VAL F 167 -45.52 7.00 -13.82
C VAL F 167 -44.80 8.35 -13.73
N LYS F 168 -45.09 9.11 -12.69
CA LYS F 168 -44.50 10.43 -12.50
C LYS F 168 -42.97 10.42 -12.41
N ILE F 169 -42.42 9.57 -11.54
CA ILE F 169 -40.98 9.50 -11.35
C ILE F 169 -40.25 8.97 -12.60
N ILE F 170 -40.97 8.21 -13.42
CA ILE F 170 -40.42 7.73 -14.67
C ILE F 170 -40.22 8.91 -15.62
N LEU F 171 -41.15 9.86 -15.56
CA LEU F 171 -41.08 11.06 -16.41
C LEU F 171 -39.96 11.99 -15.93
N LYS F 172 -39.81 12.11 -14.61
CA LYS F 172 -38.75 12.93 -14.04
C LYS F 172 -37.39 12.34 -14.42
N THR F 173 -37.35 11.03 -14.58
CA THR F 173 -36.14 10.35 -15.02
C THR F 173 -35.88 10.67 -16.48
N LEU F 174 -36.93 10.60 -17.30
CA LEU F 174 -36.82 10.93 -18.72
C LEU F 174 -36.32 12.36 -18.90
N ASP F 175 -36.80 13.27 -18.05
CA ASP F 175 -36.32 14.64 -18.08
C ASP F 175 -34.83 14.68 -17.85
N ALA F 176 -34.40 14.11 -16.72
CA ALA F 176 -32.99 14.08 -16.37
C ALA F 176 -32.14 13.34 -17.41
N MET F 177 -32.76 12.45 -18.17
CA MET F 177 -32.06 11.73 -19.24
C MET F 177 -31.75 12.67 -20.41
N ALA F 178 -32.75 13.48 -20.79
CA ALA F 178 -32.56 14.47 -21.85
C ALA F 178 -31.62 15.56 -21.35
N PHE F 179 -31.58 15.75 -20.04
CA PHE F 179 -30.71 16.73 -19.40
C PHE F 179 -29.26 16.27 -19.48
N ASN F 180 -29.04 14.97 -19.67
CA ASN F 180 -27.70 14.40 -19.75
C ASN F 180 -27.42 13.72 -21.09
N LYS F 181 -28.31 13.92 -22.05
CA LYS F 181 -28.17 13.37 -23.40
C LYS F 181 -28.15 11.84 -23.49
N PHE F 182 -29.08 11.19 -22.81
CA PHE F 182 -29.31 9.77 -22.97
C PHE F 182 -30.42 9.62 -24.00
N ASN F 183 -30.41 8.54 -24.76
CA ASN F 183 -31.41 8.36 -25.81
C ASN F 183 -32.15 7.03 -25.78
N VAL F 184 -31.94 6.25 -24.72
CA VAL F 184 -32.62 4.96 -24.59
C VAL F 184 -33.04 4.67 -23.15
N LEU F 185 -34.33 4.41 -22.96
CA LEU F 185 -34.84 4.02 -21.65
C LEU F 185 -35.02 2.51 -21.63
N HIS F 186 -34.02 1.80 -21.12
CA HIS F 186 -34.11 0.36 -21.00
C HIS F 186 -35.05 0.01 -19.85
N TRP F 187 -36.32 -0.19 -20.19
CA TRP F 187 -37.36 -0.40 -19.20
C TRP F 187 -37.60 -1.88 -18.89
N HIS F 188 -36.90 -2.38 -17.87
CA HIS F 188 -37.04 -3.75 -17.40
C HIS F 188 -38.38 -3.83 -16.67
N ILE F 189 -39.45 -3.94 -17.45
CA ILE F 189 -40.82 -3.80 -16.93
C ILE F 189 -41.33 -4.96 -16.06
N VAL F 190 -40.98 -6.20 -16.41
CA VAL F 190 -41.45 -7.36 -15.65
C VAL F 190 -40.32 -8.29 -15.22
N ASP F 191 -40.54 -9.05 -14.15
CA ASP F 191 -39.55 -10.00 -13.62
C ASP F 191 -40.24 -10.98 -12.65
N ASP F 192 -39.46 -11.58 -11.75
CA ASP F 192 -39.97 -12.56 -10.79
C ASP F 192 -40.96 -11.98 -9.79
N GLN F 193 -40.51 -10.97 -9.05
CA GLN F 193 -41.27 -10.38 -7.95
C GLN F 193 -42.67 -9.87 -8.31
N SER F 194 -42.81 -9.28 -9.49
CA SER F 194 -44.12 -8.75 -9.91
C SER F 194 -44.22 -8.54 -11.43
N PHE F 195 -45.45 -8.32 -11.89
CA PHE F 195 -45.75 -8.13 -13.31
C PHE F 195 -46.75 -6.97 -13.45
N PRO F 196 -46.22 -5.73 -13.48
CA PRO F 196 -47.06 -4.53 -13.54
C PRO F 196 -47.64 -4.22 -14.94
N TYR F 197 -47.08 -4.83 -15.98
CA TYR F 197 -47.54 -4.59 -17.34
C TYR F 197 -48.94 -5.16 -17.59
N GLN F 198 -49.90 -4.28 -17.88
CA GLN F 198 -51.26 -4.71 -18.18
C GLN F 198 -51.36 -5.10 -19.65
N SER F 199 -51.75 -6.33 -19.90
CA SER F 199 -51.89 -6.82 -21.28
C SER F 199 -53.32 -6.79 -21.75
N ILE F 200 -53.52 -6.36 -22.99
CA ILE F 200 -54.84 -6.30 -23.60
C ILE F 200 -55.31 -7.70 -23.98
N THR F 201 -54.43 -8.46 -24.63
CA THR F 201 -54.74 -9.81 -25.08
C THR F 201 -54.71 -10.82 -23.93
N PHE F 202 -53.86 -10.56 -22.94
CA PHE F 202 -53.77 -11.42 -21.76
C PHE F 202 -53.93 -10.61 -20.47
N PRO F 203 -55.18 -10.22 -20.16
CA PRO F 203 -55.47 -9.38 -19.00
C PRO F 203 -55.25 -10.09 -17.66
N GLU F 204 -54.83 -11.36 -17.70
CA GLU F 204 -54.63 -12.14 -16.49
C GLU F 204 -53.20 -12.09 -15.97
N LEU F 205 -52.27 -11.61 -16.80
CA LEU F 205 -50.86 -11.51 -16.42
C LEU F 205 -50.65 -10.52 -15.28
N SER F 206 -51.27 -9.35 -15.40
CA SER F 206 -51.15 -8.32 -14.38
C SER F 206 -52.20 -8.47 -13.29
N ASN F 207 -53.30 -9.16 -13.60
CA ASN F 207 -54.37 -9.37 -12.62
C ASN F 207 -53.96 -10.31 -11.49
N LYS F 208 -52.96 -11.15 -11.75
CA LYS F 208 -52.44 -12.08 -10.73
C LYS F 208 -50.93 -11.91 -10.52
N GLY F 209 -50.27 -11.29 -11.49
CA GLY F 209 -48.81 -11.14 -11.44
C GLY F 209 -48.30 -9.87 -10.80
N SER F 210 -49.15 -8.86 -10.71
CA SER F 210 -48.75 -7.58 -10.11
C SER F 210 -48.74 -7.67 -8.60
N TYR F 211 -48.13 -6.67 -7.95
CA TYR F 211 -48.14 -6.59 -6.49
C TYR F 211 -49.56 -6.39 -5.99
N SER F 212 -50.32 -5.58 -6.73
CA SER F 212 -51.73 -5.34 -6.45
C SER F 212 -52.34 -4.60 -7.64
N LEU F 213 -53.66 -4.56 -7.71
CA LEU F 213 -54.35 -3.92 -8.82
C LEU F 213 -53.94 -2.46 -9.03
N SER F 214 -53.51 -1.80 -7.95
CA SER F 214 -53.10 -0.41 -8.04
C SER F 214 -51.69 -0.26 -8.63
N HIS F 215 -50.87 -1.30 -8.46
CA HIS F 215 -49.50 -1.30 -8.98
C HIS F 215 -49.44 -1.86 -10.41
N VAL F 216 -50.07 -1.17 -11.34
CA VAL F 216 -50.14 -1.61 -12.73
C VAL F 216 -49.94 -0.46 -13.72
N TYR F 217 -49.36 -0.77 -14.88
CA TYR F 217 -49.20 0.22 -15.94
C TYR F 217 -50.23 -0.01 -17.04
N THR F 218 -51.20 0.90 -17.13
CA THR F 218 -52.28 0.79 -18.10
C THR F 218 -51.80 1.09 -19.53
N PRO F 219 -52.62 0.72 -20.54
CA PRO F 219 -52.30 1.01 -21.93
C PRO F 219 -51.92 2.47 -22.13
N ASN F 220 -52.61 3.37 -21.44
CA ASN F 220 -52.32 4.80 -21.55
C ASN F 220 -51.08 5.18 -20.75
N ASP F 221 -50.86 4.52 -19.62
CA ASP F 221 -49.65 4.77 -18.83
C ASP F 221 -48.44 4.51 -19.70
N VAL F 222 -48.46 3.39 -20.41
CA VAL F 222 -47.38 3.01 -21.30
C VAL F 222 -47.30 3.99 -22.47
N ARG F 223 -48.46 4.30 -23.05
CA ARG F 223 -48.53 5.21 -24.19
C ARG F 223 -47.99 6.60 -23.83
N MET F 224 -48.23 7.02 -22.59
CA MET F 224 -47.78 8.33 -22.12
C MET F 224 -46.26 8.36 -22.03
N VAL F 225 -45.67 7.31 -21.45
CA VAL F 225 -44.23 7.21 -21.30
C VAL F 225 -43.54 7.24 -22.67
N ILE F 226 -44.19 6.65 -23.66
CA ILE F 226 -43.67 6.63 -25.02
C ILE F 226 -43.70 8.02 -25.66
N GLU F 227 -44.85 8.69 -25.58
CA GLU F 227 -45.01 10.01 -26.17
C GLU F 227 -44.26 11.10 -25.41
N TYR F 228 -43.93 10.82 -24.15
CA TYR F 228 -43.19 11.79 -23.34
C TYR F 228 -41.70 11.65 -23.66
N ALA F 229 -41.30 10.46 -24.09
CA ALA F 229 -39.90 10.20 -24.42
C ALA F 229 -39.59 10.58 -25.87
N ARG F 230 -40.59 10.50 -26.74
CA ARG F 230 -40.41 10.84 -28.15
C ARG F 230 -40.09 12.32 -28.31
N LEU F 231 -40.78 13.16 -27.53
CA LEU F 231 -40.59 14.61 -27.59
C LEU F 231 -39.18 15.01 -27.17
N ARG F 232 -38.50 14.10 -26.48
CA ARG F 232 -37.14 14.36 -26.00
C ARG F 232 -36.13 13.49 -26.73
N GLY F 233 -36.57 12.89 -27.84
CA GLY F 233 -35.70 12.05 -28.67
C GLY F 233 -35.16 10.83 -27.96
N ILE F 234 -35.93 10.33 -26.99
CA ILE F 234 -35.52 9.16 -26.22
C ILE F 234 -36.28 7.92 -26.68
N ARG F 235 -35.53 6.85 -26.95
CA ARG F 235 -36.11 5.58 -27.35
C ARG F 235 -36.59 4.82 -26.11
N VAL F 236 -37.74 4.17 -26.23
CA VAL F 236 -38.26 3.35 -25.15
C VAL F 236 -38.02 1.88 -25.49
N LEU F 237 -37.01 1.29 -24.84
CA LEU F 237 -36.66 -0.10 -25.08
C LEU F 237 -37.27 -1.02 -24.01
N PRO F 238 -38.33 -1.74 -24.38
CA PRO F 238 -39.00 -2.65 -23.45
C PRO F 238 -38.28 -3.97 -23.32
N GLU F 239 -38.30 -4.56 -22.12
CA GLU F 239 -37.70 -5.85 -21.91
C GLU F 239 -38.65 -6.83 -21.23
N PHE F 240 -38.93 -7.93 -21.92
CA PHE F 240 -39.74 -8.99 -21.36
C PHE F 240 -38.88 -10.23 -21.25
N ASP F 241 -38.12 -10.30 -20.16
CA ASP F 241 -37.13 -11.35 -19.94
C ASP F 241 -37.71 -12.77 -19.91
N THR F 242 -37.11 -13.65 -20.73
CA THR F 242 -37.49 -15.06 -20.79
C THR F 242 -36.22 -15.87 -21.04
N PRO F 243 -36.19 -17.15 -20.60
CA PRO F 243 -37.24 -17.85 -19.87
C PRO F 243 -37.10 -17.70 -18.36
N GLY F 244 -35.95 -17.21 -17.92
CA GLY F 244 -35.70 -16.97 -16.50
C GLY F 244 -36.31 -15.64 -16.09
N HIS F 245 -36.40 -15.42 -14.77
CA HIS F 245 -37.00 -14.19 -14.25
C HIS F 245 -38.46 -14.04 -14.71
N THR F 246 -39.25 -15.09 -14.49
CA THR F 246 -40.64 -15.11 -14.97
C THR F 246 -41.65 -15.65 -13.96
N LEU F 247 -41.32 -15.61 -12.67
CA LEU F 247 -42.22 -16.13 -11.64
C LEU F 247 -43.62 -15.49 -11.65
N SER F 248 -43.67 -14.20 -11.96
CA SER F 248 -44.94 -13.47 -11.98
C SER F 248 -45.77 -13.77 -13.24
N TRP F 249 -45.14 -14.34 -14.25
CA TRP F 249 -45.81 -14.69 -15.49
C TRP F 249 -46.79 -15.84 -15.28
N GLY F 250 -46.35 -16.85 -14.53
CA GLY F 250 -47.15 -18.06 -14.30
C GLY F 250 -48.36 -17.85 -13.40
N LYS F 251 -48.40 -16.70 -12.72
CA LYS F 251 -49.50 -16.38 -11.83
C LYS F 251 -50.81 -16.27 -12.62
N GLY F 252 -50.72 -15.72 -13.82
CA GLY F 252 -51.90 -15.52 -14.67
C GLY F 252 -51.97 -16.45 -15.87
N GLN F 253 -50.80 -16.83 -16.39
CA GLN F 253 -50.73 -17.74 -17.54
C GLN F 253 -50.55 -19.19 -17.10
N LYS F 254 -51.59 -19.99 -17.28
CA LYS F 254 -51.59 -21.39 -16.85
C LYS F 254 -50.68 -22.28 -17.70
N ASP F 255 -50.08 -23.28 -17.05
CA ASP F 255 -49.20 -24.26 -17.70
C ASP F 255 -48.09 -23.63 -18.54
N LEU F 256 -47.59 -22.48 -18.10
CA LEU F 256 -46.55 -21.77 -18.83
C LEU F 256 -45.16 -22.10 -18.27
N LEU F 257 -45.03 -22.06 -16.95
CA LEU F 257 -43.75 -22.29 -16.30
C LEU F 257 -43.43 -23.75 -16.07
N THR F 258 -42.15 -24.05 -15.91
CA THR F 258 -41.69 -25.40 -15.65
C THR F 258 -41.92 -25.78 -14.19
N PRO F 259 -42.72 -26.83 -13.95
CA PRO F 259 -42.95 -27.29 -12.58
C PRO F 259 -41.73 -28.01 -12.03
N CYS F 260 -41.18 -27.50 -10.93
CA CYS F 260 -40.02 -28.13 -10.29
C CYS F 260 -40.45 -29.34 -9.47
N TYR F 261 -39.74 -30.46 -9.67
CA TYR F 261 -40.04 -31.68 -8.95
C TYR F 261 -39.21 -31.80 -7.68
N SER F 262 -38.25 -30.88 -7.51
CA SER F 262 -37.39 -30.87 -6.34
C SER F 262 -37.74 -29.70 -5.42
N ASP F 268 -38.39 -24.03 -5.05
CA ASP F 268 -39.66 -23.48 -5.51
C ASP F 268 -40.44 -24.52 -6.30
N SER F 269 -41.75 -24.34 -6.37
CA SER F 269 -42.61 -25.25 -7.11
C SER F 269 -42.48 -25.02 -8.62
N PHE F 270 -42.03 -23.82 -9.00
CA PHE F 270 -41.90 -23.47 -10.41
C PHE F 270 -40.54 -22.85 -10.74
N GLY F 271 -40.11 -23.04 -11.99
CA GLY F 271 -38.84 -22.50 -12.47
C GLY F 271 -39.00 -21.67 -13.73
N PRO F 272 -38.08 -21.84 -14.69
CA PRO F 272 -38.11 -21.11 -15.96
C PRO F 272 -39.31 -21.49 -16.84
N ILE F 273 -39.52 -20.74 -17.90
CA ILE F 273 -40.62 -21.00 -18.83
C ILE F 273 -40.44 -22.35 -19.51
N ASN F 274 -41.50 -23.15 -19.53
CA ASN F 274 -41.46 -24.48 -20.15
C ASN F 274 -41.29 -24.38 -21.67
N PRO F 275 -40.12 -24.78 -22.18
CA PRO F 275 -39.81 -24.69 -23.59
C PRO F 275 -40.05 -26.01 -24.33
N THR F 276 -41.08 -26.74 -23.95
CA THR F 276 -41.36 -28.04 -24.57
C THR F 276 -42.83 -28.21 -24.97
N LEU F 277 -43.63 -27.17 -24.77
CA LEU F 277 -45.06 -27.24 -25.09
C LEU F 277 -45.49 -26.26 -26.18
N ASN F 278 -46.59 -26.59 -26.86
CA ASN F 278 -47.14 -25.72 -27.89
C ASN F 278 -47.82 -24.52 -27.25
N THR F 279 -48.41 -24.75 -26.07
CA THR F 279 -49.09 -23.70 -25.32
C THR F 279 -48.13 -22.55 -24.97
N THR F 280 -46.84 -22.86 -24.94
CA THR F 280 -45.82 -21.87 -24.64
C THR F 280 -45.61 -20.89 -25.79
N TYR F 281 -45.24 -21.41 -26.95
CA TYR F 281 -44.95 -20.58 -28.12
C TYR F 281 -46.20 -19.95 -28.70
N SER F 282 -47.33 -20.65 -28.59
CA SER F 282 -48.61 -20.10 -29.04
C SER F 282 -48.96 -18.87 -28.19
N PHE F 283 -48.49 -18.88 -26.95
CA PHE F 283 -48.68 -17.76 -26.04
C PHE F 283 -47.71 -16.63 -26.36
N LEU F 284 -46.45 -16.98 -26.57
CA LEU F 284 -45.41 -15.99 -26.87
C LEU F 284 -45.67 -15.27 -28.20
N THR F 285 -46.17 -16.00 -29.18
CA THR F 285 -46.46 -15.43 -30.49
C THR F 285 -47.55 -14.36 -30.39
N THR F 286 -48.62 -14.69 -29.67
CA THR F 286 -49.73 -13.77 -29.49
C THR F 286 -49.32 -12.61 -28.58
N PHE F 287 -48.42 -12.91 -27.63
CA PHE F 287 -47.95 -11.90 -26.69
C PHE F 287 -47.09 -10.84 -27.37
N PHE F 288 -46.09 -11.27 -28.12
CA PHE F 288 -45.21 -10.35 -28.83
C PHE F 288 -45.90 -9.68 -30.03
N LYS F 289 -47.02 -10.26 -30.45
CA LYS F 289 -47.83 -9.65 -31.51
C LYS F 289 -48.44 -8.37 -30.96
N GLU F 290 -48.59 -8.33 -29.64
CA GLU F 290 -49.13 -7.16 -28.95
C GLU F 290 -48.02 -6.17 -28.64
N ILE F 291 -46.89 -6.69 -28.15
CA ILE F 291 -45.74 -5.85 -27.79
C ILE F 291 -45.27 -5.01 -28.98
N SER F 292 -45.31 -5.62 -30.17
CA SER F 292 -44.91 -4.94 -31.40
C SER F 292 -45.88 -3.82 -31.77
N GLU F 293 -47.15 -4.00 -31.40
CA GLU F 293 -48.19 -3.01 -31.69
C GLU F 293 -48.35 -1.99 -30.56
N VAL F 294 -47.44 -2.01 -29.59
CA VAL F 294 -47.48 -1.08 -28.46
C VAL F 294 -46.20 -0.26 -28.36
N PHE F 295 -45.05 -0.93 -28.43
CA PHE F 295 -43.76 -0.26 -28.42
C PHE F 295 -43.26 -0.01 -29.83
N PRO F 296 -43.27 1.26 -30.26
CA PRO F 296 -42.94 1.72 -31.62
C PRO F 296 -41.48 1.48 -32.03
N ASP F 297 -40.59 1.33 -31.05
CA ASP F 297 -39.17 1.10 -31.36
C ASP F 297 -38.99 -0.22 -32.13
N GLN F 298 -37.97 -0.28 -32.96
CA GLN F 298 -37.71 -1.45 -33.80
C GLN F 298 -36.87 -2.52 -33.10
N PHE F 299 -36.80 -2.44 -31.76
CA PHE F 299 -36.03 -3.42 -30.97
C PHE F 299 -36.75 -3.83 -29.69
N ILE F 300 -36.59 -5.09 -29.31
CA ILE F 300 -37.21 -5.63 -28.11
C ILE F 300 -36.20 -6.50 -27.36
N HIS F 301 -35.81 -6.07 -26.15
CA HIS F 301 -34.86 -6.83 -25.33
C HIS F 301 -35.52 -8.09 -24.77
N LEU F 302 -34.95 -9.26 -25.09
CA LEU F 302 -35.54 -10.54 -24.69
C LEU F 302 -34.97 -11.09 -23.39
N GLY F 303 -33.80 -10.60 -22.99
CA GLY F 303 -33.17 -11.05 -21.75
C GLY F 303 -32.43 -12.36 -21.90
N GLY F 304 -32.89 -13.38 -21.17
CA GLY F 304 -32.28 -14.71 -21.23
C GLY F 304 -31.06 -14.86 -20.33
N ASP F 305 -31.06 -14.16 -19.20
CA ASP F 305 -29.93 -14.21 -18.27
C ASP F 305 -30.26 -15.01 -17.02
N GLU F 306 -29.22 -15.46 -16.33
CA GLU F 306 -29.37 -16.21 -15.08
C GLU F 306 -30.46 -17.28 -15.15
N VAL F 307 -30.33 -18.20 -16.11
CA VAL F 307 -31.30 -19.26 -16.27
C VAL F 307 -30.85 -20.52 -15.54
N GLU F 308 -31.65 -20.93 -14.54
CA GLU F 308 -31.33 -22.11 -13.74
C GLU F 308 -31.85 -23.38 -14.42
N PHE F 309 -30.95 -24.33 -14.62
CA PHE F 309 -31.31 -25.58 -15.28
C PHE F 309 -31.84 -26.60 -14.30
N LYS F 310 -31.55 -26.39 -13.01
CA LYS F 310 -31.99 -27.29 -11.94
C LYS F 310 -33.42 -27.79 -12.09
N CYS F 311 -34.34 -26.88 -12.39
CA CYS F 311 -35.75 -27.23 -12.50
C CYS F 311 -36.04 -28.14 -13.70
N TRP F 312 -35.29 -27.96 -14.78
CA TRP F 312 -35.48 -28.79 -15.97
C TRP F 312 -34.96 -30.21 -15.78
N GLU F 313 -33.83 -30.33 -15.09
CA GLU F 313 -33.20 -31.63 -14.86
C GLU F 313 -34.12 -32.61 -14.15
N SER F 314 -34.82 -32.12 -13.13
CA SER F 314 -35.69 -32.96 -12.32
C SER F 314 -37.06 -33.23 -12.94
N ASN F 315 -37.30 -32.65 -14.12
CA ASN F 315 -38.58 -32.83 -14.82
C ASN F 315 -38.50 -33.97 -15.84
N PRO F 316 -39.23 -35.08 -15.57
CA PRO F 316 -39.24 -36.29 -16.40
C PRO F 316 -39.69 -36.04 -17.84
N LYS F 317 -40.79 -35.29 -18.01
CA LYS F 317 -41.31 -35.00 -19.34
C LYS F 317 -40.36 -34.15 -20.16
N ILE F 318 -39.50 -33.39 -19.49
CA ILE F 318 -38.50 -32.59 -20.17
C ILE F 318 -37.31 -33.47 -20.56
N GLN F 319 -37.04 -34.49 -19.75
CA GLN F 319 -35.96 -35.44 -20.05
C GLN F 319 -36.35 -36.30 -21.24
N ASP F 320 -37.62 -36.70 -21.28
CA ASP F 320 -38.16 -37.50 -22.37
C ASP F 320 -38.18 -36.65 -23.65
N PHE F 321 -37.99 -35.36 -23.49
CA PHE F 321 -37.95 -34.41 -24.61
C PHE F 321 -36.50 -34.17 -25.03
N MET F 322 -35.61 -34.11 -24.04
CA MET F 322 -34.19 -33.87 -24.27
C MET F 322 -33.56 -34.93 -25.17
N ARG F 323 -33.70 -36.19 -24.79
CA ARG F 323 -33.15 -37.29 -25.57
C ARG F 323 -33.97 -37.53 -26.84
N GLN F 324 -35.27 -37.24 -26.75
CA GLN F 324 -36.18 -37.42 -27.88
C GLN F 324 -35.97 -36.29 -28.90
N LYS F 325 -34.90 -35.52 -28.72
CA LYS F 325 -34.58 -34.45 -29.65
C LYS F 325 -33.05 -34.34 -29.84
N GLY F 326 -32.33 -35.27 -29.22
CA GLY F 326 -30.87 -35.37 -29.39
C GLY F 326 -30.03 -34.37 -28.63
N PHE F 327 -30.59 -33.77 -27.59
CA PHE F 327 -29.84 -32.80 -26.78
C PHE F 327 -29.10 -33.45 -25.61
N GLY F 328 -29.41 -34.73 -25.37
CA GLY F 328 -28.79 -35.48 -24.29
C GLY F 328 -29.17 -34.94 -22.92
N THR F 329 -28.17 -34.60 -22.11
CA THR F 329 -28.41 -34.01 -20.80
C THR F 329 -27.75 -32.64 -20.71
N ASP F 330 -27.41 -32.08 -21.87
CA ASP F 330 -26.81 -30.75 -21.94
C ASP F 330 -27.93 -29.71 -22.10
N PHE F 331 -28.19 -28.98 -21.03
CA PHE F 331 -29.31 -28.03 -21.01
C PHE F 331 -28.98 -26.65 -21.58
N LYS F 332 -27.71 -26.42 -21.90
CA LYS F 332 -27.32 -25.17 -22.55
C LYS F 332 -27.84 -25.15 -23.99
N LYS F 333 -27.99 -26.33 -24.57
CA LYS F 333 -28.52 -26.46 -25.92
C LYS F 333 -30.04 -26.36 -25.92
N LEU F 334 -30.66 -26.69 -24.78
CA LEU F 334 -32.11 -26.56 -24.63
C LEU F 334 -32.47 -25.08 -24.45
N GLU F 335 -31.59 -24.36 -23.75
CA GLU F 335 -31.75 -22.93 -23.56
C GLU F 335 -31.62 -22.26 -24.92
N SER F 336 -30.63 -22.70 -25.70
CA SER F 336 -30.43 -22.19 -27.04
C SER F 336 -31.65 -22.50 -27.90
N PHE F 337 -32.14 -23.74 -27.81
CA PHE F 337 -33.33 -24.14 -28.56
C PHE F 337 -34.51 -23.22 -28.29
N TYR F 338 -34.70 -22.84 -27.03
CA TYR F 338 -35.79 -21.94 -26.65
C TYR F 338 -35.61 -20.54 -27.21
N ILE F 339 -34.53 -19.88 -26.81
CA ILE F 339 -34.27 -18.50 -27.22
C ILE F 339 -34.28 -18.34 -28.74
N GLN F 340 -33.80 -19.37 -29.45
CA GLN F 340 -33.78 -19.35 -30.91
C GLN F 340 -35.18 -19.23 -31.49
N LYS F 341 -36.07 -20.10 -31.04
CA LYS F 341 -37.45 -20.07 -31.51
C LYS F 341 -38.13 -18.78 -31.11
N VAL F 342 -37.57 -18.10 -30.11
CA VAL F 342 -38.13 -16.84 -29.63
C VAL F 342 -37.66 -15.63 -30.43
N LEU F 343 -36.34 -15.48 -30.60
CA LEU F 343 -35.82 -14.32 -31.33
C LEU F 343 -36.12 -14.41 -32.83
N ASP F 344 -36.63 -15.57 -33.26
CA ASP F 344 -37.08 -15.73 -34.62
C ASP F 344 -38.52 -15.25 -34.73
N ILE F 345 -39.27 -15.37 -33.64
CA ILE F 345 -40.64 -14.85 -33.58
C ILE F 345 -40.62 -13.33 -33.68
N ILE F 346 -39.60 -12.72 -33.08
CA ILE F 346 -39.41 -11.28 -33.16
C ILE F 346 -38.98 -10.87 -34.56
N ALA F 347 -38.25 -11.75 -35.23
CA ALA F 347 -37.83 -11.50 -36.61
C ALA F 347 -39.04 -11.60 -37.54
N THR F 348 -39.98 -12.48 -37.17
CA THR F 348 -41.21 -12.68 -37.95
C THR F 348 -42.10 -11.44 -37.95
N ILE F 349 -42.25 -10.80 -36.78
CA ILE F 349 -43.05 -9.58 -36.67
C ILE F 349 -42.27 -8.35 -37.17
N ASN F 350 -41.10 -8.60 -37.77
CA ASN F 350 -40.28 -7.56 -38.40
C ASN F 350 -39.72 -6.50 -37.43
N LYS F 351 -38.95 -6.97 -36.45
CA LYS F 351 -38.26 -6.08 -35.50
C LYS F 351 -36.93 -6.68 -35.10
N GLY F 352 -36.09 -5.89 -34.44
CA GLY F 352 -34.79 -6.35 -33.99
C GLY F 352 -34.85 -7.01 -32.63
N SER F 353 -33.70 -7.48 -32.14
CA SER F 353 -33.63 -8.15 -30.85
C SER F 353 -32.36 -7.83 -30.09
N ILE F 354 -32.50 -7.55 -28.80
CA ILE F 354 -31.36 -7.33 -27.91
C ILE F 354 -31.38 -8.43 -26.86
N VAL F 355 -30.21 -8.94 -26.53
CA VAL F 355 -30.10 -10.11 -25.64
C VAL F 355 -28.93 -10.02 -24.66
N TRP F 356 -29.11 -10.56 -23.45
CA TRP F 356 -28.03 -10.61 -22.47
C TRP F 356 -26.95 -11.60 -22.92
N GLN F 357 -25.72 -11.41 -22.45
CA GLN F 357 -24.59 -12.21 -22.93
C GLN F 357 -24.68 -13.72 -22.70
N GLU F 358 -25.51 -14.15 -21.74
CA GLU F 358 -25.67 -15.58 -21.45
C GLU F 358 -26.02 -16.37 -22.71
N VAL F 359 -26.93 -15.81 -23.50
CA VAL F 359 -27.39 -16.46 -24.72
C VAL F 359 -26.26 -16.71 -25.71
N PHE F 360 -25.35 -15.74 -25.82
CA PHE F 360 -24.20 -15.88 -26.71
C PHE F 360 -23.17 -16.86 -26.15
N ASP F 361 -22.93 -16.77 -24.84
CA ASP F 361 -21.95 -17.63 -24.17
C ASP F 361 -22.38 -19.09 -24.15
N ASP F 362 -23.68 -19.32 -24.20
CA ASP F 362 -24.22 -20.67 -24.21
C ASP F 362 -24.46 -21.14 -25.65
N LYS F 363 -23.70 -20.57 -26.57
CA LYS F 363 -23.74 -20.93 -28.00
C LYS F 363 -25.15 -21.12 -28.58
N ALA F 364 -25.86 -20.02 -28.79
CA ALA F 364 -27.18 -20.07 -29.41
C ALA F 364 -27.08 -19.54 -30.86
N LYS F 365 -27.83 -20.16 -31.76
CA LYS F 365 -27.84 -19.74 -33.16
C LYS F 365 -28.54 -18.39 -33.29
N LEU F 366 -27.78 -17.31 -33.11
CA LEU F 366 -28.32 -15.97 -33.20
C LEU F 366 -28.34 -15.46 -34.63
N ALA F 367 -29.51 -15.03 -35.09
CA ALA F 367 -29.67 -14.48 -36.43
C ALA F 367 -28.86 -13.19 -36.59
N PRO F 368 -28.42 -12.89 -37.83
CA PRO F 368 -27.64 -11.68 -38.09
C PRO F 368 -28.40 -10.41 -37.65
N GLY F 369 -27.69 -9.49 -37.00
CA GLY F 369 -28.29 -8.25 -36.55
C GLY F 369 -28.77 -8.30 -35.11
N THR F 370 -28.52 -9.42 -34.44
CA THR F 370 -28.92 -9.58 -33.04
C THR F 370 -27.92 -8.87 -32.12
N ILE F 371 -28.44 -7.98 -31.28
CA ILE F 371 -27.60 -7.22 -30.36
C ILE F 371 -27.35 -7.98 -29.07
N VAL F 372 -26.10 -7.97 -28.61
CA VAL F 372 -25.72 -8.67 -27.38
C VAL F 372 -25.25 -7.69 -26.31
N GLU F 373 -25.91 -7.71 -25.16
CA GLU F 373 -25.55 -6.83 -24.06
C GLU F 373 -24.66 -7.55 -23.04
N VAL F 374 -23.53 -6.94 -22.72
CA VAL F 374 -22.58 -7.51 -21.78
C VAL F 374 -22.75 -6.90 -20.38
N TRP F 375 -23.03 -7.74 -19.39
CA TRP F 375 -23.24 -7.27 -18.03
C TRP F 375 -22.30 -7.93 -17.02
N LYS F 376 -21.80 -9.12 -17.36
CA LYS F 376 -20.87 -9.85 -16.48
C LYS F 376 -19.66 -8.98 -16.15
N ASP F 377 -19.47 -8.69 -14.86
CA ASP F 377 -18.38 -7.85 -14.42
C ASP F 377 -17.04 -8.59 -14.40
N SER F 378 -17.04 -9.83 -14.88
CA SER F 378 -15.83 -10.64 -14.91
C SER F 378 -15.13 -10.59 -16.27
N ALA F 379 -14.05 -9.81 -16.34
CA ALA F 379 -13.26 -9.67 -17.57
C ALA F 379 -14.14 -9.42 -18.79
N TYR F 380 -14.82 -8.27 -18.80
CA TYR F 380 -15.71 -7.93 -19.91
C TYR F 380 -15.00 -7.55 -21.22
N PRO F 381 -13.77 -7.00 -21.12
CA PRO F 381 -13.04 -6.68 -22.34
C PRO F 381 -12.86 -7.91 -23.23
N GLU F 382 -12.29 -8.96 -22.67
CA GLU F 382 -12.06 -10.20 -23.41
C GLU F 382 -13.37 -10.84 -23.85
N GLU F 383 -14.46 -10.47 -23.17
CA GLU F 383 -15.78 -10.98 -23.51
C GLU F 383 -16.32 -10.19 -24.70
N LEU F 384 -15.98 -8.89 -24.75
CA LEU F 384 -16.39 -8.02 -25.85
C LEU F 384 -15.75 -8.47 -27.17
N SER F 385 -14.52 -8.94 -27.09
CA SER F 385 -13.77 -9.39 -28.27
C SER F 385 -14.46 -10.58 -28.94
N ARG F 386 -14.98 -11.48 -28.12
CA ARG F 386 -15.60 -12.71 -28.61
C ARG F 386 -16.91 -12.45 -29.37
N VAL F 387 -17.70 -11.51 -28.87
CA VAL F 387 -19.00 -11.18 -29.47
C VAL F 387 -18.85 -10.47 -30.81
N THR F 388 -17.93 -9.50 -30.85
CA THR F 388 -17.68 -8.73 -32.06
C THR F 388 -17.11 -9.60 -33.19
N ALA F 389 -16.16 -10.46 -32.83
CA ALA F 389 -15.51 -11.36 -33.79
C ALA F 389 -16.51 -12.31 -34.45
N SER F 390 -17.60 -12.60 -33.74
CA SER F 390 -18.63 -13.49 -34.27
C SER F 390 -19.56 -12.75 -35.23
N GLY F 391 -19.48 -11.43 -35.23
CA GLY F 391 -20.29 -10.60 -36.14
C GLY F 391 -21.60 -10.10 -35.55
N PHE F 392 -21.58 -9.74 -34.27
CA PHE F 392 -22.77 -9.23 -33.60
C PHE F 392 -22.50 -7.88 -32.94
N PRO F 393 -23.46 -6.94 -33.08
CA PRO F 393 -23.35 -5.64 -32.41
C PRO F 393 -23.42 -5.83 -30.89
N VAL F 394 -22.61 -5.09 -30.16
CA VAL F 394 -22.51 -5.28 -28.71
C VAL F 394 -22.78 -4.01 -27.89
N ILE F 395 -23.46 -4.18 -26.75
CA ILE F 395 -23.73 -3.09 -25.82
C ILE F 395 -23.09 -3.41 -24.48
N LEU F 396 -22.37 -2.44 -23.91
CA LEU F 396 -21.69 -2.64 -22.63
C LEU F 396 -22.52 -2.08 -21.47
N SER F 397 -22.31 -2.63 -20.27
CA SER F 397 -23.01 -2.16 -19.07
C SER F 397 -22.40 -2.76 -17.81
N ALA F 398 -21.45 -3.67 -18.00
CA ALA F 398 -20.82 -4.39 -16.88
C ALA F 398 -20.25 -3.49 -15.77
N PRO F 399 -19.40 -2.50 -16.13
CA PRO F 399 -18.77 -1.68 -15.10
C PRO F 399 -19.66 -0.58 -14.53
N TRP F 400 -20.81 -0.34 -15.17
CA TRP F 400 -21.71 0.73 -14.72
C TRP F 400 -22.97 0.25 -13.98
N TYR F 401 -22.81 -0.77 -13.14
CA TYR F 401 -23.92 -1.23 -12.30
C TYR F 401 -24.08 -0.28 -11.11
N LEU F 402 -24.88 0.76 -11.33
CA LEU F 402 -25.08 1.82 -10.34
C LEU F 402 -25.88 1.39 -9.12
N ASP F 403 -26.55 0.24 -9.22
CA ASP F 403 -27.31 -0.28 -8.09
C ASP F 403 -26.34 -0.74 -7.00
N LEU F 404 -25.17 -1.20 -7.42
CA LEU F 404 -24.12 -1.64 -6.50
C LEU F 404 -23.43 -0.43 -5.89
N ILE F 405 -24.09 0.18 -4.91
CA ILE F 405 -23.58 1.39 -4.27
C ILE F 405 -22.36 1.16 -3.40
N SER F 406 -21.63 2.23 -3.13
CA SER F 406 -20.44 2.20 -2.31
C SER F 406 -20.16 3.57 -1.71
N TYR F 407 -19.42 3.60 -0.62
CA TYR F 407 -19.09 4.85 0.05
C TYR F 407 -18.11 5.68 -0.76
N GLY F 408 -18.28 6.99 -0.73
CA GLY F 408 -17.37 7.90 -1.44
C GLY F 408 -17.84 8.28 -2.83
N GLN F 409 -16.96 8.95 -3.56
CA GLN F 409 -17.25 9.41 -4.92
C GLN F 409 -17.07 8.29 -5.93
N ASP F 410 -17.96 7.31 -5.88
CA ASP F 410 -17.89 6.17 -6.80
C ASP F 410 -18.12 6.56 -8.27
N TRP F 411 -18.57 7.80 -8.49
CA TRP F 411 -18.82 8.29 -9.85
C TRP F 411 -17.54 8.31 -10.69
N ARG F 412 -16.40 8.38 -10.00
CA ARG F 412 -15.11 8.41 -10.67
C ARG F 412 -14.81 7.12 -11.41
N LYS F 413 -14.99 5.99 -10.74
CA LYS F 413 -14.70 4.70 -11.35
C LYS F 413 -15.66 4.35 -12.48
N TYR F 414 -16.82 5.01 -12.50
CA TYR F 414 -17.77 4.82 -13.60
C TYR F 414 -17.37 5.72 -14.77
N TYR F 415 -16.56 6.74 -14.47
CA TYR F 415 -16.13 7.71 -15.48
C TYR F 415 -14.80 7.31 -16.14
N LYS F 416 -13.91 6.68 -15.37
CA LYS F 416 -12.60 6.27 -15.88
C LYS F 416 -12.68 5.12 -16.87
N VAL F 417 -13.80 4.41 -16.88
CA VAL F 417 -14.00 3.26 -17.75
C VAL F 417 -13.84 3.60 -19.23
N GLU F 418 -12.91 2.90 -19.89
CA GLU F 418 -12.73 3.06 -21.33
C GLU F 418 -13.26 1.83 -22.05
N PRO F 419 -14.38 2.00 -22.78
CA PRO F 419 -15.07 0.91 -23.50
C PRO F 419 -14.26 0.28 -24.62
N LEU F 420 -13.08 0.84 -24.90
CA LEU F 420 -12.23 0.30 -25.97
C LEU F 420 -10.91 -0.25 -25.45
N ASP F 421 -10.97 -1.37 -24.73
CA ASP F 421 -9.78 -2.04 -24.22
C ASP F 421 -9.72 -3.50 -24.66
N PHE F 422 -10.71 -3.91 -25.45
CA PHE F 422 -10.78 -5.29 -25.92
C PHE F 422 -10.02 -5.47 -27.24
N GLY F 423 -9.47 -6.66 -27.43
CA GLY F 423 -8.72 -6.97 -28.64
C GLY F 423 -9.63 -7.08 -29.85
N GLY F 424 -9.21 -6.50 -30.97
CA GLY F 424 -9.99 -6.54 -32.20
C GLY F 424 -9.70 -5.37 -33.12
N THR F 425 -9.85 -5.60 -34.41
CA THR F 425 -9.60 -4.57 -35.42
C THR F 425 -10.66 -3.45 -35.35
N GLN F 426 -10.51 -2.44 -36.20
CA GLN F 426 -11.45 -1.32 -36.23
C GLN F 426 -12.84 -1.78 -36.70
N LYS F 427 -12.86 -2.83 -37.51
CA LYS F 427 -14.10 -3.39 -38.02
C LYS F 427 -14.95 -3.93 -36.87
N GLN F 428 -14.29 -4.66 -35.96
CA GLN F 428 -14.98 -5.22 -34.80
C GLN F 428 -15.44 -4.12 -33.84
N LYS F 429 -14.64 -3.07 -33.72
CA LYS F 429 -14.98 -1.95 -32.85
C LYS F 429 -16.08 -1.07 -33.45
N GLN F 430 -16.39 -1.30 -34.72
CA GLN F 430 -17.48 -0.59 -35.38
C GLN F 430 -18.81 -1.27 -35.08
N LEU F 431 -18.73 -2.44 -34.45
CA LEU F 431 -19.92 -3.17 -34.02
C LEU F 431 -20.32 -2.74 -32.60
N PHE F 432 -19.41 -2.04 -31.92
CA PHE F 432 -19.68 -1.51 -30.59
C PHE F 432 -20.58 -0.29 -30.71
N ILE F 433 -21.88 -0.47 -30.50
CA ILE F 433 -22.86 0.60 -30.69
C ILE F 433 -23.03 1.52 -29.48
N GLY F 434 -22.52 1.11 -28.32
CA GLY F 434 -22.62 1.94 -27.11
C GLY F 434 -22.76 1.16 -25.81
N GLY F 435 -23.38 1.79 -24.82
CA GLY F 435 -23.56 1.17 -23.50
C GLY F 435 -24.76 1.68 -22.73
N GLU F 436 -24.97 1.11 -21.55
CA GLU F 436 -26.09 1.50 -20.68
C GLU F 436 -25.67 1.56 -19.21
N ALA F 437 -26.33 2.44 -18.46
CA ALA F 437 -26.13 2.51 -17.01
C ALA F 437 -27.35 1.89 -16.32
N CYS F 438 -27.11 0.97 -15.41
CA CYS F 438 -28.20 0.22 -14.79
C CYS F 438 -28.50 0.60 -13.36
N LEU F 439 -29.78 0.57 -13.01
CA LEU F 439 -30.22 0.78 -11.64
C LEU F 439 -31.29 -0.25 -11.30
N TRP F 440 -30.85 -1.41 -10.81
CA TRP F 440 -31.76 -2.48 -10.46
C TRP F 440 -32.54 -2.13 -9.20
N GLY F 441 -33.77 -2.66 -9.10
CA GLY F 441 -34.69 -2.26 -8.04
C GLY F 441 -34.80 -3.15 -6.82
N GLU F 442 -33.80 -3.99 -6.56
CA GLU F 442 -33.83 -4.85 -5.37
C GLU F 442 -33.98 -3.99 -4.12
N TYR F 443 -33.30 -2.85 -4.09
CA TYR F 443 -33.35 -1.95 -2.95
C TYR F 443 -33.63 -0.52 -3.41
N VAL F 444 -34.21 -0.39 -4.60
CA VAL F 444 -34.48 0.93 -5.18
C VAL F 444 -35.94 1.10 -5.59
N ASP F 445 -36.55 2.19 -5.14
CA ASP F 445 -37.90 2.55 -5.54
C ASP F 445 -38.02 4.07 -5.64
N ALA F 446 -39.25 4.56 -5.65
CA ALA F 446 -39.52 6.00 -5.77
C ALA F 446 -38.82 6.85 -4.72
N THR F 447 -38.58 6.26 -3.54
CA THR F 447 -38.00 6.99 -2.41
C THR F 447 -36.50 7.30 -2.52
N ASN F 448 -35.80 6.58 -3.39
CA ASN F 448 -34.36 6.78 -3.53
C ASN F 448 -33.80 6.61 -4.93
N LEU F 449 -34.69 6.43 -5.91
CA LEU F 449 -34.26 6.24 -7.30
C LEU F 449 -33.50 7.44 -7.85
N THR F 450 -34.08 8.63 -7.72
CA THR F 450 -33.49 9.85 -8.26
C THR F 450 -32.13 10.24 -7.65
N PRO F 451 -32.06 10.34 -6.31
CA PRO F 451 -30.82 10.74 -5.65
C PRO F 451 -29.67 9.75 -5.89
N ARG F 452 -29.97 8.46 -5.84
CA ARG F 452 -28.96 7.43 -6.01
C ARG F 452 -28.46 7.34 -7.46
N LEU F 453 -29.35 7.59 -8.40
CA LEU F 453 -29.03 7.46 -9.82
C LEU F 453 -28.46 8.73 -10.43
N TRP F 454 -29.14 9.85 -10.21
CA TRP F 454 -28.88 11.06 -10.99
C TRP F 454 -27.58 11.89 -10.98
N PRO F 455 -26.76 11.76 -9.93
CA PRO F 455 -25.48 12.46 -10.07
C PRO F 455 -24.44 11.56 -10.75
N ARG F 456 -24.40 10.29 -10.35
CA ARG F 456 -23.42 9.34 -10.86
C ARG F 456 -23.70 8.88 -12.30
N ALA F 457 -24.97 8.92 -12.70
CA ALA F 457 -25.34 8.48 -14.05
C ALA F 457 -24.80 9.41 -15.13
N SER F 458 -24.47 10.64 -14.72
CA SER F 458 -23.92 11.62 -15.63
C SER F 458 -22.55 11.20 -16.14
N ALA F 459 -21.76 10.62 -15.25
CA ALA F 459 -20.42 10.13 -15.60
C ALA F 459 -20.49 9.17 -16.77
N VAL F 460 -21.52 8.33 -16.78
CA VAL F 460 -21.74 7.38 -17.85
C VAL F 460 -22.20 8.11 -19.12
N GLY F 461 -23.00 9.16 -18.92
CA GLY F 461 -23.54 9.95 -20.03
C GLY F 461 -22.48 10.64 -20.87
N GLU F 462 -21.53 11.29 -20.20
CA GLU F 462 -20.44 11.96 -20.90
C GLU F 462 -19.55 10.94 -21.63
N ARG F 463 -19.19 9.88 -20.93
CA ARG F 463 -18.34 8.83 -21.49
C ARG F 463 -18.96 8.22 -22.76
N LEU F 464 -20.28 8.25 -22.86
CA LEU F 464 -20.98 7.69 -24.02
C LEU F 464 -21.29 8.71 -25.12
N TRP F 465 -21.13 9.99 -24.80
CA TRP F 465 -21.42 11.05 -25.76
C TRP F 465 -20.16 11.76 -26.25
N SER F 466 -19.33 12.19 -25.30
CA SER F 466 -18.12 12.97 -25.61
C SER F 466 -17.07 12.19 -26.40
N SER F 467 -15.97 12.89 -26.73
CA SER F 467 -14.86 12.28 -27.45
C SER F 467 -14.18 11.22 -26.59
N LYS F 468 -13.24 10.49 -27.19
CA LYS F 468 -12.57 9.40 -26.51
C LYS F 468 -11.51 9.86 -25.50
N ASP F 469 -11.03 11.10 -25.65
CA ASP F 469 -9.93 11.60 -24.82
C ASP F 469 -10.31 12.49 -23.63
N VAL F 470 -11.60 12.84 -23.51
CA VAL F 470 -12.04 13.69 -22.41
C VAL F 470 -12.07 12.91 -21.09
N ARG F 471 -11.07 13.16 -20.24
CA ARG F 471 -10.97 12.44 -18.96
C ARG F 471 -10.05 13.13 -17.93
N ASP F 472 -10.26 14.41 -17.71
CA ASP F 472 -9.45 15.13 -16.71
C ASP F 472 -10.08 15.01 -15.33
N MET F 473 -9.30 14.54 -14.36
CA MET F 473 -9.78 14.34 -12.98
C MET F 473 -10.13 15.63 -12.25
N ASP F 474 -10.09 16.76 -12.95
CA ASP F 474 -10.42 18.05 -12.35
C ASP F 474 -11.49 18.79 -13.15
N ASP F 475 -11.38 18.74 -14.47
CA ASP F 475 -12.34 19.41 -15.34
C ASP F 475 -13.68 18.67 -15.33
N ALA F 476 -13.62 17.34 -15.24
CA ALA F 476 -14.82 16.54 -15.19
C ALA F 476 -15.55 16.75 -13.86
N TYR F 477 -14.79 16.85 -12.77
CA TYR F 477 -15.36 17.08 -11.46
C TYR F 477 -16.04 18.44 -11.37
N ASP F 478 -15.32 19.49 -11.79
CA ASP F 478 -15.83 20.85 -11.73
C ASP F 478 -17.09 21.03 -12.57
N ARG F 479 -17.08 20.47 -13.78
CA ARG F 479 -18.24 20.57 -14.68
C ARG F 479 -19.39 19.66 -14.24
N LEU F 480 -19.16 18.84 -13.21
CA LEU F 480 -20.19 17.92 -12.72
C LEU F 480 -20.92 18.46 -11.51
N THR F 481 -20.16 19.00 -10.55
CA THR F 481 -20.76 19.57 -9.34
C THR F 481 -21.66 20.74 -9.68
N ARG F 482 -21.30 21.44 -10.75
CA ARG F 482 -22.08 22.58 -11.22
C ARG F 482 -23.17 22.15 -12.22
N HIS F 483 -23.10 20.88 -12.63
CA HIS F 483 -24.13 20.30 -13.50
C HIS F 483 -25.19 19.66 -12.61
N ARG F 484 -24.81 19.39 -11.36
CA ARG F 484 -25.69 18.76 -10.39
C ARG F 484 -26.65 19.77 -9.76
N CYS F 485 -26.15 20.97 -9.45
CA CYS F 485 -27.00 22.04 -8.90
C CYS F 485 -28.04 22.46 -9.92
N ARG F 486 -27.65 22.46 -11.19
CA ARG F 486 -28.54 22.86 -12.27
C ARG F 486 -29.71 21.88 -12.40
N MET F 487 -29.45 20.61 -12.13
CA MET F 487 -30.50 19.60 -12.15
C MET F 487 -31.44 19.79 -10.96
N VAL F 488 -30.89 20.23 -9.84
CA VAL F 488 -31.70 20.54 -8.66
C VAL F 488 -32.59 21.74 -8.97
N GLU F 489 -32.03 22.69 -9.71
CA GLU F 489 -32.79 23.88 -10.13
C GLU F 489 -33.95 23.47 -11.02
N ARG F 490 -33.75 22.41 -11.79
CA ARG F 490 -34.77 21.93 -12.72
C ARG F 490 -35.68 20.86 -12.12
N GLY F 491 -35.62 20.70 -10.79
CA GLY F 491 -36.51 19.77 -10.09
C GLY F 491 -35.98 18.35 -9.92
N ILE F 492 -34.79 18.09 -10.44
CA ILE F 492 -34.17 16.77 -10.31
C ILE F 492 -33.31 16.72 -9.06
N ALA F 493 -33.78 15.98 -8.06
CA ALA F 493 -33.08 15.89 -6.78
C ALA F 493 -31.86 14.96 -6.85
N ALA F 494 -30.78 15.45 -7.41
CA ALA F 494 -29.54 14.68 -7.52
C ALA F 494 -28.69 14.86 -6.27
N GLN F 495 -28.07 13.77 -5.81
CA GLN F 495 -27.24 13.83 -4.61
C GLN F 495 -25.93 14.55 -4.87
N PRO F 496 -25.25 15.03 -3.81
CA PRO F 496 -24.01 15.77 -3.98
C PRO F 496 -22.82 14.87 -4.23
N LEU F 497 -21.81 15.39 -4.93
CA LEU F 497 -20.59 14.65 -5.20
C LEU F 497 -19.74 14.63 -3.94
N TYR F 498 -19.54 15.81 -3.36
CA TYR F 498 -18.76 15.96 -2.14
C TYR F 498 -19.29 17.21 -1.44
N ALA F 499 -18.66 17.60 -0.34
CA ALA F 499 -19.07 18.80 0.39
C ALA F 499 -19.18 19.99 -0.56
N GLY F 500 -20.22 20.80 -0.36
CA GLY F 500 -20.46 21.97 -1.21
C GLY F 500 -21.85 22.55 -1.04
N TYR F 501 -22.25 23.42 -1.96
CA TYR F 501 -23.57 24.05 -1.92
C TYR F 501 -24.01 24.48 -3.31
N CYS F 502 -25.20 25.06 -3.41
CA CYS F 502 -25.73 25.55 -4.67
C CYS F 502 -26.28 26.97 -4.53
N ASN F 503 -26.94 27.47 -5.57
CA ASN F 503 -27.49 28.83 -5.59
C ASN F 503 -26.41 29.91 -5.67
N PRO G 5 -41.50 51.87 -8.38
CA PRO G 5 -42.60 52.73 -8.81
C PRO G 5 -43.97 52.14 -8.44
N ALA G 6 -44.05 50.81 -8.45
CA ALA G 6 -45.30 50.13 -8.12
C ALA G 6 -45.45 49.94 -6.61
N LEU G 7 -45.55 51.05 -5.89
CA LEU G 7 -45.66 51.03 -4.43
C LEU G 7 -47.10 50.88 -3.95
N TRP G 8 -47.28 50.08 -2.90
CA TRP G 8 -48.59 49.89 -2.29
C TRP G 8 -48.48 49.36 -0.87
N PRO G 9 -49.09 50.07 0.09
CA PRO G 9 -49.81 51.32 -0.15
C PRO G 9 -48.84 52.46 -0.47
N LEU G 10 -49.36 53.53 -1.06
CA LEU G 10 -48.53 54.68 -1.43
C LEU G 10 -48.04 55.42 -0.19
N PRO G 11 -46.71 55.51 -0.02
CA PRO G 11 -46.08 56.18 1.13
C PRO G 11 -46.47 57.65 1.26
N LEU G 12 -46.17 58.25 2.42
CA LEU G 12 -46.50 59.64 2.69
C LEU G 12 -45.76 60.61 1.75
N SER G 13 -44.45 60.40 1.60
CA SER G 13 -43.64 61.25 0.73
C SER G 13 -42.75 60.43 -0.19
N VAL G 14 -42.69 60.82 -1.46
CA VAL G 14 -41.90 60.10 -2.47
C VAL G 14 -41.13 61.06 -3.39
N LYS G 15 -39.80 60.87 -3.46
CA LYS G 15 -38.96 61.70 -4.32
C LYS G 15 -38.24 60.83 -5.37
N MET G 16 -38.93 60.52 -6.46
CA MET G 16 -38.38 59.65 -7.50
C MET G 16 -37.39 60.37 -8.44
N THR G 17 -36.16 59.85 -8.48
CA THR G 17 -35.14 60.37 -9.40
C THR G 17 -34.76 59.26 -10.40
N PRO G 18 -34.51 59.62 -11.67
CA PRO G 18 -34.21 58.64 -12.72
C PRO G 18 -32.81 58.01 -12.65
N ASN G 19 -32.17 58.05 -11.49
CA ASN G 19 -30.84 57.47 -11.33
C ASN G 19 -30.89 55.97 -11.01
N LEU G 20 -30.42 55.15 -11.95
CA LEU G 20 -30.45 53.70 -11.79
C LEU G 20 -29.33 53.20 -10.89
N LEU G 21 -29.64 52.17 -10.09
CA LEU G 21 -28.66 51.54 -9.21
C LEU G 21 -28.73 50.03 -9.32
N HIS G 22 -27.61 49.40 -9.63
CA HIS G 22 -27.53 47.95 -9.80
C HIS G 22 -27.35 47.23 -8.47
N LEU G 23 -27.90 46.02 -8.36
CA LEU G 23 -27.76 45.22 -7.15
C LEU G 23 -27.26 43.80 -7.46
N ALA G 24 -26.54 43.22 -6.51
CA ALA G 24 -26.01 41.87 -6.66
C ALA G 24 -26.44 40.98 -5.51
N PRO G 25 -27.23 39.93 -5.81
CA PRO G 25 -27.73 38.98 -4.81
C PRO G 25 -26.59 38.34 -4.01
N GLU G 26 -25.45 38.14 -4.66
CA GLU G 26 -24.29 37.54 -4.01
C GLU G 26 -23.50 38.54 -3.17
N ASN G 27 -23.70 39.83 -3.44
CA ASN G 27 -22.97 40.88 -2.72
C ASN G 27 -23.85 41.98 -2.12
N PHE G 28 -25.07 41.63 -1.75
CA PHE G 28 -25.99 42.58 -1.11
C PHE G 28 -26.23 42.16 0.34
N TYR G 29 -25.94 43.06 1.27
CA TYR G 29 -26.07 42.75 2.69
C TYR G 29 -26.93 43.74 3.45
N ILE G 30 -27.87 43.22 4.24
CA ILE G 30 -28.68 44.06 5.11
C ILE G 30 -28.17 43.88 6.54
N SER G 31 -27.61 44.94 7.10
CA SER G 31 -27.03 44.88 8.43
C SER G 31 -27.36 46.11 9.26
N HIS G 32 -27.11 46.02 10.56
CA HIS G 32 -27.38 47.12 11.47
C HIS G 32 -26.27 48.16 11.39
N SER G 33 -26.65 49.43 11.53
CA SER G 33 -25.68 50.52 11.51
C SER G 33 -24.88 50.52 12.80
N PRO G 34 -23.59 50.90 12.73
CA PRO G 34 -22.70 50.95 13.89
C PRO G 34 -23.26 51.80 15.03
N ASN G 35 -24.32 52.56 14.75
CA ASN G 35 -24.95 53.41 15.76
C ASN G 35 -26.46 53.20 15.91
N SER G 36 -26.87 51.93 15.93
CA SER G 36 -28.28 51.58 16.10
C SER G 36 -28.54 51.16 17.54
N THR G 37 -29.81 51.20 17.95
CA THR G 37 -30.18 50.77 19.30
C THR G 37 -30.56 49.29 19.33
N ALA G 38 -30.21 48.58 18.27
CA ALA G 38 -30.48 47.15 18.16
C ALA G 38 -29.47 46.49 17.23
N GLY G 39 -28.82 45.43 17.71
CA GLY G 39 -27.83 44.71 16.91
C GLY G 39 -28.28 43.30 16.58
N PRO G 40 -27.31 42.43 16.20
CA PRO G 40 -27.58 41.03 15.86
C PRO G 40 -28.27 40.27 17.00
N SER G 41 -28.32 40.88 18.18
CA SER G 41 -28.98 40.28 19.33
C SER G 41 -30.51 40.29 19.16
N CYS G 42 -30.97 41.14 18.25
CA CYS G 42 -32.40 41.28 17.98
C CYS G 42 -32.90 40.18 17.04
N THR G 43 -33.74 39.29 17.55
CA THR G 43 -34.27 38.17 16.79
C THR G 43 -35.20 38.63 15.67
N LEU G 44 -36.10 39.56 15.99
CA LEU G 44 -37.07 40.08 15.04
C LEU G 44 -36.40 40.64 13.78
N LEU G 45 -35.40 41.51 13.96
CA LEU G 45 -34.67 42.11 12.85
C LEU G 45 -33.95 41.08 12.00
N GLU G 46 -33.19 40.21 12.66
CA GLU G 46 -32.43 39.17 11.95
C GLU G 46 -33.32 38.33 11.04
N GLU G 47 -34.51 38.00 11.53
CA GLU G 47 -35.47 37.23 10.74
C GLU G 47 -36.01 38.03 9.56
N ALA G 48 -36.43 39.26 9.82
CA ALA G 48 -36.96 40.13 8.78
C ALA G 48 -35.91 40.35 7.68
N PHE G 49 -34.67 40.56 8.10
CA PHE G 49 -33.55 40.75 7.19
C PHE G 49 -33.47 39.59 6.19
N ARG G 50 -33.39 38.37 6.72
CA ARG G 50 -33.31 37.17 5.90
C ARG G 50 -34.58 36.98 5.08
N ARG G 51 -35.72 37.26 5.70
CA ARG G 51 -37.02 37.08 5.05
C ARG G 51 -37.18 37.99 3.82
N TYR G 52 -36.84 39.26 3.97
CA TYR G 52 -37.00 40.22 2.88
C TYR G 52 -35.93 40.11 1.80
N HIS G 53 -34.79 39.53 2.13
CA HIS G 53 -33.73 39.34 1.14
C HIS G 53 -34.23 38.42 0.03
N GLY G 54 -35.15 37.53 0.39
CA GLY G 54 -35.74 36.59 -0.57
C GLY G 54 -36.82 37.24 -1.41
N TYR G 55 -37.59 38.15 -0.82
CA TYR G 55 -38.65 38.84 -1.55
C TYR G 55 -38.09 39.83 -2.57
N ILE G 56 -36.91 40.37 -2.28
CA ILE G 56 -36.26 41.34 -3.15
C ILE G 56 -35.75 40.71 -4.46
N PHE G 57 -35.03 39.60 -4.34
CA PHE G 57 -34.45 38.95 -5.50
C PHE G 57 -35.28 37.79 -6.02
N GLY G 58 -35.48 36.77 -5.19
CA GLY G 58 -36.24 35.58 -5.56
C GLY G 58 -35.45 34.30 -5.36
N THR G 73 -22.15 53.40 -9.11
CA THR G 73 -23.60 53.29 -9.05
C THR G 73 -24.02 51.83 -8.82
N GLN G 74 -23.76 51.33 -7.61
CA GLN G 74 -24.13 49.97 -7.24
C GLN G 74 -24.36 49.87 -5.73
N VAL G 75 -25.58 49.51 -5.35
CA VAL G 75 -25.92 49.35 -3.94
C VAL G 75 -25.27 48.08 -3.41
N GLN G 76 -24.41 48.22 -2.41
CA GLN G 76 -23.72 47.07 -1.84
C GLN G 76 -24.32 46.66 -0.51
N GLN G 77 -25.00 47.60 0.15
CA GLN G 77 -25.49 47.34 1.49
C GLN G 77 -26.66 48.24 1.89
N LEU G 78 -27.50 47.73 2.80
CA LEU G 78 -28.62 48.49 3.34
C LEU G 78 -28.52 48.54 4.86
N LEU G 79 -28.12 49.69 5.40
CA LEU G 79 -27.98 49.85 6.83
C LEU G 79 -29.31 50.14 7.49
N VAL G 80 -29.60 49.43 8.59
CA VAL G 80 -30.82 49.66 9.33
C VAL G 80 -30.50 50.25 10.69
N SER G 81 -30.86 51.52 10.87
CA SER G 81 -30.60 52.24 12.11
C SER G 81 -31.88 52.48 12.88
N ILE G 82 -31.90 52.02 14.13
CA ILE G 82 -33.05 52.23 15.00
C ILE G 82 -32.76 53.40 15.94
N THR G 83 -33.40 54.53 15.69
CA THR G 83 -33.17 55.76 16.46
C THR G 83 -33.50 55.61 17.94
N LEU G 84 -34.76 55.36 18.26
CA LEU G 84 -35.19 55.24 19.65
C LEU G 84 -35.00 53.82 20.18
N GLN G 85 -35.43 53.58 21.41
CA GLN G 85 -35.30 52.26 22.03
C GLN G 85 -36.13 51.24 21.25
N SER G 86 -35.44 50.36 20.55
CA SER G 86 -36.05 49.42 19.60
C SER G 86 -37.27 48.62 20.04
N GLU G 87 -37.37 48.32 21.34
CA GLU G 87 -38.45 47.43 21.85
C GLU G 87 -38.58 46.17 20.97
N CYS G 88 -37.41 45.63 20.60
CA CYS G 88 -37.28 44.48 19.71
C CYS G 88 -37.97 43.20 20.18
N ASP G 89 -37.92 42.95 21.49
CA ASP G 89 -38.51 41.74 22.05
C ASP G 89 -39.81 41.98 22.81
N ALA G 90 -40.71 42.74 22.20
CA ALA G 90 -42.01 43.02 22.79
C ALA G 90 -43.12 42.90 21.75
N PHE G 91 -44.36 42.79 22.21
CA PHE G 91 -45.51 42.71 21.31
C PHE G 91 -45.99 44.12 20.96
N PRO G 92 -46.35 44.34 19.68
CA PRO G 92 -46.81 45.65 19.24
C PRO G 92 -48.18 45.98 19.80
N ASN G 93 -48.48 47.28 19.91
CA ASN G 93 -49.77 47.73 20.42
C ASN G 93 -50.33 48.88 19.61
N ILE G 94 -51.38 49.51 20.14
CA ILE G 94 -52.07 50.59 19.44
C ILE G 94 -51.19 51.87 19.29
N SER G 95 -50.29 52.07 20.23
CA SER G 95 -49.43 53.26 20.22
C SER G 95 -48.02 52.99 19.70
N SER G 96 -47.89 52.03 18.79
CA SER G 96 -46.59 51.69 18.21
C SER G 96 -46.23 52.62 17.08
N ASP G 97 -45.00 53.13 17.10
CA ASP G 97 -44.51 54.04 16.08
C ASP G 97 -44.03 53.26 14.86
N GLU G 98 -44.81 53.32 13.78
CA GLU G 98 -44.50 52.56 12.57
C GLU G 98 -43.89 53.46 11.48
N SER G 99 -43.48 54.67 11.86
CA SER G 99 -42.90 55.61 10.91
C SER G 99 -41.44 55.25 10.60
N TYR G 100 -40.98 55.66 9.42
CA TYR G 100 -39.62 55.37 8.98
C TYR G 100 -39.19 56.30 7.85
N THR G 101 -37.88 56.32 7.59
CA THR G 101 -37.32 57.09 6.49
C THR G 101 -36.34 56.21 5.71
N LEU G 102 -36.45 56.22 4.39
CA LEU G 102 -35.62 55.36 3.55
C LEU G 102 -34.76 56.16 2.56
N LEU G 103 -33.45 56.17 2.80
CA LEU G 103 -32.51 56.87 1.93
C LEU G 103 -31.82 55.87 1.00
N VAL G 104 -31.91 56.13 -0.30
CA VAL G 104 -31.31 55.24 -1.30
C VAL G 104 -30.07 55.87 -1.94
N LYS G 105 -28.95 55.85 -1.21
CA LYS G 105 -27.70 56.39 -1.73
C LYS G 105 -27.10 55.43 -2.75
N GLU G 106 -26.01 55.84 -3.41
CA GLU G 106 -25.39 55.01 -4.45
C GLU G 106 -24.41 53.94 -3.93
N PRO G 107 -23.64 54.26 -2.86
CA PRO G 107 -22.74 53.24 -2.32
C PRO G 107 -23.39 52.42 -1.20
N VAL G 108 -24.01 53.10 -0.24
CA VAL G 108 -24.66 52.44 0.89
C VAL G 108 -26.05 53.02 1.15
N ALA G 109 -27.08 52.19 0.99
CA ALA G 109 -28.45 52.60 1.26
C ALA G 109 -28.70 52.66 2.76
N VAL G 110 -29.58 53.58 3.18
CA VAL G 110 -29.85 53.76 4.61
C VAL G 110 -31.34 53.68 4.93
N LEU G 111 -31.66 53.08 6.08
CA LEU G 111 -33.03 52.97 6.55
C LEU G 111 -33.11 53.34 8.03
N LYS G 112 -33.71 54.49 8.31
CA LYS G 112 -33.87 54.94 9.69
C LYS G 112 -35.31 54.78 10.15
N ALA G 113 -35.48 54.47 11.43
CA ALA G 113 -36.80 54.29 12.02
C ALA G 113 -36.73 54.38 13.53
N ASN G 114 -37.64 55.15 14.12
CA ASN G 114 -37.68 55.31 15.57
C ASN G 114 -37.78 53.99 16.31
N ARG G 115 -38.73 53.16 15.90
CA ARG G 115 -38.94 51.87 16.54
C ARG G 115 -38.68 50.72 15.56
N VAL G 116 -38.70 49.50 16.09
CA VAL G 116 -38.50 48.30 15.28
C VAL G 116 -39.65 48.12 14.29
N TRP G 117 -40.84 48.56 14.69
CA TRP G 117 -42.04 48.41 13.88
C TRP G 117 -41.92 49.21 12.58
N GLY G 118 -41.28 50.36 12.65
CA GLY G 118 -41.07 51.19 11.48
C GLY G 118 -40.10 50.55 10.50
N ALA G 119 -39.13 49.81 11.04
CA ALA G 119 -38.14 49.12 10.22
C ALA G 119 -38.76 48.00 9.40
N LEU G 120 -39.81 47.39 9.96
CA LEU G 120 -40.52 46.31 9.28
C LEU G 120 -41.24 46.82 8.04
N ARG G 121 -41.87 47.97 8.18
CA ARG G 121 -42.60 48.59 7.07
C ARG G 121 -41.62 49.10 6.02
N GLY G 122 -40.45 49.57 6.47
CA GLY G 122 -39.43 50.10 5.57
C GLY G 122 -38.91 49.05 4.60
N LEU G 123 -38.63 47.86 5.12
CA LEU G 123 -38.13 46.75 4.30
C LEU G 123 -39.14 46.39 3.23
N GLU G 124 -40.43 46.44 3.58
CA GLU G 124 -41.50 46.15 2.63
C GLU G 124 -41.47 47.10 1.45
N THR G 125 -41.41 48.40 1.77
CA THR G 125 -41.38 49.43 0.74
C THR G 125 -40.12 49.30 -0.11
N PHE G 126 -39.00 49.00 0.53
CA PHE G 126 -37.72 48.85 -0.17
C PHE G 126 -37.75 47.66 -1.13
N SER G 127 -38.42 46.58 -0.72
CA SER G 127 -38.53 45.39 -1.56
C SER G 127 -39.38 45.63 -2.80
N GLN G 128 -40.34 46.55 -2.68
CA GLN G 128 -41.21 46.90 -3.80
C GLN G 128 -40.49 47.79 -4.81
N LEU G 129 -39.51 48.55 -4.33
CA LEU G 129 -38.73 49.44 -5.18
C LEU G 129 -37.87 48.64 -6.16
N VAL G 130 -37.11 47.68 -5.63
CA VAL G 130 -36.22 46.87 -6.45
C VAL G 130 -37.01 46.08 -7.49
N TYR G 131 -36.49 46.04 -8.70
CA TYR G 131 -37.11 45.29 -9.78
C TYR G 131 -36.06 44.82 -10.79
N GLN G 132 -36.51 44.23 -11.88
CA GLN G 132 -35.60 43.73 -12.91
C GLN G 132 -35.87 44.37 -14.26
N ASP G 133 -34.81 44.76 -14.96
CA ASP G 133 -34.95 45.35 -16.29
C ASP G 133 -35.28 44.26 -17.32
N SER G 134 -35.20 44.62 -18.60
CA SER G 134 -35.51 43.67 -19.68
C SER G 134 -34.43 42.59 -19.80
N TYR G 135 -33.45 42.61 -18.89
CA TYR G 135 -32.36 41.64 -18.92
C TYR G 135 -32.25 40.89 -17.59
N GLY G 136 -33.14 41.19 -16.66
CA GLY G 136 -33.14 40.54 -15.36
C GLY G 136 -32.22 41.20 -14.36
N THR G 137 -31.56 42.28 -14.79
CA THR G 137 -30.64 43.02 -13.93
C THR G 137 -31.40 43.71 -12.81
N PHE G 138 -31.04 43.37 -11.57
CA PHE G 138 -31.69 43.99 -10.41
C PHE G 138 -31.35 45.47 -10.33
N THR G 139 -32.38 46.31 -10.43
CA THR G 139 -32.20 47.75 -10.45
C THR G 139 -33.18 48.47 -9.54
N ILE G 140 -32.78 49.65 -9.07
CA ILE G 140 -33.63 50.49 -8.22
C ILE G 140 -33.32 51.97 -8.46
N ASN G 141 -34.37 52.76 -8.65
CA ASN G 141 -34.20 54.21 -8.82
C ASN G 141 -33.76 54.87 -7.53
N GLU G 142 -32.78 55.77 -7.61
CA GLU G 142 -32.30 56.51 -6.46
C GLU G 142 -33.45 57.35 -5.90
N SER G 143 -33.78 57.15 -4.63
CA SER G 143 -34.94 57.81 -4.05
C SER G 143 -34.81 58.13 -2.57
N THR G 144 -35.79 58.91 -2.08
CA THR G 144 -35.86 59.31 -0.68
C THR G 144 -37.33 59.21 -0.25
N ILE G 145 -37.61 58.40 0.75
CA ILE G 145 -38.98 58.19 1.18
C ILE G 145 -39.22 58.46 2.66
N ILE G 146 -40.15 59.37 2.94
CA ILE G 146 -40.57 59.65 4.32
C ILE G 146 -42.00 59.11 4.45
N ASP G 147 -42.21 58.15 5.34
CA ASP G 147 -43.51 57.50 5.44
C ASP G 147 -43.97 57.25 6.88
N SER G 148 -45.29 57.32 7.09
CA SER G 148 -45.91 57.06 8.38
C SER G 148 -47.38 56.69 8.16
N PRO G 149 -47.95 55.91 9.09
CA PRO G 149 -49.35 55.48 8.96
C PRO G 149 -50.31 56.61 9.31
N ARG G 150 -51.34 56.78 8.48
CA ARG G 150 -52.37 57.78 8.74
C ARG G 150 -53.25 57.34 9.90
N PHE G 151 -53.44 56.03 10.03
CA PHE G 151 -54.21 55.45 11.13
C PHE G 151 -53.43 54.32 11.78
N SER G 152 -53.59 54.17 13.09
CA SER G 152 -52.86 53.17 13.86
C SER G 152 -53.51 51.79 13.86
N HIS G 153 -54.83 51.75 13.71
CA HIS G 153 -55.56 50.48 13.72
C HIS G 153 -55.98 50.08 12.31
N ARG G 154 -55.21 49.17 11.71
CA ARG G 154 -55.50 48.67 10.36
C ARG G 154 -55.61 47.14 10.41
N GLY G 155 -56.84 46.64 10.50
CA GLY G 155 -57.05 45.21 10.69
C GLY G 155 -57.80 44.43 9.63
N ILE G 156 -57.82 43.11 9.82
CA ILE G 156 -58.53 42.17 8.96
C ILE G 156 -59.26 41.16 9.84
N LEU G 157 -60.55 41.00 9.63
CA LEU G 157 -61.34 40.05 10.41
C LEU G 157 -61.50 38.73 9.69
N ILE G 158 -61.13 37.65 10.35
CA ILE G 158 -61.30 36.30 9.82
C ILE G 158 -62.25 35.52 10.71
N ASP G 159 -63.06 34.67 10.09
CA ASP G 159 -64.05 33.89 10.82
C ASP G 159 -63.71 32.40 10.77
N THR G 160 -63.40 31.83 11.93
CA THR G 160 -63.02 30.42 12.02
C THR G 160 -64.07 29.61 12.77
N SER G 161 -65.29 30.13 12.83
CA SER G 161 -66.38 29.43 13.50
C SER G 161 -67.42 28.93 12.51
N ARG G 162 -67.77 29.76 11.53
CA ARG G 162 -68.68 29.36 10.47
C ARG G 162 -67.98 28.31 9.60
N HIS G 163 -66.66 28.40 9.55
CA HIS G 163 -65.82 27.44 8.84
C HIS G 163 -64.44 27.39 9.47
N TYR G 164 -64.03 26.19 9.90
CA TYR G 164 -62.71 26.02 10.49
C TYR G 164 -61.64 26.29 9.44
N LEU G 165 -60.65 27.10 9.81
CA LEU G 165 -59.56 27.44 8.91
C LEU G 165 -58.25 26.83 9.38
N PRO G 166 -57.58 26.07 8.50
CA PRO G 166 -56.29 25.49 8.84
C PRO G 166 -55.30 26.57 9.22
N VAL G 167 -54.50 26.31 10.24
CA VAL G 167 -53.50 27.27 10.69
C VAL G 167 -52.65 27.74 9.51
N LYS G 168 -52.48 26.85 8.54
CA LYS G 168 -51.69 27.13 7.35
C LYS G 168 -52.17 28.41 6.64
N ILE G 169 -53.48 28.53 6.45
CA ILE G 169 -54.05 29.68 5.73
C ILE G 169 -54.05 30.95 6.56
N ILE G 170 -54.09 30.80 7.88
CA ILE G 170 -54.06 31.95 8.77
C ILE G 170 -52.68 32.62 8.71
N LEU G 171 -51.63 31.80 8.75
CA LEU G 171 -50.27 32.31 8.66
C LEU G 171 -50.03 32.90 7.29
N LYS G 172 -50.64 32.28 6.28
CA LYS G 172 -50.51 32.72 4.90
C LYS G 172 -51.22 34.08 4.75
N THR G 173 -52.30 34.26 5.48
CA THR G 173 -53.04 35.52 5.48
C THR G 173 -52.22 36.62 6.12
N LEU G 174 -51.46 36.26 7.16
CA LEU G 174 -50.58 37.22 7.85
C LEU G 174 -49.47 37.71 6.93
N ASP G 175 -48.93 36.81 6.12
CA ASP G 175 -47.89 37.17 5.15
C ASP G 175 -48.43 38.21 4.17
N ALA G 176 -49.67 37.99 3.73
CA ALA G 176 -50.33 38.92 2.82
C ALA G 176 -50.63 40.24 3.52
N MET G 177 -51.05 40.17 4.78
CA MET G 177 -51.31 41.37 5.56
C MET G 177 -50.03 42.19 5.69
N ALA G 178 -48.91 41.49 5.87
CA ALA G 178 -47.63 42.14 6.00
C ALA G 178 -47.24 42.88 4.73
N PHE G 179 -47.52 42.26 3.58
CA PHE G 179 -47.20 42.88 2.29
C PHE G 179 -48.05 44.12 2.04
N ASN G 180 -49.18 44.22 2.73
CA ASN G 180 -50.11 45.34 2.55
C ASN G 180 -50.07 46.33 3.72
N LYS G 181 -49.15 46.11 4.64
CA LYS G 181 -48.96 46.98 5.80
C LYS G 181 -50.15 47.03 6.77
N PHE G 182 -50.80 45.89 6.99
CA PHE G 182 -51.83 45.79 8.02
C PHE G 182 -51.13 45.46 9.33
N ASN G 183 -51.83 45.60 10.45
CA ASN G 183 -51.22 45.30 11.75
C ASN G 183 -52.17 44.78 12.82
N VAL G 184 -53.38 44.39 12.41
CA VAL G 184 -54.36 43.86 13.35
C VAL G 184 -55.11 42.67 12.77
N LEU G 185 -54.94 41.51 13.40
CA LEU G 185 -55.68 40.33 12.98
C LEU G 185 -56.86 40.12 13.92
N HIS G 186 -58.02 40.61 13.51
CA HIS G 186 -59.23 40.46 14.27
C HIS G 186 -59.70 39.01 14.20
N TRP G 187 -59.24 38.19 15.13
CA TRP G 187 -59.57 36.77 15.11
C TRP G 187 -60.93 36.52 15.76
N HIS G 188 -61.97 36.46 14.94
CA HIS G 188 -63.29 36.09 15.43
C HIS G 188 -63.31 34.57 15.53
N ILE G 189 -62.65 34.07 16.56
CA ILE G 189 -62.38 32.63 16.69
C ILE G 189 -63.60 31.71 16.89
N VAL G 190 -64.55 32.14 17.72
CA VAL G 190 -65.72 31.30 18.01
C VAL G 190 -67.05 32.00 17.71
N ASP G 191 -68.11 31.21 17.61
CA ASP G 191 -69.46 31.74 17.30
C ASP G 191 -70.52 30.64 17.48
N ASP G 192 -71.71 30.87 16.93
CA ASP G 192 -72.84 29.92 17.06
C ASP G 192 -72.57 28.53 16.52
N GLN G 193 -72.11 28.45 15.28
CA GLN G 193 -71.96 27.19 14.57
C GLN G 193 -70.92 26.22 15.15
N SER G 194 -69.80 26.75 15.65
CA SER G 194 -68.75 25.90 16.22
C SER G 194 -67.86 26.62 17.23
N PHE G 195 -67.14 25.85 18.03
CA PHE G 195 -66.21 26.39 19.02
C PHE G 195 -64.86 25.65 18.88
N PRO G 196 -64.00 26.14 17.98
CA PRO G 196 -62.71 25.51 17.69
C PRO G 196 -61.59 25.84 18.69
N TYR G 197 -61.84 26.76 19.61
CA TYR G 197 -60.80 27.14 20.58
C TYR G 197 -60.66 26.12 21.71
N GLN G 198 -59.48 25.51 21.80
CA GLN G 198 -59.21 24.55 22.85
C GLN G 198 -58.80 25.28 24.13
N SER G 199 -59.72 25.38 25.07
CA SER G 199 -59.47 26.06 26.34
C SER G 199 -58.85 25.09 27.35
N ILE G 200 -57.91 25.61 28.15
CA ILE G 200 -57.25 24.81 29.17
C ILE G 200 -58.13 24.65 30.41
N THR G 201 -58.64 25.78 30.91
CA THR G 201 -59.49 25.78 32.11
C THR G 201 -60.83 25.08 31.85
N PHE G 202 -61.27 25.11 30.60
CA PHE G 202 -62.51 24.44 30.22
C PHE G 202 -62.34 23.66 28.92
N PRO G 203 -61.83 22.43 29.03
CA PRO G 203 -61.59 21.56 27.88
C PRO G 203 -62.88 21.09 27.22
N GLU G 204 -63.98 21.13 27.95
CA GLU G 204 -65.26 20.65 27.44
C GLU G 204 -65.89 21.58 26.41
N LEU G 205 -65.44 22.83 26.38
CA LEU G 205 -65.96 23.80 25.40
C LEU G 205 -65.64 23.40 23.96
N SER G 206 -64.43 22.88 23.75
CA SER G 206 -64.00 22.46 22.42
C SER G 206 -64.32 20.99 22.16
N ASN G 207 -64.27 20.17 23.21
CA ASN G 207 -64.58 18.74 23.09
C ASN G 207 -66.01 18.48 22.65
N LYS G 208 -66.92 19.39 22.97
CA LYS G 208 -68.33 19.21 22.66
C LYS G 208 -68.85 20.28 21.70
N GLY G 209 -68.15 21.41 21.62
CA GLY G 209 -68.62 22.55 20.82
C GLY G 209 -68.04 22.72 19.42
N SER G 210 -66.92 22.05 19.15
CA SER G 210 -66.29 22.16 17.82
C SER G 210 -67.02 21.30 16.78
N TYR G 211 -66.64 21.46 15.51
CA TYR G 211 -67.23 20.65 14.43
C TYR G 211 -66.87 19.18 14.60
N SER G 212 -65.59 18.94 14.90
CA SER G 212 -65.08 17.62 15.20
C SER G 212 -63.79 17.77 15.98
N LEU G 213 -63.30 16.68 16.56
CA LEU G 213 -62.09 16.72 17.37
C LEU G 213 -60.84 17.13 16.60
N SER G 214 -60.97 17.34 15.29
CA SER G 214 -59.85 17.75 14.45
C SER G 214 -59.93 19.24 14.11
N HIS G 215 -61.14 19.78 14.12
CA HIS G 215 -61.35 21.19 13.83
C HIS G 215 -61.19 22.03 15.10
N VAL G 216 -60.00 22.00 15.66
CA VAL G 216 -59.70 22.68 16.91
C VAL G 216 -58.36 23.43 16.84
N TYR G 217 -58.24 24.49 17.64
CA TYR G 217 -56.98 25.23 17.76
C TYR G 217 -56.31 24.96 19.09
N THR G 218 -55.28 24.12 19.07
CA THR G 218 -54.55 23.76 20.28
C THR G 218 -53.78 24.97 20.84
N PRO G 219 -53.42 24.92 22.13
CA PRO G 219 -52.67 26.00 22.79
C PRO G 219 -51.44 26.43 22.01
N ASN G 220 -50.78 25.48 21.34
CA ASN G 220 -49.60 25.77 20.54
C ASN G 220 -49.96 26.41 19.20
N ASP G 221 -51.07 25.95 18.61
CA ASP G 221 -51.57 26.54 17.36
C ASP G 221 -51.82 28.02 17.55
N VAL G 222 -52.35 28.37 18.73
CA VAL G 222 -52.67 29.75 19.05
C VAL G 222 -51.40 30.58 19.18
N ARG G 223 -50.44 30.11 19.97
CA ARG G 223 -49.20 30.85 20.18
C ARG G 223 -48.33 30.90 18.94
N MET G 224 -48.59 29.98 18.00
CA MET G 224 -47.86 29.97 16.74
C MET G 224 -48.32 31.13 15.86
N VAL G 225 -49.63 31.36 15.84
CA VAL G 225 -50.20 32.47 15.10
C VAL G 225 -49.73 33.80 15.69
N ILE G 226 -49.78 33.89 17.02
CA ILE G 226 -49.39 35.10 17.75
C ILE G 226 -47.93 35.48 17.49
N GLU G 227 -47.03 34.52 17.67
CA GLU G 227 -45.61 34.77 17.47
C GLU G 227 -45.30 35.05 16.00
N TYR G 228 -45.96 34.31 15.11
CA TYR G 228 -45.76 34.46 13.67
C TYR G 228 -46.17 35.87 13.23
N ALA G 229 -47.21 36.40 13.87
CA ALA G 229 -47.71 37.73 13.56
C ALA G 229 -46.79 38.80 14.12
N ARG G 230 -46.24 38.54 15.32
CA ARG G 230 -45.35 39.50 15.98
C ARG G 230 -44.13 39.84 15.12
N LEU G 231 -43.52 38.81 14.53
CA LEU G 231 -42.34 38.98 13.69
C LEU G 231 -42.63 39.90 12.51
N ARG G 232 -43.91 40.13 12.25
CA ARG G 232 -44.33 40.98 11.14
C ARG G 232 -45.05 42.24 11.64
N GLY G 233 -44.91 42.52 12.93
CA GLY G 233 -45.51 43.69 13.54
C GLY G 233 -47.02 43.69 13.46
N ILE G 234 -47.60 42.50 13.58
CA ILE G 234 -49.05 42.36 13.51
C ILE G 234 -49.61 41.92 14.86
N ARG G 235 -50.64 42.63 15.33
CA ARG G 235 -51.30 42.31 16.57
C ARG G 235 -52.37 41.27 16.33
N VAL G 236 -52.59 40.41 17.31
CA VAL G 236 -53.64 39.41 17.23
C VAL G 236 -54.77 39.77 18.18
N LEU G 237 -55.83 40.36 17.63
CA LEU G 237 -57.00 40.76 18.43
C LEU G 237 -58.00 39.62 18.53
N PRO G 238 -58.09 39.00 19.71
CA PRO G 238 -59.01 37.89 19.91
C PRO G 238 -60.42 38.37 20.21
N GLU G 239 -61.40 37.61 19.76
CA GLU G 239 -62.78 37.92 20.05
C GLU G 239 -63.57 36.68 20.44
N PHE G 240 -64.13 36.71 21.63
CA PHE G 240 -65.00 35.65 22.08
C PHE G 240 -66.36 36.27 22.29
N ASP G 241 -67.05 36.51 21.19
CA ASP G 241 -68.35 37.17 21.17
C ASP G 241 -69.34 36.65 22.20
N THR G 242 -69.82 37.55 23.05
CA THR G 242 -70.81 37.23 24.07
C THR G 242 -71.76 38.42 24.23
N PRO G 243 -73.01 38.17 24.65
CA PRO G 243 -73.58 36.87 24.96
C PRO G 243 -74.42 36.33 23.80
N GLY G 244 -74.39 37.01 22.66
CA GLY G 244 -75.21 36.63 21.52
C GLY G 244 -74.79 35.35 20.84
N HIS G 245 -73.91 35.46 19.85
CA HIS G 245 -73.46 34.31 19.07
C HIS G 245 -72.69 33.30 19.94
N THR G 246 -73.42 32.57 20.76
CA THR G 246 -72.80 31.64 21.72
C THR G 246 -73.48 30.27 21.81
N LEU G 247 -74.15 29.85 20.74
CA LEU G 247 -74.82 28.54 20.74
C LEU G 247 -73.89 27.36 20.95
N SER G 248 -72.65 27.49 20.49
CA SER G 248 -71.66 26.43 20.64
C SER G 248 -71.09 26.35 22.06
N TRP G 249 -71.19 27.46 22.78
CA TRP G 249 -70.69 27.54 24.16
C TRP G 249 -71.47 26.63 25.10
N GLY G 250 -72.77 26.46 24.82
CA GLY G 250 -73.64 25.65 25.68
C GLY G 250 -73.48 24.16 25.52
N LYS G 251 -72.76 23.74 24.48
CA LYS G 251 -72.53 22.32 24.22
C LYS G 251 -71.77 21.64 25.36
N GLY G 252 -70.72 22.29 25.85
CA GLY G 252 -69.88 21.73 26.92
C GLY G 252 -69.88 22.52 28.20
N GLN G 253 -70.83 23.45 28.34
CA GLN G 253 -70.96 24.25 29.56
C GLN G 253 -72.44 24.45 29.87
N LYS G 254 -73.01 23.51 30.63
CA LYS G 254 -74.44 23.54 30.95
C LYS G 254 -74.84 24.71 31.87
N ASP G 255 -76.11 25.09 31.80
CA ASP G 255 -76.67 26.19 32.59
C ASP G 255 -76.04 27.55 32.28
N LEU G 256 -75.35 27.62 31.14
CA LEU G 256 -74.74 28.87 30.70
C LEU G 256 -75.69 29.64 29.80
N LEU G 257 -76.35 28.92 28.90
CA LEU G 257 -77.30 29.53 27.97
C LEU G 257 -78.70 29.60 28.55
N THR G 258 -79.47 30.59 28.10
CA THR G 258 -80.85 30.77 28.54
C THR G 258 -81.78 29.81 27.80
N PRO G 259 -82.47 28.94 28.55
CA PRO G 259 -83.44 28.02 27.94
C PRO G 259 -84.70 28.76 27.49
N CYS G 260 -85.05 28.61 26.21
CA CYS G 260 -86.22 29.26 25.66
C CYS G 260 -87.48 28.45 25.94
N TYR G 261 -88.50 29.10 26.49
CA TYR G 261 -89.77 28.45 26.78
C TYR G 261 -90.80 28.71 25.68
N SER G 262 -91.70 27.75 25.48
CA SER G 262 -92.74 27.85 24.46
C SER G 262 -92.15 27.90 23.06
N ASP G 268 -85.06 20.79 22.76
CA ASP G 268 -85.45 22.13 23.20
C ASP G 268 -84.62 23.21 22.51
N SER G 269 -84.89 24.47 22.83
CA SER G 269 -84.20 25.59 22.21
C SER G 269 -83.49 26.48 23.23
N PHE G 270 -82.30 26.96 22.87
CA PHE G 270 -81.52 27.84 23.74
C PHE G 270 -81.27 29.20 23.09
N GLY G 271 -81.29 30.25 23.91
CA GLY G 271 -81.02 31.60 23.43
C GLY G 271 -79.62 32.04 23.79
N PRO G 272 -79.44 33.35 24.04
CA PRO G 272 -78.14 33.89 24.43
C PRO G 272 -77.74 33.48 25.85
N ILE G 273 -76.54 33.88 26.27
CA ILE G 273 -76.04 33.56 27.61
C ILE G 273 -76.93 34.17 28.70
N ASN G 274 -77.20 33.39 29.73
CA ASN G 274 -78.01 33.85 30.86
C ASN G 274 -77.19 34.76 31.78
N PRO G 275 -77.55 36.05 31.83
CA PRO G 275 -76.80 37.04 32.59
C PRO G 275 -77.30 37.21 34.03
N THR G 276 -78.09 36.26 34.52
CA THR G 276 -78.66 36.36 35.86
C THR G 276 -77.97 35.43 36.87
N LEU G 277 -77.58 34.25 36.43
CA LEU G 277 -76.92 33.28 37.30
C LEU G 277 -75.50 33.69 37.68
N ASN G 278 -75.05 33.26 38.85
CA ASN G 278 -73.70 33.57 39.32
C ASN G 278 -72.65 32.63 38.74
N THR G 279 -73.09 31.48 38.24
CA THR G 279 -72.21 30.51 37.61
C THR G 279 -71.69 31.05 36.29
N THR G 280 -72.47 31.94 35.68
CA THR G 280 -72.11 32.56 34.42
C THR G 280 -70.88 33.44 34.57
N TYR G 281 -70.92 34.33 35.57
CA TYR G 281 -69.83 35.28 35.78
C TYR G 281 -68.61 34.65 36.45
N SER G 282 -68.82 33.54 37.14
CA SER G 282 -67.72 32.80 37.74
C SER G 282 -66.96 32.12 36.61
N PHE G 283 -67.72 31.65 35.61
CA PHE G 283 -67.15 31.01 34.43
C PHE G 283 -66.36 32.00 33.58
N LEU G 284 -66.99 33.15 33.30
CA LEU G 284 -66.36 34.19 32.47
C LEU G 284 -65.08 34.73 33.09
N THR G 285 -65.04 34.79 34.42
CA THR G 285 -63.86 35.27 35.13
C THR G 285 -62.68 34.31 34.92
N THR G 286 -62.96 33.02 35.08
CA THR G 286 -61.94 31.98 34.90
C THR G 286 -61.51 31.90 33.44
N PHE G 287 -62.48 32.05 32.54
CA PHE G 287 -62.22 31.96 31.11
C PHE G 287 -61.40 33.14 30.59
N PHE G 288 -61.88 34.36 30.82
CA PHE G 288 -61.18 35.56 30.35
C PHE G 288 -59.82 35.75 31.00
N LYS G 289 -59.62 35.11 32.15
CA LYS G 289 -58.33 35.15 32.82
C LYS G 289 -57.32 34.37 32.00
N GLU G 290 -57.76 33.25 31.44
CA GLU G 290 -56.93 32.44 30.56
C GLU G 290 -56.62 33.20 29.27
N ILE G 291 -57.65 33.82 28.72
CA ILE G 291 -57.51 34.60 27.47
C ILE G 291 -56.46 35.70 27.63
N SER G 292 -56.50 36.39 28.77
CA SER G 292 -55.55 37.46 29.05
C SER G 292 -54.13 36.92 29.16
N GLU G 293 -54.01 35.70 29.66
CA GLU G 293 -52.71 35.04 29.77
C GLU G 293 -52.24 34.57 28.40
N VAL G 294 -53.16 33.98 27.63
CA VAL G 294 -52.85 33.45 26.30
C VAL G 294 -52.54 34.55 25.28
N PHE G 295 -53.49 35.44 25.06
CA PHE G 295 -53.30 36.55 24.11
C PHE G 295 -52.60 37.74 24.78
N PRO G 296 -51.36 38.03 24.35
CA PRO G 296 -50.55 39.09 24.95
C PRO G 296 -51.07 40.50 24.63
N ASP G 297 -51.86 40.61 23.57
CA ASP G 297 -52.41 41.91 23.14
C ASP G 297 -53.15 42.59 24.30
N GLN G 298 -53.12 43.92 24.30
CA GLN G 298 -53.74 44.69 25.38
C GLN G 298 -55.25 44.88 25.20
N PHE G 299 -55.83 44.20 24.20
CA PHE G 299 -57.27 44.33 23.94
C PHE G 299 -57.97 43.01 23.68
N ILE G 300 -59.18 42.89 24.21
CA ILE G 300 -60.00 41.71 24.01
C ILE G 300 -61.36 42.14 23.52
N HIS G 301 -61.69 41.80 22.27
CA HIS G 301 -62.99 42.14 21.70
C HIS G 301 -64.08 41.29 22.35
N LEU G 302 -64.94 41.94 23.12
CA LEU G 302 -65.99 41.24 23.86
C LEU G 302 -67.18 40.86 23.00
N GLY G 303 -67.45 41.66 21.97
CA GLY G 303 -68.56 41.39 21.07
C GLY G 303 -69.82 42.15 21.42
N GLY G 304 -70.87 41.42 21.80
CA GLY G 304 -72.15 42.04 22.17
C GLY G 304 -72.89 42.61 20.99
N ASP G 305 -73.14 41.78 19.97
CA ASP G 305 -73.86 42.22 18.77
C ASP G 305 -75.02 41.30 18.44
N GLU G 306 -76.03 41.86 17.77
CA GLU G 306 -77.22 41.12 17.33
C GLU G 306 -77.80 40.20 18.40
N VAL G 307 -77.85 40.70 19.63
CA VAL G 307 -78.40 39.95 20.75
C VAL G 307 -79.91 40.06 20.76
N GLU G 308 -80.59 38.93 20.55
CA GLU G 308 -82.04 38.90 20.53
C GLU G 308 -82.61 38.66 21.92
N PHE G 309 -83.39 39.62 22.42
CA PHE G 309 -83.96 39.55 23.76
C PHE G 309 -85.24 38.70 23.79
N LYS G 310 -85.46 37.93 22.74
CA LYS G 310 -86.68 37.13 22.61
C LYS G 310 -86.73 36.01 23.65
N CYS G 311 -85.59 35.37 23.88
CA CYS G 311 -85.52 34.24 24.79
C CYS G 311 -85.55 34.65 26.26
N TRP G 312 -84.95 35.80 26.57
CA TRP G 312 -84.92 36.30 27.95
C TRP G 312 -86.33 36.67 28.44
N GLU G 313 -87.15 37.19 27.53
CA GLU G 313 -88.51 37.65 27.87
C GLU G 313 -89.41 36.53 28.37
N SER G 314 -89.37 35.38 27.71
CA SER G 314 -90.23 34.26 28.07
C SER G 314 -89.61 33.37 29.15
N ASN G 315 -88.79 33.97 30.02
CA ASN G 315 -88.14 33.25 31.10
C ASN G 315 -88.55 33.79 32.47
N PRO G 316 -89.41 33.04 33.19
CA PRO G 316 -89.93 33.44 34.50
C PRO G 316 -88.82 33.71 35.52
N LYS G 317 -87.71 32.99 35.42
CA LYS G 317 -86.59 33.17 36.34
C LYS G 317 -85.92 34.52 36.13
N ILE G 318 -85.76 34.92 34.87
CA ILE G 318 -85.14 36.19 34.53
C ILE G 318 -86.11 37.35 34.81
N GLN G 319 -87.40 37.07 34.74
CA GLN G 319 -88.42 38.06 35.06
C GLN G 319 -88.26 38.54 36.49
N ASP G 320 -87.91 37.61 37.38
CA ASP G 320 -87.66 37.94 38.78
C ASP G 320 -86.46 38.87 38.89
N PHE G 321 -85.44 38.59 38.09
CA PHE G 321 -84.22 39.41 38.08
C PHE G 321 -84.53 40.83 37.59
N MET G 322 -85.45 40.93 36.63
CA MET G 322 -85.86 42.23 36.08
C MET G 322 -86.63 43.03 37.13
N ARG G 323 -87.43 42.31 37.94
CA ARG G 323 -88.22 42.93 38.98
C ARG G 323 -87.39 43.20 40.25
N GLN G 324 -86.42 42.32 40.52
CA GLN G 324 -85.54 42.50 41.69
C GLN G 324 -84.60 43.69 41.51
N LYS G 325 -84.08 43.87 40.29
CA LYS G 325 -83.18 44.97 40.00
C LYS G 325 -83.95 46.26 39.68
N GLY G 326 -85.05 46.11 38.94
CA GLY G 326 -85.88 47.26 38.59
C GLY G 326 -85.70 47.74 37.16
N PHE G 327 -85.57 46.79 36.23
CA PHE G 327 -85.42 47.12 34.82
C PHE G 327 -86.78 47.07 34.10
N GLY G 328 -87.76 46.48 34.76
CA GLY G 328 -89.10 46.36 34.20
C GLY G 328 -89.15 45.42 33.01
N THR G 329 -89.43 45.96 31.83
CA THR G 329 -89.48 45.17 30.61
C THR G 329 -88.45 45.66 29.59
N ASP G 330 -87.51 46.46 30.07
CA ASP G 330 -86.44 46.99 29.23
C ASP G 330 -85.26 46.01 29.24
N PHE G 331 -85.25 45.10 28.27
CA PHE G 331 -84.20 44.08 28.18
C PHE G 331 -82.90 44.62 27.62
N LYS G 332 -82.91 45.88 27.20
CA LYS G 332 -81.70 46.53 26.70
C LYS G 332 -80.79 46.89 27.87
N LYS G 333 -81.38 47.02 29.06
CA LYS G 333 -80.61 47.28 30.28
C LYS G 333 -80.15 45.98 30.92
N LEU G 334 -80.83 44.88 30.57
CA LEU G 334 -80.42 43.55 31.01
C LEU G 334 -79.15 43.21 30.25
N GLU G 335 -79.11 43.63 28.98
CA GLU G 335 -77.93 43.47 28.14
C GLU G 335 -76.83 44.34 28.68
N SER G 336 -77.22 45.51 29.19
CA SER G 336 -76.27 46.47 29.77
C SER G 336 -75.64 45.91 31.04
N PHE G 337 -76.44 45.24 31.86
CA PHE G 337 -75.94 44.63 33.09
C PHE G 337 -74.85 43.63 32.77
N TYR G 338 -75.09 42.80 31.76
CA TYR G 338 -74.15 41.76 31.36
C TYR G 338 -72.80 42.32 30.88
N ILE G 339 -72.83 43.10 29.81
CA ILE G 339 -71.58 43.61 29.23
C ILE G 339 -70.77 44.50 30.18
N GLN G 340 -71.44 45.12 31.15
CA GLN G 340 -70.75 45.93 32.15
C GLN G 340 -70.05 45.03 33.17
N LYS G 341 -70.64 43.87 33.44
CA LYS G 341 -70.02 42.86 34.30
C LYS G 341 -68.77 42.34 33.63
N VAL G 342 -68.88 42.09 32.32
CA VAL G 342 -67.76 41.57 31.54
C VAL G 342 -66.67 42.63 31.38
N LEU G 343 -67.06 43.85 31.04
CA LEU G 343 -66.12 44.97 30.93
C LEU G 343 -65.39 45.17 32.25
N ASP G 344 -66.05 44.78 33.34
CA ASP G 344 -65.48 44.89 34.68
C ASP G 344 -64.46 43.78 34.93
N ILE G 345 -64.74 42.59 34.40
CA ILE G 345 -63.82 41.46 34.54
C ILE G 345 -62.52 41.75 33.80
N ILE G 346 -62.65 42.35 32.62
CA ILE G 346 -61.49 42.69 31.80
C ILE G 346 -60.68 43.82 32.43
N ALA G 347 -61.36 44.70 33.15
CA ALA G 347 -60.72 45.83 33.82
C ALA G 347 -59.88 45.36 35.01
N THR G 348 -60.38 44.34 35.71
CA THR G 348 -59.68 43.79 36.88
C THR G 348 -58.31 43.23 36.51
N ILE G 349 -58.25 42.48 35.41
CA ILE G 349 -56.99 41.88 34.99
C ILE G 349 -56.20 42.65 33.91
N ASN G 350 -56.11 43.97 34.10
CA ASN G 350 -55.31 44.85 33.25
C ASN G 350 -55.48 44.70 31.74
N LYS G 351 -56.65 45.08 31.23
CA LYS G 351 -56.89 45.06 29.79
C LYS G 351 -58.06 45.90 29.30
N GLY G 352 -57.86 46.53 28.14
CA GLY G 352 -58.90 47.33 27.52
C GLY G 352 -59.86 46.44 26.76
N SER G 353 -61.00 47.00 26.36
CA SER G 353 -62.00 46.20 25.67
C SER G 353 -62.54 46.88 24.43
N ILE G 354 -62.66 46.11 23.35
CA ILE G 354 -63.26 46.58 22.12
C ILE G 354 -64.62 45.90 22.01
N VAL G 355 -65.63 46.65 21.59
CA VAL G 355 -66.98 46.13 21.56
C VAL G 355 -67.75 46.60 20.32
N TRP G 356 -68.76 45.83 19.91
CA TRP G 356 -69.60 46.24 18.78
C TRP G 356 -70.52 47.38 19.20
N GLN G 357 -71.26 47.94 18.24
CA GLN G 357 -72.09 49.12 18.52
C GLN G 357 -73.41 48.85 19.24
N GLU G 358 -73.93 47.63 19.14
CA GLU G 358 -75.19 47.28 19.83
C GLU G 358 -75.10 47.56 21.32
N VAL G 359 -73.88 47.70 21.82
CA VAL G 359 -73.66 47.98 23.23
C VAL G 359 -73.76 49.47 23.51
N PHE G 360 -73.14 50.28 22.65
CA PHE G 360 -73.15 51.73 22.80
C PHE G 360 -74.54 52.33 22.63
N ASP G 361 -75.29 51.82 21.66
CA ASP G 361 -76.61 52.36 21.33
C ASP G 361 -77.61 52.23 22.44
N ASP G 362 -77.60 51.10 23.12
CA ASP G 362 -78.65 50.86 24.12
C ASP G 362 -77.70 50.46 25.65
N LYS G 363 -76.66 51.40 25.80
CA LYS G 363 -76.76 52.67 26.49
C LYS G 363 -76.13 52.46 27.87
N ALA G 364 -75.08 51.63 27.82
CA ALA G 364 -74.40 51.18 29.00
C ALA G 364 -73.16 52.01 29.21
N LYS G 365 -72.72 52.10 30.46
CA LYS G 365 -71.56 52.88 30.81
C LYS G 365 -70.29 52.13 30.44
N LEU G 366 -69.38 52.82 29.77
CA LEU G 366 -68.12 52.22 29.35
C LEU G 366 -66.95 52.96 30.01
N ALA G 367 -65.90 52.21 30.35
CA ALA G 367 -64.72 52.80 30.95
C ALA G 367 -63.86 53.49 29.90
N PRO G 368 -63.43 54.74 30.18
CA PRO G 368 -62.60 55.49 29.26
C PRO G 368 -61.48 54.64 28.69
N GLY G 369 -61.47 54.49 27.37
CA GLY G 369 -60.50 53.63 26.70
C GLY G 369 -61.20 52.52 25.95
N THR G 370 -62.44 52.23 26.37
CA THR G 370 -63.27 51.22 25.72
C THR G 370 -63.52 51.62 24.27
N ILE G 371 -63.08 50.77 23.35
CA ILE G 371 -63.24 51.06 21.93
C ILE G 371 -64.55 50.47 21.39
N VAL G 372 -65.24 51.26 20.59
CA VAL G 372 -66.50 50.82 19.98
C VAL G 372 -66.30 50.66 18.46
N GLU G 373 -66.73 49.53 17.92
CA GLU G 373 -66.59 49.28 16.48
C GLU G 373 -67.93 49.41 15.76
N VAL G 374 -67.99 50.36 14.82
CA VAL G 374 -69.19 50.60 14.03
C VAL G 374 -69.23 49.68 12.82
N TRP G 375 -70.32 48.92 12.68
CA TRP G 375 -70.45 47.96 11.58
C TRP G 375 -71.75 48.09 10.80
N LYS G 376 -72.75 48.74 11.39
CA LYS G 376 -74.05 48.93 10.75
C LYS G 376 -73.96 49.94 9.60
N ASP G 377 -74.56 49.60 8.46
CA ASP G 377 -74.55 50.48 7.29
C ASP G 377 -75.46 51.70 7.43
N SER G 378 -76.65 51.48 8.00
CA SER G 378 -77.64 52.54 8.16
C SER G 378 -77.09 53.80 8.82
N ALA G 379 -76.73 54.79 8.01
CA ALA G 379 -76.18 56.06 8.49
C ALA G 379 -75.08 55.87 9.53
N TYR G 380 -73.96 55.29 9.09
CA TYR G 380 -72.84 55.05 10.00
C TYR G 380 -72.06 56.33 10.38
N PRO G 381 -72.06 57.34 9.48
CA PRO G 381 -71.39 58.59 9.84
C PRO G 381 -71.96 59.18 11.13
N GLU G 382 -73.27 58.99 11.36
CA GLU G 382 -73.91 59.46 12.59
C GLU G 382 -73.38 58.71 13.80
N GLU G 383 -73.14 57.41 13.64
CA GLU G 383 -72.57 56.60 14.72
C GLU G 383 -71.17 57.08 15.06
N LEU G 384 -70.42 57.47 14.03
CA LEU G 384 -69.07 57.98 14.22
C LEU G 384 -69.11 59.29 15.00
N SER G 385 -70.23 60.01 14.86
CA SER G 385 -70.42 61.27 15.58
C SER G 385 -70.75 61.01 17.06
N ARG G 386 -71.78 60.20 17.29
CA ARG G 386 -72.21 59.88 18.66
C ARG G 386 -71.09 59.31 19.53
N VAL G 387 -70.39 58.29 19.02
CA VAL G 387 -69.32 57.65 19.76
C VAL G 387 -68.21 58.63 20.16
N THR G 388 -67.76 59.44 19.19
CA THR G 388 -66.71 60.43 19.46
C THR G 388 -67.22 61.56 20.36
N ALA G 389 -68.50 61.88 20.24
CA ALA G 389 -69.13 62.91 21.07
C ALA G 389 -69.15 62.49 22.53
N SER G 390 -69.31 61.18 22.76
CA SER G 390 -69.34 60.64 24.11
C SER G 390 -67.93 60.45 24.67
N GLY G 391 -66.94 60.58 23.80
CA GLY G 391 -65.54 60.49 24.21
C GLY G 391 -64.96 59.09 24.18
N PHE G 392 -65.40 58.29 23.21
CA PHE G 392 -64.90 56.93 23.07
C PHE G 392 -64.16 56.73 21.75
N PRO G 393 -63.02 56.03 21.78
CA PRO G 393 -62.28 55.71 20.56
C PRO G 393 -63.15 54.86 19.65
N VAL G 394 -63.10 55.12 18.35
CA VAL G 394 -63.97 54.41 17.40
C VAL G 394 -63.20 53.69 16.28
N ILE G 395 -63.76 52.57 15.84
CA ILE G 395 -63.21 51.79 14.72
C ILE G 395 -64.31 51.52 13.69
N LEU G 396 -64.00 51.78 12.42
CA LEU G 396 -64.99 51.61 11.34
C LEU G 396 -64.80 50.32 10.54
N SER G 397 -65.91 49.63 10.28
CA SER G 397 -65.88 48.40 9.48
C SER G 397 -67.11 48.33 8.58
N ALA G 398 -68.10 49.16 8.88
CA ALA G 398 -69.39 49.16 8.16
C ALA G 398 -69.34 49.01 6.62
N PRO G 399 -68.57 49.87 5.94
CA PRO G 399 -68.53 49.82 4.48
C PRO G 399 -67.47 48.86 3.93
N TRP G 400 -66.86 48.07 4.81
CA TRP G 400 -65.82 47.14 4.36
C TRP G 400 -66.11 45.68 4.70
N TYR G 401 -67.35 45.27 4.49
CA TYR G 401 -67.75 43.87 4.66
C TYR G 401 -67.45 43.10 3.37
N LEU G 402 -66.21 42.66 3.25
CA LEU G 402 -65.73 41.97 2.05
C LEU G 402 -66.47 40.67 1.76
N ASP G 403 -67.12 40.11 2.77
CA ASP G 403 -67.88 38.88 2.58
C ASP G 403 -69.09 39.10 1.67
N LEU G 404 -69.55 40.34 1.60
CA LEU G 404 -70.67 40.72 0.73
C LEU G 404 -70.17 40.95 -0.69
N ILE G 405 -70.01 39.86 -1.43
CA ILE G 405 -69.47 39.93 -2.79
C ILE G 405 -70.47 40.40 -3.84
N SER G 406 -69.96 40.99 -4.91
CA SER G 406 -70.78 41.47 -6.01
C SER G 406 -69.96 41.44 -7.31
N TYR G 407 -70.65 41.28 -8.43
CA TYR G 407 -69.98 41.22 -9.74
C TYR G 407 -69.29 42.54 -10.10
N GLY G 408 -68.09 42.44 -10.64
CA GLY G 408 -67.35 43.61 -11.07
C GLY G 408 -66.22 44.02 -10.15
N GLN G 409 -65.68 45.20 -10.40
CA GLN G 409 -64.57 45.73 -9.61
C GLN G 409 -65.08 46.47 -8.39
N ASP G 410 -65.58 45.73 -7.40
CA ASP G 410 -66.11 46.35 -6.19
C ASP G 410 -64.99 46.86 -5.28
N TRP G 411 -63.73 46.63 -5.68
CA TRP G 411 -62.58 47.10 -4.91
C TRP G 411 -62.54 48.62 -4.92
N ARG G 412 -63.10 49.21 -5.97
CA ARG G 412 -63.14 50.66 -6.12
C ARG G 412 -64.07 51.28 -5.09
N LYS G 413 -65.14 50.57 -4.77
CA LYS G 413 -66.11 51.02 -3.78
C LYS G 413 -65.45 51.12 -2.39
N TYR G 414 -64.63 50.13 -2.07
CA TYR G 414 -63.94 50.11 -0.78
C TYR G 414 -62.82 51.14 -0.72
N TYR G 415 -62.21 51.41 -1.86
CA TYR G 415 -61.11 52.37 -1.95
C TYR G 415 -61.62 53.80 -2.02
N LYS G 416 -62.88 53.95 -2.40
CA LYS G 416 -63.48 55.27 -2.60
C LYS G 416 -63.88 55.90 -1.25
N VAL G 417 -64.17 55.05 -0.27
CA VAL G 417 -64.67 55.49 1.04
C VAL G 417 -63.73 56.42 1.80
N GLU G 418 -64.28 57.51 2.32
CA GLU G 418 -63.54 58.43 3.19
C GLU G 418 -64.03 58.33 4.62
N PRO G 419 -63.23 57.73 5.50
CA PRO G 419 -63.58 57.44 6.90
C PRO G 419 -63.87 58.67 7.75
N LEU G 420 -63.27 59.81 7.42
CA LEU G 420 -63.42 61.03 8.23
C LEU G 420 -64.56 61.97 7.80
N ASP G 421 -65.54 61.44 7.06
CA ASP G 421 -66.69 62.24 6.63
C ASP G 421 -67.87 62.11 7.59
N PHE G 422 -67.74 62.69 8.79
CA PHE G 422 -68.80 62.67 9.78
C PHE G 422 -68.78 63.92 10.64
N GLY G 423 -69.92 64.23 11.28
CA GLY G 423 -70.05 65.42 12.11
C GLY G 423 -69.26 65.34 13.40
N GLY G 424 -68.66 66.48 13.78
CA GLY G 424 -67.87 66.54 15.00
C GLY G 424 -66.63 67.42 14.84
N THR G 425 -66.10 67.88 15.96
CA THR G 425 -64.92 68.74 15.96
C THR G 425 -63.66 67.97 15.63
N GLN G 426 -62.57 68.70 15.41
CA GLN G 426 -61.29 68.10 15.08
C GLN G 426 -60.74 67.28 16.25
N LYS G 427 -61.21 67.59 17.45
CA LYS G 427 -60.84 66.84 18.64
C LYS G 427 -61.45 65.44 18.56
N GLN G 428 -62.71 65.38 18.12
CA GLN G 428 -63.42 64.12 17.97
C GLN G 428 -62.79 63.26 16.90
N LYS G 429 -62.29 63.90 15.84
CA LYS G 429 -61.63 63.20 14.74
C LYS G 429 -60.37 62.47 15.19
N GLN G 430 -59.87 62.83 16.38
CA GLN G 430 -58.70 62.18 16.94
C GLN G 430 -59.08 60.92 17.72
N LEU G 431 -60.37 60.70 17.90
CA LEU G 431 -60.86 59.49 18.56
C LEU G 431 -61.09 58.38 17.53
N PHE G 432 -60.86 58.70 16.26
CA PHE G 432 -60.95 57.73 15.18
C PHE G 432 -59.56 57.16 14.93
N ILE G 433 -59.36 55.90 15.29
CA ILE G 433 -58.05 55.27 15.20
C ILE G 433 -57.82 54.43 13.93
N GLY G 434 -58.90 54.17 13.20
CA GLY G 434 -58.80 53.39 11.95
C GLY G 434 -60.00 52.49 11.69
N GLY G 435 -59.78 51.44 10.92
CA GLY G 435 -60.86 50.51 10.59
C GLY G 435 -60.37 49.11 10.25
N GLU G 436 -61.31 48.26 9.81
CA GLU G 436 -60.99 46.88 9.46
C GLU G 436 -61.72 46.47 8.18
N ALA G 437 -61.23 45.38 7.56
CA ALA G 437 -61.91 44.79 6.41
C ALA G 437 -62.36 43.39 6.84
N CYS G 438 -63.67 43.23 6.99
CA CYS G 438 -64.21 41.98 7.51
C CYS G 438 -64.53 40.95 6.43
N LEU G 439 -64.31 39.69 6.76
CA LEU G 439 -64.62 38.60 5.85
C LEU G 439 -65.25 37.45 6.64
N TRP G 440 -66.54 37.59 6.93
CA TRP G 440 -67.26 36.60 7.71
C TRP G 440 -67.35 35.27 6.97
N GLY G 441 -67.33 34.19 7.72
CA GLY G 441 -67.19 32.87 7.14
C GLY G 441 -68.42 32.12 6.71
N GLU G 442 -69.58 32.78 6.69
CA GLU G 442 -70.80 32.08 6.29
C GLU G 442 -70.64 31.33 4.95
N TYR G 443 -69.86 31.91 4.05
CA TYR G 443 -69.62 31.30 2.74
C TYR G 443 -68.14 31.33 2.40
N VAL G 444 -67.29 31.28 3.42
CA VAL G 444 -65.86 31.36 3.19
C VAL G 444 -65.07 30.34 4.00
N ASP G 445 -64.23 29.57 3.32
CA ASP G 445 -63.32 28.65 3.98
C ASP G 445 -61.99 28.59 3.24
N ALA G 446 -61.18 27.58 3.54
CA ALA G 446 -59.85 27.45 2.93
C ALA G 446 -59.87 27.38 1.39
N THR G 447 -61.04 27.15 0.82
CA THR G 447 -61.15 26.98 -0.63
C THR G 447 -61.32 28.28 -1.41
N ASN G 448 -61.73 29.35 -0.73
CA ASN G 448 -61.98 30.62 -1.41
C ASN G 448 -61.55 31.88 -0.66
N LEU G 449 -60.92 31.70 0.50
CA LEU G 449 -60.55 32.83 1.35
C LEU G 449 -59.58 33.81 0.66
N THR G 450 -58.41 33.32 0.27
CA THR G 450 -57.37 34.19 -0.33
C THR G 450 -57.84 34.97 -1.57
N PRO G 451 -58.43 34.27 -2.56
CA PRO G 451 -58.90 34.94 -3.76
C PRO G 451 -59.94 36.03 -3.46
N ARG G 452 -60.90 35.71 -2.60
CA ARG G 452 -61.95 36.66 -2.25
C ARG G 452 -61.42 37.84 -1.42
N LEU G 453 -60.42 37.56 -0.58
CA LEU G 453 -59.85 38.58 0.30
C LEU G 453 -58.98 39.57 -0.47
N TRP G 454 -57.91 39.07 -1.09
CA TRP G 454 -56.97 39.91 -1.83
C TRP G 454 -57.27 39.86 -3.33
N PRO G 455 -57.04 40.98 -4.04
CA PRO G 455 -56.51 42.24 -3.53
C PRO G 455 -57.59 43.25 -3.15
N ARG G 456 -58.78 42.77 -2.80
CA ARG G 456 -59.86 43.68 -2.41
C ARG G 456 -59.55 44.38 -1.09
N ALA G 457 -58.87 43.68 -0.19
CA ALA G 457 -58.50 44.26 1.10
C ALA G 457 -57.40 45.30 0.90
N SER G 458 -56.57 45.10 -0.12
CA SER G 458 -55.50 46.04 -0.43
C SER G 458 -56.02 47.46 -0.61
N ALA G 459 -57.27 47.57 -1.04
CA ALA G 459 -57.91 48.87 -1.22
C ALA G 459 -58.20 49.52 0.13
N VAL G 460 -58.60 48.70 1.09
CA VAL G 460 -58.87 49.19 2.44
C VAL G 460 -57.55 49.47 3.15
N GLY G 461 -56.50 48.76 2.73
CA GLY G 461 -55.17 48.92 3.30
C GLY G 461 -54.55 50.29 2.99
N GLU G 462 -54.67 50.72 1.74
CA GLU G 462 -54.13 52.01 1.33
C GLU G 462 -54.95 53.17 1.89
N ARG G 463 -56.26 52.96 2.03
CA ARG G 463 -57.14 53.98 2.57
C ARG G 463 -56.87 54.23 4.06
N LEU G 464 -56.20 53.29 4.71
CA LEU G 464 -55.89 53.43 6.13
C LEU G 464 -54.43 53.82 6.40
N TRP G 465 -53.56 53.66 5.39
CA TRP G 465 -52.16 54.01 5.54
C TRP G 465 -51.81 55.32 4.84
N SER G 466 -52.12 55.40 3.55
CA SER G 466 -51.79 56.58 2.74
C SER G 466 -52.56 57.84 3.18
N SER G 467 -52.27 58.95 2.52
CA SER G 467 -52.89 60.22 2.84
C SER G 467 -54.33 60.29 2.36
N LYS G 468 -55.10 61.22 2.93
CA LYS G 468 -56.48 61.44 2.52
C LYS G 468 -56.49 61.95 1.08
N ASP G 469 -55.42 62.65 0.71
CA ASP G 469 -55.26 63.23 -0.62
C ASP G 469 -55.13 62.15 -1.71
N VAL G 470 -54.55 61.01 -1.36
CA VAL G 470 -54.33 59.94 -2.33
C VAL G 470 -55.64 59.22 -2.68
N ARG G 471 -56.11 59.43 -3.91
CA ARG G 471 -57.35 58.79 -4.39
C ARG G 471 -57.56 58.87 -5.90
N ASP G 472 -56.48 58.79 -6.67
CA ASP G 472 -56.57 58.81 -8.13
C ASP G 472 -56.86 57.39 -8.64
N MET G 473 -58.00 57.23 -9.30
CA MET G 473 -58.46 55.91 -9.78
C MET G 473 -57.54 55.29 -10.84
N ASP G 474 -57.10 56.09 -11.79
CA ASP G 474 -56.23 55.60 -12.88
C ASP G 474 -54.88 55.14 -12.35
N ASP G 475 -54.38 55.80 -11.31
CA ASP G 475 -53.10 55.45 -10.71
C ASP G 475 -53.28 54.25 -9.79
N ALA G 476 -54.37 54.25 -9.02
CA ALA G 476 -54.67 53.16 -8.09
C ALA G 476 -54.79 51.84 -8.82
N TYR G 477 -55.58 51.82 -9.90
CA TYR G 477 -55.74 50.62 -10.72
C TYR G 477 -54.40 50.16 -11.30
N ASP G 478 -53.58 51.12 -11.70
CA ASP G 478 -52.29 50.83 -12.31
C ASP G 478 -51.33 50.19 -11.29
N ARG G 479 -51.24 50.79 -10.11
CA ARG G 479 -50.34 50.30 -9.07
C ARG G 479 -50.84 49.02 -8.41
N LEU G 480 -52.17 48.86 -8.35
CA LEU G 480 -52.76 47.70 -7.71
C LEU G 480 -52.60 46.42 -8.55
N THR G 481 -52.77 46.54 -9.86
CA THR G 481 -52.58 45.40 -10.76
C THR G 481 -51.17 44.85 -10.64
N ARG G 482 -50.21 45.75 -10.53
CA ARG G 482 -48.80 45.38 -10.41
C ARG G 482 -48.47 44.87 -9.01
N HIS G 483 -49.20 45.36 -8.01
CA HIS G 483 -49.03 44.89 -6.64
C HIS G 483 -49.74 43.56 -6.44
N ARG G 484 -50.75 43.32 -7.29
CA ARG G 484 -51.47 42.06 -7.26
C ARG G 484 -50.61 40.96 -7.85
N CYS G 485 -49.78 41.34 -8.83
CA CYS G 485 -48.87 40.39 -9.46
C CYS G 485 -47.69 40.04 -8.54
N ARG G 486 -47.32 40.96 -7.66
CA ARG G 486 -46.22 40.68 -6.72
C ARG G 486 -46.70 39.76 -5.62
N MET G 487 -47.98 39.89 -5.25
CA MET G 487 -48.57 39.01 -4.25
C MET G 487 -48.63 37.58 -4.79
N VAL G 488 -49.06 37.44 -6.04
CA VAL G 488 -49.12 36.14 -6.68
C VAL G 488 -47.73 35.50 -6.70
N GLU G 489 -46.73 36.29 -7.05
CA GLU G 489 -45.34 35.83 -7.09
C GLU G 489 -44.81 35.48 -5.69
N ARG G 490 -45.43 36.06 -4.66
CA ARG G 490 -45.04 35.79 -3.28
C ARG G 490 -45.91 34.69 -2.65
N GLY G 491 -46.58 33.92 -3.50
CA GLY G 491 -47.39 32.79 -3.04
C GLY G 491 -48.77 33.16 -2.51
N ILE G 492 -49.26 34.33 -2.89
CA ILE G 492 -50.59 34.77 -2.47
C ILE G 492 -51.55 34.77 -3.66
N ALA G 493 -52.48 33.83 -3.66
CA ALA G 493 -53.42 33.67 -4.75
C ALA G 493 -54.47 34.79 -4.80
N ALA G 494 -54.03 36.01 -5.10
CA ALA G 494 -54.93 37.15 -5.19
C ALA G 494 -55.63 37.16 -6.54
N GLN G 495 -56.94 37.37 -6.53
CA GLN G 495 -57.73 37.38 -7.76
C GLN G 495 -57.43 38.61 -8.62
N PRO G 496 -57.74 38.53 -9.92
CA PRO G 496 -57.45 39.64 -10.82
C PRO G 496 -58.47 40.77 -10.73
N LEU G 497 -58.02 41.99 -11.01
CA LEU G 497 -58.90 43.15 -11.00
C LEU G 497 -59.69 43.20 -12.29
N TYR G 498 -59.04 42.83 -13.39
CA TYR G 498 -59.66 42.87 -14.70
C TYR G 498 -58.82 42.04 -15.67
N ALA G 499 -59.22 42.00 -16.94
CA ALA G 499 -58.50 41.25 -17.96
C ALA G 499 -57.03 41.64 -18.04
N GLY G 500 -56.16 40.66 -18.22
CA GLY G 500 -54.73 40.90 -18.31
C GLY G 500 -53.92 39.68 -17.91
N TYR G 501 -52.63 39.89 -17.63
CA TYR G 501 -51.74 38.81 -17.23
C TYR G 501 -50.58 39.35 -16.39
N CYS G 502 -50.00 38.49 -15.56
CA CYS G 502 -48.88 38.89 -14.70
C CYS G 502 -47.52 38.55 -15.32
N ASN G 503 -46.47 39.16 -14.77
CA ASN G 503 -45.10 38.98 -15.26
C ASN G 503 -44.87 39.66 -16.62
N LEU H 1 -75.65 11.77 -3.91
CA LEU H 1 -75.62 11.40 -5.36
C LEU H 1 -76.03 12.61 -6.18
N TRP H 2 -75.17 13.01 -7.13
CA TRP H 2 -75.43 14.18 -7.95
C TRP H 2 -74.91 13.98 -9.38
N PRO H 3 -75.76 14.22 -10.39
CA PRO H 3 -77.17 14.61 -10.23
C PRO H 3 -78.06 13.42 -9.87
N TRP H 4 -79.34 13.68 -9.64
CA TRP H 4 -80.27 12.63 -9.25
C TRP H 4 -80.79 11.84 -10.46
N PRO H 5 -80.67 10.50 -10.40
CA PRO H 5 -81.12 9.62 -11.48
C PRO H 5 -82.63 9.74 -11.76
N GLN H 6 -83.06 9.21 -12.91
CA GLN H 6 -84.47 9.23 -13.29
C GLN H 6 -85.29 8.29 -12.42
N ASN H 7 -84.76 7.09 -12.19
CA ASN H 7 -85.41 6.10 -11.35
C ASN H 7 -84.43 5.58 -10.31
N PHE H 8 -84.71 5.86 -9.04
CA PHE H 8 -83.78 5.46 -7.98
C PHE H 8 -84.47 4.70 -6.85
N GLN H 9 -83.98 3.49 -6.59
CA GLN H 9 -84.49 2.66 -5.51
C GLN H 9 -83.36 2.21 -4.61
N THR H 10 -83.37 2.68 -3.37
CA THR H 10 -82.31 2.36 -2.43
C THR H 10 -82.81 1.52 -1.26
N SER H 11 -81.96 0.64 -0.77
CA SER H 11 -82.28 -0.20 0.37
C SER H 11 -81.22 -0.03 1.45
N ASP H 12 -81.49 -0.55 2.63
CA ASP H 12 -80.54 -0.46 3.74
C ASP H 12 -79.59 -1.67 3.79
N GLN H 13 -79.81 -2.63 2.90
CA GLN H 13 -78.93 -3.79 2.82
C GLN H 13 -77.52 -3.36 2.45
N ARG H 14 -76.55 -3.82 3.23
CA ARG H 14 -75.16 -3.43 3.02
C ARG H 14 -74.33 -4.56 2.42
N TYR H 15 -73.29 -4.18 1.70
CA TYR H 15 -72.37 -5.13 1.09
C TYR H 15 -70.94 -4.68 1.34
N VAL H 16 -70.12 -5.60 1.85
CA VAL H 16 -68.73 -5.29 2.17
C VAL H 16 -67.85 -5.18 0.91
N LEU H 17 -66.99 -4.17 0.88
CA LEU H 17 -66.05 -3.99 -0.23
C LEU H 17 -64.62 -4.25 0.22
N TYR H 18 -63.78 -4.65 -0.71
CA TYR H 18 -62.38 -4.88 -0.43
C TYR H 18 -61.50 -4.06 -1.38
N PRO H 19 -61.18 -2.82 -0.96
CA PRO H 19 -60.44 -1.81 -1.72
C PRO H 19 -59.30 -2.33 -2.59
N ASN H 20 -58.40 -3.11 -1.99
CA ASN H 20 -57.21 -3.59 -2.69
C ASN H 20 -57.44 -4.70 -3.70
N ASN H 21 -58.58 -5.39 -3.59
CA ASN H 21 -58.89 -6.50 -4.48
C ASN H 21 -60.08 -6.25 -5.40
N PHE H 22 -60.84 -5.18 -5.11
CA PHE H 22 -62.00 -4.82 -5.92
C PHE H 22 -61.57 -4.53 -7.35
N GLN H 23 -62.19 -5.22 -8.30
CA GLN H 23 -61.85 -5.05 -9.71
C GLN H 23 -63.07 -4.90 -10.60
N PHE H 24 -62.93 -4.14 -11.67
CA PHE H 24 -63.97 -4.00 -12.67
C PHE H 24 -63.67 -4.99 -13.77
N GLN H 25 -64.70 -5.66 -14.29
CA GLN H 25 -64.50 -6.59 -15.39
C GLN H 25 -65.62 -6.51 -16.43
N TYR H 26 -65.27 -6.88 -17.66
CA TYR H 26 -66.22 -6.89 -18.75
C TYR H 26 -66.96 -8.22 -18.79
N ASP H 27 -68.20 -8.19 -19.27
CA ASP H 27 -68.96 -9.42 -19.45
C ASP H 27 -68.44 -10.10 -20.71
N VAL H 28 -68.45 -11.43 -20.71
CA VAL H 28 -67.98 -12.20 -21.87
C VAL H 28 -68.82 -11.89 -23.13
N SER H 29 -70.11 -11.64 -22.93
CA SER H 29 -71.01 -11.29 -24.03
C SER H 29 -71.26 -9.78 -24.03
N SER H 30 -70.19 -9.01 -24.15
CA SER H 30 -70.28 -7.56 -24.16
C SER H 30 -69.54 -6.96 -25.34
N ALA H 31 -70.05 -5.84 -25.84
CA ALA H 31 -69.41 -5.14 -26.95
C ALA H 31 -68.08 -4.55 -26.50
N ALA H 32 -68.06 -3.97 -25.30
CA ALA H 32 -66.85 -3.43 -24.72
C ALA H 32 -66.01 -4.57 -24.16
N GLN H 33 -64.74 -4.61 -24.54
CA GLN H 33 -63.86 -5.70 -24.14
C GLN H 33 -62.44 -5.14 -23.98
N PRO H 34 -61.58 -5.83 -23.18
CA PRO H 34 -60.20 -5.39 -23.00
C PRO H 34 -59.60 -4.83 -24.28
N GLY H 35 -58.87 -3.74 -24.17
CA GLY H 35 -58.38 -3.02 -25.33
C GLY H 35 -59.36 -1.90 -25.56
N CYS H 36 -60.13 -1.62 -24.53
CA CYS H 36 -61.15 -0.61 -24.57
C CYS H 36 -60.65 0.70 -23.94
N SER H 37 -59.96 1.50 -24.76
CA SER H 37 -59.33 2.76 -24.31
C SER H 37 -60.13 3.56 -23.29
N VAL H 38 -61.32 4.02 -23.67
CA VAL H 38 -62.16 4.81 -22.80
C VAL H 38 -62.37 4.11 -21.46
N LEU H 39 -62.91 2.90 -21.50
CA LEU H 39 -63.16 2.14 -20.28
C LEU H 39 -61.90 1.74 -19.48
N ASP H 40 -60.87 1.12 -20.12
CA ASP H 40 -59.69 0.69 -19.31
C ASP H 40 -59.02 1.79 -18.49
N GLU H 41 -59.27 3.04 -18.89
CA GLU H 41 -58.74 4.16 -18.15
C GLU H 41 -59.66 4.52 -17.00
N ALA H 42 -60.95 4.66 -17.32
CA ALA H 42 -61.95 4.94 -16.31
C ALA H 42 -61.85 3.90 -15.19
N PHE H 43 -61.71 2.64 -15.58
CA PHE H 43 -61.52 1.55 -14.63
C PHE H 43 -60.47 1.92 -13.60
N GLN H 44 -59.29 2.31 -14.08
CA GLN H 44 -58.19 2.71 -13.18
C GLN H 44 -58.41 4.08 -12.53
N ARG H 45 -59.00 5.00 -13.28
CA ARG H 45 -59.27 6.33 -12.78
C ARG H 45 -60.22 6.29 -11.59
N TYR H 46 -61.30 5.53 -11.72
CA TYR H 46 -62.30 5.42 -10.67
C TYR H 46 -61.88 4.55 -9.48
N ARG H 47 -61.01 3.58 -9.72
CA ARG H 47 -60.54 2.72 -8.64
C ARG H 47 -59.58 3.50 -7.74
N ASP H 48 -59.05 4.60 -8.27
CA ASP H 48 -58.13 5.45 -7.52
C ASP H 48 -58.91 6.41 -6.62
N LEU H 49 -59.96 7.00 -7.18
CA LEU H 49 -60.82 7.92 -6.43
C LEU H 49 -61.48 7.22 -5.24
N LEU H 50 -61.83 5.96 -5.44
CA LEU H 50 -62.47 5.18 -4.40
C LEU H 50 -61.46 4.63 -3.40
N PHE H 51 -60.41 4.00 -3.91
CA PHE H 51 -59.41 3.37 -3.06
C PHE H 51 -57.99 3.82 -3.43
N GLY H 52 -57.64 5.02 -3.01
CA GLY H 52 -56.31 5.57 -3.31
C GLY H 52 -55.95 6.72 -2.40
N THR H 67 -73.08 -10.10 3.47
CA THR H 67 -72.63 -10.46 2.12
C THR H 67 -71.53 -9.50 1.65
N LEU H 68 -70.81 -9.90 0.61
CA LEU H 68 -69.71 -9.10 0.08
C LEU H 68 -69.74 -9.04 -1.44
N GLU H 69 -69.36 -7.89 -1.99
CA GLU H 69 -69.28 -7.70 -3.44
C GLU H 69 -67.83 -7.34 -3.80
N LYS H 70 -67.12 -8.28 -4.41
CA LYS H 70 -65.72 -8.06 -4.75
C LYS H 70 -65.52 -7.70 -6.22
N ASN H 71 -66.63 -7.53 -6.95
CA ASN H 71 -66.56 -7.26 -8.37
C ASN H 71 -67.83 -6.56 -8.90
N VAL H 72 -67.66 -5.77 -9.96
CA VAL H 72 -68.79 -5.12 -10.63
C VAL H 72 -68.73 -5.38 -12.13
N LEU H 73 -69.75 -6.06 -12.64
CA LEU H 73 -69.82 -6.40 -14.06
C LEU H 73 -70.20 -5.21 -14.91
N VAL H 74 -69.59 -5.10 -16.09
CA VAL H 74 -69.91 -4.03 -17.02
C VAL H 74 -70.12 -4.59 -18.43
N VAL H 75 -71.31 -4.36 -18.98
CA VAL H 75 -71.63 -4.82 -20.33
C VAL H 75 -72.25 -3.71 -21.19
N SER H 76 -71.53 -3.31 -22.22
CA SER H 76 -72.01 -2.32 -23.16
C SER H 76 -72.68 -3.07 -24.31
N VAL H 77 -73.93 -2.72 -24.61
CA VAL H 77 -74.66 -3.40 -25.68
C VAL H 77 -74.22 -2.90 -27.06
N VAL H 78 -74.12 -1.58 -27.23
CA VAL H 78 -73.65 -0.99 -28.49
C VAL H 78 -72.17 -1.30 -28.68
N THR H 79 -71.88 -1.99 -29.78
CA THR H 79 -70.55 -2.57 -30.06
C THR H 79 -69.29 -1.68 -29.96
N PRO H 80 -69.30 -0.54 -30.67
CA PRO H 80 -68.05 0.24 -30.89
C PRO H 80 -67.50 0.97 -29.67
N GLY H 81 -67.75 2.29 -29.60
CA GLY H 81 -67.20 3.12 -28.55
C GLY H 81 -65.68 3.02 -28.52
N CYS H 82 -65.12 3.10 -27.31
CA CYS H 82 -63.67 2.98 -27.09
C CYS H 82 -62.70 3.54 -28.13
N ASN H 83 -63.18 4.43 -28.99
CA ASN H 83 -62.33 5.12 -29.97
C ASN H 83 -63.17 6.07 -30.81
N GLN H 84 -64.49 5.87 -30.74
CA GLN H 84 -65.46 6.79 -31.33
C GLN H 84 -65.33 8.15 -30.65
N LEU H 85 -65.92 9.17 -31.25
CA LEU H 85 -66.00 10.48 -30.64
C LEU H 85 -67.44 10.69 -30.18
N PRO H 86 -67.62 11.21 -28.96
CA PRO H 86 -68.98 11.46 -28.46
C PRO H 86 -69.66 12.52 -29.32
N THR H 87 -70.97 12.35 -29.55
CA THR H 87 -71.71 13.29 -30.38
C THR H 87 -72.98 13.78 -29.70
N LEU H 88 -73.72 14.64 -30.40
CA LEU H 88 -74.97 15.18 -29.87
C LEU H 88 -76.06 14.10 -29.81
N GLU H 89 -76.02 13.17 -30.77
CA GLU H 89 -77.02 12.10 -30.85
C GLU H 89 -76.52 10.80 -30.23
N SER H 90 -75.60 10.91 -29.28
CA SER H 90 -75.03 9.74 -28.62
C SER H 90 -75.85 9.35 -27.37
N VAL H 91 -76.44 8.17 -27.41
CA VAL H 91 -77.28 7.67 -26.30
C VAL H 91 -76.47 7.36 -25.04
N GLU H 92 -76.83 8.00 -23.94
CA GLU H 92 -76.12 7.83 -22.68
C GLU H 92 -76.90 7.00 -21.65
N ASN H 93 -77.84 6.19 -22.12
CA ASN H 93 -78.64 5.33 -21.24
C ASN H 93 -77.78 4.33 -20.48
N TYR H 94 -78.16 4.07 -19.22
CA TYR H 94 -77.47 3.07 -18.40
C TYR H 94 -78.35 2.63 -17.23
N THR H 95 -78.11 1.42 -16.73
CA THR H 95 -78.85 0.90 -15.57
C THR H 95 -77.87 0.30 -14.55
N LEU H 96 -78.06 0.66 -13.28
CA LEU H 96 -77.21 0.14 -12.21
C LEU H 96 -78.02 -0.72 -11.25
N THR H 97 -77.81 -2.02 -11.34
CA THR H 97 -78.51 -2.97 -10.47
C THR H 97 -77.54 -3.71 -9.55
N ILE H 98 -77.74 -3.53 -8.25
CA ILE H 98 -76.89 -4.16 -7.24
C ILE H 98 -77.74 -4.90 -6.21
N ASN H 99 -77.58 -6.21 -6.14
CA ASN H 99 -78.33 -7.03 -5.20
C ASN H 99 -77.55 -8.25 -4.73
N ASP H 100 -78.25 -9.21 -4.11
CA ASP H 100 -77.62 -10.41 -3.57
C ASP H 100 -76.86 -11.22 -4.63
N ASP H 101 -77.40 -11.26 -5.84
CA ASP H 101 -76.84 -12.08 -6.91
C ASP H 101 -76.14 -11.26 -7.98
N GLN H 102 -76.55 -10.01 -8.13
CA GLN H 102 -76.04 -9.17 -9.21
C GLN H 102 -75.35 -7.90 -8.73
N CYS H 103 -74.37 -7.48 -9.50
CA CYS H 103 -73.67 -6.21 -9.31
C CYS H 103 -73.27 -5.78 -10.71
N LEU H 104 -74.28 -5.56 -11.54
CA LEU H 104 -74.06 -5.29 -12.95
C LEU H 104 -74.31 -3.84 -13.36
N LEU H 105 -73.36 -3.28 -14.09
CA LEU H 105 -73.50 -1.97 -14.68
C LEU H 105 -73.83 -2.17 -16.15
N LEU H 106 -75.12 -2.18 -16.46
CA LEU H 106 -75.58 -2.40 -17.82
C LEU H 106 -75.82 -1.08 -18.54
N SER H 107 -75.00 -0.81 -19.55
CA SER H 107 -75.10 0.43 -20.30
C SER H 107 -75.38 0.16 -21.77
N GLU H 108 -76.01 1.13 -22.43
CA GLU H 108 -76.29 1.04 -23.85
C GLU H 108 -75.01 1.30 -24.62
N THR H 109 -74.38 2.44 -24.35
CA THR H 109 -73.15 2.82 -25.04
C THR H 109 -71.98 2.94 -24.06
N VAL H 110 -70.78 3.10 -24.62
CA VAL H 110 -69.57 3.27 -23.84
C VAL H 110 -69.64 4.54 -22.99
N TRP H 111 -70.36 5.55 -23.49
CA TRP H 111 -70.52 6.80 -22.78
C TRP H 111 -71.51 6.64 -21.63
N GLY H 112 -72.42 5.68 -21.76
CA GLY H 112 -73.37 5.37 -20.70
C GLY H 112 -72.70 4.64 -19.57
N ALA H 113 -71.59 3.97 -19.89
CA ALA H 113 -70.82 3.27 -18.88
C ALA H 113 -70.10 4.27 -18.00
N LEU H 114 -69.58 5.33 -18.62
CA LEU H 114 -68.89 6.39 -17.89
C LEU H 114 -69.83 7.06 -16.91
N ARG H 115 -71.04 7.36 -17.37
CA ARG H 115 -72.05 7.97 -16.51
C ARG H 115 -72.39 7.05 -15.36
N GLY H 116 -72.42 5.74 -15.65
CA GLY H 116 -72.72 4.73 -14.65
C GLY H 116 -71.61 4.58 -13.62
N LEU H 117 -70.37 4.58 -14.09
CA LEU H 117 -69.22 4.46 -13.20
C LEU H 117 -69.18 5.60 -12.18
N GLU H 118 -69.56 6.79 -12.63
CA GLU H 118 -69.61 7.96 -11.76
C GLU H 118 -70.67 7.78 -10.67
N THR H 119 -71.86 7.33 -11.08
CA THR H 119 -72.95 7.09 -10.14
C THR H 119 -72.54 6.01 -9.13
N PHE H 120 -71.91 4.95 -9.62
CA PHE H 120 -71.44 3.87 -8.78
C PHE H 120 -70.44 4.39 -7.75
N SER H 121 -69.55 5.28 -8.19
CA SER H 121 -68.51 5.83 -7.33
C SER H 121 -69.07 6.67 -6.18
N GLN H 122 -70.19 7.34 -6.44
CA GLN H 122 -70.81 8.20 -5.43
C GLN H 122 -71.71 7.42 -4.46
N LEU H 123 -71.86 6.12 -4.69
CA LEU H 123 -72.68 5.28 -3.82
C LEU H 123 -71.87 4.48 -2.82
N VAL H 124 -70.55 4.52 -2.96
CA VAL H 124 -69.68 3.86 -2.01
C VAL H 124 -69.53 4.76 -0.79
N TRP H 125 -69.64 4.17 0.40
CA TRP H 125 -69.56 4.93 1.64
C TRP H 125 -68.83 4.17 2.73
N LYS H 126 -68.33 4.90 3.72
CA LYS H 126 -67.65 4.29 4.84
C LYS H 126 -68.43 4.51 6.12
N SER H 127 -68.48 3.48 6.96
CA SER H 127 -69.18 3.58 8.24
C SER H 127 -68.31 4.30 9.25
N ALA H 128 -68.82 4.43 10.48
CA ALA H 128 -68.07 5.06 11.56
C ALA H 128 -66.79 4.30 11.86
N GLU H 129 -66.82 2.99 11.60
CA GLU H 129 -65.64 2.14 11.79
C GLU H 129 -64.67 2.32 10.63
N GLY H 130 -65.18 2.85 9.51
CA GLY H 130 -64.37 3.06 8.32
C GLY H 130 -64.57 1.97 7.29
N THR H 131 -65.50 1.06 7.56
CA THR H 131 -65.78 -0.07 6.68
C THR H 131 -66.46 0.37 5.39
N PHE H 132 -65.99 -0.17 4.26
CA PHE H 132 -66.55 0.16 2.94
C PHE H 132 -67.83 -0.63 2.64
N PHE H 133 -68.83 0.05 2.10
CA PHE H 133 -70.11 -0.58 1.77
C PHE H 133 -70.76 -0.01 0.51
N ILE H 134 -71.67 -0.80 -0.07
CA ILE H 134 -72.56 -0.33 -1.14
C ILE H 134 -73.92 -0.92 -0.83
N ASN H 135 -74.96 -0.10 -0.89
CA ASN H 135 -76.31 -0.56 -0.60
C ASN H 135 -76.99 -1.20 -1.81
N LYS H 136 -77.98 -2.05 -1.55
CA LYS H 136 -78.78 -2.65 -2.61
C LYS H 136 -79.46 -1.54 -3.38
N THR H 137 -79.09 -1.38 -4.64
CA THR H 137 -79.62 -0.30 -5.45
C THR H 137 -80.20 -0.77 -6.77
N GLU H 138 -81.23 -0.06 -7.23
CA GLU H 138 -81.88 -0.33 -8.51
C GLU H 138 -82.00 0.99 -9.26
N ILE H 139 -81.17 1.19 -10.27
CA ILE H 139 -81.16 2.44 -11.03
C ILE H 139 -81.38 2.27 -12.52
N GLU H 140 -82.25 3.12 -13.07
CA GLU H 140 -82.45 3.22 -14.51
C GLU H 140 -82.38 4.70 -14.84
N ASP H 141 -81.26 5.14 -15.40
CA ASP H 141 -81.04 6.56 -15.62
C ASP H 141 -80.73 6.93 -17.06
N PHE H 142 -81.09 8.17 -17.43
CA PHE H 142 -80.85 8.70 -18.76
C PHE H 142 -80.92 10.23 -18.72
N PRO H 143 -80.09 10.90 -19.53
CA PRO H 143 -80.06 12.36 -19.57
C PRO H 143 -81.35 12.96 -20.13
N ARG H 144 -81.83 14.04 -19.48
CA ARG H 144 -83.04 14.72 -19.93
C ARG H 144 -82.75 15.50 -21.21
N PHE H 145 -81.65 16.26 -21.19
CA PHE H 145 -81.21 17.00 -22.35
C PHE H 145 -79.88 16.44 -22.84
N PRO H 146 -79.73 16.27 -24.16
CA PRO H 146 -78.51 15.72 -24.75
C PRO H 146 -77.33 16.68 -24.71
N HIS H 147 -77.60 17.98 -24.61
CA HIS H 147 -76.54 18.99 -24.61
C HIS H 147 -76.41 19.69 -23.27
N ARG H 148 -75.37 19.33 -22.52
CA ARG H 148 -75.11 19.90 -21.19
C ARG H 148 -73.65 20.33 -21.11
N GLY H 149 -73.39 21.63 -21.22
CA GLY H 149 -72.01 22.12 -21.28
C GLY H 149 -71.57 23.17 -20.29
N LEU H 150 -70.31 23.56 -20.40
CA LEU H 150 -69.69 24.56 -19.53
C LEU H 150 -68.75 25.43 -20.38
N LEU H 151 -68.92 26.74 -20.31
CA LEU H 151 -68.10 27.68 -21.09
C LEU H 151 -66.94 28.26 -20.29
N LEU H 152 -65.73 28.16 -20.84
CA LEU H 152 -64.54 28.74 -20.22
C LEU H 152 -63.89 29.79 -21.13
N ASP H 153 -63.75 31.01 -20.62
CA ASP H 153 -63.15 32.10 -21.37
C ASP H 153 -61.65 32.15 -21.06
N THR H 154 -60.83 31.92 -22.07
CA THR H 154 -59.38 31.93 -21.90
C THR H 154 -58.72 33.06 -22.69
N SER H 155 -59.48 34.12 -22.95
CA SER H 155 -58.95 35.28 -23.65
C SER H 155 -58.75 36.43 -22.70
N ARG H 156 -59.74 36.68 -21.85
CA ARG H 156 -59.65 37.71 -20.83
C ARG H 156 -58.57 37.33 -19.83
N HIS H 157 -58.42 36.02 -19.62
CA HIS H 157 -57.37 35.47 -18.78
C HIS H 157 -56.95 34.11 -19.30
N TYR H 158 -55.65 33.94 -19.49
CA TYR H 158 -55.12 32.68 -19.95
C TYR H 158 -55.19 31.62 -18.85
N LEU H 159 -55.63 30.42 -19.22
CA LEU H 159 -55.71 29.32 -18.27
C LEU H 159 -54.73 28.23 -18.66
N PRO H 160 -53.87 27.81 -17.70
CA PRO H 160 -52.89 26.76 -17.93
C PRO H 160 -53.57 25.46 -18.40
N LEU H 161 -52.79 24.59 -19.03
CA LEU H 161 -53.33 23.33 -19.53
C LEU H 161 -53.93 22.50 -18.40
N SER H 162 -53.21 22.41 -17.28
CA SER H 162 -53.66 21.64 -16.12
C SER H 162 -55.02 22.13 -15.61
N SER H 163 -55.19 23.45 -15.58
CA SER H 163 -56.42 24.07 -15.10
C SER H 163 -57.64 23.62 -15.91
N ILE H 164 -57.45 23.51 -17.22
CA ILE H 164 -58.52 23.08 -18.12
C ILE H 164 -58.80 21.58 -17.96
N LEU H 165 -57.74 20.78 -17.92
CA LEU H 165 -57.86 19.34 -17.75
C LEU H 165 -58.61 19.01 -16.47
N ASP H 166 -58.29 19.75 -15.39
CA ASP H 166 -58.95 19.57 -14.10
C ASP H 166 -60.44 19.90 -14.20
N THR H 167 -60.77 20.92 -14.97
CA THR H 167 -62.15 21.32 -15.18
C THR H 167 -62.92 20.18 -15.85
N LEU H 168 -62.28 19.52 -16.81
CA LEU H 168 -62.88 18.39 -17.50
C LEU H 168 -63.18 17.25 -16.53
N ASP H 169 -62.24 17.01 -15.61
CA ASP H 169 -62.41 15.99 -14.58
C ASP H 169 -63.67 16.24 -13.76
N VAL H 170 -63.85 17.48 -13.33
CA VAL H 170 -64.99 17.84 -12.51
C VAL H 170 -66.29 17.85 -13.31
N MET H 171 -66.20 18.21 -14.58
CA MET H 171 -67.36 18.16 -15.48
C MET H 171 -67.86 16.72 -15.57
N ALA H 172 -66.91 15.78 -15.53
CA ALA H 172 -67.25 14.36 -15.59
C ALA H 172 -67.82 13.85 -14.26
N TYR H 173 -67.43 14.49 -13.15
CA TYR H 173 -67.99 14.11 -11.84
C TYR H 173 -69.46 14.47 -11.83
N ASN H 174 -69.77 15.66 -12.32
CA ASN H 174 -71.14 16.02 -12.62
C ASN H 174 -71.39 15.30 -13.94
N LYS H 175 -72.35 15.73 -14.72
CA LYS H 175 -72.56 15.07 -16.00
C LYS H 175 -72.64 15.98 -17.20
N LEU H 176 -71.80 17.02 -17.20
CA LEU H 176 -71.69 17.91 -18.33
C LEU H 176 -70.86 17.21 -19.39
N ASN H 177 -71.33 17.23 -20.63
CA ASN H 177 -70.65 16.53 -21.72
C ASN H 177 -70.21 17.42 -22.87
N VAL H 178 -70.36 18.73 -22.70
CA VAL H 178 -69.95 19.69 -23.73
C VAL H 178 -69.04 20.77 -23.15
N PHE H 179 -67.79 20.79 -23.58
CA PHE H 179 -66.86 21.82 -23.13
C PHE H 179 -66.82 22.97 -24.13
N HIS H 180 -67.57 24.03 -23.83
CA HIS H 180 -67.65 25.21 -24.68
C HIS H 180 -66.32 25.98 -24.66
N TRP H 181 -65.39 25.53 -25.49
CA TRP H 181 -64.07 26.13 -25.60
C TRP H 181 -64.23 27.54 -26.19
N HIS H 182 -63.78 28.56 -25.45
CA HIS H 182 -63.82 29.94 -25.96
C HIS H 182 -62.39 30.48 -26.01
N LEU H 183 -61.62 29.95 -26.95
CA LEU H 183 -60.19 30.24 -27.05
C LEU H 183 -59.82 31.73 -27.09
N VAL H 184 -60.42 32.47 -28.02
CA VAL H 184 -60.02 33.84 -28.26
C VAL H 184 -61.13 34.88 -28.07
N ASP H 185 -60.73 36.14 -27.97
CA ASP H 185 -61.65 37.27 -27.82
C ASP H 185 -60.82 38.57 -27.85
N ASP H 186 -61.49 39.71 -27.65
CA ASP H 186 -60.86 41.04 -27.70
C ASP H 186 -59.41 41.14 -27.17
N PRO H 187 -59.22 40.88 -25.85
CA PRO H 187 -57.90 41.09 -25.23
C PRO H 187 -56.74 40.24 -25.79
N SER H 188 -56.94 38.93 -25.95
CA SER H 188 -55.85 38.06 -26.38
C SER H 188 -56.24 36.95 -27.35
N PHE H 189 -55.23 36.43 -28.05
CA PHE H 189 -55.40 35.33 -29.00
C PHE H 189 -54.32 34.29 -28.68
N PRO H 190 -54.60 33.41 -27.68
CA PRO H 190 -53.63 32.42 -27.23
C PRO H 190 -53.48 31.19 -28.14
N TYR H 191 -54.47 30.94 -29.00
CA TYR H 191 -54.45 29.78 -29.90
C TYR H 191 -53.41 29.92 -31.00
N GLU H 192 -52.63 28.86 -31.21
CA GLU H 192 -51.61 28.86 -32.25
C GLU H 192 -52.15 28.24 -33.54
N SER H 193 -52.06 29.01 -34.63
CA SER H 193 -52.53 28.56 -35.93
C SER H 193 -51.35 28.32 -36.87
N PHE H 194 -51.43 27.28 -37.69
CA PHE H 194 -50.37 27.01 -38.66
C PHE H 194 -50.66 27.61 -40.04
N THR H 195 -51.92 27.96 -40.30
CA THR H 195 -52.28 28.64 -41.54
C THR H 195 -51.97 30.14 -41.41
N PHE H 196 -52.09 30.65 -40.19
CA PHE H 196 -51.75 32.04 -39.89
C PHE H 196 -51.04 32.12 -38.54
N PRO H 197 -49.71 31.95 -38.56
CA PRO H 197 -48.87 31.94 -37.36
C PRO H 197 -48.74 33.31 -36.68
N GLU H 198 -49.12 34.37 -37.39
CA GLU H 198 -48.98 35.72 -36.84
C GLU H 198 -50.14 36.12 -35.93
N LEU H 199 -51.21 35.33 -35.93
CA LEU H 199 -52.36 35.56 -35.05
C LEU H 199 -51.95 35.36 -33.60
N MET H 200 -51.25 34.27 -33.34
CA MET H 200 -50.77 33.97 -32.01
C MET H 200 -49.57 34.85 -31.67
N ARG H 201 -48.70 35.07 -32.66
CA ARG H 201 -47.50 35.87 -32.48
C ARG H 201 -47.76 37.31 -32.05
N LYS H 202 -48.82 37.92 -32.55
CA LYS H 202 -49.13 39.31 -32.24
C LYS H 202 -50.36 39.51 -31.34
N GLY H 203 -51.19 38.48 -31.22
CA GLY H 203 -52.45 38.58 -30.47
C GLY H 203 -52.43 38.07 -29.03
N SER H 204 -51.42 37.30 -28.67
CA SER H 204 -51.35 36.71 -27.33
C SER H 204 -50.68 37.63 -26.31
N TYR H 205 -51.02 37.43 -25.03
CA TYR H 205 -50.40 38.19 -23.94
C TYR H 205 -48.88 38.00 -23.99
N ASN H 206 -48.47 36.74 -24.14
CA ASN H 206 -47.06 36.39 -24.22
C ASN H 206 -46.92 35.17 -25.14
N PRO H 207 -46.23 35.34 -26.27
CA PRO H 207 -46.11 34.31 -27.32
C PRO H 207 -45.23 33.10 -26.96
N VAL H 208 -45.02 32.84 -25.67
CA VAL H 208 -44.23 31.68 -25.27
C VAL H 208 -44.81 30.96 -24.03
N THR H 209 -45.31 31.74 -23.07
CA THR H 209 -45.88 31.16 -21.86
C THR H 209 -47.39 30.95 -21.99
N HIS H 210 -48.12 32.04 -22.23
CA HIS H 210 -49.57 31.99 -22.35
C HIS H 210 -50.01 31.57 -23.75
N ILE H 211 -49.71 30.32 -24.12
CA ILE H 211 -50.00 29.81 -25.47
C ILE H 211 -50.64 28.42 -25.47
N TYR H 212 -51.55 28.20 -26.42
CA TYR H 212 -52.15 26.89 -26.62
C TYR H 212 -51.62 26.30 -27.93
N THR H 213 -50.66 25.39 -27.82
CA THR H 213 -50.05 24.77 -28.99
C THR H 213 -50.94 23.68 -29.57
N ALA H 214 -50.54 23.15 -30.72
CA ALA H 214 -51.27 22.05 -31.36
C ALA H 214 -51.36 20.87 -30.40
N GLN H 215 -50.22 20.54 -29.78
CA GLN H 215 -50.15 19.47 -28.79
C GLN H 215 -51.22 19.67 -27.71
N ASP H 216 -51.23 20.87 -27.13
CA ASP H 216 -52.19 21.22 -26.08
C ASP H 216 -53.63 20.99 -26.51
N VAL H 217 -53.97 21.48 -27.70
CA VAL H 217 -55.32 21.34 -28.23
C VAL H 217 -55.67 19.86 -28.42
N LYS H 218 -54.73 19.08 -28.93
CA LYS H 218 -54.95 17.65 -29.13
C LYS H 218 -55.24 16.96 -27.81
N GLU H 219 -54.41 17.24 -26.81
CA GLU H 219 -54.56 16.61 -25.49
C GLU H 219 -55.89 16.97 -24.83
N VAL H 220 -56.30 18.23 -24.96
CA VAL H 220 -57.58 18.68 -24.40
C VAL H 220 -58.75 17.90 -25.01
N ILE H 221 -58.72 17.73 -26.33
CA ILE H 221 -59.79 17.04 -27.04
C ILE H 221 -59.82 15.53 -26.73
N GLU H 222 -58.65 14.94 -26.52
CA GLU H 222 -58.56 13.52 -26.20
C GLU H 222 -58.89 13.27 -24.72
N TYR H 223 -58.39 14.15 -23.86
CA TYR H 223 -58.64 14.05 -22.42
C TYR H 223 -60.14 14.14 -22.16
N ALA H 224 -60.80 15.03 -22.88
CA ALA H 224 -62.24 15.21 -22.76
C ALA H 224 -62.97 14.02 -23.34
N ARG H 225 -62.45 13.50 -24.45
CA ARG H 225 -63.06 12.36 -25.12
C ARG H 225 -63.14 11.16 -24.18
N LEU H 226 -62.06 10.91 -23.45
CA LEU H 226 -62.00 9.78 -22.52
C LEU H 226 -63.03 9.87 -21.41
N ARG H 227 -63.54 11.08 -21.17
CA ARG H 227 -64.55 11.29 -20.13
C ARG H 227 -65.92 11.60 -20.70
N GLY H 228 -66.08 11.34 -22.01
CA GLY H 228 -67.35 11.54 -22.69
C GLY H 228 -67.71 13.01 -22.84
N ILE H 229 -66.71 13.83 -23.10
CA ILE H 229 -66.92 15.27 -23.25
C ILE H 229 -66.51 15.75 -24.64
N ARG H 230 -67.42 16.46 -25.31
CA ARG H 230 -67.14 17.00 -26.63
C ARG H 230 -66.47 18.35 -26.50
N VAL H 231 -65.57 18.65 -27.43
CA VAL H 231 -64.89 19.94 -27.45
C VAL H 231 -65.50 20.84 -28.51
N LEU H 232 -66.27 21.83 -28.05
CA LEU H 232 -66.96 22.77 -28.93
C LEU H 232 -66.22 24.10 -28.93
N ALA H 233 -65.47 24.37 -29.99
CA ALA H 233 -64.68 25.59 -30.09
C ALA H 233 -65.50 26.80 -30.55
N GLU H 234 -65.09 27.99 -30.10
CA GLU H 234 -65.77 29.22 -30.48
C GLU H 234 -64.77 30.31 -30.84
N PHE H 235 -64.78 30.72 -32.10
CA PHE H 235 -63.93 31.81 -32.58
C PHE H 235 -64.79 32.99 -33.00
N ASP H 236 -65.10 33.87 -32.04
CA ASP H 236 -65.96 35.05 -32.29
C ASP H 236 -65.64 35.84 -33.54
N THR H 237 -66.68 36.13 -34.31
CA THR H 237 -66.63 36.95 -35.51
C THR H 237 -68.02 37.51 -35.77
N PRO H 238 -68.12 38.76 -36.27
CA PRO H 238 -67.00 39.65 -36.56
C PRO H 238 -66.62 40.49 -35.35
N GLY H 239 -67.43 40.45 -34.30
CA GLY H 239 -67.15 41.19 -33.07
C GLY H 239 -66.21 40.42 -32.18
N HIS H 240 -65.69 41.10 -31.15
CA HIS H 240 -64.75 40.49 -30.21
C HIS H 240 -63.48 40.03 -30.90
N THR H 241 -62.99 40.83 -31.85
CA THR H 241 -61.85 40.45 -32.66
C THR H 241 -60.70 41.46 -32.63
N LEU H 242 -60.48 42.09 -31.49
CA LEU H 242 -59.38 43.04 -31.35
C LEU H 242 -58.02 42.34 -31.42
N SER H 243 -57.94 41.17 -30.81
CA SER H 243 -56.70 40.38 -30.80
C SER H 243 -56.39 39.84 -32.20
N TRP H 244 -57.43 39.63 -32.99
CA TRP H 244 -57.28 39.16 -34.36
C TRP H 244 -56.56 40.23 -35.18
N GLY H 245 -56.86 41.50 -34.86
CA GLY H 245 -56.29 42.66 -35.56
C GLY H 245 -54.84 42.52 -35.99
N PRO H 246 -53.91 42.65 -35.03
CA PRO H 246 -52.48 42.51 -35.33
C PRO H 246 -52.18 41.11 -35.89
N GLY H 247 -51.09 40.99 -36.64
CA GLY H 247 -50.71 39.72 -37.25
C GLY H 247 -51.27 39.57 -38.65
N ILE H 248 -52.59 39.72 -38.77
CA ILE H 248 -53.26 39.69 -40.06
C ILE H 248 -53.85 41.08 -40.34
N PRO H 249 -53.11 41.90 -41.09
CA PRO H 249 -53.47 43.30 -41.37
C PRO H 249 -54.66 43.43 -42.31
N GLY H 250 -55.40 44.54 -42.17
CA GLY H 250 -56.54 44.81 -43.03
C GLY H 250 -57.82 44.11 -42.62
N LEU H 251 -57.70 43.16 -41.68
CA LEU H 251 -58.85 42.40 -41.22
C LEU H 251 -59.85 43.27 -40.47
N LEU H 252 -59.35 44.07 -39.53
CA LEU H 252 -60.21 44.93 -38.73
C LEU H 252 -60.56 46.24 -39.44
N THR H 253 -61.70 46.81 -39.07
CA THR H 253 -62.18 48.04 -39.65
C THR H 253 -61.65 49.26 -38.90
N PRO H 254 -60.84 50.10 -39.57
CA PRO H 254 -60.36 51.32 -38.94
C PRO H 254 -61.51 52.32 -38.83
N CYS H 255 -61.76 52.81 -37.62
CA CYS H 255 -62.86 53.74 -37.38
C CYS H 255 -62.51 55.16 -37.82
N TYR H 256 -63.53 56.00 -37.96
CA TYR H 256 -63.36 57.39 -38.38
C TYR H 256 -64.06 58.35 -37.44
N SER H 257 -63.44 59.50 -37.19
CA SER H 257 -64.04 60.54 -36.36
C SER H 257 -65.17 61.21 -37.13
N GLY H 258 -64.86 61.64 -38.34
CA GLY H 258 -65.84 62.26 -39.22
C GLY H 258 -65.54 61.93 -40.66
N SER H 259 -64.31 62.24 -41.08
CA SER H 259 -63.87 61.96 -42.44
C SER H 259 -62.37 61.74 -42.53
N GLU H 260 -61.76 61.29 -41.42
CA GLU H 260 -60.30 61.01 -41.41
C GLU H 260 -59.65 60.90 -40.04
N PRO H 261 -59.30 59.67 -39.60
CA PRO H 261 -59.58 58.27 -39.73
C PRO H 261 -59.17 57.67 -38.34
N SER H 262 -59.73 58.25 -37.26
CA SER H 262 -59.34 57.96 -35.85
C SER H 262 -58.06 57.12 -35.64
N GLY H 263 -58.22 55.89 -35.19
CA GLY H 263 -57.09 55.01 -34.91
C GLY H 263 -57.53 53.72 -34.23
N THR H 264 -58.66 53.81 -33.52
CA THR H 264 -59.25 52.64 -32.87
C THR H 264 -59.90 51.75 -33.92
N PHE H 265 -59.81 50.44 -33.73
CA PHE H 265 -60.38 49.49 -34.68
C PHE H 265 -61.65 48.85 -34.14
N GLY H 266 -62.62 48.67 -35.04
CA GLY H 266 -63.88 48.03 -34.67
C GLY H 266 -63.83 46.54 -34.95
N PRO H 267 -64.97 45.97 -35.40
CA PRO H 267 -65.03 44.54 -35.70
C PRO H 267 -64.33 44.21 -37.03
N VAL H 268 -64.59 43.01 -37.55
CA VAL H 268 -63.98 42.56 -38.80
C VAL H 268 -64.61 43.24 -40.02
N ASN H 269 -63.76 43.72 -40.92
CA ASN H 269 -64.19 44.38 -42.16
C ASN H 269 -64.91 43.39 -43.09
N PRO H 270 -66.23 43.57 -43.28
CA PRO H 270 -67.04 42.64 -44.06
C PRO H 270 -67.20 43.00 -45.54
N SER H 271 -66.40 43.94 -46.04
CA SER H 271 -66.50 44.36 -47.43
C SER H 271 -65.27 43.96 -48.26
N LEU H 272 -64.18 43.65 -47.58
CA LEU H 272 -62.94 43.27 -48.25
C LEU H 272 -62.92 41.80 -48.68
N ASN H 273 -62.12 41.49 -49.70
CA ASN H 273 -62.00 40.11 -50.18
C ASN H 273 -61.07 39.27 -49.32
N ASN H 274 -59.97 39.87 -48.87
CA ASN H 274 -59.01 39.16 -48.01
C ASN H 274 -59.66 38.70 -46.71
N THR H 275 -60.75 39.36 -46.35
CA THR H 275 -61.50 39.00 -45.16
C THR H 275 -62.04 37.59 -45.27
N TYR H 276 -62.51 37.23 -46.46
CA TYR H 276 -63.10 35.92 -46.68
C TYR H 276 -62.08 34.84 -47.05
N GLU H 277 -60.94 35.25 -47.60
CA GLU H 277 -59.84 34.32 -47.85
C GLU H 277 -59.30 33.83 -46.51
N PHE H 278 -59.03 34.79 -45.63
CA PHE H 278 -58.58 34.50 -44.28
C PHE H 278 -59.59 33.65 -43.53
N MET H 279 -60.86 34.01 -43.67
CA MET H 279 -61.95 33.31 -42.97
C MET H 279 -62.19 31.92 -43.58
N SER H 280 -61.64 31.68 -44.77
CA SER H 280 -61.77 30.39 -45.43
C SER H 280 -60.58 29.49 -45.12
N THR H 281 -59.39 30.07 -45.12
CA THR H 281 -58.15 29.34 -44.84
C THR H 281 -58.03 28.99 -43.36
N PHE H 282 -58.53 29.89 -42.50
CA PHE H 282 -58.45 29.70 -41.06
C PHE H 282 -59.49 28.71 -40.55
N PHE H 283 -60.75 28.88 -40.97
CA PHE H 283 -61.82 27.99 -40.50
C PHE H 283 -61.75 26.57 -41.05
N LEU H 284 -60.97 26.38 -42.11
CA LEU H 284 -60.74 25.04 -42.64
C LEU H 284 -59.82 24.33 -41.64
N GLU H 285 -58.83 25.08 -41.15
CA GLU H 285 -57.92 24.57 -40.14
C GLU H 285 -58.66 24.22 -38.87
N VAL H 286 -59.52 25.14 -38.42
CA VAL H 286 -60.31 24.94 -37.22
C VAL H 286 -61.17 23.68 -37.33
N SER H 287 -61.77 23.48 -38.50
CA SER H 287 -62.60 22.31 -38.74
C SER H 287 -61.77 21.03 -38.92
N SER H 288 -60.47 21.21 -39.15
CA SER H 288 -59.56 20.08 -39.29
C SER H 288 -58.91 19.71 -37.95
N VAL H 289 -58.93 20.65 -37.01
CA VAL H 289 -58.37 20.41 -35.68
C VAL H 289 -59.46 19.91 -34.72
N PHE H 290 -60.61 20.57 -34.72
CA PHE H 290 -61.73 20.18 -33.87
C PHE H 290 -62.64 19.18 -34.60
N PRO H 291 -62.65 17.93 -34.13
CA PRO H 291 -63.39 16.83 -34.77
C PRO H 291 -64.90 16.87 -34.57
N ASP H 292 -65.37 17.59 -33.55
CA ASP H 292 -66.82 17.62 -33.26
C ASP H 292 -67.62 18.13 -34.47
N PHE H 293 -68.81 17.56 -34.65
CA PHE H 293 -69.67 17.92 -35.78
C PHE H 293 -70.15 19.38 -35.74
N TYR H 294 -70.22 19.94 -34.53
CA TYR H 294 -70.67 21.33 -34.38
C TYR H 294 -69.54 22.30 -34.07
N LEU H 295 -69.75 23.56 -34.43
CA LEU H 295 -68.78 24.63 -34.16
C LEU H 295 -69.52 25.90 -33.80
N HIS H 296 -69.01 26.63 -32.81
CA HIS H 296 -69.63 27.87 -32.41
C HIS H 296 -68.95 29.03 -33.14
N LEU H 297 -69.74 29.83 -33.84
CA LEU H 297 -69.19 30.94 -34.64
C LEU H 297 -69.29 32.30 -33.96
N GLY H 298 -70.17 32.42 -32.97
CA GLY H 298 -70.31 33.64 -32.21
C GLY H 298 -71.39 34.56 -32.70
N GLY H 299 -70.99 35.73 -33.20
CA GLY H 299 -71.94 36.72 -33.71
C GLY H 299 -72.62 37.52 -32.61
N ASP H 300 -72.05 37.49 -31.41
CA ASP H 300 -72.62 38.21 -30.27
C ASP H 300 -72.23 39.68 -30.25
N GLU H 301 -73.13 40.52 -29.76
CA GLU H 301 -72.90 41.96 -29.61
C GLU H 301 -71.90 42.57 -30.59
N VAL H 302 -72.38 42.83 -31.81
CA VAL H 302 -71.56 43.42 -32.86
C VAL H 302 -71.84 44.93 -32.96
N ASP H 303 -70.78 45.73 -32.99
CA ASP H 303 -70.92 47.18 -33.07
C ASP H 303 -71.03 47.67 -34.51
N PHE H 304 -72.11 48.41 -34.79
CA PHE H 304 -72.34 48.96 -36.13
C PHE H 304 -71.76 50.37 -36.27
N THR H 305 -71.29 50.92 -35.14
CA THR H 305 -70.78 52.29 -35.11
C THR H 305 -69.53 52.51 -35.98
N CYS H 306 -68.60 51.56 -35.93
CA CYS H 306 -67.35 51.71 -36.69
C CYS H 306 -67.56 51.55 -38.21
N TRP H 307 -68.48 50.67 -38.60
CA TRP H 307 -68.79 50.48 -40.03
C TRP H 307 -69.44 51.74 -40.61
N LYS H 308 -70.34 52.34 -39.84
CA LYS H 308 -71.06 53.54 -40.25
C LYS H 308 -70.11 54.73 -40.46
N SER H 309 -69.12 54.84 -39.57
CA SER H 309 -68.16 55.93 -39.65
C SER H 309 -67.21 55.76 -40.83
N ASN H 310 -66.93 54.51 -41.18
CA ASN H 310 -66.02 54.20 -42.28
C ASN H 310 -66.65 54.50 -43.66
N PRO H 311 -66.03 55.43 -44.41
CA PRO H 311 -66.51 55.83 -45.73
C PRO H 311 -66.32 54.75 -46.80
N GLU H 312 -65.17 54.07 -46.75
CA GLU H 312 -64.86 53.00 -47.70
C GLU H 312 -65.93 51.90 -47.63
N ILE H 313 -66.59 51.81 -46.47
CA ILE H 313 -67.66 50.84 -46.27
C ILE H 313 -69.01 51.38 -46.77
N GLN H 314 -69.28 52.66 -46.49
CA GLN H 314 -70.52 53.30 -46.97
C GLN H 314 -70.67 53.19 -48.47
N ASP H 315 -69.54 53.07 -49.17
CA ASP H 315 -69.52 52.86 -50.60
C ASP H 315 -70.17 51.51 -50.91
N PHE H 316 -69.72 50.48 -50.18
CA PHE H 316 -70.22 49.12 -50.37
C PHE H 316 -71.68 48.96 -49.92
N MET H 317 -72.12 49.83 -49.01
CA MET H 317 -73.49 49.79 -48.49
C MET H 317 -74.53 49.98 -49.58
N ARG H 318 -74.37 51.04 -50.38
CA ARG H 318 -75.32 51.35 -51.45
C ARG H 318 -75.10 50.47 -52.68
N LYS H 319 -73.92 49.86 -52.79
CA LYS H 319 -73.62 48.96 -53.89
C LYS H 319 -74.56 47.76 -53.90
N LYS H 320 -74.65 47.09 -52.75
CA LYS H 320 -75.51 45.92 -52.60
C LYS H 320 -76.95 46.33 -52.31
N GLY H 321 -77.17 47.63 -52.15
CA GLY H 321 -78.51 48.15 -51.90
C GLY H 321 -78.94 48.07 -50.45
N PHE H 322 -77.98 47.97 -49.53
CA PHE H 322 -78.29 47.91 -48.11
C PHE H 322 -78.73 49.28 -47.60
N GLY H 323 -77.99 50.31 -47.97
CA GLY H 323 -78.32 51.68 -47.61
C GLY H 323 -78.15 52.02 -46.14
N GLU H 324 -79.27 52.20 -45.44
CA GLU H 324 -79.25 52.58 -44.03
C GLU H 324 -79.05 51.40 -43.07
N ASP H 325 -79.88 50.37 -43.20
CA ASP H 325 -79.86 49.24 -42.28
C ASP H 325 -78.54 48.45 -42.31
N PHE H 326 -77.83 48.44 -41.19
CA PHE H 326 -76.58 47.72 -41.07
C PHE H 326 -76.80 46.29 -40.59
N LYS H 327 -77.98 46.03 -40.05
CA LYS H 327 -78.33 44.70 -39.56
C LYS H 327 -78.29 43.67 -40.68
N GLN H 328 -78.48 44.15 -41.91
CA GLN H 328 -78.43 43.27 -43.07
C GLN H 328 -77.05 43.29 -43.74
N LEU H 329 -76.17 44.15 -43.24
CA LEU H 329 -74.79 44.19 -43.73
C LEU H 329 -74.04 42.99 -43.19
N GLU H 330 -74.16 42.77 -41.88
CA GLU H 330 -73.54 41.61 -41.25
C GLU H 330 -74.28 40.34 -41.66
N SER H 331 -75.55 40.50 -42.03
CA SER H 331 -76.35 39.39 -42.50
C SER H 331 -75.67 38.75 -43.71
N PHE H 332 -75.15 39.60 -44.59
CA PHE H 332 -74.40 39.14 -45.75
C PHE H 332 -73.13 38.41 -45.32
N TYR H 333 -72.46 38.95 -44.30
CA TYR H 333 -71.23 38.36 -43.78
C TYR H 333 -71.48 37.02 -43.07
N ILE H 334 -72.47 37.01 -42.19
CA ILE H 334 -72.81 35.81 -41.42
C ILE H 334 -73.23 34.66 -42.34
N GLN H 335 -74.03 34.98 -43.36
CA GLN H 335 -74.47 33.97 -44.33
C GLN H 335 -73.28 33.40 -45.10
N THR H 336 -72.33 34.27 -45.45
CA THR H 336 -71.14 33.85 -46.17
C THR H 336 -70.30 32.91 -45.31
N LEU H 337 -70.08 33.30 -44.06
CA LEU H 337 -69.30 32.49 -43.13
C LEU H 337 -69.92 31.12 -42.92
N LEU H 338 -71.24 31.10 -42.76
CA LEU H 338 -71.97 29.85 -42.54
C LEU H 338 -71.93 28.93 -43.76
N ASP H 339 -71.79 29.53 -44.95
CA ASP H 339 -71.68 28.76 -46.19
C ASP H 339 -70.35 28.02 -46.24
N ILE H 340 -69.27 28.75 -45.99
CA ILE H 340 -67.94 28.18 -45.97
C ILE H 340 -67.90 26.97 -45.03
N VAL H 341 -68.49 27.15 -43.85
CA VAL H 341 -68.56 26.08 -42.85
C VAL H 341 -69.51 24.95 -43.28
N SER H 342 -70.66 25.34 -43.81
CA SER H 342 -71.67 24.36 -44.26
C SER H 342 -71.12 23.35 -45.26
N SER H 343 -70.08 23.74 -45.98
CA SER H 343 -69.47 22.88 -46.99
C SER H 343 -68.35 22.01 -46.42
N TYR H 344 -68.08 22.15 -45.12
CA TYR H 344 -67.08 21.31 -44.45
C TYR H 344 -67.73 20.19 -43.66
N GLY H 345 -69.04 20.04 -43.82
CA GLY H 345 -69.80 19.02 -43.10
C GLY H 345 -69.81 19.29 -41.61
N LYS H 346 -69.90 20.56 -41.24
CA LYS H 346 -69.87 20.97 -39.84
C LYS H 346 -71.15 21.69 -39.44
N GLY H 347 -71.71 21.30 -38.30
CA GLY H 347 -72.87 21.98 -37.73
C GLY H 347 -72.46 23.30 -37.14
N TYR H 348 -73.43 24.17 -36.84
CA TYR H 348 -73.11 25.50 -36.34
C TYR H 348 -74.03 26.04 -35.26
N VAL H 349 -73.41 26.50 -34.17
CA VAL H 349 -74.14 27.14 -33.07
C VAL H 349 -73.76 28.61 -33.08
N VAL H 350 -74.75 29.47 -32.86
CA VAL H 350 -74.52 30.90 -32.88
C VAL H 350 -75.31 31.62 -31.77
N TRP H 351 -74.78 32.74 -31.28
CA TRP H 351 -75.46 33.50 -30.22
C TRP H 351 -76.81 34.04 -30.69
N GLN H 352 -77.60 34.55 -29.75
CA GLN H 352 -78.98 34.97 -30.06
C GLN H 352 -79.11 36.23 -30.92
N GLU H 353 -78.05 37.05 -30.98
CA GLU H 353 -78.08 38.28 -31.78
C GLU H 353 -78.39 37.98 -33.25
N VAL H 354 -77.82 36.89 -33.75
CA VAL H 354 -78.04 36.47 -35.12
C VAL H 354 -79.53 36.25 -35.41
N PHE H 355 -80.18 35.46 -34.57
CA PHE H 355 -81.61 35.18 -34.73
C PHE H 355 -82.45 36.44 -34.51
N ASP H 356 -81.99 37.32 -33.62
CA ASP H 356 -82.69 38.56 -33.33
C ASP H 356 -82.65 39.54 -34.51
N ASN H 357 -81.48 39.63 -35.16
CA ASN H 357 -81.34 40.47 -36.35
C ASN H 357 -81.92 39.72 -37.55
N LYS H 358 -82.60 38.62 -37.26
CA LYS H 358 -83.26 37.76 -38.25
C LYS H 358 -82.57 37.61 -39.60
N VAL H 359 -81.28 37.31 -39.56
CA VAL H 359 -80.55 36.97 -40.77
C VAL H 359 -80.88 35.51 -41.11
N LYS H 360 -81.63 35.32 -42.18
CA LYS H 360 -82.06 33.98 -42.59
C LYS H 360 -80.90 33.04 -42.89
N ILE H 361 -81.02 31.79 -42.44
CA ILE H 361 -79.98 30.79 -42.65
C ILE H 361 -80.50 29.36 -42.39
N GLN H 362 -79.67 28.36 -42.69
CA GLN H 362 -80.04 26.95 -42.56
C GLN H 362 -80.90 26.64 -41.34
N PRO H 363 -81.97 25.85 -41.54
CA PRO H 363 -82.90 25.46 -40.48
C PRO H 363 -82.27 24.49 -39.48
N ASP H 364 -80.97 24.24 -39.61
CA ASP H 364 -80.24 23.35 -38.71
C ASP H 364 -79.51 24.14 -37.62
N THR H 365 -79.31 25.44 -37.87
CA THR H 365 -78.58 26.31 -36.95
C THR H 365 -79.15 26.29 -35.53
N ILE H 366 -78.26 26.14 -34.55
CA ILE H 366 -78.65 26.15 -33.14
C ILE H 366 -78.47 27.55 -32.56
N ILE H 367 -79.54 28.10 -31.99
CA ILE H 367 -79.51 29.43 -31.39
C ILE H 367 -79.28 29.36 -29.89
N GLN H 368 -78.19 29.98 -29.43
CA GLN H 368 -77.88 30.00 -28.01
C GLN H 368 -78.38 31.29 -27.35
N VAL H 369 -79.36 31.15 -26.47
CA VAL H 369 -79.95 32.29 -25.78
C VAL H 369 -79.11 32.70 -24.58
N TRP H 370 -78.66 33.95 -24.56
CA TRP H 370 -77.84 34.44 -23.45
C TRP H 370 -78.38 35.73 -22.82
N ARG H 371 -78.98 36.60 -23.64
CA ARG H 371 -79.56 37.85 -23.15
C ARG H 371 -80.77 37.59 -22.24
N GLU H 372 -80.88 38.37 -21.17
CA GLU H 372 -81.94 38.17 -20.19
C GLU H 372 -83.26 38.85 -20.52
N ASP H 373 -83.23 40.15 -20.80
CA ASP H 373 -84.46 40.92 -21.00
C ASP H 373 -84.60 41.62 -22.35
N ILE H 374 -83.49 41.91 -23.01
CA ILE H 374 -83.53 42.58 -24.32
C ILE H 374 -82.87 41.73 -25.41
N PRO H 375 -83.47 41.69 -26.61
CA PRO H 375 -84.70 42.41 -27.03
C PRO H 375 -85.94 41.96 -26.25
N VAL H 376 -85.99 40.69 -25.88
CA VAL H 376 -87.13 40.16 -25.14
C VAL H 376 -86.66 39.20 -24.04
N ASN H 377 -87.56 38.86 -23.12
CA ASN H 377 -87.23 37.95 -22.02
C ASN H 377 -86.73 36.61 -22.55
N TYR H 378 -85.77 36.00 -21.85
CA TYR H 378 -85.15 34.76 -22.33
C TYR H 378 -86.12 33.58 -22.47
N MET H 379 -87.19 33.59 -21.69
CA MET H 379 -88.23 32.56 -21.83
C MET H 379 -89.11 32.86 -23.03
N LYS H 380 -89.27 34.15 -23.32
CA LYS H 380 -89.99 34.61 -24.50
C LYS H 380 -89.12 34.39 -25.74
N GLU H 381 -87.81 34.49 -25.54
CA GLU H 381 -86.85 34.29 -26.61
C GLU H 381 -86.84 32.81 -27.05
N LEU H 382 -86.91 31.92 -26.06
CA LEU H 382 -86.96 30.49 -26.32
C LEU H 382 -88.23 30.13 -27.08
N GLU H 383 -89.30 30.89 -26.83
CA GLU H 383 -90.58 30.64 -27.49
C GLU H 383 -90.56 31.03 -28.96
N LEU H 384 -89.81 32.09 -29.28
CA LEU H 384 -89.67 32.54 -30.66
C LEU H 384 -88.76 31.64 -31.47
N VAL H 385 -87.60 31.30 -30.90
CA VAL H 385 -86.63 30.43 -31.58
C VAL H 385 -87.24 29.08 -31.93
N THR H 386 -87.99 28.51 -30.99
CA THR H 386 -88.64 27.22 -31.21
C THR H 386 -89.90 27.34 -32.06
N LYS H 387 -90.43 28.56 -32.16
CA LYS H 387 -91.60 28.81 -32.99
C LYS H 387 -91.18 28.88 -34.46
N ALA H 388 -89.93 29.25 -34.68
CA ALA H 388 -89.37 29.36 -36.02
C ALA H 388 -88.87 28.01 -36.54
N GLY H 389 -88.83 27.01 -35.66
CA GLY H 389 -88.40 25.67 -36.03
C GLY H 389 -86.92 25.42 -35.87
N PHE H 390 -86.28 26.19 -34.99
CA PHE H 390 -84.85 26.02 -34.72
C PHE H 390 -84.62 25.32 -33.39
N ARG H 391 -83.46 24.68 -33.25
CA ARG H 391 -83.08 24.04 -32.00
C ARG H 391 -82.46 25.07 -31.06
N ALA H 392 -83.03 25.20 -29.87
CA ALA H 392 -82.58 26.20 -28.91
C ALA H 392 -81.55 25.68 -27.91
N LEU H 393 -80.75 26.60 -27.38
CA LEU H 393 -79.73 26.26 -26.40
C LEU H 393 -79.71 27.33 -25.29
N LEU H 394 -80.40 27.03 -24.18
CA LEU H 394 -80.52 27.98 -23.07
C LEU H 394 -79.23 28.14 -22.27
N SER H 395 -78.90 29.39 -21.95
CA SER H 395 -77.67 29.70 -21.21
C SER H 395 -77.73 31.10 -20.58
N ALA H 396 -78.91 31.71 -20.59
CA ALA H 396 -79.08 33.08 -20.10
C ALA H 396 -78.96 33.27 -18.58
N PRO H 397 -79.76 32.54 -17.79
CA PRO H 397 -79.73 32.73 -16.34
C PRO H 397 -78.53 32.06 -15.67
N TRP H 398 -77.85 31.20 -16.40
CA TRP H 398 -76.71 30.49 -15.85
C TRP H 398 -75.39 31.16 -16.12
N TYR H 399 -75.31 32.43 -15.78
CA TYR H 399 -74.09 33.15 -15.92
C TYR H 399 -73.28 33.14 -14.64
N LEU H 400 -72.22 32.33 -14.63
CA LEU H 400 -71.42 32.16 -13.43
C LEU H 400 -70.46 33.28 -13.22
N ASN H 401 -70.03 34.01 -14.22
CA ASN H 401 -69.17 35.15 -13.93
C ASN H 401 -69.88 36.20 -13.06
N ARG H 402 -71.20 36.28 -13.21
CA ARG H 402 -72.01 37.18 -12.39
C ARG H 402 -72.20 36.63 -10.98
N ILE H 403 -71.32 37.05 -10.06
CA ILE H 403 -71.36 36.56 -8.70
C ILE H 403 -72.22 37.43 -7.79
N SER H 404 -72.75 36.83 -6.73
CA SER H 404 -73.56 37.54 -5.75
C SER H 404 -73.46 36.85 -4.38
N TYR H 405 -73.71 37.62 -3.32
CA TYR H 405 -73.63 37.10 -1.96
C TYR H 405 -74.67 36.00 -1.72
N GLY H 406 -74.28 35.01 -0.92
CA GLY H 406 -75.19 33.94 -0.54
C GLY H 406 -75.26 32.79 -1.54
N PRO H 407 -76.20 31.86 -1.30
CA PRO H 407 -76.37 30.70 -2.15
C PRO H 407 -77.16 31.02 -3.42
N ASP H 408 -76.49 31.59 -4.41
CA ASP H 408 -77.13 31.92 -5.67
C ASP H 408 -77.29 30.69 -6.57
N TRP H 409 -76.82 29.55 -6.08
CA TRP H 409 -76.98 28.29 -6.81
C TRP H 409 -78.45 27.90 -6.84
N LYS H 410 -79.22 28.44 -5.89
CA LYS H 410 -80.65 28.20 -5.82
C LYS H 410 -81.38 28.87 -6.99
N ASP H 411 -80.78 29.93 -7.51
CA ASP H 411 -81.34 30.64 -8.66
C ASP H 411 -81.14 29.84 -9.94
N PHE H 412 -79.97 29.21 -10.07
CA PHE H 412 -79.67 28.41 -11.24
C PHE H 412 -80.44 27.09 -11.23
N TYR H 413 -80.67 26.55 -10.05
CA TYR H 413 -81.32 25.25 -9.89
C TYR H 413 -82.82 25.30 -10.11
N VAL H 414 -83.43 26.45 -9.85
CA VAL H 414 -84.89 26.59 -9.95
C VAL H 414 -85.36 26.89 -11.38
N VAL H 415 -84.40 27.15 -12.28
CA VAL H 415 -84.71 27.46 -13.68
C VAL H 415 -85.39 26.30 -14.40
N GLU H 416 -86.50 26.59 -15.07
CA GLU H 416 -87.21 25.60 -15.86
C GLU H 416 -87.19 25.98 -17.34
N PRO H 417 -86.38 25.27 -18.14
CA PRO H 417 -86.16 25.53 -19.57
C PRO H 417 -87.44 25.46 -20.42
N LEU H 418 -88.39 24.61 -20.03
CA LEU H 418 -89.61 24.44 -20.80
C LEU H 418 -90.81 25.16 -20.19
N ALA H 419 -90.55 26.17 -19.39
CA ALA H 419 -91.61 26.94 -18.75
C ALA H 419 -92.12 28.08 -19.64
N PHE H 420 -92.41 27.75 -20.89
CA PHE H 420 -92.94 28.71 -21.85
C PHE H 420 -94.09 28.08 -22.63
N GLU H 421 -95.03 28.92 -23.08
CA GLU H 421 -96.20 28.42 -23.80
C GLU H 421 -95.84 27.94 -25.21
N GLY H 422 -95.89 26.62 -25.40
CA GLY H 422 -95.56 26.03 -26.70
C GLY H 422 -96.08 24.60 -26.84
N THR H 423 -95.99 24.06 -28.06
CA THR H 423 -96.46 22.71 -28.35
C THR H 423 -95.38 21.65 -28.06
N PRO H 424 -95.80 20.38 -27.85
CA PRO H 424 -94.90 19.27 -27.57
C PRO H 424 -93.64 19.25 -28.44
N GLU H 425 -93.82 19.06 -29.75
CA GLU H 425 -92.69 19.01 -30.69
C GLU H 425 -91.97 20.35 -30.85
N GLN H 426 -92.56 21.41 -30.32
CA GLN H 426 -91.94 22.73 -30.34
C GLN H 426 -90.94 22.83 -29.19
N LYS H 427 -91.33 22.33 -28.02
CA LYS H 427 -90.46 22.33 -26.85
C LYS H 427 -89.36 21.29 -26.98
N ALA H 428 -89.58 20.31 -27.86
CA ALA H 428 -88.60 19.27 -28.12
C ALA H 428 -87.38 19.85 -28.82
N LEU H 429 -87.56 21.02 -29.44
CA LEU H 429 -86.48 21.70 -30.14
C LEU H 429 -85.41 22.20 -29.18
N VAL H 430 -85.78 22.36 -27.91
CA VAL H 430 -84.83 22.75 -26.88
C VAL H 430 -84.00 21.52 -26.50
N ILE H 431 -82.69 21.58 -26.77
CA ILE H 431 -81.81 20.45 -26.55
C ILE H 431 -80.89 20.59 -25.33
N GLY H 432 -81.22 21.53 -24.44
CA GLY H 432 -80.43 21.75 -23.23
C GLY H 432 -79.79 23.13 -23.18
N GLY H 433 -78.62 23.20 -22.57
CA GLY H 433 -77.91 24.48 -22.44
C GLY H 433 -76.53 24.38 -21.83
N GLU H 434 -75.96 25.53 -21.47
CA GLU H 434 -74.63 25.60 -20.90
C GLU H 434 -74.53 26.62 -19.77
N ALA H 435 -73.54 26.44 -18.91
CA ALA H 435 -73.23 27.40 -17.87
C ALA H 435 -71.97 28.13 -18.31
N CYS H 436 -71.97 29.45 -18.17
CA CYS H 436 -70.85 30.26 -18.66
C CYS H 436 -69.94 30.78 -17.56
N MET H 437 -68.64 30.77 -17.82
CA MET H 437 -67.64 31.27 -16.89
C MET H 437 -66.70 32.21 -17.64
N TRP H 438 -67.16 33.44 -17.88
CA TRP H 438 -66.36 34.44 -18.58
C TRP H 438 -65.19 34.91 -17.71
N GLY H 439 -64.05 35.19 -18.35
CA GLY H 439 -62.81 35.46 -17.62
C GLY H 439 -62.46 36.89 -17.27
N GLU H 440 -63.43 37.81 -17.37
CA GLU H 440 -63.17 39.21 -17.00
C GLU H 440 -62.46 39.32 -15.66
N TYR H 441 -62.97 38.60 -14.66
CA TYR H 441 -62.41 38.67 -13.32
C TYR H 441 -62.06 37.27 -12.80
N VAL H 442 -61.82 36.34 -13.73
CA VAL H 442 -61.53 34.97 -13.37
C VAL H 442 -60.31 34.40 -14.08
N ASP H 443 -59.40 33.80 -13.32
CA ASP H 443 -58.26 33.11 -13.90
C ASP H 443 -57.82 31.92 -13.03
N ASN H 444 -56.60 31.45 -13.26
CA ASN H 444 -56.05 30.30 -12.52
C ASN H 444 -56.13 30.44 -10.99
N THR H 445 -56.37 31.66 -10.52
CA THR H 445 -56.36 31.94 -9.08
C THR H 445 -57.71 31.73 -8.37
N ASN H 446 -58.81 31.99 -9.07
CA ASN H 446 -60.14 31.88 -8.44
C ASN H 446 -61.17 31.11 -9.26
N LEU H 447 -60.70 30.41 -10.29
CA LEU H 447 -61.58 29.66 -11.19
C LEU H 447 -62.35 28.53 -10.50
N VAL H 448 -61.59 27.59 -9.93
CA VAL H 448 -62.18 26.40 -9.31
C VAL H 448 -63.27 26.68 -8.26
N PRO H 449 -62.96 27.53 -7.26
CA PRO H 449 -63.95 27.81 -6.21
C PRO H 449 -65.21 28.50 -6.76
N ARG H 450 -65.04 29.29 -7.81
CA ARG H 450 -66.15 30.02 -8.42
C ARG H 450 -67.02 29.08 -9.27
N LEU H 451 -66.40 28.08 -9.88
CA LEU H 451 -67.14 27.10 -10.69
C LEU H 451 -67.98 26.16 -9.85
N TRP H 452 -67.31 25.44 -8.94
CA TRP H 452 -67.97 24.41 -8.16
C TRP H 452 -68.21 24.85 -6.72
N PRO H 453 -69.33 24.40 -6.12
CA PRO H 453 -70.31 23.51 -6.75
C PRO H 453 -71.51 24.26 -7.32
N ARG H 454 -71.31 25.49 -7.77
CA ARG H 454 -72.40 26.28 -8.34
C ARG H 454 -72.83 25.75 -9.71
N ALA H 455 -71.84 25.38 -10.54
CA ALA H 455 -72.12 24.82 -11.85
C ALA H 455 -72.86 23.49 -11.70
N GLY H 456 -72.79 22.91 -10.50
CA GLY H 456 -73.47 21.66 -10.20
C GLY H 456 -74.97 21.82 -10.26
N ALA H 457 -75.44 23.02 -9.95
CA ALA H 457 -76.87 23.32 -9.99
C ALA H 457 -77.36 23.25 -11.43
N VAL H 458 -76.55 23.73 -12.37
CA VAL H 458 -76.88 23.69 -13.79
C VAL H 458 -76.80 22.25 -14.28
N ALA H 459 -75.82 21.52 -13.77
CA ALA H 459 -75.60 20.11 -14.16
C ALA H 459 -76.83 19.23 -13.91
N GLU H 460 -77.41 19.34 -12.72
CA GLU H 460 -78.57 18.51 -12.36
C GLU H 460 -79.85 18.90 -13.11
N ARG H 461 -80.00 20.18 -13.41
CA ARG H 461 -81.20 20.65 -14.09
C ARG H 461 -81.24 20.18 -15.55
N LEU H 462 -80.07 19.90 -16.12
CA LEU H 462 -79.98 19.46 -17.50
C LEU H 462 -79.99 17.93 -17.65
N TRP H 463 -79.76 17.22 -16.55
CA TRP H 463 -79.74 15.75 -16.58
C TRP H 463 -80.96 15.13 -15.90
N SER H 464 -81.19 15.52 -14.65
CA SER H 464 -82.28 14.96 -13.85
C SER H 464 -83.66 15.27 -14.42
N ASN H 465 -84.67 14.60 -13.88
CA ASN H 465 -86.04 14.78 -14.33
C ASN H 465 -86.56 16.18 -14.02
N LYS H 466 -87.57 16.61 -14.77
CA LYS H 466 -88.17 17.92 -14.60
C LYS H 466 -88.78 18.10 -13.20
N LEU H 467 -89.34 17.03 -12.66
CA LEU H 467 -89.97 17.08 -11.34
C LEU H 467 -88.98 17.13 -10.16
N THR H 468 -87.71 16.87 -10.45
CA THR H 468 -86.67 16.95 -9.42
C THR H 468 -86.30 18.42 -9.19
N SER H 469 -86.93 19.04 -8.18
CA SER H 469 -86.70 20.45 -7.91
C SER H 469 -86.90 20.86 -6.45
N ASP H 470 -86.88 19.90 -5.54
CA ASP H 470 -87.01 20.21 -4.12
C ASP H 470 -85.69 20.80 -3.60
N LEU H 471 -85.73 22.05 -3.15
CA LEU H 471 -84.53 22.76 -2.70
C LEU H 471 -83.81 22.11 -1.52
N THR H 472 -84.58 21.63 -0.54
CA THR H 472 -84.00 20.98 0.63
C THR H 472 -83.29 19.69 0.23
N PHE H 473 -84.00 18.86 -0.53
CA PHE H 473 -83.46 17.59 -1.02
C PHE H 473 -82.21 17.81 -1.86
N ALA H 474 -82.15 18.95 -2.54
CA ALA H 474 -81.01 19.30 -3.38
C ALA H 474 -79.80 19.69 -2.52
N TYR H 475 -80.03 20.57 -1.54
CA TYR H 475 -78.97 21.02 -0.65
C TYR H 475 -78.25 19.89 0.05
N GLU H 476 -79.02 18.94 0.58
CA GLU H 476 -78.47 17.80 1.31
C GLU H 476 -77.51 16.98 0.46
N ARG H 477 -77.88 16.77 -0.80
CA ARG H 477 -77.07 15.96 -1.70
C ARG H 477 -75.92 16.77 -2.31
N LEU H 478 -76.16 18.05 -2.57
CA LEU H 478 -75.14 18.91 -3.17
C LEU H 478 -74.02 19.22 -2.19
N SER H 479 -74.38 19.40 -0.91
CA SER H 479 -73.40 19.66 0.14
C SER H 479 -72.61 18.39 0.43
N HIS H 480 -73.27 17.24 0.32
CA HIS H 480 -72.62 15.95 0.49
C HIS H 480 -71.69 15.71 -0.70
N PHE H 481 -72.11 16.20 -1.86
CA PHE H 481 -71.34 16.08 -3.09
C PHE H 481 -70.16 17.06 -3.05
N ARG H 482 -70.34 18.15 -2.30
CA ARG H 482 -69.29 19.15 -2.14
C ARG H 482 -68.13 18.61 -1.31
N CYS H 483 -68.45 17.89 -0.24
CA CYS H 483 -67.42 17.28 0.60
C CYS H 483 -66.69 16.19 -0.17
N GLU H 484 -67.41 15.51 -1.06
CA GLU H 484 -66.82 14.46 -1.89
C GLU H 484 -65.85 15.06 -2.90
N LEU H 485 -66.20 16.24 -3.43
CA LEU H 485 -65.32 16.93 -4.38
C LEU H 485 -64.00 17.32 -3.74
N LEU H 486 -64.04 17.78 -2.49
CA LEU H 486 -62.84 18.14 -1.76
C LEU H 486 -61.93 16.94 -1.52
N ARG H 487 -62.55 15.81 -1.20
CA ARG H 487 -61.81 14.58 -0.96
C ARG H 487 -61.10 14.15 -2.24
N ARG H 488 -61.68 14.49 -3.38
CA ARG H 488 -61.10 14.17 -4.68
C ARG H 488 -60.08 15.21 -5.12
N GLY H 489 -59.91 16.25 -4.30
CA GLY H 489 -58.91 17.27 -4.57
C GLY H 489 -59.44 18.53 -5.23
N VAL H 490 -60.75 18.61 -5.40
CA VAL H 490 -61.37 19.77 -6.02
C VAL H 490 -61.56 20.91 -5.01
N GLN H 491 -61.05 22.08 -5.37
CA GLN H 491 -61.14 23.26 -4.50
C GLN H 491 -62.53 23.93 -4.60
N ALA H 492 -63.58 23.16 -4.31
CA ALA H 492 -64.95 23.65 -4.38
C ALA H 492 -65.30 24.46 -3.12
N GLN H 493 -65.94 25.61 -3.32
CA GLN H 493 -66.31 26.48 -2.20
C GLN H 493 -67.50 25.92 -1.43
N PRO H 494 -67.64 26.34 -0.17
CA PRO H 494 -68.74 25.85 0.67
C PRO H 494 -70.11 26.31 0.16
N LEU H 495 -71.16 25.56 0.48
CA LEU H 495 -72.53 26.00 0.16
C LEU H 495 -73.04 26.97 1.20
N ASN H 496 -72.71 26.69 2.46
CA ASN H 496 -73.19 27.44 3.61
C ASN H 496 -72.32 27.00 4.79
N VAL H 497 -72.78 27.25 5.99
CA VAL H 497 -72.01 26.89 7.15
C VAL H 497 -71.94 25.37 7.32
N GLY H 498 -70.80 24.92 7.86
CA GLY H 498 -70.61 23.50 8.10
C GLY H 498 -69.15 23.11 8.01
N PHE H 499 -68.90 21.89 7.55
CA PHE H 499 -67.56 21.38 7.44
C PHE H 499 -67.55 20.03 6.76
N CYS H 500 -66.37 19.59 6.37
CA CYS H 500 -66.16 18.24 5.89
C CYS H 500 -65.12 17.66 6.82
N GLU H 501 -65.31 16.41 7.24
CA GLU H 501 -64.36 15.77 8.16
C GLU H 501 -62.90 16.03 7.77
N GLN H 502 -62.68 16.23 6.47
CA GLN H 502 -61.36 16.50 5.93
C GLN H 502 -61.42 17.73 5.03
N GLU H 503 -60.90 18.86 5.52
CA GLU H 503 -60.93 20.11 4.76
C GLU H 503 -59.94 20.10 3.60
N PHE H 504 -59.89 21.21 2.87
CA PHE H 504 -59.02 21.34 1.70
C PHE H 504 -57.71 22.04 2.03
N GLU H 505 -56.62 21.54 1.47
CA GLU H 505 -55.29 22.13 1.66
C GLU H 505 -54.41 22.02 0.41
N GLN H 506 -53.59 23.05 0.19
CA GLN H 506 -52.60 23.07 -0.90
C GLN H 506 -51.39 23.92 -0.53
C1 NAG I . 78.60 -22.40 33.34
C2 NAG I . 79.81 -21.66 33.92
C3 NAG I . 80.89 -22.64 34.37
C4 NAG I . 80.33 -23.79 35.20
C5 NAG I . 79.07 -24.37 34.54
C6 NAG I . 78.38 -25.38 35.45
C7 NAG I . 80.73 -19.50 33.30
C8 NAG I . 81.85 -18.89 32.50
N2 NAG I . 80.37 -20.73 32.96
O3 NAG I . 81.87 -21.96 35.13
O4 NAG I . 81.32 -24.80 35.30
O5 NAG I . 78.15 -23.35 34.27
O6 NAG I . 77.40 -24.72 36.21
O7 NAG I . 80.21 -18.87 34.22
C1 NAG I . 81.54 -25.17 36.69
C2 NAG I . 82.60 -26.27 36.74
C3 NAG I . 82.90 -26.70 38.18
C4 NAG I . 83.06 -25.49 39.12
C5 NAG I . 81.96 -24.45 38.87
C6 NAG I . 82.16 -23.21 39.73
C7 NAG I . 80.96 -27.90 35.88
C8 NAG I . 80.50 -28.32 34.52
N2 NAG I . 82.21 -27.43 35.94
O3 NAG I . 84.06 -27.48 38.20
O4 NAG I . 82.99 -25.94 40.46
O5 NAG I . 81.94 -24.09 37.51
O6 NAG I . 83.05 -22.33 39.09
O7 NAG I . 80.23 -28.02 36.85
C1 BMA I . 84.31 -25.98 41.06
C2 BMA I . 84.18 -25.60 42.54
C3 BMA I . 85.51 -25.72 43.26
C4 BMA I . 86.20 -27.05 42.95
C5 BMA I . 86.23 -27.29 41.44
C6 BMA I . 86.86 -28.63 41.11
O2 BMA I . 83.22 -26.44 43.16
O3 BMA I . 85.31 -25.62 44.66
O4 BMA I . 87.51 -27.04 43.47
O5 BMA I . 84.91 -27.25 40.93
O6 BMA I . 87.19 -28.68 39.74
C1 NAG J . 52.13 -20.20 39.20
C2 NAG J . 52.27 -21.72 39.30
C3 NAG J . 50.90 -22.42 39.26
C4 NAG J . 49.81 -21.71 40.08
C5 NAG J . 49.94 -20.19 39.99
C6 NAG J . 49.02 -19.49 40.99
C7 NAG J . 54.09 -23.08 38.47
C8 NAG J . 53.89 -24.49 38.00
N2 NAG J . 53.11 -22.21 38.23
O3 NAG J . 51.07 -23.74 39.75
O4 NAG J . 48.55 -22.08 39.57
O5 NAG J . 51.27 -19.76 40.22
O6 NAG J . 49.69 -18.39 41.59
O7 NAG J . 55.13 -22.75 39.04
C1 NAG J . 47.93 -23.11 40.38
C2 NAG J . 46.46 -22.79 40.55
C3 NAG J . 45.63 -23.93 41.17
C4 NAG J . 46.09 -25.34 40.77
C5 NAG J . 47.62 -25.40 40.65
C6 NAG J . 48.09 -26.75 40.10
C7 NAG J . 46.35 -21.54 42.67
C8 NAG J . 45.41 -20.58 43.34
N2 NAG J . 46.29 -21.57 41.33
O3 NAG J . 44.28 -23.77 40.82
O4 NAG J . 45.67 -26.24 41.78
O5 NAG J . 48.07 -24.38 39.79
O6 NAG J . 47.30 -27.12 39.00
O7 NAG J . 47.13 -22.22 43.34
C1 BMA J . 44.68 -27.18 41.29
C2 BMA J . 45.28 -28.60 41.40
C3 BMA J . 44.25 -29.71 41.33
C4 BMA J . 43.06 -29.39 42.22
C5 BMA J . 42.49 -28.05 41.76
C6 BMA J . 41.20 -27.73 42.50
O2 BMA J . 46.02 -28.70 42.60
O3 BMA J . 44.84 -30.93 41.75
O4 BMA J . 42.08 -30.40 42.12
O5 BMA J . 43.46 -27.04 42.00
O6 BMA J . 40.85 -26.38 42.27
C1 NAG K . 50.57 -44.85 -24.46
C2 NAG K . 51.69 -44.19 -25.31
C3 NAG K . 53.13 -44.62 -24.97
C4 NAG K . 53.31 -46.06 -24.46
C5 NAG K . 51.96 -46.72 -24.21
C6 NAG K . 52.11 -47.97 -23.33
C7 NAG K . 52.27 -43.92 -27.65
C8 NAG K . 52.89 -44.93 -28.57
N2 NAG K . 51.43 -44.38 -26.72
O3 NAG K . 53.68 -43.72 -24.01
O4 NAG K . 54.06 -46.82 -25.39
O5 NAG K . 51.10 -45.79 -23.57
O6 NAG K . 52.64 -47.60 -22.08
O7 NAG K . 52.54 -42.72 -27.78
C1 NAG K . 55.48 -46.74 -25.06
C2 NAG K . 56.08 -48.15 -24.97
C3 NAG K . 57.60 -48.15 -24.77
C4 NAG K . 58.32 -47.08 -25.59
C5 NAG K . 57.53 -45.76 -25.58
C6 NAG K . 58.19 -44.69 -26.45
C7 NAG K . 55.65 -48.78 -22.63
C8 NAG K . 55.60 -50.04 -21.80
N2 NAG K . 55.40 -48.93 -23.93
O3 NAG K . 58.11 -49.42 -25.09
O4 NAG K . 59.61 -46.87 -25.06
O5 NAG K . 56.21 -45.98 -25.99
O6 NAG K . 58.64 -45.26 -27.66
O7 NAG K . 55.89 -47.71 -22.08
C1 BMA K . 60.64 -47.43 -25.91
C2 BMA K . 61.67 -46.34 -26.24
C3 BMA K . 62.92 -46.89 -26.94
C4 BMA K . 63.40 -48.19 -26.32
C5 BMA K . 62.23 -49.16 -26.17
C6 BMA K . 62.70 -50.49 -25.57
O2 BMA K . 62.04 -45.67 -25.04
O3 BMA K . 63.95 -45.92 -26.88
O4 BMA K . 64.40 -48.77 -27.14
O5 BMA K . 61.27 -48.56 -25.32
O6 BMA K . 61.64 -51.41 -25.57
C1 NAG L . 52.75 -16.07 -33.51
C2 NAG L . 52.29 -14.83 -34.27
C3 NAG L . 50.80 -14.94 -34.63
C4 NAG L . 50.50 -16.26 -35.32
C5 NAG L . 51.10 -17.43 -34.54
C6 NAG L . 50.93 -18.75 -35.28
C7 NAG L . 52.81 -12.46 -34.07
C8 NAG L . 52.21 -11.23 -33.44
N2 NAG L . 52.52 -13.63 -33.49
O3 NAG L . 50.43 -13.87 -35.47
O4 NAG L . 49.09 -16.42 -35.41
O5 NAG L . 52.49 -17.20 -34.32
O6 NAG L . 51.42 -18.64 -36.60
O7 NAG L . 53.52 -12.36 -35.07
C1 NAG L . 48.66 -16.47 -36.79
C2 NAG L . 47.16 -16.73 -36.84
C3 NAG L . 46.65 -16.80 -38.29
C4 NAG L . 47.15 -15.61 -39.10
C5 NAG L . 48.65 -15.39 -38.89
C6 NAG L . 49.12 -14.12 -39.62
C7 NAG L . 47.39 -19.11 -36.25
C8 NAG L . 47.43 -19.99 -35.03
N2 NAG L . 46.80 -17.93 -36.10
O3 NAG L . 45.25 -16.83 -38.31
O4 NAG L . 46.88 -15.84 -40.46
O5 NAG L . 48.95 -15.28 -37.50
O6 NAG L . 48.38 -13.01 -39.15
O7 NAG L . 47.88 -19.51 -37.32
C1 NAG M . 8.75 -4.72 17.77
C2 NAG M . 7.49 -5.09 18.58
C3 NAG M . 6.39 -4.05 18.43
C4 NAG M . 6.90 -2.60 18.45
C5 NAG M . 8.27 -2.41 17.79
C6 NAG M . 8.92 -1.11 18.23
C7 NAG M . 6.47 -7.25 19.03
C8 NAG M . 5.44 -8.22 18.49
N2 NAG M . 6.99 -6.40 18.16
O3 NAG M . 5.44 -4.23 19.46
O4 NAG M . 5.95 -1.80 17.76
O5 NAG M . 9.15 -3.43 18.13
O6 NAG M . 9.14 -1.15 19.63
O7 NAG M . 6.79 -7.30 20.23
C1 NAG M . 5.56 -0.66 18.54
C2 NAG M . 5.29 0.52 17.58
C3 NAG M . 4.76 1.75 18.32
C4 NAG M . 3.70 1.39 19.36
C5 NAG M . 4.12 0.17 20.18
C6 NAG M . 3.03 -0.25 21.16
C7 NAG M . 7.16 1.96 16.78
C8 NAG M . 8.64 1.88 16.65
N2 NAG M . 6.49 0.80 16.78
O3 NAG M . 4.19 2.64 17.37
O4 NAG M . 3.51 2.49 20.23
O5 NAG M . 4.42 -0.90 19.32
O6 NAG M . 1.83 -0.50 20.45
O7 NAG M . 6.61 3.06 16.86
C1 BMA M . 2.28 3.19 19.91
C2 BMA M . 1.35 3.17 21.13
C3 BMA M . 0.09 4.01 20.90
C4 BMA M . 0.43 5.38 20.32
C5 BMA M . 1.36 5.21 19.11
C6 BMA M . 1.73 6.57 18.51
O2 BMA M . 2.05 3.65 22.27
O3 BMA M . -0.60 4.18 22.12
O4 BMA M . -0.75 6.03 19.92
O5 BMA M . 2.53 4.52 19.50
O6 BMA M . 2.10 6.39 17.16
C1 NAG N . 33.10 -1.30 30.47
C2 NAG N . 33.15 -0.16 29.46
C3 NAG N . 34.55 0.47 29.38
C4 NAG N . 35.32 0.53 30.71
C5 NAG N . 34.99 -0.64 31.64
C6 NAG N . 35.53 -0.43 33.05
C7 NAG N . 31.66 -0.24 27.54
C8 NAG N . 31.74 -0.09 26.05
N2 NAG N . 32.77 -0.65 28.15
O3 NAG N . 34.43 1.79 28.86
O4 NAG N . 36.70 0.49 30.40
O5 NAG N . 33.60 -0.83 31.70
O6 NAG N . 34.69 0.46 33.75
O7 NAG N . 30.62 0.00 28.14
C1 NAG N . 37.39 1.62 30.94
C2 NAG N . 38.90 1.38 30.84
C3 NAG N . 39.68 2.55 31.41
C4 NAG N . 39.18 3.86 30.83
C5 NAG N . 37.66 3.96 30.91
C6 NAG N . 37.15 5.23 30.25
C7 NAG N . 39.08 -0.19 32.75
C8 NAG N . 39.29 -1.62 33.14
N2 NAG N . 39.28 0.11 31.47
O3 NAG N . 41.06 2.39 31.12
O4 NAG N . 39.76 4.95 31.54
O5 NAG N . 37.07 2.83 30.28
O6 NAG N . 38.19 5.86 29.52
O7 NAG N . 38.74 0.64 33.61
C1 NAG O . -38.23 1.43 35.14
C2 NAG O . -38.46 1.49 36.65
C3 NAG O . -37.32 0.81 37.41
C4 NAG O . -37.00 -0.57 36.83
C5 NAG O . -36.99 -0.58 35.30
C6 NAG O . -36.95 -2.00 34.78
C7 NAG O . -39.43 3.21 38.08
C8 NAG O . -38.96 4.27 39.02
N2 NAG O . -38.60 2.86 37.10
O3 NAG O . -37.68 0.68 38.76
O4 NAG O . -35.72 -0.97 37.31
O5 NAG O . -38.13 0.08 34.77
O6 NAG O . -38.23 -2.57 34.94
O7 NAG O . -40.53 2.67 38.23
C1 NAG O . -35.87 -2.04 38.26
C2 NAG O . -34.61 -2.93 38.20
C3 NAG O . -34.63 -4.01 39.28
C4 NAG O . -35.03 -3.44 40.64
C5 NAG O . -36.30 -2.59 40.50
C6 NAG O . -36.69 -1.97 41.84
C7 NAG O . -33.71 -3.09 35.94
C8 NAG O . -33.59 -3.93 34.70
N2 NAG O . -34.52 -3.56 36.89
O3 NAG O . -33.34 -4.58 39.38
O4 NAG O . -35.26 -4.50 41.54
O5 NAG O . -36.05 -1.56 39.58
O6 NAG O . -36.12 -0.69 41.96
O7 NAG O . -33.09 -2.03 36.03
C1 NAG P . -55.14 -8.74 16.02
C2 NAG P . -53.74 -9.25 15.67
C3 NAG P . -53.68 -9.84 14.26
C4 NAG P . -54.88 -10.72 13.91
C5 NAG P . -56.20 -10.11 14.42
C6 NAG P . -57.36 -11.09 14.29
C7 NAG P . -51.81 -8.21 16.71
C8 NAG P . -50.70 -7.22 16.54
N2 NAG P . -52.77 -8.18 15.79
O3 NAG P . -52.49 -10.59 14.12
O4 NAG P . -54.95 -10.85 12.50
O5 NAG P . -56.08 -9.76 15.78
O6 NAG P . -57.39 -11.95 15.41
O7 NAG P . -51.81 -9.00 17.65
C1 NAG P . -54.97 -12.23 12.10
C2 NAG P . -55.58 -12.33 10.70
C3 NAG P . -55.58 -13.76 10.16
C4 NAG P . -54.24 -14.43 10.38
C5 NAG P . -53.74 -14.21 11.81
C6 NAG P . -52.35 -14.81 12.01
C7 NAG P . -58.02 -12.41 11.02
C8 NAG P . -59.30 -11.98 10.33
N2 NAG P . -56.92 -11.74 10.68
O3 NAG P . -55.88 -13.74 8.78
O4 NAG P . -54.36 -15.81 10.13
O5 NAG P . -53.69 -12.82 12.10
O6 NAG P . -51.39 -14.05 11.32
O7 NAG P . -58.05 -13.32 11.85
C1 NAG Q . -36.65 55.51 -12.78
C2 NAG Q . -37.70 56.59 -13.09
C3 NAG Q . -38.24 56.42 -14.51
C4 NAG Q . -37.12 56.28 -15.53
C5 NAG Q . -36.01 55.33 -15.03
C6 NAG Q . -34.79 55.37 -15.94
C7 NAG Q . -39.38 57.67 -11.73
C8 NAG Q . -40.87 57.64 -11.61
N2 NAG Q . -38.78 56.55 -12.13
O3 NAG Q . -39.04 57.53 -14.83
O4 NAG Q . -37.66 55.77 -16.73
O5 NAG Q . -35.60 55.65 -13.72
O6 NAG Q . -34.00 56.49 -15.61
O7 NAG Q . -38.76 58.71 -11.48
C1 NAG Q . -37.75 56.82 -17.74
C2 NAG Q . -37.39 56.23 -19.10
C3 NAG Q . -37.55 57.25 -20.22
C4 NAG Q . -38.88 57.98 -20.12
C5 NAG Q . -39.11 58.48 -18.69
C6 NAG Q . -40.47 59.17 -18.56
C7 NAG Q . -34.94 56.43 -19.25
C8 NAG Q . -33.89 55.87 -20.15
N2 NAG Q . -36.04 55.68 -19.08
O3 NAG Q . -37.46 56.60 -21.47
O4 NAG Q . -38.91 59.06 -21.02
O5 NAG Q . -39.03 57.40 -17.78
O6 NAG Q . -41.48 58.30 -19.01
O7 NAG Q . -34.77 57.51 -18.68
C1 NAG R . -82.98 5.67 -23.33
C2 NAG R . -83.50 4.56 -24.25
C3 NAG R . -84.70 5.06 -25.07
C4 NAG R . -85.73 5.77 -24.21
C5 NAG R . -85.06 6.76 -23.25
C6 NAG R . -86.05 7.39 -22.26
C7 NAG R . -82.37 2.89 -25.60
C8 NAG R . -81.67 2.69 -26.91
N2 NAG R . -82.44 4.13 -25.16
O3 NAG R . -85.30 3.97 -25.74
O4 NAG R . -86.61 6.44 -25.08
O5 NAG R . -84.03 6.12 -22.52
O6 NAG R . -86.38 6.46 -21.26
O7 NAG R . -82.85 1.93 -25.01
C1 NAG R . -87.98 6.36 -24.62
C2 NAG R . -88.89 7.09 -25.60
C3 NAG R . -90.35 7.07 -25.14
C4 NAG R . -90.77 5.66 -24.71
C5 NAG R . -89.72 5.02 -23.80
C6 NAG R . -90.09 3.58 -23.46
C7 NAG R . -87.82 9.20 -24.90
C8 NAG R . -86.48 9.76 -25.30
N2 NAG R . -88.44 8.46 -25.84
O3 NAG R . -91.19 7.51 -26.18
O4 NAG R . -92.01 5.72 -24.06
O5 NAG R . -88.45 5.04 -24.44
O6 NAG R . -90.28 2.83 -24.64
O7 NAG R . -88.29 9.44 -23.80
C1 NAG S . -77.14 2.05 3.32
C2 NAG S . -77.63 3.48 3.14
C3 NAG S . -77.33 4.34 4.36
C4 NAG S . -77.58 3.63 5.70
C5 NAG S . -77.27 2.12 5.67
C6 NAG S . -77.92 1.40 6.84
C7 NAG S . -77.72 4.64 0.99
C8 NAG S . -76.99 5.02 -0.26
N2 NAG S . -77.01 4.08 1.96
O3 NAG S . -78.11 5.51 4.31
O4 NAG S . -76.77 4.24 6.69
O5 NAG S . -77.74 1.53 4.48
O6 NAG S . -77.82 0.01 6.67
O7 NAG S . -78.92 4.87 1.10
C1 NAG S . -77.61 4.81 7.73
C2 NAG S . -76.97 4.57 9.09
C3 NAG S . -77.87 5.10 10.19
C4 NAG S . -78.25 6.54 9.91
C5 NAG S . -78.77 6.71 8.47
C6 NAG S . -79.03 8.18 8.15
C7 NAG S . -75.52 2.71 9.69
C8 NAG S . -75.49 1.35 10.33
N2 NAG S . -76.70 3.16 9.29
O3 NAG S . -77.20 5.02 11.43
O4 NAG S . -79.26 6.95 10.81
O5 NAG S . -77.83 6.18 7.55
O6 NAG S . -77.86 8.77 7.63
O7 NAG S . -74.47 3.35 9.55
C1 NAG T . 98.16 -36.20 -9.22
C2 NAG T . 99.04 -35.86 -8.02
C3 NAG T . 99.46 -34.40 -8.05
C4 NAG T . 100.03 -34.02 -9.42
C5 NAG T . 99.14 -34.52 -10.56
C6 NAG T . 99.78 -34.27 -11.91
C7 NAG T . 98.68 -37.17 -6.00
C8 NAG T . 100.12 -37.27 -5.60
N2 NAG T . 98.34 -36.15 -6.78
O3 NAG T . 100.45 -34.18 -7.06
O4 NAG T . 100.15 -32.61 -9.51
O5 NAG T . 98.88 -35.91 -10.41
O6 NAG T . 101.18 -34.31 -11.79
O7 NAG T . 97.87 -38.01 -5.61
S SO4 U . 73.84 -44.18 9.49
O1 SO4 U . 74.58 -43.49 10.53
O2 SO4 U . 72.57 -44.68 10.05
O3 SO4 U . 73.54 -43.24 8.41
O4 SO4 U . 74.62 -45.29 8.97
C1 NAG V . 0.45 -17.20 -31.05
C2 NAG V . -0.09 -16.17 -32.06
C3 NAG V . -1.62 -16.11 -32.03
C4 NAG V . -2.22 -17.50 -32.14
C5 NAG V . -1.58 -18.44 -31.12
C6 NAG V . -2.12 -19.86 -31.30
C7 NAG V . 0.92 -14.08 -32.77
C8 NAG V . 0.20 -12.78 -33.00
N2 NAG V . 0.46 -14.85 -31.79
O3 NAG V . -2.08 -15.31 -33.10
O4 NAG V . -3.61 -17.43 -31.94
O5 NAG V . -0.18 -18.45 -31.29
O6 NAG V . -3.44 -19.95 -30.84
O7 NAG V . 1.88 -14.38 -33.47
S SO4 W . 20.79 0.04 -12.39
O1 SO4 W . 21.87 0.76 -11.74
O2 SO4 W . 19.63 -0.01 -11.50
O3 SO4 W . 20.42 0.71 -13.63
O4 SO4 W . 21.22 -1.32 -12.69
C1 NAG X . -16.71 34.55 -20.83
C2 NAG X . -15.50 33.63 -20.62
C3 NAG X . -14.81 33.96 -19.31
C4 NAG X . -14.51 35.44 -19.22
C5 NAG X . -15.73 36.28 -19.57
C6 NAG X . -15.40 37.77 -19.60
C7 NAG X . -15.35 31.37 -21.50
C8 NAG X . -15.48 29.91 -21.16
N2 NAG X . -15.91 32.24 -20.65
O3 NAG X . -13.60 33.22 -19.22
O4 NAG X . -14.08 35.76 -17.91
O5 NAG X . -16.26 35.88 -20.83
O6 NAG X . -14.68 38.07 -20.78
O7 NAG X . -14.76 31.73 -22.52
C1 NAG Y . -74.52 30.91 43.24
C2 NAG Y . -73.87 30.51 44.57
C3 NAG Y . -74.56 29.31 45.20
C4 NAG Y . -76.08 29.46 45.18
C5 NAG Y . -76.56 29.87 43.80
C6 NAG Y . -78.07 30.06 43.76
C7 NAG Y . -71.51 30.79 45.12
C8 NAG Y . -70.43 29.89 45.63
N2 NAG Y . -72.47 30.23 44.38
O3 NAG Y . -74.11 29.15 46.52
O4 NAG Y . -76.68 28.24 45.55
O5 NAG Y . -75.92 31.08 43.42
O6 NAG Y . -78.38 31.43 43.83
O7 NAG Y . -71.50 32.00 45.39
S SO4 Z . -72.02 36.90 -24.59
O1 SO4 Z . -72.35 35.97 -23.51
O2 SO4 Z . -72.80 36.55 -25.77
O3 SO4 Z . -72.33 38.25 -24.16
O4 SO4 Z . -70.60 36.80 -24.89
S SO4 AA . -68.13 38.68 -22.62
O1 SO4 AA . -67.28 38.23 -21.53
O2 SO4 AA . -68.04 37.73 -23.73
O3 SO4 AA . -69.51 38.76 -22.15
O4 SO4 AA . -67.69 40.00 -23.08
#